data_4I5N
#
_entry.id   4I5N
#
_cell.length_a   95.100
_cell.length_b   101.077
_cell.length_c   347.164
_cell.angle_alpha   90.00
_cell.angle_beta   90.00
_cell.angle_gamma   90.00
#
_symmetry.space_group_name_H-M   'P 21 21 21'
#
loop_
_entity.id
_entity.type
_entity.pdbx_description
1 polymer 'Serine/threonine-protein phosphatase 2A 65 kDa regulatory subunit A alpha isoform'
2 polymer "Serine/threonine-protein phosphatase 2A regulatory subunit B'' subunit beta - Cell division control protein 6 homolog chimeric construct"
3 polymer 'Serine/threonine-protein phosphatase 2A catalytic subunit alpha isoform, PP2A-alpha'
4 polymer 'Microcystin-LR (MCLR) bound form'
5 non-polymer 'CALCIUM ION'
6 non-polymer 'MANGANESE (II) ION'
7 water water
#
loop_
_entity_poly.entity_id
_entity_poly.type
_entity_poly.pdbx_seq_one_letter_code
_entity_poly.pdbx_strand_id
1 'polypeptide(L)'
;GS(MSE)SLYPIAVLIDELRNEDVQLRLNSIKKLSTIALALGVERTRSELLPFLTDTIYDEDEVLLALAEQLGTFTTLVG
GPEYVHCLLPPLESLATVEETVVRDKAVESLRAISHEHSPSDLEAHFVPLVKRLAGGDWFTSRTSACGLFSVCYPRVSSA
VKAELRQYFRNLCSDDTP(MSE)VRRAAASKLGEFAKVLELDNVKSEIIP(MSE)FSNLASDEQDSVRLLAVEACVNIAQ
LLPQEDLEALV(MSE)PTLRQAAEDKSWRVRY(MSE)VADKFTELQKAVGPEITKTDLVPAFQNL(MSE)KDCEAEVRAA
ASHKVKEFCENLSADCRENVI(MSE)SQILPCIKELVSDANQHVKSALASVI(MSE)GLSPILGKDNTIEHLLPLFLAQL
KDECPEVRLNIISNLDCVNEVIGIRQLSQSLLPAIVELAEDAKWRVRLAIIEY(MSE)PLLAGQLGVEFFDEKLNSLC
(MSE)AWLVDHVYAIREAATSNLKKLVEKFGKEWAHATIIPKVLA(MSE)SGDPNYLHR(MSE)TTLFCINVLSEVCGQD
ITTKH(MSE)LPTVLR(MSE)AGDPVANVRFNVAKSLQKIGPILDNSTLQSEVKPILEKLTQDQDVDVKYFAQEALTVLS
LA
;
A,D
2 'polypeptide(L)'
;GSSQSIPTFYFPRGRPQDSVNVDAVISKIESTFARFPHERAT(MSE)DD(MSE)GLVAKACGCPLYWKGPLFYGAGGERT
GSVSVHKFVA(MSE)WRKILQNCHDDAAKFVHLL(MSE)SPGCNYLVQEDFVPFLQDVVNTHPGLSFLKEASEFHSRYIT
TVIQRIFYAVNRSWSGRITCAELRRSSFLQNVALLEEEADINQLTEFFSYEHFYVIYCKFWELDTDHDLLIDADDLARHN
DHALSTK(MSE)IDRIFSGAVTRGRKVQKEGKISYADFVWFLISEEDKKTPTSIEYWFRC(MSE)DLDGDGALS(MSE)F
ELEYFYEEQCRRLDS(MSE)AIEALPFQDCLCQ(MSE)LDLVKPRTEGKITLQDLKRCKLANVFFDTFFNIEKYLDHEQK
EQISLLRSTGNASDSSSDSSSSEGDGTVLPPCSPPKQGKKENGPPHSHT
;
B,E
3 'polypeptide(L)'
;GSMDEKVFTKELDQWIEQLNECKQLSESQVKSLCEKAKEILTKESNVQEVRCPVTVCGDVHGQFHDLMELFRIGGKSPDT
NYLFMGDYVDRGYYSVETVTLLVALKVRYRERITILRGNHESRQITQVYGFYDECLRKYGNANVWKYFTDLFDYLPLTAL
VDGQIFCLHGGLSPSIDTLDHIRALDRLQEVPHEGPMCDLLWSDPDDRGGWGISPRGAGYTFGQDISETFNHANGLTLVS
RAHQLVMEGYNWCHDRNVVTIFSAPNYCYRCGNQAAIMELDDTLKYSFLQFDPAPRRGEPHVTRRTPDYFL
;
C,F
4 'polypeptide(L)' (DAL)L(ACB)R(1ZN)(FGA)(MAA) G,H
#
loop_
_chem_comp.id
_chem_comp.type
_chem_comp.name
_chem_comp.formula
1ZN peptide-like '(2S,3S,4E,6E,8S,9S)-3-amino-9-methoxy-2,6,8-trimethyl-10-phenyldeca-4,6-dienoic acid' 'C20 H29 N O3'
ACB D-beta-peptide, C-gamma linking '3-METHYL-BETA-D-ASPARTIC ACID' 'C5 H9 N O4'
CA non-polymer 'CALCIUM ION' 'Ca 2'
FGA D-gamma-peptide, C-delta linking 'GAMMA-D-GLUTAMIC ACID' 'C5 H9 N O4'
MN non-polymer 'MANGANESE (II) ION' 'Mn 2'
#
# COMPACT_ATOMS: atom_id res chain seq x y z
N MSE A 3 9.74 61.54 39.61
CA MSE A 3 10.01 62.18 38.28
C MSE A 3 11.47 62.60 38.20
O MSE A 3 11.83 63.73 38.53
CB MSE A 3 9.03 63.32 37.88
CG MSE A 3 8.19 63.99 38.98
SE MSE A 3 9.31 64.95 40.31
CE MSE A 3 8.95 66.83 39.80
N SER A 4 12.32 61.67 37.78
CA SER A 4 13.69 62.00 37.34
C SER A 4 13.60 62.74 35.99
N LEU A 5 13.97 64.03 36.01
CA LEU A 5 13.73 64.90 34.88
C LEU A 5 14.64 64.64 33.67
N TYR A 6 15.79 64.04 33.89
CA TYR A 6 16.76 63.94 32.80
C TYR A 6 16.25 63.12 31.58
N PRO A 7 15.79 61.85 31.82
CA PRO A 7 15.30 61.06 30.67
C PRO A 7 14.09 61.70 29.99
N ILE A 8 13.27 62.43 30.75
CA ILE A 8 12.23 63.29 30.19
C ILE A 8 12.84 64.29 29.19
N ALA A 9 13.80 65.08 29.67
CA ALA A 9 14.52 66.03 28.83
C ALA A 9 15.14 65.37 27.61
N VAL A 10 15.53 64.10 27.75
CA VAL A 10 15.99 63.30 26.61
C VAL A 10 14.82 63.06 25.69
N LEU A 11 13.69 62.67 26.26
CA LEU A 11 12.49 62.40 25.46
C LEU A 11 12.18 63.63 24.63
N ILE A 12 12.12 64.77 25.30
CA ILE A 12 11.94 66.03 24.61
C ILE A 12 12.94 66.25 23.49
N ASP A 13 14.20 65.94 23.73
CA ASP A 13 15.21 66.05 22.68
C ASP A 13 14.90 65.10 21.54
N GLU A 14 14.53 63.87 21.88
CA GLU A 14 14.36 62.84 20.86
C GLU A 14 13.21 63.12 19.91
N LEU A 15 12.24 63.96 20.35
CA LEU A 15 11.20 64.49 19.45
C LEU A 15 11.69 64.96 18.06
N ARG A 16 12.97 65.32 17.94
CA ARG A 16 13.54 65.75 16.64
C ARG A 16 14.77 64.92 16.27
N ASN A 17 14.58 63.61 16.30
CA ASN A 17 15.61 62.62 15.98
C ASN A 17 15.33 62.08 14.58
N GLU A 18 16.31 61.50 13.91
CA GLU A 18 16.03 60.94 12.58
C GLU A 18 15.29 59.60 12.63
N ASP A 19 15.51 58.82 13.70
CA ASP A 19 14.84 57.52 13.85
C ASP A 19 13.36 57.70 14.19
N VAL A 20 12.51 57.30 13.25
CA VAL A 20 11.06 57.35 13.43
C VAL A 20 10.58 56.81 14.78
N GLN A 21 11.16 55.68 15.21
CA GLN A 21 10.64 54.95 16.37
C GLN A 21 10.99 55.64 17.71
N LEU A 22 12.01 56.50 17.68
CA LEU A 22 12.33 57.35 18.83
C LEU A 22 11.36 58.53 18.90
N ARG A 23 11.14 59.19 17.76
CA ARG A 23 10.10 60.22 17.69
C ARG A 23 8.76 59.65 18.13
N LEU A 24 8.35 58.54 17.51
CA LEU A 24 7.12 57.88 17.88
C LEU A 24 7.04 57.75 19.40
N ASN A 25 8.07 57.13 19.99
CA ASN A 25 8.04 56.87 21.45
C ASN A 25 7.91 58.14 22.31
N SER A 26 8.51 59.23 21.84
CA SER A 26 8.44 60.48 22.58
C SER A 26 7.08 61.13 22.44
N ILE A 27 6.52 61.06 21.24
CA ILE A 27 5.15 61.53 21.02
C ILE A 27 4.20 60.78 21.95
N LYS A 28 4.28 59.46 21.93
CA LYS A 28 3.40 58.64 22.76
C LYS A 28 3.52 58.99 24.24
N LYS A 29 4.68 59.49 24.64
CA LYS A 29 4.89 59.92 26.03
C LYS A 29 4.68 61.41 26.31
N LEU A 30 4.20 62.16 25.32
CA LEU A 30 3.87 63.57 25.53
C LEU A 30 3.11 63.82 26.83
N SER A 31 2.27 62.89 27.24
CA SER A 31 1.51 63.09 28.45
C SER A 31 2.40 63.16 29.69
N THR A 32 3.54 62.46 29.65
CA THR A 32 4.49 62.44 30.76
C THR A 32 5.31 63.72 30.77
N ILE A 33 5.83 64.05 29.59
CA ILE A 33 6.58 65.30 29.37
C ILE A 33 5.85 66.54 29.88
N ALA A 34 4.60 66.73 29.46
CA ALA A 34 3.80 67.91 29.81
C ALA A 34 3.52 67.99 31.30
N LEU A 35 3.39 66.82 31.93
CA LEU A 35 3.04 66.67 33.35
C LEU A 35 4.25 67.00 34.24
N ALA A 36 5.42 66.55 33.78
CA ALA A 36 6.70 66.85 34.44
C ALA A 36 7.13 68.30 34.31
N LEU A 37 6.98 68.92 33.14
CA LEU A 37 7.29 70.35 33.04
C LEU A 37 6.11 71.30 33.41
N GLY A 38 4.98 70.74 33.81
CA GLY A 38 3.91 71.55 34.42
C GLY A 38 3.19 72.49 33.47
N VAL A 39 1.93 72.77 33.77
CA VAL A 39 1.02 73.47 32.84
C VAL A 39 1.64 74.67 32.11
N GLU A 40 2.25 75.56 32.90
CA GLU A 40 2.81 76.83 32.44
C GLU A 40 3.66 76.71 31.18
N ARG A 41 4.64 75.81 31.25
CA ARG A 41 5.61 75.66 30.18
C ARG A 41 5.10 74.78 29.05
N THR A 42 4.20 73.84 29.36
CA THR A 42 3.65 73.03 28.27
C THR A 42 2.94 73.96 27.28
N ARG A 43 2.23 74.98 27.76
CA ARG A 43 1.75 76.03 26.85
C ARG A 43 2.86 76.80 26.12
N SER A 44 3.74 77.46 26.88
CA SER A 44 4.72 78.42 26.31
C SER A 44 5.92 77.85 25.52
N GLU A 45 6.26 76.57 25.74
CA GLU A 45 7.33 75.92 24.98
C GLU A 45 6.87 74.69 24.21
N LEU A 46 6.16 73.79 24.88
CA LEU A 46 5.91 72.46 24.31
C LEU A 46 5.08 72.55 23.03
N LEU A 47 3.92 73.21 23.12
CA LEU A 47 3.01 73.24 21.98
C LEU A 47 3.60 73.97 20.78
N PRO A 48 4.19 75.15 20.99
CA PRO A 48 4.84 75.82 19.86
C PRO A 48 5.94 74.97 19.18
N PHE A 49 6.81 74.37 19.99
CA PHE A 49 7.86 73.43 19.52
C PHE A 49 7.27 72.34 18.67
N LEU A 50 6.14 71.83 19.14
CA LEU A 50 5.47 70.68 18.57
C LEU A 50 4.75 71.07 17.30
N THR A 51 4.08 72.22 17.36
CA THR A 51 3.44 72.90 16.23
C THR A 51 4.42 73.18 15.07
N ASP A 52 5.70 73.37 15.36
CA ASP A 52 6.68 73.71 14.32
C ASP A 52 7.29 72.51 13.59
N THR A 53 7.01 71.30 14.04
CA THR A 53 7.61 70.10 13.44
C THR A 53 6.80 69.47 12.29
N ILE A 54 7.55 68.96 11.31
CA ILE A 54 7.02 68.19 10.21
C ILE A 54 7.43 66.74 10.44
N TYR A 55 6.51 65.81 10.28
CA TYR A 55 6.90 64.40 10.18
C TYR A 55 6.19 63.82 8.98
N ASP A 56 6.95 63.36 7.99
CA ASP A 56 6.38 62.75 6.80
C ASP A 56 5.99 61.31 7.18
N GLU A 57 5.23 61.16 8.26
CA GLU A 57 5.02 59.84 8.88
C GLU A 57 3.64 59.71 9.55
N ASP A 58 2.83 58.79 9.04
CA ASP A 58 1.47 58.56 9.54
C ASP A 58 1.45 58.22 11.02
N GLU A 59 2.11 57.11 11.36
CA GLU A 59 2.12 56.59 12.75
C GLU A 59 2.36 57.74 13.76
N VAL A 60 3.28 58.65 13.44
CA VAL A 60 3.62 59.75 14.34
C VAL A 60 2.55 60.84 14.38
N LEU A 61 2.08 61.25 13.21
CA LEU A 61 1.07 62.32 13.13
C LEU A 61 -0.24 61.92 13.80
N LEU A 62 -0.64 60.67 13.61
CA LEU A 62 -1.77 60.08 14.34
C LEU A 62 -1.59 60.26 15.80
N ALA A 63 -0.54 59.61 16.32
CA ALA A 63 -0.16 59.66 17.74
C ALA A 63 -0.23 61.07 18.25
N LEU A 64 0.34 62.01 17.50
CA LEU A 64 0.35 63.38 17.96
C LEU A 64 -1.08 63.89 18.17
N ALA A 65 -1.93 63.67 17.16
CA ALA A 65 -3.33 64.13 17.18
C ALA A 65 -4.12 63.44 18.29
N GLU A 66 -3.81 62.19 18.55
CA GLU A 66 -4.43 61.45 19.65
C GLU A 66 -4.07 62.10 20.99
N GLN A 67 -2.78 62.28 21.21
CA GLN A 67 -2.30 62.94 22.42
C GLN A 67 -2.93 64.30 22.66
N LEU A 68 -3.01 65.11 21.62
CA LEU A 68 -3.56 66.45 21.77
C LEU A 68 -5.02 66.47 22.21
N GLY A 69 -5.78 65.45 21.85
CA GLY A 69 -7.17 65.38 22.25
C GLY A 69 -7.34 65.23 23.75
N THR A 70 -6.31 64.74 24.43
CA THR A 70 -6.38 64.41 25.85
C THR A 70 -5.70 65.46 26.74
N PHE A 71 -5.43 66.65 26.21
CA PHE A 71 -4.45 67.53 26.85
C PHE A 71 -5.00 68.62 27.75
N THR A 72 -6.32 68.68 27.89
CA THR A 72 -6.94 69.89 28.44
C THR A 72 -6.54 70.15 29.91
N THR A 73 -6.25 69.09 30.66
CA THR A 73 -5.78 69.18 32.04
C THR A 73 -4.33 69.64 32.02
N LEU A 74 -3.53 68.95 31.21
CA LEU A 74 -2.10 69.23 31.08
C LEU A 74 -1.78 70.63 30.50
N VAL A 75 -2.80 71.42 30.15
CA VAL A 75 -2.59 72.84 29.78
C VAL A 75 -3.30 73.81 30.73
N GLY A 76 -3.82 73.27 31.84
CA GLY A 76 -4.38 74.09 32.89
C GLY A 76 -5.87 74.28 32.77
N GLY A 77 -6.53 73.35 32.09
CA GLY A 77 -7.98 73.25 32.12
C GLY A 77 -8.74 74.13 31.13
N PRO A 78 -10.08 74.08 31.21
CA PRO A 78 -11.05 74.84 30.40
C PRO A 78 -10.64 76.23 29.95
N GLU A 79 -10.06 77.01 30.85
CA GLU A 79 -9.67 78.37 30.50
C GLU A 79 -8.62 78.40 29.38
N TYR A 80 -7.86 77.32 29.23
CA TYR A 80 -6.68 77.35 28.36
C TYR A 80 -6.72 76.44 27.11
N VAL A 81 -7.73 75.60 27.00
CA VAL A 81 -7.86 74.66 25.85
C VAL A 81 -7.65 75.29 24.49
N HIS A 82 -8.12 76.51 24.29
CA HIS A 82 -8.05 77.17 22.98
C HIS A 82 -6.64 77.22 22.36
N CYS A 83 -5.61 76.98 23.19
CA CYS A 83 -4.22 76.94 22.72
C CYS A 83 -3.83 75.58 22.13
N LEU A 84 -4.75 74.61 22.18
CA LEU A 84 -4.56 73.33 21.47
C LEU A 84 -5.06 73.37 20.04
N LEU A 85 -5.76 74.44 19.65
CA LEU A 85 -6.35 74.54 18.32
C LEU A 85 -5.32 74.70 17.20
N PRO A 86 -4.28 75.52 17.39
CA PRO A 86 -3.30 75.74 16.34
C PRO A 86 -2.61 74.49 15.80
N PRO A 87 -2.21 73.56 16.69
CA PRO A 87 -1.64 72.30 16.14
C PRO A 87 -2.69 71.40 15.48
N LEU A 88 -3.91 71.36 16.04
CA LEU A 88 -4.96 70.50 15.50
C LEU A 88 -5.49 71.04 14.17
N GLU A 89 -5.45 72.35 13.95
CA GLU A 89 -5.68 72.91 12.61
C GLU A 89 -4.75 72.35 11.52
N SER A 90 -3.45 72.43 11.73
CA SER A 90 -2.54 72.01 10.68
C SER A 90 -2.70 70.52 10.42
N LEU A 91 -2.96 69.77 11.49
CA LEU A 91 -3.18 68.34 11.37
C LEU A 91 -4.45 68.04 10.58
N ALA A 92 -5.44 68.94 10.72
CA ALA A 92 -6.71 68.84 10.00
C ALA A 92 -6.56 69.26 8.52
N THR A 93 -5.31 69.36 8.10
CA THR A 93 -4.95 69.96 6.84
C THR A 93 -4.02 69.05 6.03
N VAL A 94 -3.42 68.08 6.71
CA VAL A 94 -2.33 67.29 6.19
C VAL A 94 -2.82 66.45 5.02
N GLU A 95 -1.90 65.93 4.21
CA GLU A 95 -2.23 65.13 3.01
C GLU A 95 -2.98 63.83 3.27
N GLU A 96 -2.90 63.32 4.51
CA GLU A 96 -3.37 61.99 4.83
C GLU A 96 -4.68 62.04 5.59
N THR A 97 -5.69 61.42 5.00
CA THR A 97 -7.02 61.45 5.57
C THR A 97 -7.03 60.92 7.01
N VAL A 98 -6.41 59.76 7.22
CA VAL A 98 -6.32 59.11 8.54
C VAL A 98 -5.96 60.10 9.68
N VAL A 99 -4.97 60.98 9.43
CA VAL A 99 -4.57 61.95 10.45
C VAL A 99 -5.53 63.13 10.47
N ARG A 100 -5.98 63.55 9.30
CA ARG A 100 -7.06 64.53 9.26
C ARG A 100 -8.32 64.08 10.05
N ASP A 101 -8.71 62.81 9.94
CA ASP A 101 -9.86 62.31 10.70
C ASP A 101 -9.60 62.41 12.18
N LYS A 102 -8.44 61.86 12.57
CA LYS A 102 -7.99 61.82 13.96
C LYS A 102 -7.82 63.22 14.55
N ALA A 103 -7.39 64.16 13.71
CA ALA A 103 -7.29 65.55 14.11
C ALA A 103 -8.66 66.08 14.51
N VAL A 104 -9.71 65.78 13.72
CA VAL A 104 -11.05 66.30 14.05
C VAL A 104 -11.73 65.52 15.18
N GLU A 105 -11.42 64.24 15.29
CA GLU A 105 -11.87 63.46 16.44
C GLU A 105 -11.42 64.15 17.72
N SER A 106 -10.14 64.55 17.74
CA SER A 106 -9.56 65.29 18.84
C SER A 106 -10.20 66.66 19.06
N LEU A 107 -10.32 67.47 18.01
CA LEU A 107 -11.05 68.77 18.07
C LEU A 107 -12.46 68.64 18.69
N ARG A 108 -13.17 67.56 18.35
CA ARG A 108 -14.53 67.35 18.86
C ARG A 108 -14.52 67.09 20.36
N ALA A 109 -13.62 66.21 20.81
CA ALA A 109 -13.49 65.97 22.24
C ALA A 109 -13.17 67.28 22.97
N ILE A 110 -12.30 68.08 22.36
CA ILE A 110 -11.78 69.32 22.96
C ILE A 110 -12.88 70.37 23.10
N SER A 111 -13.79 70.42 22.13
CA SER A 111 -14.86 71.40 22.09
C SER A 111 -15.69 71.46 23.38
N HIS A 112 -15.89 70.30 24.01
CA HIS A 112 -16.77 70.21 25.18
C HIS A 112 -16.19 70.95 26.38
N GLU A 113 -14.90 71.27 26.31
CA GLU A 113 -14.22 71.97 27.41
C GLU A 113 -14.22 73.50 27.16
N HIS A 114 -14.36 73.92 25.91
CA HIS A 114 -14.55 75.34 25.62
C HIS A 114 -15.86 75.83 26.22
N SER A 115 -15.81 76.88 27.05
CA SER A 115 -17.02 77.58 27.43
C SER A 115 -17.71 78.09 26.16
N PRO A 116 -18.99 78.46 26.27
CA PRO A 116 -19.66 79.06 25.14
C PRO A 116 -18.84 80.20 24.55
N SER A 117 -18.48 81.18 25.37
CA SER A 117 -17.69 82.32 24.91
C SER A 117 -16.46 81.88 24.15
N ASP A 118 -15.78 80.85 24.67
CA ASP A 118 -14.57 80.34 24.01
C ASP A 118 -14.88 79.71 22.64
N LEU A 119 -16.03 79.07 22.48
CA LEU A 119 -16.42 78.54 21.19
C LEU A 119 -16.61 79.66 20.18
N GLU A 120 -17.38 80.67 20.57
CA GLU A 120 -17.66 81.78 19.66
C GLU A 120 -16.37 82.50 19.32
N ALA A 121 -15.48 82.64 20.31
CA ALA A 121 -14.26 83.45 20.17
C ALA A 121 -13.14 82.77 19.38
N HIS A 122 -12.97 81.45 19.56
CA HIS A 122 -11.83 80.68 18.99
C HIS A 122 -12.21 79.47 18.11
N PHE A 123 -13.08 78.61 18.61
CA PHE A 123 -13.39 77.34 17.94
C PHE A 123 -14.11 77.59 16.62
N VAL A 124 -15.06 78.51 16.64
CA VAL A 124 -15.80 78.86 15.44
C VAL A 124 -14.89 79.50 14.37
N PRO A 125 -14.13 80.56 14.72
CA PRO A 125 -13.18 81.07 13.73
C PRO A 125 -12.34 80.01 13.06
N LEU A 126 -11.98 78.97 13.81
CA LEU A 126 -11.25 77.82 13.27
C LEU A 126 -12.02 77.12 12.16
N VAL A 127 -13.29 76.77 12.44
CA VAL A 127 -14.09 76.00 11.48
C VAL A 127 -14.31 76.82 10.21
N LYS A 128 -14.69 78.10 10.36
CA LYS A 128 -14.77 79.02 9.19
C LYS A 128 -13.52 79.02 8.32
N ARG A 129 -12.34 79.07 8.93
CA ARG A 129 -11.09 79.06 8.20
C ARG A 129 -10.99 77.79 7.40
N LEU A 130 -11.24 76.67 8.08
CA LEU A 130 -11.27 75.38 7.40
C LEU A 130 -12.32 75.34 6.29
N ALA A 131 -13.51 75.81 6.57
CA ALA A 131 -14.59 75.80 5.59
C ALA A 131 -14.32 76.73 4.40
N GLY A 132 -13.52 77.78 4.59
CA GLY A 132 -13.09 78.65 3.48
C GLY A 132 -11.77 78.21 2.85
N GLY A 133 -11.29 77.03 3.21
CA GLY A 133 -9.97 76.62 2.86
C GLY A 133 -9.74 76.52 1.36
N ASP A 134 -8.48 76.65 0.97
CA ASP A 134 -8.10 76.57 -0.42
C ASP A 134 -8.19 75.17 -1.00
N TRP A 135 -7.85 74.16 -0.19
CA TRP A 135 -7.88 72.76 -0.65
C TRP A 135 -9.15 72.09 -0.16
N PHE A 136 -9.72 71.22 -1.00
CA PHE A 136 -10.89 70.44 -0.62
C PHE A 136 -10.63 69.73 0.71
N THR A 137 -9.41 69.22 0.82
CA THR A 137 -8.93 68.46 1.96
C THR A 137 -9.37 69.11 3.28
N SER A 138 -9.19 70.43 3.32
CA SER A 138 -9.42 71.24 4.50
C SER A 138 -10.92 71.45 4.73
N ARG A 139 -11.68 71.73 3.68
CA ARG A 139 -13.15 71.89 3.76
C ARG A 139 -13.83 70.56 4.14
N THR A 140 -13.26 69.44 3.67
CA THR A 140 -13.64 68.11 4.15
C THR A 140 -13.65 68.09 5.69
N SER A 141 -12.50 68.31 6.30
CA SER A 141 -12.41 68.31 7.75
C SER A 141 -13.42 69.25 8.41
N ALA A 142 -13.62 70.44 7.86
CA ALA A 142 -14.58 71.37 8.47
C ALA A 142 -15.91 70.70 8.86
N CYS A 143 -16.40 69.81 8.00
CA CYS A 143 -17.75 69.24 8.11
C CYS A 143 -18.00 68.56 9.45
N GLY A 144 -17.02 67.80 9.95
CA GLY A 144 -17.15 67.08 11.22
C GLY A 144 -17.28 67.96 12.44
N LEU A 145 -17.15 69.28 12.28
CA LEU A 145 -16.96 70.16 13.45
C LEU A 145 -18.15 71.05 13.84
N PHE A 146 -19.19 71.04 13.01
CA PHE A 146 -20.36 71.91 13.21
C PHE A 146 -21.27 71.40 14.32
N SER A 147 -21.43 70.08 14.39
CA SER A 147 -22.43 69.51 15.27
C SER A 147 -22.02 69.75 16.71
N VAL A 148 -20.72 69.77 16.93
CA VAL A 148 -20.21 69.69 18.28
C VAL A 148 -20.09 71.06 18.96
N CYS A 149 -20.19 72.14 18.18
CA CYS A 149 -20.21 73.49 18.74
C CYS A 149 -21.57 74.21 18.64
N TYR A 150 -22.40 73.79 17.68
CA TYR A 150 -23.69 74.44 17.41
C TYR A 150 -24.61 74.59 18.63
N PRO A 151 -24.80 73.51 19.42
CA PRO A 151 -25.74 73.59 20.55
C PRO A 151 -25.55 74.76 21.50
N ARG A 152 -24.31 75.00 21.95
CA ARG A 152 -24.07 75.93 23.07
C ARG A 152 -23.72 77.38 22.75
N VAL A 153 -23.74 77.77 21.47
CA VAL A 153 -23.48 79.17 21.06
C VAL A 153 -24.74 79.98 20.79
N SER A 154 -24.57 81.29 20.58
CA SER A 154 -25.70 82.22 20.43
C SER A 154 -26.48 82.00 19.13
N SER A 155 -27.74 82.44 19.13
CA SER A 155 -28.63 82.46 17.95
C SER A 155 -27.95 83.01 16.70
N ALA A 156 -27.32 84.17 16.85
CA ALA A 156 -26.69 84.87 15.74
C ALA A 156 -25.53 84.07 15.15
N VAL A 157 -24.84 83.29 15.99
CA VAL A 157 -23.75 82.42 15.53
C VAL A 157 -24.26 81.10 14.92
N LYS A 158 -25.29 80.51 15.54
CA LYS A 158 -25.97 79.34 14.96
C LYS A 158 -26.29 79.55 13.48
N ALA A 159 -26.89 80.70 13.19
CA ALA A 159 -27.18 81.10 11.82
C ALA A 159 -25.97 81.03 10.90
N GLU A 160 -24.82 81.45 11.37
CA GLU A 160 -23.64 81.44 10.50
C GLU A 160 -23.19 80.01 10.21
N LEU A 161 -23.33 79.16 11.21
CA LEU A 161 -22.94 77.76 11.08
C LEU A 161 -23.84 77.08 10.05
N ARG A 162 -25.13 77.39 10.10
CA ARG A 162 -26.07 76.96 9.07
C ARG A 162 -25.70 77.46 7.67
N GLN A 163 -25.25 78.71 7.56
CA GLN A 163 -24.84 79.26 6.28
C GLN A 163 -23.59 78.54 5.74
N TYR A 164 -22.60 78.39 6.61
CA TYR A 164 -21.32 77.78 6.24
C TYR A 164 -21.48 76.33 5.88
N PHE A 165 -22.39 75.64 6.58
CA PHE A 165 -22.69 74.25 6.27
C PHE A 165 -23.40 74.16 4.91
N ARG A 166 -24.32 75.09 4.67
CA ARG A 166 -25.07 75.10 3.44
C ARG A 166 -24.15 75.31 2.23
N ASN A 167 -23.08 76.09 2.41
CA ASN A 167 -22.11 76.30 1.35
C ASN A 167 -21.34 75.04 1.06
N LEU A 168 -20.90 74.39 2.13
CA LEU A 168 -20.20 73.10 2.05
C LEU A 168 -20.99 72.05 1.24
N CYS A 169 -22.30 71.98 1.48
CA CYS A 169 -23.21 71.14 0.69
C CYS A 169 -23.26 71.52 -0.78
N SER A 170 -23.16 72.82 -1.06
CA SER A 170 -23.16 73.36 -2.44
C SER A 170 -21.80 73.46 -3.11
N ASP A 171 -20.75 72.97 -2.47
CA ASP A 171 -19.40 73.16 -2.94
C ASP A 171 -19.17 72.68 -4.40
N ASP A 172 -18.33 73.41 -5.13
CA ASP A 172 -18.03 73.09 -6.55
C ASP A 172 -17.10 71.89 -6.70
N THR A 173 -16.92 71.12 -5.64
CA THR A 173 -15.99 69.99 -5.67
C THR A 173 -16.66 68.82 -4.91
N PRO A 174 -16.89 67.69 -5.61
CA PRO A 174 -17.72 66.59 -5.06
C PRO A 174 -17.24 65.99 -3.75
N MSE A 175 -15.93 65.99 -3.55
CA MSE A 175 -15.36 65.36 -2.38
C MSE A 175 -15.89 66.03 -1.15
O MSE A 175 -16.06 65.39 -0.14
CB MSE A 175 -13.85 65.45 -2.45
CG MSE A 175 -13.26 64.46 -3.47
SE MSE A 175 -12.74 65.41 -5.12
CE MSE A 175 -14.31 64.85 -6.13
N VAL A 176 -16.17 67.32 -1.25
CA VAL A 176 -16.62 68.10 -0.13
C VAL A 176 -18.11 67.87 0.08
N ARG A 177 -18.87 67.79 -1.01
CA ARG A 177 -20.29 67.48 -0.89
C ARG A 177 -20.48 66.11 -0.26
N ARG A 178 -19.69 65.12 -0.68
CA ARG A 178 -19.73 63.82 -0.01
C ARG A 178 -19.42 63.93 1.47
N ALA A 179 -18.45 64.78 1.82
CA ALA A 179 -18.09 64.96 3.22
C ALA A 179 -19.22 65.62 4.02
N ALA A 180 -19.92 66.56 3.40
CA ALA A 180 -21.05 67.21 4.05
C ALA A 180 -22.21 66.25 4.20
N ALA A 181 -22.52 65.53 3.12
CA ALA A 181 -23.54 64.48 3.15
C ALA A 181 -23.36 63.50 4.29
N SER A 182 -22.14 62.99 4.47
CA SER A 182 -21.86 62.03 5.54
C SER A 182 -22.08 62.63 6.93
N LYS A 183 -22.06 63.96 7.03
CA LYS A 183 -22.19 64.65 8.32
C LYS A 183 -23.54 65.36 8.52
N LEU A 184 -24.40 65.28 7.51
CA LEU A 184 -25.68 65.96 7.55
C LEU A 184 -26.58 65.49 8.68
N GLY A 185 -26.67 64.18 8.84
CA GLY A 185 -27.55 63.61 9.86
C GLY A 185 -27.14 64.06 11.25
N GLU A 186 -25.86 63.86 11.55
CA GLU A 186 -25.31 64.23 12.84
C GLU A 186 -25.50 65.74 13.14
N PHE A 187 -25.42 66.57 12.10
CA PHE A 187 -25.63 68.01 12.26
C PHE A 187 -27.10 68.36 12.51
N ALA A 188 -28.00 67.66 11.83
CA ALA A 188 -29.43 67.77 12.07
C ALA A 188 -29.81 67.42 13.51
N LYS A 189 -29.20 66.38 14.08
CA LYS A 189 -29.56 65.97 15.45
C LYS A 189 -29.46 67.11 16.45
N VAL A 190 -28.63 68.11 16.18
CA VAL A 190 -28.42 69.20 17.14
C VAL A 190 -29.17 70.49 16.76
N LEU A 191 -29.63 70.59 15.52
CA LEU A 191 -30.46 71.74 15.13
C LEU A 191 -31.81 71.70 15.81
N GLU A 192 -32.47 72.85 15.80
CA GLU A 192 -33.84 72.99 16.27
C GLU A 192 -34.78 72.51 15.17
N LEU A 193 -35.92 71.92 15.57
CA LEU A 193 -36.80 71.22 14.62
C LEU A 193 -37.30 72.09 13.46
N ASP A 194 -37.67 73.34 13.73
CA ASP A 194 -38.12 74.25 12.67
C ASP A 194 -36.99 74.56 11.65
N ASN A 195 -35.74 74.35 12.05
CA ASN A 195 -34.59 74.47 11.16
C ASN A 195 -34.31 73.16 10.43
N VAL A 196 -34.56 72.04 11.11
CA VAL A 196 -34.47 70.76 10.45
C VAL A 196 -35.44 70.77 9.28
N LYS A 197 -36.60 71.40 9.48
CA LYS A 197 -37.63 71.42 8.46
C LYS A 197 -37.27 72.40 7.35
N SER A 198 -36.99 73.65 7.71
CA SER A 198 -36.82 74.69 6.68
C SER A 198 -35.44 74.67 6.03
N GLU A 199 -34.43 74.19 6.76
CA GLU A 199 -33.03 74.24 6.29
C GLU A 199 -32.45 72.88 5.91
N ILE A 200 -32.61 71.87 6.76
CA ILE A 200 -31.99 70.55 6.53
C ILE A 200 -32.63 69.77 5.38
N ILE A 201 -33.96 69.73 5.38
CA ILE A 201 -34.69 68.99 4.36
C ILE A 201 -34.30 69.44 2.96
N PRO A 202 -34.22 70.77 2.71
CA PRO A 202 -33.76 71.12 1.36
C PRO A 202 -32.35 70.61 1.01
N MSE A 203 -31.43 70.69 1.98
CA MSE A 203 -30.04 70.24 1.80
C MSE A 203 -30.06 68.77 1.55
O MSE A 203 -29.41 68.28 0.63
CB MSE A 203 -29.21 70.52 3.04
CG MSE A 203 -28.91 71.99 3.23
SE MSE A 203 -27.57 72.29 4.66
CE MSE A 203 -28.68 72.94 6.16
N PHE A 204 -30.81 68.05 2.40
CA PHE A 204 -31.09 66.62 2.25
C PHE A 204 -31.53 66.30 0.81
N SER A 205 -32.52 67.05 0.33
CA SER A 205 -33.09 66.84 -1.01
C SER A 205 -32.08 66.91 -2.14
N ASN A 206 -31.32 68.01 -2.22
CA ASN A 206 -30.43 68.24 -3.37
C ASN A 206 -29.34 67.20 -3.37
N LEU A 207 -28.76 66.97 -2.19
CA LEU A 207 -27.72 65.95 -2.03
C LEU A 207 -28.23 64.60 -2.52
N ALA A 208 -29.50 64.34 -2.28
CA ALA A 208 -30.13 63.10 -2.72
C ALA A 208 -30.23 62.96 -4.22
N SER A 209 -30.20 64.08 -4.95
CA SER A 209 -30.24 64.06 -6.42
C SER A 209 -28.97 64.64 -7.07
N ASP A 210 -27.87 64.63 -6.35
CA ASP A 210 -26.60 65.10 -6.82
C ASP A 210 -26.07 64.20 -7.95
N GLU A 211 -25.28 64.75 -8.89
CA GLU A 211 -24.81 63.94 -10.02
C GLU A 211 -23.88 62.77 -9.62
N GLN A 212 -23.11 62.96 -8.56
CA GLN A 212 -22.21 61.92 -8.07
C GLN A 212 -22.98 60.98 -7.16
N ASP A 213 -22.91 59.68 -7.45
CA ASP A 213 -23.58 58.70 -6.61
C ASP A 213 -22.86 58.56 -5.26
N SER A 214 -21.55 58.79 -5.27
CA SER A 214 -20.75 58.96 -4.06
C SER A 214 -21.50 59.81 -3.04
N VAL A 215 -22.13 60.88 -3.52
CA VAL A 215 -22.88 61.80 -2.66
C VAL A 215 -24.28 61.26 -2.37
N ARG A 216 -24.94 60.72 -3.41
CA ARG A 216 -26.33 60.27 -3.27
C ARG A 216 -26.48 59.12 -2.28
N LEU A 217 -25.54 58.18 -2.29
CA LEU A 217 -25.66 56.99 -1.46
C LEU A 217 -25.52 57.28 0.04
N LEU A 218 -25.03 58.47 0.38
CA LEU A 218 -24.94 58.88 1.78
C LEU A 218 -26.24 59.52 2.27
N ALA A 219 -27.12 59.81 1.32
CA ALA A 219 -28.47 60.28 1.65
C ALA A 219 -29.33 59.22 2.34
N VAL A 220 -29.06 57.93 2.13
CA VAL A 220 -29.92 56.94 2.79
C VAL A 220 -29.61 56.93 4.29
N GLU A 221 -28.33 57.05 4.66
CA GLU A 221 -28.00 57.12 6.09
C GLU A 221 -28.58 58.40 6.67
N ALA A 222 -28.52 59.48 5.91
CA ALA A 222 -29.16 60.71 6.32
C ALA A 222 -30.65 60.47 6.51
N CYS A 223 -31.24 59.71 5.60
CA CYS A 223 -32.66 59.34 5.68
C CYS A 223 -33.00 58.69 7.02
N VAL A 224 -32.07 57.89 7.54
CA VAL A 224 -32.30 57.30 8.83
C VAL A 224 -32.33 58.42 9.88
N ASN A 225 -31.23 59.16 10.02
CA ASN A 225 -31.07 60.14 11.10
C ASN A 225 -32.14 61.20 11.14
N ILE A 226 -32.65 61.56 9.97
CA ILE A 226 -33.72 62.53 9.89
C ILE A 226 -35.02 61.88 10.37
N ALA A 227 -35.23 60.60 10.06
CA ALA A 227 -36.43 59.88 10.55
C ALA A 227 -36.49 59.86 12.07
N GLN A 228 -35.39 59.45 12.70
CA GLN A 228 -35.33 59.35 14.16
C GLN A 228 -35.55 60.71 14.80
N LEU A 229 -35.24 61.78 14.07
CA LEU A 229 -35.38 63.14 14.57
C LEU A 229 -36.77 63.75 14.42
N LEU A 230 -37.65 63.04 13.72
CA LEU A 230 -38.92 63.61 13.30
C LEU A 230 -40.09 62.85 13.93
N PRO A 231 -41.27 63.51 14.01
CA PRO A 231 -42.47 62.83 14.48
C PRO A 231 -43.13 62.09 13.32
N GLN A 232 -43.51 60.84 13.55
CA GLN A 232 -43.89 59.95 12.45
C GLN A 232 -44.95 60.59 11.53
N GLU A 233 -45.80 61.45 12.08
CA GLU A 233 -46.82 62.18 11.28
C GLU A 233 -46.23 63.12 10.21
N ASP A 234 -44.94 63.43 10.31
CA ASP A 234 -44.29 64.31 9.34
C ASP A 234 -43.45 63.50 8.33
N LEU A 235 -43.31 62.19 8.55
CA LEU A 235 -42.36 61.40 7.74
C LEU A 235 -42.76 61.31 6.27
N GLU A 236 -43.83 60.58 5.95
CA GLU A 236 -44.30 60.49 4.57
C GLU A 236 -44.06 61.77 3.74
N ALA A 237 -44.46 62.90 4.31
CA ALA A 237 -44.30 64.20 3.65
C ALA A 237 -42.85 64.55 3.26
N LEU A 238 -41.93 64.53 4.24
CA LEU A 238 -40.55 65.04 4.12
C LEU A 238 -39.42 64.06 3.75
N VAL A 239 -39.53 62.82 4.20
CA VAL A 239 -38.44 61.87 4.04
C VAL A 239 -38.69 60.89 2.90
N MSE A 240 -39.91 60.33 2.89
CA MSE A 240 -40.21 59.15 2.06
C MSE A 240 -40.08 59.38 0.58
O MSE A 240 -39.56 58.50 -0.13
CB MSE A 240 -41.62 58.62 2.39
CG MSE A 240 -41.77 58.16 3.84
SE MSE A 240 -40.56 56.70 4.38
CE MSE A 240 -40.86 55.34 2.97
N PRO A 241 -40.52 60.56 0.06
CA PRO A 241 -40.28 60.78 -1.36
C PRO A 241 -38.83 60.59 -1.71
N THR A 242 -37.95 61.11 -0.86
CA THR A 242 -36.51 60.93 -1.04
C THR A 242 -36.01 59.48 -0.87
N LEU A 243 -36.41 58.81 0.21
CA LEU A 243 -36.11 57.38 0.34
C LEU A 243 -36.61 56.58 -0.86
N ARG A 244 -37.84 56.86 -1.31
CA ARG A 244 -38.41 56.15 -2.47
C ARG A 244 -37.63 56.42 -3.75
N GLN A 245 -37.08 57.63 -3.86
CA GLN A 245 -36.19 57.96 -4.98
C GLN A 245 -34.94 57.10 -4.91
N ALA A 246 -34.38 57.00 -3.71
CA ALA A 246 -33.19 56.22 -3.43
C ALA A 246 -33.35 54.74 -3.80
N ALA A 247 -34.54 54.20 -3.54
CA ALA A 247 -34.83 52.79 -3.81
C ALA A 247 -34.80 52.44 -5.30
N GLU A 248 -35.45 53.25 -6.15
CA GLU A 248 -35.38 53.04 -7.63
C GLU A 248 -34.43 54.03 -8.28
N ASP A 249 -33.39 54.39 -7.54
CA ASP A 249 -32.29 55.19 -8.05
C ASP A 249 -31.59 54.42 -9.19
N LYS A 250 -31.08 55.18 -10.16
CA LYS A 250 -30.34 54.63 -11.29
C LYS A 250 -29.10 53.83 -10.90
N SER A 251 -28.32 54.37 -9.96
CA SER A 251 -27.08 53.70 -9.50
C SER A 251 -27.30 52.53 -8.53
N TRP A 252 -26.74 51.37 -8.82
CA TRP A 252 -26.91 50.24 -7.92
C TRP A 252 -26.27 50.46 -6.53
N ARG A 253 -25.16 51.20 -6.51
CA ARG A 253 -24.45 51.51 -5.27
C ARG A 253 -25.32 52.27 -4.26
N VAL A 254 -26.27 53.06 -4.74
CA VAL A 254 -27.21 53.74 -3.84
C VAL A 254 -28.43 52.87 -3.52
N ARG A 255 -28.80 51.95 -4.41
CA ARG A 255 -29.87 50.96 -4.09
C ARG A 255 -29.34 49.99 -3.06
N TYR A 256 -28.10 49.55 -3.23
CA TYR A 256 -27.38 48.73 -2.24
C TYR A 256 -27.44 49.41 -0.89
N MSE A 257 -27.24 50.71 -0.83
CA MSE A 257 -27.20 51.36 0.47
C MSE A 257 -28.51 51.21 1.21
O MSE A 257 -28.52 50.98 2.42
CB MSE A 257 -26.80 52.84 0.41
CG MSE A 257 -25.28 53.01 0.31
SE MSE A 257 -24.30 51.95 1.67
CE MSE A 257 -24.93 53.00 3.22
N VAL A 258 -29.63 51.31 0.49
CA VAL A 258 -30.94 51.26 1.17
C VAL A 258 -31.23 49.82 1.65
N ALA A 259 -30.95 48.82 0.83
CA ALA A 259 -31.06 47.44 1.29
C ALA A 259 -30.17 47.28 2.50
N ASP A 260 -28.89 47.62 2.35
CA ASP A 260 -27.93 47.51 3.43
C ASP A 260 -28.35 48.20 4.73
N LYS A 261 -29.13 49.27 4.62
CA LYS A 261 -29.58 50.02 5.81
C LYS A 261 -31.06 49.81 6.09
N PHE A 262 -31.64 48.72 5.58
CA PHE A 262 -33.08 48.57 5.62
C PHE A 262 -33.62 48.45 7.03
N THR A 263 -32.86 47.76 7.88
CA THR A 263 -33.26 47.49 9.25
C THR A 263 -33.32 48.78 10.07
N GLU A 264 -32.27 49.59 10.02
CA GLU A 264 -32.27 50.86 10.74
C GLU A 264 -33.39 51.80 10.23
N LEU A 265 -33.72 51.72 8.94
CA LEU A 265 -34.82 52.52 8.38
C LEU A 265 -36.12 52.12 9.01
N GLN A 266 -36.40 50.83 8.92
CA GLN A 266 -37.55 50.21 9.53
C GLN A 266 -37.65 50.66 10.99
N LYS A 267 -36.65 50.31 11.79
CA LYS A 267 -36.68 50.68 13.19
C LYS A 267 -37.01 52.17 13.29
N ALA A 268 -36.32 52.98 12.51
CA ALA A 268 -36.48 54.42 12.59
C ALA A 268 -37.84 54.90 12.11
N VAL A 269 -38.34 54.32 11.02
CA VAL A 269 -39.49 54.87 10.30
C VAL A 269 -40.88 54.53 10.90
N GLY A 270 -40.95 53.53 11.78
CA GLY A 270 -42.20 53.18 12.49
C GLY A 270 -42.95 52.06 11.79
N PRO A 271 -43.41 51.03 12.55
CA PRO A 271 -44.09 49.85 11.97
C PRO A 271 -45.25 50.16 11.01
N GLU A 272 -45.88 51.31 11.18
CA GLU A 272 -46.97 51.74 10.30
C GLU A 272 -46.52 51.87 8.84
N ILE A 273 -45.54 52.74 8.60
CA ILE A 273 -45.04 52.96 7.25
C ILE A 273 -44.25 51.76 6.74
N THR A 274 -43.63 51.02 7.67
CA THR A 274 -42.94 49.77 7.34
C THR A 274 -43.87 48.84 6.63
N LYS A 275 -45.07 48.70 7.21
CA LYS A 275 -46.16 47.90 6.67
C LYS A 275 -46.56 48.33 5.25
N THR A 276 -46.76 49.64 5.06
CA THR A 276 -47.35 50.16 3.82
C THR A 276 -46.31 50.42 2.72
N ASP A 277 -45.15 50.98 3.10
CA ASP A 277 -44.15 51.46 2.12
C ASP A 277 -42.92 50.57 2.03
N LEU A 278 -42.38 50.15 3.17
CA LEU A 278 -41.13 49.38 3.16
C LEU A 278 -41.30 48.03 2.48
N VAL A 279 -42.18 47.19 3.01
CA VAL A 279 -42.35 45.83 2.48
C VAL A 279 -42.41 45.78 0.93
N PRO A 280 -43.25 46.62 0.29
CA PRO A 280 -43.20 46.65 -1.19
C PRO A 280 -41.82 47.04 -1.76
N ALA A 281 -41.21 48.10 -1.23
CA ALA A 281 -39.84 48.47 -1.61
C ALA A 281 -38.88 47.30 -1.45
N PHE A 282 -39.03 46.57 -0.35
CA PHE A 282 -38.21 45.41 -0.04
C PHE A 282 -38.33 44.31 -1.08
N GLN A 283 -39.51 44.15 -1.67
CA GLN A 283 -39.68 43.14 -2.72
C GLN A 283 -38.88 43.47 -3.98
N ASN A 284 -38.92 44.74 -4.38
CA ASN A 284 -38.22 45.16 -5.59
C ASN A 284 -36.70 45.04 -5.43
N LEU A 285 -36.23 45.27 -4.20
CA LEU A 285 -34.82 45.06 -3.91
C LEU A 285 -34.47 43.60 -4.10
N MSE A 286 -35.35 42.71 -3.66
CA MSE A 286 -35.10 41.26 -3.77
C MSE A 286 -35.16 40.78 -5.19
O MSE A 286 -34.57 39.76 -5.51
CB MSE A 286 -36.07 40.45 -2.90
CG MSE A 286 -35.55 40.34 -1.47
SE MSE A 286 -37.01 39.80 -0.28
CE MSE A 286 -36.97 37.89 -0.75
N LYS A 287 -35.85 41.49 -6.06
CA LYS A 287 -35.78 41.15 -7.49
C LYS A 287 -35.10 42.27 -8.30
N ASP A 288 -34.05 42.83 -7.73
CA ASP A 288 -33.25 43.87 -8.35
C ASP A 288 -32.42 43.26 -9.48
N CYS A 289 -32.12 44.08 -10.49
CA CYS A 289 -31.41 43.61 -11.67
C CYS A 289 -29.96 43.27 -11.38
N GLU A 290 -29.39 43.92 -10.37
CA GLU A 290 -27.99 43.76 -10.00
C GLU A 290 -27.86 42.80 -8.80
N ALA A 291 -27.06 41.75 -8.96
CA ALA A 291 -26.92 40.67 -7.95
C ALA A 291 -26.47 41.15 -6.59
N GLU A 292 -25.51 42.06 -6.54
CA GLU A 292 -25.02 42.58 -5.28
C GLU A 292 -26.16 43.17 -4.43
N VAL A 293 -27.14 43.78 -5.08
CA VAL A 293 -28.27 44.38 -4.38
C VAL A 293 -29.28 43.31 -3.90
N ARG A 294 -29.47 42.28 -4.70
CA ARG A 294 -30.30 41.14 -4.29
C ARG A 294 -29.66 40.47 -3.10
N ALA A 295 -28.35 40.26 -3.19
CA ALA A 295 -27.56 39.66 -2.12
C ALA A 295 -27.69 40.44 -0.81
N ALA A 296 -27.45 41.74 -0.88
CA ALA A 296 -27.62 42.62 0.28
C ALA A 296 -28.99 42.48 0.94
N ALA A 297 -30.04 42.38 0.11
CA ALA A 297 -31.42 42.27 0.63
C ALA A 297 -31.69 40.90 1.23
N SER A 298 -31.26 39.85 0.53
CA SER A 298 -31.30 38.48 1.04
C SER A 298 -30.73 38.35 2.47
N HIS A 299 -29.72 39.15 2.79
CA HIS A 299 -29.03 39.08 4.09
C HIS A 299 -29.86 39.68 5.21
N LYS A 300 -30.88 40.45 4.84
CA LYS A 300 -31.74 41.13 5.79
C LYS A 300 -33.09 40.46 5.98
N VAL A 301 -33.31 39.26 5.43
CA VAL A 301 -34.66 38.66 5.52
C VAL A 301 -35.11 38.42 6.97
N LYS A 302 -34.22 37.87 7.79
CA LYS A 302 -34.58 37.59 9.18
C LYS A 302 -34.88 38.91 9.90
N GLU A 303 -33.85 39.71 10.11
CA GLU A 303 -33.95 40.96 10.83
C GLU A 303 -35.19 41.79 10.46
N PHE A 304 -35.51 41.85 9.18
CA PHE A 304 -36.64 42.66 8.72
C PHE A 304 -37.98 42.05 9.10
N CYS A 305 -38.15 40.77 8.80
CA CYS A 305 -39.39 40.05 9.14
C CYS A 305 -39.65 40.05 10.66
N GLU A 306 -38.60 39.80 11.45
CA GLU A 306 -38.77 39.68 12.90
C GLU A 306 -39.07 41.00 13.59
N ASN A 307 -39.21 42.09 12.83
CA ASN A 307 -39.43 43.40 13.41
C ASN A 307 -40.77 44.04 13.04
N LEU A 308 -41.55 43.38 12.18
CA LEU A 308 -42.87 43.88 11.83
C LEU A 308 -43.83 43.73 13.02
N SER A 309 -44.83 44.61 13.11
CA SER A 309 -45.80 44.52 14.22
C SER A 309 -46.60 43.22 14.11
N ALA A 310 -46.70 42.52 15.23
CA ALA A 310 -47.24 41.16 15.28
C ALA A 310 -48.58 40.99 14.59
N ASP A 311 -49.35 42.07 14.46
CA ASP A 311 -50.69 42.02 13.84
C ASP A 311 -50.69 41.72 12.33
N CYS A 312 -49.78 42.33 11.58
CA CYS A 312 -49.69 42.02 10.15
C CYS A 312 -48.58 41.00 9.87
N ARG A 313 -47.75 40.73 10.89
CA ARG A 313 -46.47 40.03 10.70
C ARG A 313 -46.61 38.70 9.96
N GLU A 314 -47.37 37.79 10.53
CA GLU A 314 -47.43 36.45 10.00
C GLU A 314 -47.91 36.43 8.53
N ASN A 315 -48.87 37.30 8.21
CA ASN A 315 -49.60 37.25 6.94
C ASN A 315 -48.82 37.77 5.75
N VAL A 316 -48.14 38.90 5.98
CA VAL A 316 -47.28 39.51 4.97
C VAL A 316 -46.03 38.67 4.69
N ILE A 317 -45.48 38.03 5.74
CA ILE A 317 -44.41 37.05 5.53
C ILE A 317 -44.87 35.99 4.53
N MSE A 318 -46.03 35.42 4.81
CA MSE A 318 -46.54 34.28 4.05
C MSE A 318 -46.96 34.65 2.66
O MSE A 318 -46.49 34.04 1.70
CB MSE A 318 -47.73 33.69 4.81
CG MSE A 318 -47.31 33.05 6.14
SE MSE A 318 -46.12 31.49 5.89
CE MSE A 318 -46.81 30.75 4.19
N SER A 319 -47.81 35.65 2.55
CA SER A 319 -48.38 36.04 1.24
C SER A 319 -47.40 36.83 0.35
N GLN A 320 -46.53 37.64 0.98
CA GLN A 320 -45.73 38.66 0.27
C GLN A 320 -44.21 38.45 0.22
N ILE A 321 -43.62 37.96 1.31
CA ILE A 321 -42.17 37.77 1.38
C ILE A 321 -41.72 36.38 0.89
N LEU A 322 -42.34 35.34 1.43
CA LEU A 322 -41.89 33.98 1.14
C LEU A 322 -41.92 33.64 -0.35
N PRO A 323 -42.90 34.16 -1.12
CA PRO A 323 -42.85 34.01 -2.59
C PRO A 323 -41.53 34.45 -3.23
N CYS A 324 -41.00 35.59 -2.76
CA CYS A 324 -39.77 36.15 -3.28
C CYS A 324 -38.57 35.33 -2.84
N ILE A 325 -38.70 34.67 -1.69
CA ILE A 325 -37.66 33.78 -1.21
C ILE A 325 -37.56 32.54 -2.11
N LYS A 326 -38.70 31.91 -2.36
CA LYS A 326 -38.78 30.80 -3.30
C LYS A 326 -37.95 31.12 -4.56
N GLU A 327 -38.19 32.29 -5.16
CA GLU A 327 -37.47 32.71 -6.37
C GLU A 327 -35.96 32.76 -6.11
N LEU A 328 -35.58 33.41 -5.02
CA LEU A 328 -34.16 33.61 -4.69
C LEU A 328 -33.37 32.35 -4.32
N VAL A 329 -34.04 31.24 -4.01
CA VAL A 329 -33.34 29.99 -3.79
C VAL A 329 -32.84 29.45 -5.13
N SER A 330 -33.61 29.70 -6.19
CA SER A 330 -33.25 29.22 -7.55
C SER A 330 -32.36 30.21 -8.30
N ASP A 331 -32.25 31.43 -7.77
CA ASP A 331 -31.43 32.54 -8.32
C ASP A 331 -30.08 32.17 -8.96
N ALA A 332 -29.81 32.76 -10.12
CA ALA A 332 -28.62 32.45 -10.91
C ALA A 332 -27.27 32.79 -10.22
N ASN A 333 -27.30 33.67 -9.23
CA ASN A 333 -26.05 34.13 -8.60
C ASN A 333 -25.78 33.44 -7.29
N GLN A 334 -24.53 33.04 -7.08
CA GLN A 334 -24.18 32.24 -5.91
C GLN A 334 -24.00 33.05 -4.65
N HIS A 335 -23.52 34.29 -4.76
CA HIS A 335 -23.42 35.14 -3.58
C HIS A 335 -24.82 35.41 -3.07
N VAL A 336 -25.78 35.60 -3.98
CA VAL A 336 -27.18 35.85 -3.58
C VAL A 336 -27.76 34.67 -2.77
N LYS A 337 -27.58 33.47 -3.30
CA LYS A 337 -28.07 32.26 -2.65
C LYS A 337 -27.46 32.09 -1.28
N SER A 338 -26.13 32.12 -1.25
CA SER A 338 -25.42 31.80 -0.04
C SER A 338 -25.65 32.86 1.04
N ALA A 339 -25.91 34.09 0.61
CA ALA A 339 -26.26 35.17 1.54
C ALA A 339 -27.57 34.83 2.24
N LEU A 340 -28.52 34.34 1.45
CA LEU A 340 -29.79 33.91 1.96
C LEU A 340 -29.58 32.70 2.87
N ALA A 341 -28.77 31.76 2.39
CA ALA A 341 -28.53 30.55 3.14
C ALA A 341 -28.01 30.81 4.57
N SER A 342 -27.25 31.86 4.79
CA SER A 342 -26.65 32.05 6.11
C SER A 342 -27.67 32.53 7.16
N VAL A 343 -28.88 32.89 6.72
CA VAL A 343 -29.90 33.50 7.61
C VAL A 343 -31.35 33.08 7.32
N ILE A 344 -31.52 32.25 6.28
CA ILE A 344 -32.83 31.76 5.88
C ILE A 344 -33.49 31.05 7.04
N MSE A 345 -32.77 30.12 7.65
CA MSE A 345 -33.39 29.16 8.57
C MSE A 345 -33.75 29.82 9.87
O MSE A 345 -34.64 29.35 10.58
CB MSE A 345 -32.53 27.91 8.73
CG MSE A 345 -33.35 26.64 8.48
SE MSE A 345 -34.48 26.75 6.84
CE MSE A 345 -35.86 25.41 7.31
N GLY A 346 -33.10 30.94 10.19
CA GLY A 346 -33.48 31.74 11.35
C GLY A 346 -34.87 32.34 11.27
N LEU A 347 -35.64 31.98 10.24
CA LEU A 347 -37.05 32.37 10.11
C LEU A 347 -38.06 31.41 10.77
N SER A 348 -37.64 30.18 11.09
CA SER A 348 -38.58 29.18 11.64
C SER A 348 -39.19 29.57 13.02
N PRO A 349 -38.40 30.17 13.94
CA PRO A 349 -39.01 30.69 15.17
C PRO A 349 -40.23 31.59 14.90
N ILE A 350 -40.04 32.52 13.97
CA ILE A 350 -41.06 33.50 13.60
C ILE A 350 -42.32 32.90 12.93
N LEU A 351 -42.24 31.70 12.37
CA LEU A 351 -43.41 31.11 11.69
C LEU A 351 -44.08 29.92 12.39
N GLY A 352 -43.46 29.43 13.48
CA GLY A 352 -43.97 28.26 14.16
C GLY A 352 -43.70 27.02 13.33
N LYS A 353 -43.51 25.89 13.99
CA LYS A 353 -43.19 24.63 13.28
C LYS A 353 -44.22 24.25 12.20
N ASP A 354 -45.44 24.82 12.26
CA ASP A 354 -46.50 24.54 11.28
C ASP A 354 -46.05 24.85 9.85
N ASN A 355 -45.86 26.13 9.57
CA ASN A 355 -45.42 26.57 8.25
C ASN A 355 -43.97 26.22 8.01
N THR A 356 -43.18 26.14 9.07
CA THR A 356 -41.78 25.74 8.96
C THR A 356 -41.62 24.42 8.22
N ILE A 357 -42.52 23.47 8.46
CA ILE A 357 -42.39 22.16 7.85
C ILE A 357 -42.92 22.17 6.42
N GLU A 358 -44.00 22.91 6.21
CA GLU A 358 -44.67 22.93 4.92
C GLU A 358 -43.94 23.84 3.95
N HIS A 359 -43.63 25.05 4.38
CA HIS A 359 -43.12 26.09 3.50
C HIS A 359 -41.58 26.27 3.53
N LEU A 360 -40.94 26.08 4.69
CA LEU A 360 -39.50 26.33 4.83
C LEU A 360 -38.63 25.10 4.65
N LEU A 361 -39.11 23.96 5.14
CA LEU A 361 -38.32 22.76 5.12
C LEU A 361 -37.96 22.36 3.69
N PRO A 362 -38.88 22.54 2.72
CA PRO A 362 -38.48 22.27 1.33
C PRO A 362 -37.35 23.18 0.82
N LEU A 363 -37.22 24.36 1.41
CA LEU A 363 -36.20 25.34 1.01
C LEU A 363 -34.84 25.06 1.64
N PHE A 364 -34.83 24.74 2.93
CA PHE A 364 -33.63 24.21 3.56
C PHE A 364 -33.05 23.04 2.77
N LEU A 365 -33.92 22.12 2.36
CA LEU A 365 -33.48 20.92 1.64
C LEU A 365 -32.90 21.21 0.26
N ALA A 366 -33.51 22.14 -0.47
CA ALA A 366 -33.02 22.51 -1.80
C ALA A 366 -31.61 23.10 -1.68
N GLN A 367 -31.38 23.89 -0.64
CA GLN A 367 -30.08 24.54 -0.40
C GLN A 367 -29.01 23.56 0.13
N LEU A 368 -29.44 22.43 0.67
CA LEU A 368 -28.51 21.34 1.02
C LEU A 368 -27.92 20.65 -0.20
N LYS A 369 -28.72 20.54 -1.25
CA LYS A 369 -28.29 19.87 -2.45
C LYS A 369 -27.95 20.88 -3.54
N ASP A 370 -27.63 22.12 -3.15
CA ASP A 370 -27.20 23.11 -4.11
C ASP A 370 -25.80 22.73 -4.57
N GLU A 371 -25.48 23.01 -5.82
CA GLU A 371 -24.18 22.61 -6.38
C GLU A 371 -23.03 23.50 -5.91
N CYS A 372 -23.34 24.68 -5.35
CA CYS A 372 -22.33 25.58 -4.79
C CYS A 372 -22.09 25.32 -3.28
N PRO A 373 -20.84 24.98 -2.90
CA PRO A 373 -20.48 24.71 -1.50
C PRO A 373 -20.71 25.85 -0.50
N GLU A 374 -20.40 27.08 -0.87
CA GLU A 374 -20.57 28.20 0.07
C GLU A 374 -22.01 28.25 0.50
N VAL A 375 -22.92 27.87 -0.39
CA VAL A 375 -24.35 27.79 -0.05
C VAL A 375 -24.63 26.70 1.00
N ARG A 376 -24.22 25.47 0.71
CA ARG A 376 -24.37 24.36 1.66
C ARG A 376 -23.75 24.71 3.02
N LEU A 377 -22.46 25.06 3.01
CA LEU A 377 -21.77 25.43 4.23
C LEU A 377 -22.51 26.48 5.03
N ASN A 378 -23.16 27.42 4.36
CA ASN A 378 -23.90 28.44 5.08
C ASN A 378 -25.13 27.86 5.77
N ILE A 379 -25.76 26.88 5.14
CA ILE A 379 -26.88 26.18 5.78
C ILE A 379 -26.39 25.33 6.94
N ILE A 380 -25.47 24.42 6.63
CA ILE A 380 -24.85 23.51 7.58
C ILE A 380 -24.40 24.20 8.87
N SER A 381 -23.94 25.44 8.77
CA SER A 381 -23.37 26.15 9.92
C SER A 381 -24.33 27.15 10.59
N ASN A 382 -25.63 27.04 10.30
CA ASN A 382 -26.64 27.93 10.87
C ASN A 382 -27.97 27.24 11.08
N LEU A 383 -27.91 26.09 11.74
CA LEU A 383 -29.11 25.33 12.09
C LEU A 383 -29.43 25.47 13.56
N ASP A 384 -28.51 26.06 14.34
CA ASP A 384 -28.73 26.37 15.75
C ASP A 384 -30.11 26.97 16.08
N CYS A 385 -30.67 27.76 15.17
CA CYS A 385 -31.98 28.42 15.39
C CYS A 385 -33.15 27.45 15.24
N VAL A 386 -33.25 26.82 14.09
CA VAL A 386 -34.26 25.79 13.84
C VAL A 386 -33.96 24.51 14.63
N ASN A 387 -32.67 24.27 14.90
CA ASN A 387 -32.20 23.10 15.67
C ASN A 387 -33.05 22.83 16.89
N GLU A 388 -33.44 23.91 17.57
CA GLU A 388 -34.26 23.83 18.77
C GLU A 388 -35.76 23.85 18.42
N VAL A 389 -36.19 24.75 17.55
CA VAL A 389 -37.61 24.87 17.14
C VAL A 389 -38.17 23.56 16.56
N ILE A 390 -37.34 22.85 15.82
CA ILE A 390 -37.65 21.52 15.28
C ILE A 390 -36.57 20.60 15.82
N GLY A 391 -36.75 19.30 15.73
CA GLY A 391 -35.68 18.38 16.07
C GLY A 391 -34.54 18.50 15.08
N ILE A 392 -33.31 18.53 15.58
CA ILE A 392 -32.17 18.28 14.72
C ILE A 392 -32.19 16.82 14.27
N ARG A 393 -32.78 15.97 15.09
CA ARG A 393 -32.94 14.56 14.82
C ARG A 393 -33.86 14.33 13.63
N GLN A 394 -34.71 15.31 13.32
CA GLN A 394 -35.53 15.24 12.09
C GLN A 394 -34.65 15.26 10.86
N LEU A 395 -33.71 16.20 10.86
CA LEU A 395 -32.99 16.58 9.65
C LEU A 395 -31.79 15.70 9.36
N SER A 396 -31.18 15.15 10.43
CA SER A 396 -30.01 14.26 10.32
C SER A 396 -29.94 13.40 9.04
N GLN A 397 -31.08 12.85 8.63
CA GLN A 397 -31.15 12.00 7.42
C GLN A 397 -30.79 12.77 6.15
N SER A 398 -30.96 14.09 6.19
CA SER A 398 -30.70 14.99 5.05
C SER A 398 -29.29 15.61 5.09
N LEU A 399 -28.88 16.05 6.28
CA LEU A 399 -27.55 16.62 6.52
C LEU A 399 -26.40 15.67 6.21
N LEU A 400 -26.59 14.37 6.45
CA LEU A 400 -25.50 13.41 6.27
C LEU A 400 -25.06 13.29 4.82
N PRO A 401 -25.99 13.02 3.90
CA PRO A 401 -25.53 13.00 2.51
C PRO A 401 -24.62 14.19 2.19
N ALA A 402 -25.06 15.38 2.58
CA ALA A 402 -24.40 16.62 2.22
C ALA A 402 -23.06 16.80 2.85
N ILE A 403 -22.94 16.41 4.11
CA ILE A 403 -21.67 16.51 4.83
C ILE A 403 -20.65 15.60 4.21
N VAL A 404 -21.09 14.39 3.86
CA VAL A 404 -20.20 13.41 3.23
C VAL A 404 -19.65 13.94 1.90
N GLU A 405 -20.48 14.66 1.14
CA GLU A 405 -20.04 15.24 -0.12
C GLU A 405 -18.93 16.25 0.15
N LEU A 406 -19.22 17.23 1.00
CA LEU A 406 -18.25 18.25 1.37
C LEU A 406 -16.96 17.66 1.92
N ALA A 407 -17.09 16.75 2.89
CA ALA A 407 -15.92 16.16 3.50
C ALA A 407 -14.95 15.55 2.49
N GLU A 408 -15.47 15.00 1.39
CA GLU A 408 -14.65 14.37 0.33
C GLU A 408 -14.61 15.17 -1.00
N ASP A 409 -14.92 16.49 -0.95
CA ASP A 409 -14.89 17.37 -2.14
C ASP A 409 -13.48 17.49 -2.69
N ALA A 410 -13.33 17.82 -3.98
CA ALA A 410 -12.00 17.81 -4.62
C ALA A 410 -11.22 19.09 -4.35
N LYS A 411 -11.90 20.15 -3.93
CA LYS A 411 -11.21 21.38 -3.54
C LYS A 411 -10.95 21.40 -2.04
N TRP A 412 -9.67 21.40 -1.68
CA TRP A 412 -9.32 21.26 -0.28
C TRP A 412 -9.83 22.37 0.60
N ARG A 413 -9.96 23.59 0.09
CA ARG A 413 -10.49 24.66 0.95
C ARG A 413 -11.95 24.41 1.31
N VAL A 414 -12.66 23.62 0.50
CA VAL A 414 -14.00 23.18 0.86
C VAL A 414 -13.90 22.21 2.03
N ARG A 415 -13.14 21.14 1.85
CA ARG A 415 -12.84 20.22 2.94
C ARG A 415 -12.42 20.97 4.19
N LEU A 416 -11.45 21.87 4.08
CA LEU A 416 -11.04 22.64 5.24
C LEU A 416 -12.23 23.30 5.95
N ALA A 417 -13.22 23.71 5.17
CA ALA A 417 -14.32 24.49 5.72
C ALA A 417 -15.26 23.63 6.55
N ILE A 418 -15.65 22.47 6.02
CA ILE A 418 -16.53 21.58 6.77
C ILE A 418 -15.82 21.06 8.01
N ILE A 419 -14.52 20.79 7.89
CA ILE A 419 -13.73 20.41 9.04
C ILE A 419 -13.86 21.43 10.17
N GLU A 420 -13.67 22.69 9.84
CA GLU A 420 -13.76 23.73 10.85
C GLU A 420 -15.13 23.75 11.54
N TYR A 421 -16.20 23.29 10.86
CA TYR A 421 -17.53 23.20 11.48
C TYR A 421 -17.88 21.88 12.18
N MSE A 422 -16.98 20.89 12.17
CA MSE A 422 -17.28 19.52 12.64
C MSE A 422 -17.63 19.46 14.11
O MSE A 422 -18.57 18.75 14.48
CB MSE A 422 -16.10 18.56 12.48
CG MSE A 422 -16.30 17.34 11.58
SE MSE A 422 -18.04 16.43 11.77
CE MSE A 422 -17.87 15.33 10.15
N PRO A 423 -16.86 20.16 14.96
CA PRO A 423 -17.13 20.08 16.39
C PRO A 423 -18.52 20.54 16.76
N LEU A 424 -18.96 21.64 16.16
CA LEU A 424 -20.32 22.14 16.36
C LEU A 424 -21.33 21.09 15.91
N LEU A 425 -21.15 20.54 14.72
CA LEU A 425 -22.07 19.54 14.20
C LEU A 425 -22.13 18.30 15.09
N ALA A 426 -20.98 17.84 15.55
CA ALA A 426 -20.90 16.69 16.46
C ALA A 426 -21.69 16.97 17.74
N GLY A 427 -21.54 18.17 18.28
CA GLY A 427 -22.32 18.59 19.43
C GLY A 427 -23.81 18.65 19.18
N GLN A 428 -24.22 19.03 17.98
CA GLN A 428 -25.65 19.22 17.70
C GLN A 428 -26.36 17.89 17.45
N LEU A 429 -25.64 16.91 16.92
CA LEU A 429 -26.19 15.58 16.60
C LEU A 429 -25.87 14.47 17.66
N GLY A 430 -25.04 14.83 18.63
CA GLY A 430 -24.71 13.94 19.71
C GLY A 430 -23.75 12.83 19.30
N VAL A 431 -22.95 12.43 20.28
CA VAL A 431 -21.93 11.39 20.15
C VAL A 431 -22.39 10.05 19.52
N GLU A 432 -23.65 9.68 19.72
CA GLU A 432 -24.13 8.39 19.24
C GLU A 432 -24.15 8.39 17.72
N PHE A 433 -24.74 9.44 17.15
CA PHE A 433 -24.77 9.69 15.72
C PHE A 433 -23.37 10.01 15.20
N PHE A 434 -22.63 10.86 15.91
CA PHE A 434 -21.26 11.09 15.50
C PHE A 434 -20.50 9.79 15.27
N ASP A 435 -20.46 8.92 16.29
CA ASP A 435 -19.72 7.65 16.24
C ASP A 435 -20.21 6.71 15.16
N GLU A 436 -21.53 6.68 14.94
CA GLU A 436 -22.13 5.82 13.93
C GLU A 436 -21.75 6.22 12.51
N LYS A 437 -21.71 7.52 12.28
CA LYS A 437 -21.76 8.09 10.95
C LYS A 437 -20.58 9.02 10.56
N LEU A 438 -19.97 9.72 11.53
CA LEU A 438 -19.02 10.81 11.23
C LEU A 438 -17.55 10.55 11.62
N ASN A 439 -17.32 9.59 12.49
CA ASN A 439 -15.97 9.25 12.91
C ASN A 439 -15.12 8.80 11.71
N SER A 440 -15.73 8.07 10.77
CA SER A 440 -15.01 7.50 9.62
C SER A 440 -14.45 8.61 8.73
N LEU A 441 -15.21 9.70 8.62
CA LEU A 441 -14.83 10.91 7.92
C LEU A 441 -13.66 11.62 8.59
N CYS A 442 -13.75 11.85 9.90
CA CYS A 442 -12.68 12.51 10.63
C CYS A 442 -11.41 11.70 10.55
N MSE A 443 -11.54 10.38 10.49
CA MSE A 443 -10.36 9.50 10.42
C MSE A 443 -9.74 9.65 9.06
O MSE A 443 -8.50 9.70 8.96
CB MSE A 443 -10.73 8.02 10.69
CG MSE A 443 -10.46 7.48 12.11
SE MSE A 443 -10.34 8.74 13.62
CE MSE A 443 -8.40 8.53 13.81
N ALA A 444 -10.59 9.73 8.05
CA ALA A 444 -10.18 9.82 6.64
C ALA A 444 -9.27 11.02 6.40
N TRP A 445 -9.70 12.15 6.95
CA TRP A 445 -9.00 13.41 6.84
C TRP A 445 -7.57 13.35 7.37
N LEU A 446 -7.31 12.50 8.34
CA LEU A 446 -5.97 12.45 8.91
C LEU A 446 -4.97 11.89 7.91
N VAL A 447 -5.45 11.28 6.84
CA VAL A 447 -4.56 10.78 5.78
C VAL A 447 -4.92 11.44 4.44
N ASP A 448 -5.55 12.61 4.50
CA ASP A 448 -5.90 13.35 3.30
C ASP A 448 -4.60 13.66 2.62
N HIS A 449 -4.62 13.85 1.29
CA HIS A 449 -3.39 14.09 0.52
C HIS A 449 -2.73 15.46 0.82
N VAL A 450 -3.53 16.43 1.20
CA VAL A 450 -3.05 17.77 1.54
C VAL A 450 -2.76 17.95 3.04
N TYR A 451 -1.53 18.34 3.36
CA TYR A 451 -1.13 18.51 4.75
C TYR A 451 -2.01 19.50 5.52
N ALA A 452 -2.39 20.60 4.88
CA ALA A 452 -3.26 21.58 5.53
C ALA A 452 -4.51 20.93 6.10
N ILE A 453 -5.00 19.91 5.42
CA ILE A 453 -6.17 19.18 5.86
C ILE A 453 -5.85 18.19 6.99
N ARG A 454 -4.76 17.44 6.85
CA ARG A 454 -4.31 16.61 7.96
C ARG A 454 -4.21 17.49 9.20
N GLU A 455 -3.48 18.58 9.08
CA GLU A 455 -3.31 19.56 10.16
C GLU A 455 -4.62 20.01 10.80
N ALA A 456 -5.60 20.34 9.98
CA ALA A 456 -6.88 20.80 10.52
C ALA A 456 -7.58 19.65 11.23
N ALA A 457 -7.50 18.46 10.63
CA ALA A 457 -8.11 17.25 11.17
C ALA A 457 -7.51 16.91 12.50
N THR A 458 -6.19 17.00 12.64
CA THR A 458 -5.60 16.61 13.90
C THR A 458 -6.05 17.57 14.99
N SER A 459 -6.27 18.83 14.66
CA SER A 459 -6.65 19.76 15.70
C SER A 459 -8.16 19.68 15.93
N ASN A 460 -8.89 19.23 14.91
CA ASN A 460 -10.30 18.84 15.06
C ASN A 460 -10.49 17.76 16.13
N LEU A 461 -9.52 16.87 16.27
CA LEU A 461 -9.64 15.80 17.28
C LEU A 461 -9.66 16.37 18.67
N LYS A 462 -8.73 17.27 18.95
CA LYS A 462 -8.70 17.94 20.24
C LYS A 462 -10.04 18.61 20.55
N LYS A 463 -10.62 19.26 19.55
CA LYS A 463 -11.93 19.90 19.71
C LYS A 463 -12.99 18.89 20.11
N LEU A 464 -12.88 17.67 19.60
CA LEU A 464 -13.88 16.65 19.84
C LEU A 464 -13.72 16.08 21.26
N VAL A 465 -12.48 15.85 21.67
CA VAL A 465 -12.21 15.35 23.01
C VAL A 465 -12.81 16.29 24.07
N GLU A 466 -12.77 17.59 23.83
CA GLU A 466 -13.33 18.54 24.77
C GLU A 466 -14.84 18.41 24.88
N LYS A 467 -15.53 18.33 23.75
CA LYS A 467 -16.95 18.03 23.80
C LYS A 467 -17.28 16.67 24.49
N PHE A 468 -16.53 15.62 24.17
CA PHE A 468 -16.94 14.23 24.49
C PHE A 468 -16.12 13.50 25.57
N GLY A 469 -15.08 14.16 26.10
CA GLY A 469 -14.28 13.62 27.21
C GLY A 469 -13.27 12.55 26.80
N LYS A 470 -12.27 12.36 27.66
CA LYS A 470 -11.13 11.49 27.34
C LYS A 470 -11.45 10.00 27.22
N GLU A 471 -12.55 9.55 27.80
CA GLU A 471 -12.83 8.12 27.74
C GLU A 471 -13.31 7.80 26.34
N TRP A 472 -14.20 8.63 25.82
CA TRP A 472 -14.62 8.49 24.43
C TRP A 472 -13.40 8.48 23.48
N ALA A 473 -12.41 9.33 23.77
CA ALA A 473 -11.18 9.42 22.97
C ALA A 473 -10.36 8.11 22.94
N HIS A 474 -10.09 7.53 24.12
CA HIS A 474 -9.41 6.22 24.22
C HIS A 474 -10.27 5.14 23.56
N ALA A 475 -11.58 5.19 23.80
CA ALA A 475 -12.49 4.25 23.19
C ALA A 475 -12.45 4.36 21.68
N THR A 476 -12.95 5.45 21.10
CA THR A 476 -13.14 5.49 19.63
C THR A 476 -12.01 6.09 18.78
N ILE A 477 -11.13 6.87 19.37
CA ILE A 477 -10.18 7.67 18.56
C ILE A 477 -8.74 7.16 18.60
N ILE A 478 -8.23 6.88 19.79
CA ILE A 478 -6.82 6.57 19.98
C ILE A 478 -6.37 5.30 19.26
N PRO A 479 -7.15 4.20 19.32
CA PRO A 479 -6.73 3.02 18.56
C PRO A 479 -6.43 3.30 17.09
N LYS A 480 -7.31 4.03 16.40
CA LYS A 480 -7.08 4.40 14.99
C LYS A 480 -5.93 5.39 14.80
N VAL A 481 -5.79 6.36 15.69
CA VAL A 481 -4.63 7.24 15.60
C VAL A 481 -3.31 6.46 15.68
N LEU A 482 -3.25 5.47 16.57
CA LEU A 482 -1.99 4.76 16.79
C LEU A 482 -1.66 3.83 15.64
N ALA A 483 -2.68 3.21 15.04
CA ALA A 483 -2.52 2.22 13.96
C ALA A 483 -1.77 2.81 12.76
N MSE A 484 -2.00 4.11 12.57
CA MSE A 484 -1.37 4.89 11.53
C MSE A 484 0.13 4.93 11.64
O MSE A 484 0.80 5.33 10.68
CB MSE A 484 -1.93 6.30 11.71
CG MSE A 484 -2.30 7.03 10.42
SE MSE A 484 -3.01 8.80 10.90
CE MSE A 484 -4.90 8.29 11.15
N SER A 485 0.69 4.52 12.79
CA SER A 485 2.16 4.48 12.97
C SER A 485 2.83 3.38 12.15
N GLY A 486 2.01 2.56 11.48
CA GLY A 486 2.47 1.55 10.55
C GLY A 486 2.22 1.89 9.08
N ASP A 487 1.66 3.06 8.81
CA ASP A 487 1.56 3.55 7.44
C ASP A 487 2.94 3.50 6.78
N PRO A 488 3.02 2.97 5.55
CA PRO A 488 4.34 2.88 4.90
C PRO A 488 4.87 4.23 4.46
N ASN A 489 3.98 5.23 4.50
CA ASN A 489 4.27 6.59 4.09
C ASN A 489 4.59 7.47 5.31
N TYR A 490 5.74 8.15 5.26
CA TYR A 490 6.21 8.87 6.44
C TYR A 490 5.39 10.08 6.79
N LEU A 491 4.77 10.70 5.80
CA LEU A 491 3.92 11.87 6.05
C LEU A 491 2.81 11.49 6.99
N HIS A 492 2.33 10.26 6.84
CA HIS A 492 1.23 9.75 7.61
C HIS A 492 1.71 9.31 9.01
N ARG A 493 2.92 8.76 9.08
CA ARG A 493 3.46 8.38 10.38
C ARG A 493 3.67 9.61 11.28
N MSE A 494 4.11 10.72 10.72
CA MSE A 494 4.30 11.95 11.52
C MSE A 494 2.99 12.40 12.09
O MSE A 494 2.95 12.79 13.25
CB MSE A 494 4.97 13.05 10.71
CG MSE A 494 6.44 12.66 10.56
SE MSE A 494 7.54 14.05 9.66
CE MSE A 494 6.26 14.41 8.23
N THR A 495 1.91 12.34 11.32
CA THR A 495 0.57 12.69 11.80
C THR A 495 0.18 12.00 13.11
N THR A 496 0.51 10.72 13.25
CA THR A 496 0.31 10.03 14.51
C THR A 496 0.94 10.87 15.62
N LEU A 497 2.21 11.19 15.46
CA LEU A 497 2.92 12.01 16.43
C LEU A 497 2.29 13.42 16.64
N PHE A 498 1.91 14.09 15.55
CA PHE A 498 1.17 15.36 15.66
C PHE A 498 -0.16 15.16 16.38
N CYS A 499 -0.86 14.07 16.08
CA CYS A 499 -2.11 13.75 16.81
C CYS A 499 -1.85 13.57 18.30
N ILE A 500 -0.85 12.76 18.65
CA ILE A 500 -0.49 12.58 20.05
C ILE A 500 -0.14 13.93 20.69
N ASN A 501 0.56 14.80 19.97
CA ASN A 501 0.92 16.08 20.52
C ASN A 501 -0.28 16.87 21.07
N VAL A 502 -1.37 16.94 20.32
CA VAL A 502 -2.50 17.71 20.79
C VAL A 502 -3.31 16.92 21.79
N LEU A 503 -3.35 15.60 21.65
CA LEU A 503 -4.27 14.86 22.48
C LEU A 503 -3.86 14.88 23.95
N SER A 504 -2.57 14.84 24.19
CA SER A 504 -2.03 14.84 25.54
C SER A 504 -2.42 16.07 26.34
N GLU A 505 -2.76 17.16 25.66
CA GLU A 505 -3.27 18.34 26.36
C GLU A 505 -4.56 17.98 27.06
N VAL A 506 -5.47 17.30 26.37
CA VAL A 506 -6.81 17.06 26.90
C VAL A 506 -7.01 15.67 27.50
N CYS A 507 -6.06 14.76 27.32
CA CYS A 507 -6.33 13.37 27.66
C CYS A 507 -5.83 12.97 29.03
N GLY A 508 -4.98 13.78 29.64
CA GLY A 508 -4.61 13.53 31.03
C GLY A 508 -3.50 12.52 31.13
N GLN A 509 -2.80 12.57 32.26
CA GLN A 509 -1.54 11.86 32.47
C GLN A 509 -1.63 10.34 32.36
N ASP A 510 -2.75 9.76 32.78
CA ASP A 510 -2.86 8.30 32.83
C ASP A 510 -2.84 7.75 31.41
N ILE A 511 -3.79 8.22 30.61
CA ILE A 511 -3.95 7.79 29.22
C ILE A 511 -2.71 8.10 28.35
N THR A 512 -2.16 9.29 28.53
CA THR A 512 -0.95 9.67 27.82
C THR A 512 0.18 8.71 28.18
N THR A 513 0.41 8.53 29.47
CA THR A 513 1.47 7.62 29.92
C THR A 513 1.25 6.20 29.35
N LYS A 514 0.11 5.60 29.65
CA LYS A 514 -0.10 4.20 29.32
C LYS A 514 -0.30 3.91 27.85
N HIS A 515 -1.00 4.80 27.15
CA HIS A 515 -1.61 4.46 25.85
C HIS A 515 -1.14 5.28 24.67
N MSE A 516 -0.15 6.15 24.87
CA MSE A 516 0.37 6.97 23.77
C MSE A 516 1.89 6.96 23.80
O MSE A 516 2.54 6.85 22.75
CB MSE A 516 -0.19 8.39 23.85
CG MSE A 516 -1.65 8.59 23.39
SE MSE A 516 -2.14 10.53 23.50
CE MSE A 516 -4.08 10.25 23.40
N LEU A 517 2.46 7.06 24.98
CA LEU A 517 3.90 7.08 25.11
C LEU A 517 4.60 5.82 24.52
N PRO A 518 4.08 4.62 24.83
CA PRO A 518 4.74 3.44 24.26
C PRO A 518 4.99 3.58 22.75
N THR A 519 3.98 4.13 22.06
CA THR A 519 3.99 4.31 20.62
C THR A 519 5.10 5.30 20.25
N VAL A 520 5.17 6.41 20.95
CA VAL A 520 6.19 7.42 20.66
C VAL A 520 7.58 6.82 20.78
N LEU A 521 7.81 6.07 21.86
CA LEU A 521 9.15 5.50 22.13
C LEU A 521 9.57 4.49 21.08
N ARG A 522 8.59 3.74 20.58
CA ARG A 522 8.82 2.66 19.62
C ARG A 522 9.25 3.27 18.28
N MSE A 523 8.66 4.44 18.00
CA MSE A 523 8.91 5.14 16.76
C MSE A 523 10.26 5.77 16.68
O MSE A 523 10.62 6.31 15.63
CB MSE A 523 7.84 6.18 16.56
CG MSE A 523 6.55 5.48 16.18
SE MSE A 523 5.13 6.83 16.07
CE MSE A 523 5.14 7.05 14.12
N ALA A 524 11.03 5.68 17.77
CA ALA A 524 12.43 6.15 17.76
C ALA A 524 13.30 5.28 16.90
N GLY A 525 12.81 4.10 16.51
CA GLY A 525 13.57 3.21 15.63
C GLY A 525 13.13 3.32 14.19
N ASP A 526 12.34 4.33 13.85
CA ASP A 526 11.87 4.49 12.49
C ASP A 526 13.06 4.68 11.54
N PRO A 527 13.00 4.05 10.35
CA PRO A 527 14.11 4.20 9.42
C PRO A 527 14.25 5.59 8.80
N VAL A 528 13.19 6.39 8.72
CA VAL A 528 13.31 7.78 8.19
C VAL A 528 13.53 8.84 9.30
N ALA A 529 14.61 9.62 9.18
CA ALA A 529 15.03 10.59 10.21
C ALA A 529 13.96 11.61 10.59
N ASN A 530 13.16 12.00 9.63
CA ASN A 530 12.08 12.94 9.87
C ASN A 530 11.15 12.53 11.00
N VAL A 531 10.93 11.23 11.14
CA VAL A 531 10.08 10.69 12.18
C VAL A 531 10.87 10.62 13.47
N ARG A 532 12.08 10.07 13.41
CA ARG A 532 12.95 10.08 14.58
C ARG A 532 13.02 11.44 15.25
N PHE A 533 13.33 12.51 14.51
CA PHE A 533 13.49 13.82 15.16
C PHE A 533 12.18 14.37 15.70
N ASN A 534 11.06 13.98 15.07
CA ASN A 534 9.75 14.35 15.58
C ASN A 534 9.33 13.55 16.78
N VAL A 535 9.94 12.38 16.96
CA VAL A 535 9.79 11.65 18.21
C VAL A 535 10.40 12.47 19.35
N ALA A 536 11.65 12.93 19.18
CA ALA A 536 12.26 13.88 20.15
C ALA A 536 11.37 15.11 20.39
N LYS A 537 10.94 15.78 19.34
CA LYS A 537 10.07 16.94 19.51
C LYS A 537 8.82 16.57 20.30
N SER A 538 8.28 15.39 20.04
CA SER A 538 7.03 14.98 20.65
C SER A 538 7.17 14.72 22.16
N LEU A 539 8.31 14.18 22.57
CA LEU A 539 8.62 13.93 23.98
C LEU A 539 8.80 15.26 24.75
N GLN A 540 9.41 16.22 24.06
CA GLN A 540 9.48 17.57 24.59
C GLN A 540 8.07 18.13 24.77
N LYS A 541 7.21 17.92 23.80
CA LYS A 541 5.85 18.47 23.89
C LYS A 541 4.98 17.77 24.94
N ILE A 542 5.18 16.48 25.17
CA ILE A 542 4.33 15.78 26.14
C ILE A 542 4.98 15.50 27.51
N GLY A 543 6.32 15.57 27.59
CA GLY A 543 7.05 15.41 28.86
C GLY A 543 6.39 16.02 30.10
N PRO A 544 6.04 17.32 30.04
CA PRO A 544 5.24 18.02 31.04
C PRO A 544 4.02 17.28 31.61
N ILE A 545 3.27 16.53 30.81
CA ILE A 545 2.11 15.79 31.34
C ILE A 545 2.54 14.52 32.07
N LEU A 546 3.80 14.09 31.88
CA LEU A 546 4.31 12.87 32.49
C LEU A 546 4.91 13.14 33.86
N ASP A 547 5.17 12.06 34.58
CA ASP A 547 5.67 12.10 35.94
C ASP A 547 7.19 12.00 35.86
N ASN A 548 7.90 12.51 36.85
CA ASN A 548 9.36 12.42 36.83
C ASN A 548 9.90 10.97 36.78
N SER A 549 9.12 10.03 37.30
CA SER A 549 9.49 8.62 37.22
C SER A 549 9.66 8.22 35.77
N THR A 550 8.58 8.40 35.00
CA THR A 550 8.52 8.04 33.59
C THR A 550 9.64 8.73 32.81
N LEU A 551 9.78 10.04 33.00
CA LEU A 551 10.81 10.81 32.32
C LEU A 551 12.17 10.22 32.53
N GLN A 552 12.44 9.88 33.78
CA GLN A 552 13.73 9.31 34.17
C GLN A 552 13.91 7.92 33.58
N SER A 553 12.89 7.08 33.71
CA SER A 553 13.01 5.64 33.50
C SER A 553 12.88 5.23 32.05
N GLU A 554 11.87 5.76 31.35
CA GLU A 554 11.57 5.38 29.98
C GLU A 554 12.01 6.43 28.98
N VAL A 555 11.68 7.69 29.26
CA VAL A 555 11.95 8.78 28.31
C VAL A 555 13.41 9.10 28.13
N LYS A 556 14.14 9.33 29.22
CA LYS A 556 15.53 9.76 29.08
C LYS A 556 16.42 8.75 28.31
N PRO A 557 16.28 7.45 28.58
CA PRO A 557 17.13 6.59 27.75
C PRO A 557 16.92 6.83 26.24
N ILE A 558 15.67 6.94 25.81
CA ILE A 558 15.39 7.10 24.38
C ILE A 558 16.05 8.36 23.81
N LEU A 559 15.84 9.51 24.44
CA LEU A 559 16.44 10.75 23.98
C LEU A 559 17.93 10.62 23.88
N GLU A 560 18.55 10.18 24.97
CA GLU A 560 20.00 9.97 24.97
C GLU A 560 20.45 9.13 23.78
N LYS A 561 19.66 8.14 23.38
CA LYS A 561 20.02 7.30 22.22
C LYS A 561 19.96 8.07 20.89
N LEU A 562 18.94 8.92 20.79
CA LEU A 562 18.76 9.75 19.62
C LEU A 562 19.82 10.85 19.53
N THR A 563 20.45 11.24 20.64
CA THR A 563 21.53 12.24 20.53
C THR A 563 22.78 11.67 19.86
N GLN A 564 22.89 10.34 19.82
CA GLN A 564 24.02 9.71 19.15
C GLN A 564 23.57 9.05 17.84
N ASP A 565 22.43 9.50 17.34
CA ASP A 565 21.90 9.08 16.05
C ASP A 565 22.76 9.63 14.92
N GLN A 566 22.64 9.02 13.75
CA GLN A 566 23.46 9.37 12.57
C GLN A 566 23.09 10.74 11.93
N ASP A 567 21.82 11.12 12.03
CA ASP A 567 21.29 12.28 11.31
C ASP A 567 21.32 13.52 12.17
N VAL A 568 21.81 14.59 11.55
CA VAL A 568 22.13 15.84 12.22
C VAL A 568 20.94 16.40 12.99
N ASP A 569 19.75 16.38 12.40
CA ASP A 569 18.56 16.95 13.02
C ASP A 569 18.00 16.11 14.15
N VAL A 570 18.10 14.79 14.08
CA VAL A 570 17.60 14.01 15.22
C VAL A 570 18.52 14.23 16.42
N LYS A 571 19.82 14.31 16.17
CA LYS A 571 20.80 14.69 17.23
C LYS A 571 20.43 16.02 17.86
N TYR A 572 20.13 17.02 17.04
CA TYR A 572 19.90 18.35 17.55
C TYR A 572 18.63 18.39 18.40
N PHE A 573 17.53 17.85 17.90
CA PHE A 573 16.26 17.97 18.61
C PHE A 573 16.16 17.08 19.81
N ALA A 574 16.93 15.99 19.82
CA ALA A 574 16.99 15.13 20.98
C ALA A 574 17.73 15.86 22.10
N GLN A 575 18.88 16.47 21.79
CA GLN A 575 19.55 17.42 22.71
C GLN A 575 18.59 18.46 23.28
N GLU A 576 17.75 19.06 22.44
CA GLU A 576 16.80 20.07 22.92
C GLU A 576 15.70 19.48 23.81
N ALA A 577 15.33 18.23 23.58
CA ALA A 577 14.32 17.63 24.42
C ALA A 577 14.90 17.44 25.85
N LEU A 578 16.10 16.86 25.91
CA LEU A 578 16.80 16.71 27.18
C LEU A 578 16.82 18.02 27.94
N THR A 579 17.34 19.07 27.33
CA THR A 579 17.64 20.29 28.09
C THR A 579 16.37 21.04 28.56
N VAL A 580 15.31 21.11 27.76
CA VAL A 580 14.09 21.79 28.23
C VAL A 580 13.26 20.90 29.13
N LEU A 581 13.56 19.60 29.17
CA LEU A 581 12.91 18.69 30.13
C LEU A 581 13.77 18.49 31.39
N SER A 582 14.90 19.18 31.47
CA SER A 582 15.81 19.07 32.62
C SER A 582 16.30 17.64 32.85
N LEU A 583 16.62 16.93 31.76
CA LEU A 583 17.21 15.59 31.86
C LEU A 583 18.65 15.62 31.37
N ALA A 584 19.30 16.79 31.49
CA ALA A 584 20.67 16.95 31.04
C ALA A 584 21.59 17.25 32.23
N SER B 2 13.34 71.36 37.87
CA SER B 2 12.89 71.06 36.46
C SER B 2 12.99 72.28 35.54
N SER B 3 12.91 73.49 36.12
CA SER B 3 13.37 74.70 35.43
C SER B 3 14.85 74.54 35.07
N GLN B 4 15.59 73.87 35.96
CA GLN B 4 17.02 73.58 35.76
C GLN B 4 17.23 72.31 34.95
N SER B 5 16.63 71.21 35.39
CA SER B 5 16.90 69.89 34.82
C SER B 5 16.40 69.79 33.38
N ILE B 6 15.28 70.47 33.08
CA ILE B 6 14.84 70.62 31.70
C ILE B 6 14.98 72.09 31.35
N PRO B 7 16.13 72.46 30.78
CA PRO B 7 16.36 73.82 30.34
C PRO B 7 15.55 74.10 29.11
N THR B 8 15.44 75.37 28.77
CA THR B 8 14.41 75.77 27.84
C THR B 8 14.81 75.28 26.47
N PHE B 9 13.88 74.60 25.81
CA PHE B 9 14.13 73.93 24.52
C PHE B 9 13.42 74.63 23.38
N TYR B 10 12.48 75.54 23.70
CA TYR B 10 11.74 76.29 22.65
C TYR B 10 12.28 77.69 22.42
N PHE B 11 12.74 77.94 21.21
CA PHE B 11 13.25 79.24 20.85
C PHE B 11 12.43 79.84 19.70
N PRO B 12 11.67 80.93 19.99
CA PRO B 12 10.91 81.64 18.95
C PRO B 12 11.75 81.85 17.68
N ARG B 13 12.97 82.39 17.87
CA ARG B 13 13.89 82.71 16.79
C ARG B 13 14.83 81.55 16.43
N GLY B 14 15.60 81.10 17.43
CA GLY B 14 16.68 80.12 17.25
C GLY B 14 17.66 80.23 18.41
N ARG B 15 18.88 79.76 18.22
CA ARG B 15 19.84 79.68 19.34
C ARG B 15 21.18 80.48 19.16
N PRO B 16 21.99 80.19 18.10
CA PRO B 16 23.36 80.76 18.07
C PRO B 16 23.45 82.29 17.90
N SER B 19 28.16 83.60 19.51
CA SER B 19 28.74 82.75 18.47
C SER B 19 29.26 83.54 17.24
N VAL B 20 28.37 84.21 16.51
CA VAL B 20 28.74 84.98 15.28
C VAL B 20 29.18 86.42 15.61
N ASN B 21 30.19 86.91 14.90
CA ASN B 21 30.66 88.29 15.09
C ASN B 21 30.03 89.27 14.11
N VAL B 22 28.93 89.89 14.55
CA VAL B 22 28.09 90.72 13.66
C VAL B 22 28.81 92.03 13.27
N ASP B 23 29.61 92.57 14.18
CA ASP B 23 30.40 93.79 13.94
C ASP B 23 31.56 93.58 12.96
N ALA B 24 32.18 92.42 12.98
CA ALA B 24 33.25 92.15 12.03
C ALA B 24 32.72 92.18 10.60
N VAL B 25 31.46 91.78 10.48
CA VAL B 25 30.86 91.67 9.18
C VAL B 25 30.40 93.05 8.76
N ILE B 26 29.73 93.79 9.66
CA ILE B 26 29.35 95.17 9.33
C ILE B 26 30.60 95.91 8.84
N SER B 27 31.73 95.62 9.47
CA SER B 27 32.98 96.25 9.11
C SER B 27 33.42 95.89 7.72
N LYS B 28 33.44 94.59 7.40
CA LYS B 28 33.86 94.15 6.06
C LYS B 28 32.94 94.78 4.99
N ILE B 29 31.65 94.87 5.31
CA ILE B 29 30.70 95.48 4.40
C ILE B 29 31.09 96.91 4.20
N GLU B 30 31.35 97.59 5.33
CA GLU B 30 31.77 99.01 5.31
C GLU B 30 33.02 99.29 4.45
N SER B 31 34.08 98.50 4.61
CA SER B 31 35.26 98.73 3.80
C SER B 31 34.94 98.48 2.34
N THR B 32 34.17 97.43 2.04
CA THR B 32 33.81 97.13 0.64
C THR B 32 33.05 98.30 0.00
N PHE B 33 32.03 98.79 0.69
CA PHE B 33 31.22 99.95 0.22
C PHE B 33 32.05 101.22 0.04
N ALA B 34 33.19 101.28 0.71
CA ALA B 34 34.12 102.42 0.58
C ALA B 34 34.89 102.43 -0.76
N ARG B 35 34.89 101.32 -1.50
CA ARG B 35 35.43 101.33 -2.87
C ARG B 35 34.52 102.07 -3.88
N PHE B 36 33.25 102.33 -3.55
CA PHE B 36 32.27 102.75 -4.56
C PHE B 36 31.96 104.24 -4.50
N PRO B 37 31.78 104.90 -5.68
CA PRO B 37 31.35 106.30 -5.75
C PRO B 37 30.21 106.64 -4.80
N HIS B 38 30.47 107.57 -3.89
CA HIS B 38 29.51 108.01 -2.86
C HIS B 38 29.12 106.91 -1.89
N GLU B 39 29.95 105.86 -1.78
CA GLU B 39 29.63 104.67 -0.97
C GLU B 39 28.18 104.20 -1.22
N ARG B 40 27.87 104.01 -2.51
CA ARG B 40 26.58 103.53 -2.98
C ARG B 40 26.84 102.35 -3.90
N ALA B 41 26.29 101.19 -3.57
CA ALA B 41 26.54 100.00 -4.37
C ALA B 41 25.51 99.91 -5.46
N THR B 42 25.99 99.60 -6.66
CA THR B 42 25.16 99.44 -7.84
C THR B 42 24.99 97.94 -8.05
N MSE B 43 24.03 97.52 -8.88
CA MSE B 43 23.80 96.07 -9.11
C MSE B 43 25.07 95.35 -9.58
O MSE B 43 25.38 94.26 -9.10
CB MSE B 43 22.60 95.80 -10.01
CG MSE B 43 22.27 94.31 -10.14
SE MSE B 43 21.66 93.45 -8.46
CE MSE B 43 22.88 91.93 -8.32
N ASP B 44 25.81 95.98 -10.50
CA ASP B 44 27.16 95.50 -10.86
C ASP B 44 28.09 95.22 -9.68
N ASP B 45 27.93 95.97 -8.58
CA ASP B 45 28.87 95.90 -7.43
C ASP B 45 28.48 94.83 -6.41
N MSE B 46 27.29 94.28 -6.55
CA MSE B 46 26.72 93.43 -5.50
C MSE B 46 27.31 92.03 -5.38
O MSE B 46 27.08 91.37 -4.38
CB MSE B 46 25.21 93.30 -5.66
CG MSE B 46 24.51 93.24 -4.29
SE MSE B 46 24.51 94.92 -3.22
CE MSE B 46 24.56 96.05 -4.82
N GLY B 47 28.08 91.59 -6.36
CA GLY B 47 28.89 90.38 -6.17
C GLY B 47 29.79 90.60 -4.96
N LEU B 48 30.59 91.67 -5.00
CA LEU B 48 31.50 92.00 -3.90
C LEU B 48 30.81 92.14 -2.54
N VAL B 49 29.60 92.67 -2.52
CA VAL B 49 28.87 92.89 -1.29
C VAL B 49 28.30 91.59 -0.73
N ALA B 50 27.82 90.75 -1.64
CA ALA B 50 27.37 89.42 -1.27
C ALA B 50 28.51 88.67 -0.59
N LYS B 51 29.71 88.74 -1.16
CA LYS B 51 30.87 88.04 -0.61
C LYS B 51 31.27 88.60 0.77
N ALA B 52 31.32 89.92 0.90
CA ALA B 52 31.60 90.53 2.20
C ALA B 52 30.58 90.16 3.28
N CYS B 53 29.33 89.91 2.88
CA CYS B 53 28.27 89.47 3.81
C CYS B 53 28.44 88.03 4.22
N GLY B 54 29.34 87.32 3.54
CA GLY B 54 29.56 85.89 3.76
C GLY B 54 28.56 85.01 3.06
N CYS B 55 28.00 85.49 1.94
CA CYS B 55 26.92 84.79 1.25
C CYS B 55 27.39 84.24 -0.07
N PRO B 56 26.69 83.22 -0.60
CA PRO B 56 26.99 82.81 -1.97
C PRO B 56 26.73 83.94 -2.96
N LEU B 57 27.40 83.88 -4.09
CA LEU B 57 27.31 84.97 -5.05
C LEU B 57 25.85 85.31 -5.34
N TYR B 58 25.08 84.29 -5.72
CA TYR B 58 23.71 84.50 -6.19
C TYR B 58 22.65 84.87 -5.11
N TRP B 59 23.09 85.18 -3.88
CA TRP B 59 22.24 85.95 -2.96
C TRP B 59 22.29 87.46 -3.30
N LYS B 60 23.08 87.83 -4.31
CA LYS B 60 23.26 89.24 -4.63
C LYS B 60 21.95 89.93 -4.97
N GLY B 61 21.14 89.31 -5.80
CA GLY B 61 19.82 89.85 -6.15
C GLY B 61 18.97 90.07 -4.90
N PRO B 62 18.64 88.99 -4.17
CA PRO B 62 17.84 89.17 -2.96
C PRO B 62 18.36 90.28 -2.03
N LEU B 63 19.70 90.36 -1.86
CA LEU B 63 20.32 91.34 -0.95
C LEU B 63 20.03 92.75 -1.44
N PHE B 64 20.41 93.02 -2.69
CA PHE B 64 20.13 94.30 -3.34
C PHE B 64 18.65 94.66 -3.19
N TYR B 65 17.77 93.75 -3.59
CA TYR B 65 16.33 93.92 -3.40
C TYR B 65 15.97 94.25 -1.96
N GLY B 66 16.42 93.42 -1.02
CA GLY B 66 16.09 93.59 0.39
C GLY B 66 16.28 95.00 0.94
N ALA B 67 17.32 95.68 0.48
CA ALA B 67 17.63 97.05 0.89
C ALA B 67 17.03 98.11 -0.06
N GLY B 68 16.09 97.72 -0.89
CA GLY B 68 15.39 98.67 -1.75
C GLY B 68 16.29 99.34 -2.75
N GLY B 69 17.28 98.62 -3.25
CA GLY B 69 18.20 99.16 -4.23
C GLY B 69 17.62 99.27 -5.63
N GLU B 70 16.68 98.39 -5.94
CA GLU B 70 16.05 98.38 -7.26
C GLU B 70 15.27 99.66 -7.51
N ARG B 71 14.86 100.34 -6.44
CA ARG B 71 14.15 101.64 -6.49
C ARG B 71 14.87 102.72 -7.31
N THR B 72 16.17 102.92 -7.09
CA THR B 72 16.92 103.97 -7.78
C THR B 72 18.06 103.43 -8.63
N GLY B 73 18.37 102.13 -8.51
CA GLY B 73 19.48 101.54 -9.25
C GLY B 73 20.75 101.41 -8.43
N SER B 74 20.67 101.85 -7.17
CA SER B 74 21.79 101.82 -6.24
C SER B 74 21.30 101.91 -4.82
N VAL B 75 22.06 101.35 -3.87
CA VAL B 75 21.71 101.43 -2.45
C VAL B 75 22.90 101.99 -1.67
N SER B 76 22.61 102.67 -0.56
CA SER B 76 23.62 103.32 0.26
C SER B 76 24.15 102.37 1.31
N VAL B 77 25.40 102.59 1.71
CA VAL B 77 26.02 101.77 2.75
C VAL B 77 25.23 101.78 4.07
N HIS B 78 24.64 102.91 4.44
CA HIS B 78 23.96 102.98 5.73
C HIS B 78 22.70 102.14 5.69
N LYS B 79 21.99 102.18 4.57
CA LYS B 79 20.76 101.42 4.43
C LYS B 79 21.08 99.94 4.31
N PHE B 80 22.08 99.58 3.52
CA PHE B 80 22.46 98.18 3.39
C PHE B 80 22.84 97.58 4.73
N VAL B 81 23.65 98.32 5.48
CA VAL B 81 24.13 97.84 6.78
C VAL B 81 22.96 97.66 7.73
N ALA B 82 22.00 98.58 7.66
CA ALA B 82 20.92 98.62 8.62
C ALA B 82 20.12 97.36 8.57
N MSE B 83 19.86 96.87 7.36
CA MSE B 83 19.03 95.68 7.19
C MSE B 83 19.80 94.40 7.33
O MSE B 83 19.24 93.42 7.84
CB MSE B 83 18.21 95.75 5.90
CG MSE B 83 19.00 95.56 4.62
SE MSE B 83 18.49 93.86 3.78
CE MSE B 83 20.27 93.06 3.59
N TRP B 84 21.07 94.35 6.93
CA TRP B 84 21.80 93.10 7.11
C TRP B 84 22.05 92.91 8.60
N ARG B 85 22.22 94.02 9.31
CA ARG B 85 22.37 93.95 10.73
C ARG B 85 21.16 93.22 11.31
N LYS B 86 19.95 93.72 11.02
CA LYS B 86 18.70 93.11 11.52
C LYS B 86 18.54 91.63 11.16
N ILE B 87 18.95 91.25 9.95
CA ILE B 87 19.00 89.86 9.57
C ILE B 87 19.87 89.11 10.56
N LEU B 88 21.16 89.47 10.64
CA LEU B 88 22.13 88.78 11.51
C LEU B 88 21.66 88.66 12.95
N GLN B 89 21.10 89.73 13.49
CA GLN B 89 20.61 89.68 14.87
C GLN B 89 19.44 88.71 15.08
N ASN B 90 18.62 88.50 14.05
CA ASN B 90 17.38 87.72 14.15
C ASN B 90 17.37 86.35 13.48
N CYS B 91 18.26 86.13 12.52
CA CYS B 91 18.24 84.91 11.70
C CYS B 91 19.55 84.16 11.83
N HIS B 92 19.47 83.04 12.54
CA HIS B 92 20.65 82.33 12.97
C HIS B 92 21.07 81.21 12.00
N ASP B 93 20.33 80.99 10.91
CA ASP B 93 20.82 80.06 9.87
C ASP B 93 20.44 80.48 8.43
N ASP B 94 21.10 79.87 7.45
CA ASP B 94 20.86 80.22 6.03
C ASP B 94 19.41 80.30 5.60
N ALA B 95 18.64 79.27 5.94
CA ALA B 95 17.23 79.20 5.56
C ALA B 95 16.43 80.37 6.14
N ALA B 96 16.66 80.72 7.40
CA ALA B 96 15.95 81.86 8.03
C ALA B 96 16.33 83.21 7.41
N LYS B 97 17.58 83.32 7.00
CA LYS B 97 18.10 84.57 6.45
C LYS B 97 17.47 84.80 5.10
N PHE B 98 17.50 83.77 4.26
CA PHE B 98 16.91 83.83 2.94
C PHE B 98 15.41 84.17 2.98
N VAL B 99 14.67 83.54 3.88
CA VAL B 99 13.26 83.85 3.97
C VAL B 99 13.12 85.34 4.32
N HIS B 100 13.73 85.77 5.42
CA HIS B 100 13.63 87.17 5.90
C HIS B 100 14.11 88.24 4.93
N LEU B 101 14.75 87.84 3.83
CA LEU B 101 15.18 88.75 2.78
C LEU B 101 14.13 88.93 1.70
N LEU B 102 13.48 87.82 1.34
CA LEU B 102 12.55 87.77 0.22
C LEU B 102 11.13 88.02 0.66
N MSE B 103 10.86 87.75 1.95
CA MSE B 103 9.50 87.72 2.48
C MSE B 103 8.82 89.05 2.47
O MSE B 103 9.46 90.09 2.63
CB MSE B 103 9.47 87.15 3.92
CG MSE B 103 9.76 88.17 5.03
SE MSE B 103 10.09 87.26 6.77
CE MSE B 103 8.85 88.22 7.96
N SER B 104 7.51 89.05 2.28
CA SER B 104 6.68 90.21 2.63
C SER B 104 6.62 90.37 4.14
N PRO B 105 6.59 91.62 4.62
CA PRO B 105 6.71 91.91 6.05
C PRO B 105 5.55 91.32 6.83
N GLY B 106 5.83 90.83 8.03
CA GLY B 106 4.83 90.13 8.83
C GLY B 106 4.76 88.63 8.52
N CYS B 107 4.75 88.29 7.23
CA CYS B 107 4.50 86.93 6.75
C CYS B 107 5.33 85.76 7.35
N ASN B 108 6.63 85.77 7.13
CA ASN B 108 7.49 84.68 7.61
C ASN B 108 7.30 83.43 6.80
N TYR B 109 7.09 83.63 5.51
CA TYR B 109 6.97 82.55 4.58
C TYR B 109 7.10 83.12 3.21
N LEU B 110 7.36 82.26 2.24
CA LEU B 110 7.67 82.69 0.91
C LEU B 110 6.57 82.22 -0.02
N VAL B 111 6.27 83.07 -0.97
CA VAL B 111 5.13 82.90 -1.83
C VAL B 111 5.73 82.92 -3.22
N GLN B 112 5.04 82.37 -4.19
CA GLN B 112 5.61 82.31 -5.52
C GLN B 112 6.26 83.62 -6.01
N GLU B 113 5.60 84.76 -5.85
CA GLU B 113 6.17 86.04 -6.35
C GLU B 113 7.41 86.51 -5.61
N ASP B 114 7.56 86.13 -4.34
CA ASP B 114 8.74 86.53 -3.57
C ASP B 114 10.05 86.09 -4.21
N PHE B 115 9.99 85.00 -4.97
CA PHE B 115 11.17 84.44 -5.62
C PHE B 115 11.52 85.13 -6.95
N VAL B 116 10.71 86.07 -7.41
CA VAL B 116 10.94 86.64 -8.73
C VAL B 116 12.18 87.52 -8.83
N PRO B 117 12.39 88.41 -7.86
CA PRO B 117 13.61 89.22 -7.94
C PRO B 117 14.89 88.36 -7.89
N PHE B 118 14.90 87.30 -7.08
CA PHE B 118 16.02 86.35 -7.12
C PHE B 118 16.23 85.78 -8.52
N LEU B 119 15.18 85.20 -9.09
CA LEU B 119 15.32 84.53 -10.38
C LEU B 119 15.59 85.48 -11.52
N GLN B 120 14.99 86.68 -11.46
CA GLN B 120 15.31 87.74 -12.42
C GLN B 120 16.82 87.94 -12.48
N ASP B 121 17.49 87.90 -11.34
CA ASP B 121 18.93 88.07 -11.33
C ASP B 121 19.67 86.88 -11.88
N VAL B 122 19.22 85.68 -11.57
CA VAL B 122 19.87 84.48 -12.11
C VAL B 122 19.87 84.57 -13.63
N VAL B 123 18.75 84.98 -14.19
CA VAL B 123 18.65 85.03 -15.64
C VAL B 123 19.57 86.09 -16.23
N ASN B 124 19.57 87.28 -15.63
CA ASN B 124 20.39 88.38 -16.14
C ASN B 124 21.89 88.16 -16.00
N THR B 125 22.29 87.30 -15.07
CA THR B 125 23.68 87.22 -14.63
C THR B 125 24.39 85.94 -15.00
N HIS B 126 23.73 84.81 -14.78
CA HIS B 126 24.38 83.54 -14.96
C HIS B 126 24.88 83.29 -16.40
N PRO B 127 26.15 82.86 -16.56
CA PRO B 127 26.70 82.58 -17.91
C PRO B 127 25.76 81.72 -18.79
N GLY B 128 25.44 80.51 -18.34
CA GLY B 128 24.54 79.61 -19.07
C GLY B 128 23.15 80.08 -19.48
N LEU B 129 22.75 81.32 -19.12
CA LEU B 129 21.43 81.90 -19.47
C LEU B 129 21.54 83.26 -20.17
N SER B 130 22.72 83.54 -20.75
CA SER B 130 23.01 84.83 -21.39
C SER B 130 22.03 85.15 -22.46
N PHE B 131 21.82 84.18 -23.35
CA PHE B 131 20.81 84.26 -24.44
C PHE B 131 19.38 84.57 -23.99
N LEU B 132 19.13 84.57 -22.69
CA LEU B 132 17.80 84.80 -22.17
C LEU B 132 17.59 86.22 -21.64
N LYS B 133 18.67 86.94 -21.31
CA LYS B 133 18.63 88.35 -20.81
C LYS B 133 17.45 89.19 -21.31
N GLU B 134 17.26 89.23 -22.63
CA GLU B 134 16.16 89.98 -23.25
C GLU B 134 14.84 89.76 -22.49
N ALA B 135 14.10 90.83 -22.22
CA ALA B 135 12.72 90.71 -21.71
C ALA B 135 11.91 90.03 -22.80
N SER B 136 11.33 88.88 -22.50
CA SER B 136 10.69 88.08 -23.54
C SER B 136 9.81 87.00 -22.94
N GLU B 137 9.16 86.27 -23.83
CA GLU B 137 8.31 85.14 -23.51
C GLU B 137 9.12 83.99 -22.84
N PHE B 138 10.16 83.51 -23.50
CA PHE B 138 10.98 82.47 -22.89
C PHE B 138 11.63 82.95 -21.59
N HIS B 139 11.94 84.25 -21.51
CA HIS B 139 12.45 84.84 -20.26
C HIS B 139 11.45 84.63 -19.10
N SER B 140 10.21 85.05 -19.31
CA SER B 140 9.22 84.99 -18.24
C SER B 140 8.81 83.57 -17.91
N ARG B 141 8.78 82.73 -18.92
CA ARG B 141 8.25 81.41 -18.75
C ARG B 141 9.28 80.52 -18.00
N TYR B 142 10.57 80.68 -18.30
CA TYR B 142 11.65 80.04 -17.52
C TYR B 142 11.55 80.38 -16.03
N ILE B 143 11.25 81.63 -15.73
CA ILE B 143 11.09 82.06 -14.34
C ILE B 143 9.90 81.38 -13.64
N THR B 144 8.77 81.27 -14.34
CA THR B 144 7.58 80.64 -13.77
C THR B 144 7.94 79.19 -13.48
N THR B 145 8.54 78.56 -14.50
CA THR B 145 8.81 77.14 -14.46
C THR B 145 9.67 76.77 -13.28
N VAL B 146 10.72 77.54 -13.05
CA VAL B 146 11.69 77.21 -12.00
C VAL B 146 11.04 77.38 -10.67
N ILE B 147 10.22 78.42 -10.54
CA ILE B 147 9.48 78.63 -9.30
C ILE B 147 8.59 77.44 -9.04
N GLN B 148 7.92 76.92 -10.07
CA GLN B 148 7.10 75.71 -9.87
C GLN B 148 7.91 74.56 -9.33
N ARG B 149 9.07 74.37 -9.94
CA ARG B 149 9.96 73.29 -9.56
C ARG B 149 10.47 73.45 -8.15
N ILE B 150 10.66 74.68 -7.70
CA ILE B 150 11.07 74.95 -6.32
C ILE B 150 9.95 74.51 -5.41
N PHE B 151 8.76 74.99 -5.68
CA PHE B 151 7.59 74.60 -4.88
C PHE B 151 7.25 73.09 -4.91
N TYR B 152 7.36 72.48 -6.09
CA TYR B 152 7.15 71.03 -6.26
C TYR B 152 7.98 70.25 -5.26
N ALA B 153 9.25 70.64 -5.10
CA ALA B 153 10.22 69.93 -4.25
C ALA B 153 10.26 70.37 -2.77
N VAL B 154 10.08 71.67 -2.53
CA VAL B 154 10.30 72.26 -1.21
C VAL B 154 9.04 72.32 -0.35
N ASN B 155 7.94 72.70 -0.99
CA ASN B 155 6.69 72.98 -0.30
C ASN B 155 5.81 71.73 -0.20
N ARG B 156 6.31 70.75 0.56
CA ARG B 156 5.68 69.43 0.62
C ARG B 156 4.30 69.39 1.27
N SER B 157 3.87 70.51 1.88
CA SER B 157 2.55 70.62 2.54
C SER B 157 1.45 71.06 1.58
N TRP B 158 1.84 71.51 0.40
CA TRP B 158 0.93 72.00 -0.63
C TRP B 158 0.26 73.32 -0.26
N SER B 159 0.55 73.88 0.92
CA SER B 159 0.14 75.26 1.22
C SER B 159 0.85 76.16 0.22
N GLY B 160 0.39 77.36 0.00
CA GLY B 160 1.14 78.23 -0.93
C GLY B 160 2.42 78.82 -0.35
N ARG B 161 2.84 78.33 0.81
CA ARG B 161 3.77 79.06 1.68
C ARG B 161 4.99 78.27 2.07
N ILE B 162 6.13 78.61 1.46
CA ILE B 162 7.40 77.97 1.81
C ILE B 162 7.93 78.57 3.07
N THR B 163 8.33 77.68 3.93
CA THR B 163 8.52 77.94 5.33
C THR B 163 10.03 77.73 5.58
N CYS B 164 10.58 78.32 6.63
CA CYS B 164 11.99 78.13 6.95
C CYS B 164 12.27 76.63 7.10
N ALA B 165 11.45 75.97 7.90
CA ALA B 165 11.57 74.52 8.11
C ALA B 165 11.71 73.79 6.78
N GLU B 166 10.70 73.91 5.91
CA GLU B 166 10.68 73.28 4.58
C GLU B 166 11.95 73.62 3.80
N LEU B 167 12.42 74.86 3.89
CA LEU B 167 13.60 75.26 3.16
C LEU B 167 14.82 74.52 3.71
N ARG B 168 14.92 74.53 5.02
CA ARG B 168 15.98 73.80 5.71
C ARG B 168 16.03 72.33 5.24
N ARG B 169 14.86 71.74 5.06
CA ARG B 169 14.69 70.33 4.78
C ARG B 169 14.98 69.96 3.34
N SER B 170 15.03 70.96 2.46
CA SER B 170 15.20 70.72 1.05
C SER B 170 16.65 70.92 0.70
N SER B 171 16.96 70.75 -0.58
CA SER B 171 18.30 70.94 -1.05
C SER B 171 18.42 72.28 -1.77
N PHE B 172 17.43 73.15 -1.59
CA PHE B 172 17.37 74.30 -2.46
C PHE B 172 18.55 75.25 -2.34
N LEU B 173 18.93 75.57 -1.11
CA LEU B 173 20.02 76.53 -0.89
C LEU B 173 21.39 76.01 -1.29
N GLN B 174 21.54 74.70 -1.36
CA GLN B 174 22.75 74.10 -1.88
C GLN B 174 22.83 74.35 -3.38
N ASN B 175 21.69 74.40 -4.06
CA ASN B 175 21.69 74.70 -5.49
C ASN B 175 21.93 76.18 -5.76
N VAL B 176 21.50 77.04 -4.85
CA VAL B 176 21.80 78.45 -5.02
C VAL B 176 23.32 78.61 -4.94
N ALA B 177 23.89 77.94 -3.93
CA ALA B 177 25.34 77.88 -3.74
C ALA B 177 26.07 77.41 -5.00
N LEU B 178 25.64 76.29 -5.55
CA LEU B 178 26.32 75.70 -6.72
C LEU B 178 26.24 76.51 -8.02
N LEU B 179 25.46 77.60 -8.05
CA LEU B 179 25.29 78.39 -9.27
C LEU B 179 26.56 79.03 -9.77
N GLU B 180 27.38 79.53 -8.85
CA GLU B 180 28.65 80.17 -9.20
C GLU B 180 29.69 79.14 -9.66
N GLU B 181 29.69 77.96 -9.06
CA GLU B 181 30.64 76.88 -9.37
C GLU B 181 30.41 76.20 -10.72
N GLU B 182 29.16 76.20 -11.20
CA GLU B 182 28.74 75.49 -12.43
C GLU B 182 28.25 76.43 -13.53
N ALA B 183 29.06 76.62 -14.57
CA ALA B 183 28.71 77.51 -15.69
C ALA B 183 27.77 76.91 -16.73
N ASP B 184 27.59 75.59 -16.72
CA ASP B 184 26.57 74.93 -17.52
C ASP B 184 25.35 74.71 -16.65
N ILE B 185 24.34 75.55 -16.83
CA ILE B 185 23.15 75.51 -15.97
C ILE B 185 22.42 74.16 -16.00
N ASN B 186 22.54 73.43 -17.12
CA ASN B 186 21.94 72.09 -17.26
C ASN B 186 22.43 71.08 -16.25
N GLN B 187 23.59 71.33 -15.66
CA GLN B 187 24.15 70.47 -14.62
C GLN B 187 23.38 70.53 -13.32
N LEU B 188 22.64 71.62 -13.09
CA LEU B 188 21.82 71.75 -11.88
C LEU B 188 20.45 71.25 -12.22
N THR B 189 20.33 69.95 -12.29
CA THR B 189 19.13 69.35 -12.83
C THR B 189 17.94 69.49 -11.89
N GLU B 190 18.14 69.96 -10.66
CA GLU B 190 17.09 69.86 -9.65
C GLU B 190 16.03 70.97 -9.67
N PHE B 191 16.45 72.20 -10.01
CA PHE B 191 15.53 73.36 -10.14
C PHE B 191 15.84 74.21 -11.39
N PHE B 192 17.11 74.56 -11.61
CA PHE B 192 17.46 75.59 -12.61
C PHE B 192 17.76 75.11 -14.04
N SER B 193 17.82 73.81 -14.29
CA SER B 193 18.09 73.30 -15.65
C SER B 193 17.25 73.96 -16.75
N TYR B 194 17.93 74.53 -17.74
CA TYR B 194 17.22 75.14 -18.83
C TYR B 194 16.65 74.06 -19.71
N GLU B 195 17.43 73.03 -19.98
CA GLU B 195 17.03 72.00 -20.96
C GLU B 195 15.75 71.31 -20.49
N HIS B 196 15.59 71.18 -19.18
CA HIS B 196 14.37 70.62 -18.62
C HIS B 196 13.21 71.60 -18.90
N PHE B 197 13.36 72.84 -18.49
CA PHE B 197 12.39 73.87 -18.83
C PHE B 197 12.06 73.93 -20.32
N TYR B 198 13.03 73.74 -21.19
CA TYR B 198 12.74 73.79 -22.64
C TYR B 198 11.74 72.69 -23.00
N VAL B 199 12.00 71.47 -22.58
CA VAL B 199 11.07 70.38 -22.78
C VAL B 199 9.69 70.74 -22.23
N ILE B 200 9.62 71.21 -21.00
CA ILE B 200 8.32 71.47 -20.36
C ILE B 200 7.51 72.50 -21.10
N TYR B 201 8.17 73.58 -21.51
CA TYR B 201 7.50 74.64 -22.26
C TYR B 201 7.10 74.22 -23.67
N CYS B 202 7.95 73.51 -24.39
CA CYS B 202 7.59 73.06 -25.75
C CYS B 202 6.38 72.10 -25.70
N LYS B 203 6.36 71.20 -24.72
CA LYS B 203 5.20 70.34 -24.47
C LYS B 203 3.93 71.14 -24.25
N PHE B 204 4.02 72.27 -23.55
CA PHE B 204 2.84 73.09 -23.29
C PHE B 204 2.42 73.87 -24.50
N TRP B 205 3.41 74.49 -25.11
CA TRP B 205 3.24 75.34 -26.28
C TRP B 205 2.51 74.63 -27.42
N GLU B 206 2.83 73.36 -27.65
CA GLU B 206 2.22 72.61 -28.77
C GLU B 206 0.73 72.31 -28.54
N LEU B 207 0.28 72.34 -27.30
CA LEU B 207 -1.12 72.08 -26.97
C LEU B 207 -1.98 73.35 -26.95
N ASP B 208 -1.38 74.47 -26.58
CA ASP B 208 -2.09 75.74 -26.33
C ASP B 208 -2.18 76.59 -27.59
N THR B 209 -2.90 76.08 -28.58
CA THR B 209 -2.76 76.54 -29.97
C THR B 209 -3.26 77.96 -30.21
N ASP B 210 -4.20 78.40 -29.38
CA ASP B 210 -4.72 79.79 -29.33
C ASP B 210 -3.81 80.71 -28.50
N HIS B 211 -2.69 80.17 -28.00
CA HIS B 211 -1.74 80.84 -27.08
C HIS B 211 -2.30 81.76 -25.96
N ASP B 212 -3.44 81.37 -25.40
CA ASP B 212 -4.08 82.06 -24.26
C ASP B 212 -3.35 81.85 -22.93
N LEU B 213 -2.31 81.01 -22.93
CA LEU B 213 -1.58 80.62 -21.70
C LEU B 213 -2.47 79.80 -20.72
N LEU B 214 -3.55 79.27 -21.28
CA LEU B 214 -4.57 78.52 -20.57
C LEU B 214 -4.98 77.32 -21.44
N ILE B 215 -5.09 76.16 -20.80
CA ILE B 215 -5.26 74.88 -21.47
C ILE B 215 -6.50 74.16 -20.94
N ASP B 216 -7.17 73.35 -21.76
CA ASP B 216 -8.43 72.66 -21.34
C ASP B 216 -8.44 71.13 -21.50
N ALA B 217 -9.51 70.50 -21.03
CA ALA B 217 -9.56 69.03 -21.01
C ALA B 217 -9.31 68.44 -22.38
N ASP B 218 -9.87 69.05 -23.41
CA ASP B 218 -9.64 68.60 -24.77
C ASP B 218 -8.18 68.71 -25.19
N ASP B 219 -7.55 69.82 -24.83
CA ASP B 219 -6.16 70.10 -25.20
C ASP B 219 -5.24 69.11 -24.51
N LEU B 220 -5.47 68.94 -23.22
CA LEU B 220 -4.66 68.03 -22.41
C LEU B 220 -4.81 66.57 -22.87
N ALA B 221 -6.00 66.23 -23.34
CA ALA B 221 -6.24 64.91 -23.88
C ALA B 221 -5.36 64.61 -25.09
N ARG B 222 -4.84 65.63 -25.75
CA ARG B 222 -3.99 65.44 -26.93
C ARG B 222 -2.50 65.20 -26.61
N HIS B 223 -2.12 65.49 -25.37
CA HIS B 223 -0.75 65.29 -24.85
C HIS B 223 -0.33 63.82 -24.95
N ASN B 224 0.89 63.59 -25.44
CA ASN B 224 1.42 62.24 -25.67
C ASN B 224 0.49 61.30 -26.45
N ASP B 225 -0.20 61.82 -27.45
CA ASP B 225 -1.12 61.04 -28.27
C ASP B 225 -2.22 60.40 -27.41
N HIS B 226 -2.84 61.20 -26.55
CA HIS B 226 -3.89 60.76 -25.64
C HIS B 226 -3.41 59.55 -24.84
N ALA B 227 -2.15 59.53 -24.45
CA ALA B 227 -1.59 58.44 -23.64
C ALA B 227 -2.34 58.22 -22.33
N LEU B 228 -2.77 59.30 -21.69
CA LEU B 228 -3.56 59.24 -20.47
C LEU B 228 -5.02 59.04 -20.80
N SER B 229 -5.72 58.45 -19.86
CA SER B 229 -7.10 58.09 -20.05
C SER B 229 -7.94 59.33 -19.88
N THR B 230 -9.08 59.34 -20.54
CA THR B 230 -10.00 60.46 -20.44
C THR B 230 -10.49 60.67 -19.00
N LYS B 231 -10.75 59.59 -18.27
CA LYS B 231 -11.32 59.72 -16.92
C LYS B 231 -10.29 60.35 -15.98
N MSE B 232 -9.01 60.08 -16.27
CA MSE B 232 -7.91 60.73 -15.55
C MSE B 232 -7.84 62.20 -15.91
O MSE B 232 -7.71 63.03 -15.03
CB MSE B 232 -6.58 60.01 -15.79
CG MSE B 232 -5.42 60.58 -14.95
SE MSE B 232 -5.87 60.98 -13.06
CE MSE B 232 -6.15 59.14 -12.42
N ILE B 233 -7.94 62.53 -17.19
CA ILE B 233 -7.93 63.92 -17.60
C ILE B 233 -9.04 64.74 -16.90
N ASP B 234 -10.28 64.28 -16.95
CA ASP B 234 -11.37 65.10 -16.40
C ASP B 234 -11.18 65.29 -14.91
N ARG B 235 -10.33 64.44 -14.34
CA ARG B 235 -10.02 64.49 -12.92
C ARG B 235 -9.03 65.59 -12.53
N ILE B 236 -8.13 65.94 -13.45
CA ILE B 236 -7.26 67.09 -13.26
C ILE B 236 -8.06 68.38 -13.02
N PHE B 237 -9.22 68.50 -13.67
CA PHE B 237 -10.04 69.72 -13.57
C PHE B 237 -11.09 69.66 -12.44
N SER B 238 -10.97 68.67 -11.57
CA SER B 238 -12.00 68.39 -10.55
C SER B 238 -11.86 69.16 -9.24
N GLY B 239 -10.71 69.76 -9.00
CA GLY B 239 -10.41 70.36 -7.70
C GLY B 239 -9.46 69.51 -6.87
N ALA B 240 -9.11 68.34 -7.39
CA ALA B 240 -8.30 67.41 -6.63
C ALA B 240 -6.85 67.90 -6.53
N VAL B 241 -6.38 68.68 -7.51
CA VAL B 241 -4.96 69.14 -7.52
C VAL B 241 -4.70 70.64 -7.76
N THR B 242 -5.74 71.47 -7.72
CA THR B 242 -5.65 72.90 -7.96
C THR B 242 -6.47 73.64 -6.91
N ARG B 243 -6.15 74.91 -6.69
CA ARG B 243 -6.74 75.68 -5.58
C ARG B 243 -8.04 76.40 -5.95
N GLY B 244 -8.92 76.54 -4.96
CA GLY B 244 -10.15 77.31 -5.11
C GLY B 244 -11.21 76.73 -6.04
N ARG B 245 -11.98 77.64 -6.63
CA ARG B 245 -13.16 77.31 -7.42
C ARG B 245 -12.90 77.41 -8.93
N LYS B 246 -11.94 78.24 -9.32
CA LYS B 246 -11.77 78.62 -10.72
C LYS B 246 -11.71 77.45 -11.70
N VAL B 247 -10.85 76.47 -11.46
CA VAL B 247 -10.57 75.42 -12.45
C VAL B 247 -11.80 74.58 -12.76
N GLN B 248 -12.53 74.26 -11.69
CA GLN B 248 -13.77 73.50 -11.77
C GLN B 248 -14.83 74.26 -12.54
N LYS B 249 -14.85 75.58 -12.39
CA LYS B 249 -15.80 76.42 -13.08
C LYS B 249 -15.48 76.58 -14.54
N GLU B 250 -14.21 76.72 -14.88
CA GLU B 250 -13.84 77.06 -16.25
C GLU B 250 -13.22 75.92 -17.06
N GLY B 251 -12.91 74.80 -16.40
CA GLY B 251 -12.35 73.65 -17.11
C GLY B 251 -11.06 73.99 -17.84
N LYS B 252 -10.26 74.84 -17.18
CA LYS B 252 -9.04 75.41 -17.75
C LYS B 252 -7.95 75.49 -16.71
N ILE B 253 -6.74 75.01 -17.05
CA ILE B 253 -5.57 75.21 -16.17
C ILE B 253 -4.53 76.14 -16.79
N SER B 254 -3.84 76.85 -15.92
CA SER B 254 -2.71 77.71 -16.28
C SER B 254 -1.46 76.91 -16.62
N TYR B 255 -0.52 77.56 -17.29
CA TYR B 255 0.83 77.01 -17.50
C TYR B 255 1.42 76.51 -16.21
N ALA B 256 1.34 77.32 -15.16
CA ALA B 256 1.90 76.93 -13.87
C ALA B 256 1.40 75.55 -13.47
N ASP B 257 0.07 75.38 -13.45
CA ASP B 257 -0.54 74.10 -13.12
C ASP B 257 -0.09 72.97 -14.04
N PHE B 258 0.07 73.27 -15.33
CA PHE B 258 0.53 72.27 -16.29
C PHE B 258 1.94 71.78 -15.97
N VAL B 259 2.75 72.64 -15.35
CA VAL B 259 4.10 72.25 -14.96
C VAL B 259 3.99 71.14 -13.92
N TRP B 260 3.14 71.34 -12.92
CA TRP B 260 2.95 70.34 -11.88
C TRP B 260 2.45 69.02 -12.50
N PHE B 261 1.47 69.14 -13.40
CA PHE B 261 0.93 68.00 -14.08
C PHE B 261 2.05 67.28 -14.78
N LEU B 262 2.81 68.02 -15.58
CA LEU B 262 3.78 67.37 -16.44
C LEU B 262 4.91 66.75 -15.65
N ILE B 263 5.39 67.42 -14.61
CA ILE B 263 6.48 66.85 -13.82
C ILE B 263 6.04 65.55 -13.15
N SER B 264 4.76 65.49 -12.78
CA SER B 264 4.18 64.31 -12.17
C SER B 264 4.06 63.15 -13.15
N GLU B 265 3.65 63.46 -14.37
CA GLU B 265 3.61 62.48 -15.46
C GLU B 265 5.02 61.98 -15.78
N GLU B 266 6.00 62.88 -15.89
CA GLU B 266 7.41 62.49 -16.17
C GLU B 266 7.97 61.45 -15.19
N ASP B 267 7.70 61.65 -13.89
CA ASP B 267 8.21 60.75 -12.86
C ASP B 267 7.18 60.58 -11.77
N LYS B 268 6.68 59.36 -11.61
CA LYS B 268 5.60 59.07 -10.65
C LYS B 268 6.07 58.31 -9.40
N LYS B 269 7.38 58.11 -9.24
CA LYS B 269 7.95 57.46 -8.05
C LYS B 269 8.03 58.46 -6.86
N THR B 270 7.89 59.75 -7.18
CA THR B 270 8.22 60.87 -6.29
C THR B 270 7.14 61.13 -5.25
N PRO B 271 7.53 61.53 -4.01
CA PRO B 271 6.49 61.68 -2.99
C PRO B 271 5.40 62.72 -3.36
N THR B 272 5.76 63.76 -4.10
CA THR B 272 4.79 64.74 -4.56
C THR B 272 3.91 64.17 -5.66
N SER B 273 4.54 63.46 -6.59
CA SER B 273 3.82 62.87 -7.73
C SER B 273 2.80 61.85 -7.25
N ILE B 274 3.17 61.11 -6.21
CA ILE B 274 2.31 60.09 -5.67
C ILE B 274 1.09 60.74 -4.99
N GLU B 275 1.34 61.81 -4.26
CA GLU B 275 0.24 62.60 -3.69
C GLU B 275 -0.68 63.10 -4.79
N TYR B 276 -0.10 63.67 -5.83
CA TYR B 276 -0.84 64.23 -6.97
C TYR B 276 -1.81 63.21 -7.61
N TRP B 277 -1.28 62.05 -7.96
CA TRP B 277 -2.06 61.04 -8.66
C TRP B 277 -3.01 60.37 -7.69
N PHE B 278 -2.59 60.23 -6.43
CA PHE B 278 -3.49 59.65 -5.44
C PHE B 278 -4.70 60.53 -5.27
N ARG B 279 -4.48 61.83 -5.24
CA ARG B 279 -5.58 62.78 -5.09
C ARG B 279 -6.58 62.55 -6.22
N CYS B 280 -6.05 62.33 -7.41
CA CYS B 280 -6.86 62.14 -8.57
C CYS B 280 -7.61 60.80 -8.54
N MSE B 281 -7.04 59.78 -7.94
CA MSE B 281 -7.68 58.49 -7.99
C MSE B 281 -8.70 58.34 -6.88
O MSE B 281 -9.67 57.62 -7.03
CB MSE B 281 -6.62 57.39 -7.99
CG MSE B 281 -6.01 57.19 -9.38
SE MSE B 281 -4.95 55.53 -9.37
CE MSE B 281 -6.54 54.40 -9.62
N ASP B 282 -8.51 59.05 -5.77
CA ASP B 282 -9.43 58.94 -4.65
C ASP B 282 -10.67 59.77 -4.94
N LEU B 283 -11.54 59.18 -5.76
CA LEU B 283 -12.70 59.90 -6.32
C LEU B 283 -13.60 60.45 -5.25
N ASP B 284 -13.72 59.74 -4.13
CA ASP B 284 -14.61 60.18 -3.05
C ASP B 284 -13.87 60.99 -1.96
N GLY B 285 -12.54 60.98 -1.98
CA GLY B 285 -11.75 61.73 -0.99
C GLY B 285 -11.60 61.08 0.37
N ASP B 286 -12.04 59.83 0.50
CA ASP B 286 -12.08 59.15 1.81
C ASP B 286 -10.70 58.64 2.29
N GLY B 287 -9.67 58.80 1.46
CA GLY B 287 -8.32 58.41 1.81
C GLY B 287 -7.95 56.97 1.47
N ALA B 288 -8.88 56.24 0.87
CA ALA B 288 -8.62 54.87 0.38
C ALA B 288 -9.08 54.70 -1.06
N LEU B 289 -8.40 53.83 -1.80
CA LEU B 289 -8.83 53.50 -3.16
C LEU B 289 -9.65 52.22 -3.14
N SER B 290 -10.96 52.38 -3.03
CA SER B 290 -11.90 51.28 -3.01
C SER B 290 -11.86 50.57 -4.33
N MSE B 291 -12.27 49.31 -4.35
CA MSE B 291 -12.35 48.58 -5.60
C MSE B 291 -13.26 49.29 -6.58
O MSE B 291 -13.01 49.28 -7.78
CB MSE B 291 -12.78 47.13 -5.39
CG MSE B 291 -11.65 46.34 -4.72
SE MSE B 291 -12.42 44.82 -3.74
CE MSE B 291 -11.42 44.87 -2.04
N PHE B 292 -14.31 49.94 -6.09
CA PHE B 292 -15.13 50.71 -7.01
C PHE B 292 -14.31 51.76 -7.76
N GLU B 293 -13.48 52.49 -7.04
CA GLU B 293 -12.67 53.56 -7.63
C GLU B 293 -11.64 53.01 -8.64
N LEU B 294 -10.94 51.95 -8.27
CA LEU B 294 -10.10 51.21 -9.22
C LEU B 294 -10.82 50.76 -10.52
N GLU B 295 -11.99 50.13 -10.40
CA GLU B 295 -12.69 49.55 -11.57
C GLU B 295 -13.15 50.66 -12.54
N TYR B 296 -13.48 51.81 -11.95
CA TYR B 296 -13.91 52.98 -12.69
C TYR B 296 -12.84 53.47 -13.66
N PHE B 297 -11.58 53.25 -13.29
CA PHE B 297 -10.46 53.60 -14.15
C PHE B 297 -10.11 52.45 -15.05
N TYR B 298 -10.08 51.24 -14.51
CA TYR B 298 -9.60 50.07 -15.25
C TYR B 298 -10.52 49.71 -16.40
N GLU B 299 -11.81 49.98 -16.24
CA GLU B 299 -12.75 49.65 -17.32
C GLU B 299 -12.36 50.39 -18.62
N GLU B 300 -11.96 51.66 -18.48
CA GLU B 300 -11.49 52.44 -19.64
C GLU B 300 -10.13 51.98 -20.15
N GLN B 301 -9.23 51.54 -19.29
CA GLN B 301 -7.98 50.96 -19.78
C GLN B 301 -8.31 49.77 -20.65
N CYS B 302 -9.34 49.04 -20.25
CA CYS B 302 -9.68 47.80 -20.92
C CYS B 302 -10.15 48.09 -22.34
N ARG B 303 -11.07 49.05 -22.48
CA ARG B 303 -11.61 49.38 -23.80
C ARG B 303 -10.55 49.89 -24.75
N ARG B 304 -9.57 50.60 -24.22
CA ARG B 304 -8.44 51.06 -25.01
C ARG B 304 -7.51 49.94 -25.40
N LEU B 305 -7.21 49.03 -24.48
CA LEU B 305 -6.44 47.83 -24.81
C LEU B 305 -7.17 47.00 -25.88
N ASP B 306 -8.49 47.02 -25.81
CA ASP B 306 -9.31 46.31 -26.77
C ASP B 306 -9.11 46.95 -28.14
N SER B 307 -9.43 48.26 -28.27
CA SER B 307 -9.20 49.05 -29.50
C SER B 307 -7.88 48.71 -30.15
N MSE B 308 -6.88 48.47 -29.32
CA MSE B 308 -5.54 48.14 -29.79
C MSE B 308 -5.30 46.67 -30.04
O MSE B 308 -4.15 46.27 -30.21
CB MSE B 308 -4.68 48.54 -28.60
CG MSE B 308 -3.46 49.33 -28.97
SE MSE B 308 -3.19 50.51 -27.43
CE MSE B 308 -1.22 50.39 -27.43
N ALA B 309 -6.37 45.88 -30.05
CA ALA B 309 -6.29 44.40 -30.11
C ALA B 309 -5.23 43.81 -29.17
N ILE B 310 -5.36 44.13 -27.87
CA ILE B 310 -4.59 43.46 -26.82
C ILE B 310 -5.54 42.82 -25.81
N GLU B 311 -5.17 41.61 -25.39
CA GLU B 311 -5.85 40.90 -24.31
C GLU B 311 -5.64 41.69 -23.02
N ALA B 312 -6.71 42.29 -22.50
CA ALA B 312 -6.68 43.06 -21.26
C ALA B 312 -6.91 42.14 -20.09
N LEU B 313 -5.87 41.97 -19.28
CA LEU B 313 -5.96 41.18 -18.04
C LEU B 313 -7.25 41.51 -17.28
N PRO B 314 -8.07 40.50 -16.93
CA PRO B 314 -9.36 40.85 -16.31
C PRO B 314 -9.23 41.48 -14.92
N PHE B 315 -10.10 42.42 -14.61
CA PHE B 315 -9.97 43.21 -13.39
C PHE B 315 -9.54 42.37 -12.19
N GLN B 316 -10.29 41.33 -11.90
CA GLN B 316 -10.07 40.53 -10.72
C GLN B 316 -8.65 39.96 -10.69
N ASP B 317 -8.17 39.45 -11.81
CA ASP B 317 -6.77 39.00 -11.89
C ASP B 317 -5.81 40.20 -11.75
N CYS B 318 -6.24 41.39 -12.21
CA CYS B 318 -5.41 42.60 -12.12
C CYS B 318 -5.29 43.08 -10.65
N LEU B 319 -6.45 43.20 -10.00
CA LEU B 319 -6.49 43.56 -8.60
C LEU B 319 -5.57 42.67 -7.76
N CYS B 320 -5.52 41.37 -8.05
CA CYS B 320 -4.66 40.49 -7.28
C CYS B 320 -3.20 40.87 -7.51
N GLN B 321 -2.85 41.18 -8.76
CA GLN B 321 -1.48 41.61 -9.09
C GLN B 321 -1.10 42.93 -8.42
N MSE B 322 -2.03 43.89 -8.41
CA MSE B 322 -1.78 45.19 -7.85
C MSE B 322 -1.64 45.07 -6.36
O MSE B 322 -0.77 45.69 -5.79
CB MSE B 322 -2.87 46.20 -8.23
CG MSE B 322 -2.79 46.55 -9.73
SE MSE B 322 -1.04 47.33 -10.25
CE MSE B 322 -0.16 45.85 -11.19
N LEU B 323 -2.47 44.25 -5.72
CA LEU B 323 -2.37 44.10 -4.27
C LEU B 323 -1.10 43.36 -3.87
N ASP B 324 -0.58 42.52 -4.74
CA ASP B 324 0.72 41.93 -4.48
C ASP B 324 1.82 42.99 -4.57
N LEU B 325 1.71 43.85 -5.58
CA LEU B 325 2.74 44.82 -5.92
C LEU B 325 2.88 45.88 -4.84
N VAL B 326 1.78 46.53 -4.51
CA VAL B 326 1.76 47.37 -3.32
C VAL B 326 1.46 46.37 -2.22
N LYS B 327 2.10 46.50 -1.07
CA LYS B 327 1.89 45.52 -0.01
C LYS B 327 1.11 46.23 1.07
N PRO B 328 -0.19 46.46 0.84
CA PRO B 328 -0.95 47.38 1.71
C PRO B 328 -0.91 46.97 3.19
N ARG B 329 -0.92 47.94 4.10
CA ARG B 329 -0.76 47.63 5.51
C ARG B 329 -1.98 46.90 6.04
N THR B 330 -3.16 47.40 5.66
CA THR B 330 -4.42 46.76 6.04
C THR B 330 -5.17 46.25 4.80
N GLU B 331 -5.37 44.94 4.78
CA GLU B 331 -6.09 44.18 3.75
C GLU B 331 -7.27 44.92 3.10
N GLY B 332 -7.29 44.92 1.76
CA GLY B 332 -8.41 45.45 0.96
C GLY B 332 -8.67 46.94 1.17
N LYS B 333 -7.60 47.71 1.14
CA LYS B 333 -7.64 49.15 1.37
C LYS B 333 -6.31 49.68 0.95
N ILE B 334 -6.28 50.38 -0.16
CA ILE B 334 -5.04 50.97 -0.64
C ILE B 334 -4.99 52.44 -0.25
N THR B 335 -3.97 52.79 0.52
CA THR B 335 -3.84 54.13 1.05
C THR B 335 -2.62 54.77 0.46
N LEU B 336 -2.49 56.06 0.71
CA LEU B 336 -1.40 56.86 0.18
C LEU B 336 -0.05 56.41 0.72
N GLN B 337 -0.02 56.09 2.01
CA GLN B 337 1.18 55.64 2.68
C GLN B 337 1.67 54.32 2.09
N ASP B 338 0.73 53.39 1.84
CA ASP B 338 1.05 52.07 1.27
C ASP B 338 1.75 52.24 -0.07
N LEU B 339 1.14 53.11 -0.89
CA LEU B 339 1.67 53.48 -2.20
C LEU B 339 3.10 54.03 -2.19
N LYS B 340 3.40 54.88 -1.23
CA LYS B 340 4.76 55.42 -1.05
C LYS B 340 5.79 54.38 -0.62
N ARG B 341 5.42 53.54 0.33
CA ARG B 341 6.32 52.51 0.80
C ARG B 341 6.77 51.57 -0.33
N CYS B 342 5.85 51.21 -1.22
CA CYS B 342 6.09 50.08 -2.16
C CYS B 342 7.17 50.27 -3.24
N LYS B 343 7.52 51.50 -3.60
CA LYS B 343 8.58 51.77 -4.62
C LYS B 343 8.14 51.50 -6.06
N LEU B 344 6.91 51.06 -6.23
CA LEU B 344 6.36 50.68 -7.52
C LEU B 344 5.04 51.41 -7.78
N ALA B 345 4.80 52.48 -7.04
CA ALA B 345 3.69 53.38 -7.30
C ALA B 345 3.49 53.67 -8.80
N ASN B 346 4.57 53.93 -9.51
CA ASN B 346 4.45 54.29 -10.91
C ASN B 346 3.86 53.19 -11.77
N VAL B 347 4.19 51.92 -11.50
CA VAL B 347 3.60 50.84 -12.29
C VAL B 347 2.14 50.69 -11.91
N PHE B 348 1.83 50.89 -10.65
CA PHE B 348 0.45 50.88 -10.20
C PHE B 348 -0.35 51.94 -10.93
N PHE B 349 0.13 53.17 -10.92
CA PHE B 349 -0.58 54.24 -11.60
C PHE B 349 -0.73 53.99 -13.10
N ASP B 350 0.37 53.63 -13.77
CA ASP B 350 0.33 53.38 -15.21
C ASP B 350 -0.70 52.32 -15.53
N THR B 351 -0.70 51.25 -14.76
CA THR B 351 -1.66 50.17 -14.93
C THR B 351 -3.14 50.64 -14.98
N PHE B 352 -3.45 51.76 -14.34
CA PHE B 352 -4.83 52.19 -14.27
C PHE B 352 -5.18 53.34 -15.19
N PHE B 353 -4.20 54.13 -15.63
CA PHE B 353 -4.55 55.24 -16.52
C PHE B 353 -3.53 55.63 -17.58
N ASN B 354 -2.56 54.77 -17.88
CA ASN B 354 -1.59 55.06 -18.92
C ASN B 354 -1.36 53.92 -19.91
N ILE B 355 -1.28 54.27 -21.19
CA ILE B 355 -1.10 53.29 -22.25
C ILE B 355 0.09 53.66 -23.14
N GLU B 356 1.31 53.69 -22.61
CA GLU B 356 2.46 53.97 -23.48
C GLU B 356 3.37 52.78 -23.63
N LYS B 357 2.87 51.62 -23.25
CA LYS B 357 3.57 50.38 -23.48
C LYS B 357 2.51 49.37 -23.97
N TYR B 358 2.22 49.40 -25.27
CA TYR B 358 2.75 50.38 -26.24
C TYR B 358 1.82 50.46 -27.44
N ASP C 4 26.98 28.90 21.34
CA ASP C 4 27.99 29.08 20.25
C ASP C 4 27.39 28.80 18.83
N GLU C 5 27.09 27.54 18.54
CA GLU C 5 26.30 27.17 17.35
C GLU C 5 24.81 27.35 17.63
N LYS C 6 24.41 27.04 18.86
CA LYS C 6 23.03 27.21 19.31
C LYS C 6 22.59 28.67 19.25
N VAL C 7 23.50 29.60 19.47
CA VAL C 7 23.13 31.03 19.36
C VAL C 7 22.73 31.31 17.91
N PHE C 8 23.56 30.88 16.96
CA PHE C 8 23.24 31.11 15.56
C PHE C 8 22.02 30.30 15.04
N THR C 9 21.82 29.11 15.61
CA THR C 9 20.66 28.27 15.31
C THR C 9 19.35 29.00 15.55
N LYS C 10 19.28 29.74 16.65
CA LYS C 10 18.04 30.44 16.99
C LYS C 10 17.97 31.81 16.28
N GLU C 11 19.13 32.41 16.00
CA GLU C 11 19.23 33.61 15.15
C GLU C 11 18.62 33.27 13.81
N LEU C 12 18.96 32.07 13.34
CA LEU C 12 18.49 31.57 12.07
C LEU C 12 17.01 31.15 12.10
N ASP C 13 16.58 30.54 13.20
CA ASP C 13 15.15 30.26 13.37
C ASP C 13 14.32 31.54 13.25
N GLN C 14 14.78 32.65 13.85
CA GLN C 14 14.03 33.91 13.76
C GLN C 14 14.06 34.47 12.34
N TRP C 15 15.20 34.43 11.66
CA TRP C 15 15.20 34.80 10.24
C TRP C 15 14.11 34.05 9.46
N ILE C 16 13.99 32.75 9.72
CA ILE C 16 12.95 31.95 9.08
C ILE C 16 11.56 32.42 9.53
N GLU C 17 11.31 32.61 10.83
CA GLU C 17 9.99 33.14 11.30
C GLU C 17 9.59 34.40 10.52
N GLN C 18 10.60 35.28 10.39
CA GLN C 18 10.44 36.59 9.81
C GLN C 18 10.13 36.54 8.32
N LEU C 19 10.95 35.82 7.58
CA LEU C 19 10.73 35.59 6.15
C LEU C 19 9.36 35.01 5.90
N ASN C 20 8.89 34.15 6.80
CA ASN C 20 7.56 33.57 6.69
C ASN C 20 6.46 34.61 6.79
N GLU C 21 6.76 35.80 7.30
CA GLU C 21 5.83 36.90 7.30
C GLU C 21 6.12 37.83 6.12
N CYS C 22 6.84 37.28 5.13
CA CYS C 22 7.21 38.02 3.93
C CYS C 22 7.98 39.30 4.25
N LYS C 23 8.91 39.22 5.21
CA LYS C 23 9.73 40.36 5.62
C LYS C 23 11.21 40.11 5.35
N GLN C 24 11.78 40.87 4.42
CA GLN C 24 13.17 40.64 4.03
C GLN C 24 14.13 40.78 5.19
N LEU C 25 15.20 39.98 5.16
CA LEU C 25 16.36 40.19 6.00
C LEU C 25 17.13 41.39 5.48
N SER C 26 18.10 41.85 6.25
CA SER C 26 18.83 43.06 5.92
C SER C 26 20.01 42.68 5.07
N GLU C 27 20.58 43.70 4.43
CA GLU C 27 21.73 43.53 3.54
C GLU C 27 22.87 42.68 4.11
N SER C 28 23.18 42.81 5.39
CA SER C 28 24.35 42.11 5.95
C SER C 28 23.95 40.79 6.64
N GLN C 29 22.69 40.66 7.04
CA GLN C 29 22.13 39.35 7.39
C GLN C 29 22.13 38.46 6.14
N VAL C 30 21.72 39.05 5.02
CA VAL C 30 21.78 38.34 3.75
C VAL C 30 23.22 37.96 3.39
N LYS C 31 24.15 38.88 3.59
CA LYS C 31 25.55 38.63 3.27
C LYS C 31 26.07 37.48 4.10
N SER C 32 25.64 37.37 5.34
CA SER C 32 26.15 36.32 6.20
C SER C 32 25.56 34.95 5.83
N LEU C 33 24.26 34.95 5.59
CA LEU C 33 23.55 33.77 5.10
C LEU C 33 24.19 33.19 3.84
N CYS C 34 24.62 34.06 2.93
CA CYS C 34 25.23 33.59 1.69
C CYS C 34 26.65 33.05 1.89
N GLU C 35 27.44 33.60 2.80
CA GLU C 35 28.78 33.04 3.05
C GLU C 35 28.64 31.62 3.58
N LYS C 36 27.66 31.42 4.46
CA LYS C 36 27.43 30.13 5.08
C LYS C 36 26.92 29.11 4.08
N ALA C 37 25.99 29.53 3.23
CA ALA C 37 25.44 28.63 2.24
C ALA C 37 26.50 28.11 1.25
N LYS C 38 27.40 29.01 0.77
CA LYS C 38 28.52 28.62 -0.12
C LYS C 38 29.33 27.49 0.47
N GLU C 39 29.63 27.66 1.75
CA GLU C 39 30.40 26.72 2.54
C GLU C 39 29.73 25.34 2.52
N ILE C 40 28.41 25.29 2.66
CA ILE C 40 27.67 24.03 2.52
C ILE C 40 27.65 23.52 1.07
N LEU C 41 27.30 24.41 0.13
CA LEU C 41 27.08 23.99 -1.27
C LEU C 41 28.37 23.56 -1.96
N THR C 42 29.47 24.20 -1.61
CA THR C 42 30.73 23.87 -2.22
C THR C 42 31.10 22.40 -1.98
N LYS C 43 30.50 21.80 -0.95
CA LYS C 43 30.68 20.37 -0.60
C LYS C 43 29.73 19.43 -1.35
N GLU C 44 28.62 19.94 -1.87
CA GLU C 44 27.69 19.09 -2.60
C GLU C 44 28.25 18.84 -3.99
N SER C 45 27.99 17.67 -4.55
CA SER C 45 28.46 17.30 -5.88
C SER C 45 27.51 17.80 -6.94
N ASN C 46 28.00 17.85 -8.18
CA ASN C 46 27.15 18.31 -9.28
C ASN C 46 25.93 17.42 -9.47
N VAL C 47 26.07 16.14 -9.12
CA VAL C 47 24.95 15.21 -9.00
C VAL C 47 24.74 14.87 -7.52
N GLN C 48 23.81 15.57 -6.86
CA GLN C 48 23.57 15.38 -5.44
C GLN C 48 22.78 14.13 -5.14
N GLU C 49 23.46 13.16 -4.54
CA GLU C 49 22.81 12.05 -3.87
C GLU C 49 21.75 12.59 -2.90
N VAL C 50 20.49 12.23 -3.14
CA VAL C 50 19.37 12.54 -2.24
C VAL C 50 18.63 11.25 -1.98
N ARG C 51 18.21 11.06 -0.74
CA ARG C 51 17.53 9.84 -0.31
C ARG C 51 16.06 10.09 -0.26
N CYS C 52 15.25 9.09 -0.59
CA CYS C 52 13.80 9.15 -0.35
C CYS C 52 13.58 9.00 1.18
N PRO C 53 12.43 9.44 1.69
CA PRO C 53 11.34 10.14 1.01
C PRO C 53 11.70 11.61 0.80
N VAL C 54 10.98 12.27 -0.11
CA VAL C 54 11.27 13.65 -0.48
C VAL C 54 10.20 14.17 -1.45
N THR C 55 9.84 15.45 -1.33
CA THR C 55 8.88 16.04 -2.25
C THR C 55 9.57 16.94 -3.22
N VAL C 56 9.33 16.70 -4.51
CA VAL C 56 10.02 17.40 -5.59
C VAL C 56 9.19 18.55 -6.12
N CYS C 57 9.82 19.71 -6.28
CA CYS C 57 9.12 20.87 -6.84
C CYS C 57 9.93 21.54 -7.91
N GLY C 58 9.21 22.34 -8.69
CA GLY C 58 9.81 23.11 -9.77
C GLY C 58 9.59 24.62 -9.64
N ASP C 59 9.60 25.29 -10.79
CA ASP C 59 9.61 26.76 -10.86
C ASP C 59 8.67 27.42 -9.83
N VAL C 60 9.22 28.38 -9.09
CA VAL C 60 8.49 29.27 -8.16
C VAL C 60 8.54 30.74 -8.62
N HIS C 61 9.65 31.18 -9.23
CA HIS C 61 9.77 32.50 -9.92
C HIS C 61 9.18 33.63 -9.05
N GLY C 62 9.66 33.72 -7.83
CA GLY C 62 9.28 34.81 -6.93
C GLY C 62 7.86 34.88 -6.38
N GLN C 63 7.00 33.90 -6.70
CA GLN C 63 5.61 33.93 -6.21
C GLN C 63 5.55 33.41 -4.76
N PHE C 64 5.98 34.28 -3.85
CA PHE C 64 6.15 33.94 -2.44
C PHE C 64 4.87 33.46 -1.77
N HIS C 65 3.73 34.07 -2.08
CA HIS C 65 2.46 33.65 -1.47
C HIS C 65 2.07 32.28 -1.95
N ASP C 66 2.50 31.92 -3.14
CA ASP C 66 2.21 30.60 -3.68
C ASP C 66 3.16 29.54 -3.12
N LEU C 67 4.38 29.94 -2.79
CA LEU C 67 5.30 29.08 -2.06
C LEU C 67 4.74 28.71 -0.67
N MET C 68 4.19 29.69 0.04
CA MET C 68 3.45 29.42 1.27
C MET C 68 2.38 28.37 1.01
N GLU C 69 1.57 28.60 -0.03
CA GLU C 69 0.55 27.63 -0.45
C GLU C 69 1.13 26.25 -0.72
N LEU C 70 2.29 26.18 -1.35
CA LEU C 70 2.94 24.90 -1.56
C LEU C 70 3.17 24.18 -0.22
N PHE C 71 3.61 24.91 0.81
CA PHE C 71 3.92 24.30 2.09
C PHE C 71 2.67 23.87 2.83
N ARG C 72 1.54 24.45 2.49
CA ARG C 72 0.30 24.02 3.10
C ARG C 72 -0.17 22.73 2.49
N ILE C 73 0.32 22.43 1.29
CA ILE C 73 -0.03 21.21 0.58
C ILE C 73 0.91 20.07 1.02
N GLY C 74 2.22 20.32 0.93
CA GLY C 74 3.23 19.31 1.18
C GLY C 74 3.70 19.20 2.63
N GLY C 75 3.31 20.16 3.47
CA GLY C 75 3.82 20.23 4.85
C GLY C 75 5.02 21.13 5.04
N LYS C 76 5.30 21.48 6.30
CA LYS C 76 6.35 22.44 6.65
C LYS C 76 7.69 21.78 6.68
N SER C 77 8.69 22.45 6.15
CA SER C 77 10.07 22.05 6.36
C SER C 77 10.37 22.38 7.81
N PRO C 78 11.16 21.57 8.52
CA PRO C 78 11.87 20.36 8.12
C PRO C 78 11.07 19.07 8.19
N ASP C 79 9.78 19.14 8.50
CA ASP C 79 9.02 17.92 8.74
C ASP C 79 8.98 17.12 7.47
N THR C 80 8.66 17.77 6.36
CA THR C 80 8.76 17.10 5.06
C THR C 80 10.00 17.55 4.34
N ASN C 81 10.71 16.59 3.73
CA ASN C 81 11.91 16.89 2.96
C ASN C 81 11.52 17.44 1.60
N TYR C 82 12.32 18.37 1.07
CA TYR C 82 12.05 18.97 -0.24
C TYR C 82 13.23 18.88 -1.22
N LEU C 83 12.89 18.80 -2.51
CA LEU C 83 13.85 19.05 -3.55
C LEU C 83 13.27 20.09 -4.51
N PHE C 84 13.93 21.24 -4.58
CA PHE C 84 13.52 22.30 -5.49
C PHE C 84 14.45 22.30 -6.69
N MET C 85 13.88 22.43 -7.88
CA MET C 85 14.66 22.33 -9.12
C MET C 85 15.00 23.69 -9.76
N GLY C 86 14.97 24.75 -8.96
CA GLY C 86 15.41 26.07 -9.42
C GLY C 86 14.31 27.02 -9.86
N ASP C 87 14.75 28.07 -10.53
CA ASP C 87 13.89 29.17 -10.95
C ASP C 87 13.14 29.70 -9.74
N TYR C 88 13.91 30.17 -8.75
CA TYR C 88 13.37 30.75 -7.49
C TYR C 88 13.02 32.24 -7.67
N VAL C 89 13.62 32.81 -8.70
CA VAL C 89 13.84 34.22 -8.79
C VAL C 89 13.27 34.72 -10.11
N ASP C 90 13.24 36.04 -10.28
CA ASP C 90 12.65 36.70 -11.46
C ASP C 90 11.15 36.57 -11.54
N ARG C 91 10.54 37.49 -12.30
CA ARG C 91 9.10 37.53 -12.63
C ARG C 91 8.18 37.97 -11.51
N GLY C 92 8.32 37.41 -10.33
CA GLY C 92 7.43 37.77 -9.25
C GLY C 92 7.90 39.01 -8.51
N TYR C 93 7.06 39.50 -7.62
CA TYR C 93 7.39 40.64 -6.79
C TYR C 93 8.20 40.33 -5.52
N TYR C 94 8.37 39.06 -5.19
CA TYR C 94 8.94 38.63 -3.91
C TYR C 94 10.01 37.59 -4.13
N SER C 95 10.70 37.72 -5.26
CA SER C 95 11.90 36.95 -5.53
C SER C 95 12.91 37.04 -4.38
N VAL C 96 12.99 38.19 -3.70
CA VAL C 96 13.91 38.34 -2.57
C VAL C 96 13.47 37.47 -1.40
N GLU C 97 12.32 37.81 -0.82
CA GLU C 97 11.75 37.04 0.25
C GLU C 97 11.77 35.56 -0.10
N THR C 98 11.40 35.24 -1.34
CA THR C 98 11.37 33.83 -1.80
C THR C 98 12.73 33.14 -1.68
N VAL C 99 13.78 33.63 -2.37
CA VAL C 99 15.05 32.90 -2.32
C VAL C 99 15.63 32.87 -0.94
N THR C 100 15.54 33.99 -0.23
CA THR C 100 16.28 34.07 1.01
C THR C 100 15.66 33.10 2.02
N LEU C 101 14.36 32.84 1.90
CA LEU C 101 13.75 31.74 2.65
C LEU C 101 14.38 30.39 2.32
N LEU C 102 14.33 30.00 1.06
CA LEU C 102 14.80 28.69 0.68
C LEU C 102 16.24 28.44 1.00
N VAL C 103 17.10 29.45 0.82
CA VAL C 103 18.50 29.23 1.19
C VAL C 103 18.63 29.28 2.70
N ALA C 104 17.79 30.06 3.39
CA ALA C 104 17.78 29.99 4.87
C ALA C 104 17.45 28.58 5.33
N LEU C 105 16.41 28.02 4.76
CA LEU C 105 16.10 26.64 5.03
C LEU C 105 17.30 25.71 4.79
N LYS C 106 17.97 25.86 3.65
CA LYS C 106 19.16 25.03 3.33
C LYS C 106 20.25 25.11 4.37
N VAL C 107 20.48 26.32 4.87
CA VAL C 107 21.50 26.55 5.86
C VAL C 107 21.08 26.00 7.21
N ARG C 108 19.81 26.16 7.55
CA ARG C 108 19.26 25.60 8.77
C ARG C 108 19.19 24.06 8.70
N TYR C 109 18.73 23.54 7.57
CA TYR C 109 18.47 22.12 7.44
C TYR C 109 19.15 21.52 6.21
N ARG C 110 20.49 21.50 6.25
CA ARG C 110 21.35 20.82 5.24
C ARG C 110 20.71 19.65 4.56
N GLU C 111 20.19 18.74 5.39
CA GLU C 111 19.75 17.42 4.98
C GLU C 111 18.27 17.35 4.68
N ARG C 112 17.51 18.41 4.91
CA ARG C 112 16.07 18.31 4.76
C ARG C 112 15.60 19.02 3.51
N ILE C 113 16.50 19.65 2.79
CA ILE C 113 16.11 20.37 1.60
C ILE C 113 17.26 20.40 0.65
N THR C 114 16.99 20.19 -0.62
CA THR C 114 17.98 20.34 -1.67
C THR C 114 17.48 21.42 -2.63
N ILE C 115 18.36 22.36 -2.97
CA ILE C 115 18.07 23.39 -3.96
C ILE C 115 19.04 23.27 -5.14
N LEU C 116 18.49 23.30 -6.36
CA LEU C 116 19.28 23.17 -7.57
C LEU C 116 19.20 24.43 -8.38
N ARG C 117 20.13 24.56 -9.31
CA ARG C 117 20.21 25.76 -10.13
C ARG C 117 19.23 25.72 -11.30
N GLY C 118 18.42 26.78 -11.43
CA GLY C 118 17.61 27.03 -12.62
C GLY C 118 18.35 27.92 -13.61
N ASN C 119 17.77 28.07 -14.79
CA ASN C 119 18.37 28.96 -15.77
C ASN C 119 18.33 30.39 -15.22
N HIS C 120 17.35 30.70 -14.38
CA HIS C 120 17.20 32.05 -13.85
C HIS C 120 18.13 32.41 -12.70
N GLU C 121 18.92 31.47 -12.18
CA GLU C 121 19.90 31.83 -11.13
C GLU C 121 21.21 32.14 -11.86
N SER C 122 21.16 33.23 -12.61
CA SER C 122 22.20 33.64 -13.52
C SER C 122 22.27 35.14 -13.45
N ARG C 123 23.49 35.67 -13.55
CA ARG C 123 23.73 37.11 -13.55
C ARG C 123 22.99 37.76 -14.70
N GLN C 124 23.20 37.19 -15.87
CA GLN C 124 22.70 37.75 -17.10
C GLN C 124 21.16 37.80 -17.18
N ILE C 125 20.48 36.75 -16.71
CA ILE C 125 19.00 36.67 -16.82
C ILE C 125 18.30 37.51 -15.77
N THR C 126 18.81 37.48 -14.53
CA THR C 126 18.24 38.24 -13.42
C THR C 126 18.32 39.73 -13.67
N GLN C 127 19.34 40.15 -14.41
CA GLN C 127 19.46 41.54 -14.85
C GLN C 127 18.32 41.98 -15.73
N VAL C 128 17.65 41.07 -16.43
CA VAL C 128 16.54 41.50 -17.28
C VAL C 128 15.16 41.09 -16.73
N TYR C 129 14.99 39.89 -16.18
CA TYR C 129 13.62 39.43 -15.84
C TYR C 129 13.13 39.79 -14.42
N GLY C 130 13.89 40.65 -13.72
CA GLY C 130 13.32 41.43 -12.61
C GLY C 130 14.03 41.39 -11.27
N PHE C 131 14.87 40.37 -11.06
CA PHE C 131 15.49 40.13 -9.74
C PHE C 131 16.52 41.18 -9.37
N TYR C 132 17.23 41.67 -10.37
CA TYR C 132 18.16 42.77 -10.16
C TYR C 132 17.42 44.01 -9.67
N ASP C 133 16.40 44.44 -10.41
CA ASP C 133 15.66 45.66 -10.08
C ASP C 133 15.00 45.53 -8.71
N GLU C 134 14.48 44.34 -8.40
CA GLU C 134 13.81 44.10 -7.12
C GLU C 134 14.80 44.32 -5.98
N CYS C 135 15.91 43.58 -6.02
CA CYS C 135 16.99 43.74 -5.04
C CYS C 135 17.30 45.22 -4.83
N LEU C 136 17.43 45.96 -5.93
CA LEU C 136 17.71 47.40 -5.90
C LEU C 136 16.65 48.19 -5.18
N ARG C 137 15.38 47.97 -5.53
CA ARG C 137 14.30 48.71 -4.89
C ARG C 137 14.35 48.53 -3.40
N LYS C 138 14.72 47.32 -2.99
CA LYS C 138 14.50 46.84 -1.64
C LYS C 138 15.68 47.06 -0.73
N TYR C 139 16.88 47.11 -1.30
CA TYR C 139 18.13 47.37 -0.58
C TYR C 139 18.87 48.43 -1.40
N GLY C 140 19.24 49.55 -0.81
CA GLY C 140 19.65 50.70 -1.61
C GLY C 140 20.64 50.53 -2.77
N ASN C 141 21.29 49.36 -2.86
CA ASN C 141 22.42 49.17 -3.79
C ASN C 141 22.38 47.79 -4.43
N ALA C 142 23.45 47.40 -5.12
CA ALA C 142 23.51 46.11 -5.84
C ALA C 142 24.18 44.94 -5.10
N ASN C 143 24.55 45.10 -3.84
CA ASN C 143 25.32 44.04 -3.16
C ASN C 143 24.52 42.76 -2.91
N VAL C 144 23.27 42.91 -2.46
CA VAL C 144 22.40 41.77 -2.21
C VAL C 144 22.31 40.90 -3.47
N TRP C 145 22.02 41.50 -4.62
CA TRP C 145 22.09 40.80 -5.89
C TRP C 145 23.47 40.18 -6.15
N LYS C 146 24.52 40.90 -5.82
CA LYS C 146 25.87 40.37 -5.99
C LYS C 146 26.14 39.19 -5.07
N TYR C 147 25.56 39.22 -3.86
CA TYR C 147 25.73 38.12 -2.90
C TYR C 147 24.98 36.86 -3.32
N PHE C 148 23.79 37.00 -3.89
CA PHE C 148 23.01 35.84 -4.33
C PHE C 148 23.57 35.22 -5.62
N THR C 149 23.88 36.05 -6.61
CA THR C 149 24.45 35.57 -7.87
C THR C 149 25.83 34.95 -7.72
N ASP C 150 26.57 35.31 -6.69
CA ASP C 150 27.79 34.56 -6.36
C ASP C 150 27.38 33.25 -5.75
N LEU C 151 26.33 33.27 -4.93
CA LEU C 151 25.85 32.04 -4.30
C LEU C 151 25.37 31.05 -5.33
N PHE C 152 24.67 31.55 -6.34
CA PHE C 152 24.03 30.72 -7.37
C PHE C 152 25.01 29.85 -8.11
N ASP C 153 26.21 30.37 -8.30
CA ASP C 153 27.32 29.60 -8.85
C ASP C 153 27.62 28.31 -8.07
N TYR C 154 27.38 28.31 -6.77
CA TYR C 154 27.68 27.14 -5.93
C TYR C 154 26.54 26.13 -5.90
N LEU C 155 25.36 26.48 -6.41
CA LEU C 155 24.23 25.55 -6.43
C LEU C 155 24.49 24.35 -7.34
N PRO C 156 24.18 23.14 -6.86
CA PRO C 156 24.38 21.96 -7.67
C PRO C 156 23.47 21.92 -8.90
N LEU C 157 23.93 21.19 -9.91
CA LEU C 157 23.23 21.14 -11.19
C LEU C 157 22.12 20.12 -11.21
N THR C 158 22.39 18.94 -10.70
CA THR C 158 21.45 17.83 -10.77
C THR C 158 21.30 17.15 -9.43
N ALA C 159 20.25 16.36 -9.29
CA ALA C 159 20.17 15.49 -8.14
C ALA C 159 19.76 14.09 -8.59
N LEU C 160 20.17 13.10 -7.79
CA LEU C 160 19.87 11.72 -8.08
C LEU C 160 19.19 11.19 -6.83
N VAL C 161 17.88 10.92 -6.94
CA VAL C 161 17.12 10.41 -5.82
C VAL C 161 17.14 8.88 -5.78
N ASP C 162 17.94 8.34 -4.87
CA ASP C 162 17.99 6.90 -4.58
C ASP C 162 18.56 6.05 -5.72
N GLY C 163 19.58 6.59 -6.38
CA GLY C 163 20.20 5.98 -7.56
C GLY C 163 19.26 5.82 -8.74
N GLN C 164 18.08 6.44 -8.73
CA GLN C 164 17.01 6.03 -9.66
C GLN C 164 16.25 7.14 -10.36
N ILE C 165 15.93 8.20 -9.62
CA ILE C 165 15.25 9.32 -10.25
C ILE C 165 16.16 10.53 -10.38
N PHE C 166 16.22 11.06 -11.61
CA PHE C 166 17.17 12.09 -11.99
C PHE C 166 16.44 13.41 -12.02
N CYS C 167 16.88 14.33 -11.17
CA CYS C 167 16.25 15.62 -11.03
C CYS C 167 17.16 16.68 -11.60
N LEU C 168 16.53 17.67 -12.23
CA LEU C 168 17.16 18.46 -13.26
C LEU C 168 16.28 19.66 -13.49
N HIS C 169 16.85 20.86 -13.65
CA HIS C 169 15.99 22.00 -13.98
C HIS C 169 15.45 21.86 -15.39
N GLY C 170 16.39 21.79 -16.34
CA GLY C 170 16.09 21.91 -17.76
C GLY C 170 15.89 20.58 -18.45
N GLY C 171 17.00 19.97 -18.89
CA GLY C 171 16.93 18.70 -19.60
C GLY C 171 18.27 18.11 -20.01
N LEU C 172 18.24 17.15 -20.93
CA LEU C 172 19.43 16.40 -21.34
C LEU C 172 20.32 17.19 -22.30
N SER C 173 21.56 16.75 -22.45
CA SER C 173 22.56 17.43 -23.26
C SER C 173 23.21 16.44 -24.21
N PRO C 174 23.37 16.81 -25.48
CA PRO C 174 24.11 15.94 -26.40
C PRO C 174 25.60 15.90 -26.06
N SER C 175 26.04 16.79 -25.17
CA SER C 175 27.41 16.74 -24.66
C SER C 175 27.61 15.78 -23.47
N ILE C 176 26.52 15.18 -22.98
CA ILE C 176 26.54 14.28 -21.80
C ILE C 176 25.80 12.96 -22.00
N ASP C 177 26.51 11.87 -21.73
CA ASP C 177 25.98 10.51 -21.84
C ASP C 177 25.77 9.85 -20.47
N THR C 178 26.57 10.27 -19.49
CA THR C 178 26.56 9.67 -18.15
C THR C 178 26.53 10.67 -17.01
N LEU C 179 26.19 10.17 -15.84
CA LEU C 179 26.29 10.95 -14.63
C LEU C 179 27.74 11.34 -14.32
N ASP C 180 28.70 10.43 -14.57
CA ASP C 180 30.11 10.75 -14.37
C ASP C 180 30.59 11.86 -15.28
N HIS C 181 30.04 11.92 -16.49
CA HIS C 181 30.28 13.09 -17.36
C HIS C 181 29.83 14.37 -16.66
N ILE C 182 28.71 14.31 -15.94
CA ILE C 182 28.20 15.48 -15.21
C ILE C 182 29.04 15.85 -13.98
N ARG C 183 29.44 14.85 -13.19
CA ARG C 183 30.29 15.08 -12.01
C ARG C 183 31.69 15.63 -12.37
N ALA C 184 32.14 15.41 -13.60
CA ALA C 184 33.44 15.90 -14.06
C ALA C 184 33.42 17.39 -14.43
N LEU C 185 32.23 17.93 -14.65
CA LEU C 185 32.08 19.34 -14.99
C LEU C 185 32.49 20.22 -13.85
N ASP C 186 32.71 21.48 -14.16
CA ASP C 186 33.04 22.49 -13.17
C ASP C 186 31.81 23.39 -13.08
N ARG C 187 31.08 23.31 -11.98
CA ARG C 187 29.81 24.05 -11.89
C ARG C 187 30.03 25.47 -11.41
N LEU C 188 31.16 25.71 -10.74
CA LEU C 188 31.40 26.98 -10.01
C LEU C 188 31.72 28.12 -10.97
N GLN C 189 30.71 28.51 -11.74
CA GLN C 189 30.84 29.61 -12.68
C GLN C 189 29.46 30.01 -13.17
N GLU C 190 29.34 31.23 -13.67
CA GLU C 190 28.13 31.71 -14.32
C GLU C 190 27.75 30.74 -15.43
N VAL C 191 26.45 30.63 -15.71
CA VAL C 191 25.97 29.68 -16.74
C VAL C 191 26.44 30.11 -18.13
N PRO C 192 27.16 29.23 -18.86
CA PRO C 192 27.57 29.61 -20.22
C PRO C 192 26.39 29.69 -21.21
N HIS C 193 26.60 30.39 -22.33
CA HIS C 193 25.57 30.51 -23.37
C HIS C 193 25.39 29.19 -24.15
N GLU C 194 26.39 28.33 -24.07
CA GLU C 194 26.35 27.03 -24.72
C GLU C 194 27.26 26.08 -24.00
N GLY C 195 26.99 24.78 -24.15
CA GLY C 195 27.77 23.73 -23.51
C GLY C 195 26.88 22.86 -22.64
N PRO C 196 27.47 21.77 -22.11
CA PRO C 196 26.74 20.81 -21.31
C PRO C 196 26.08 21.43 -20.07
N MET C 197 26.82 22.25 -19.31
CA MET C 197 26.23 22.95 -18.17
C MET C 197 25.02 23.79 -18.60
N CYS C 198 25.18 24.57 -19.64
CA CYS C 198 24.04 25.33 -20.18
C CYS C 198 22.85 24.42 -20.49
N ASP C 199 23.13 23.29 -21.14
CA ASP C 199 22.09 22.41 -21.66
C ASP C 199 21.24 21.89 -20.53
N LEU C 200 21.91 21.52 -19.44
CA LEU C 200 21.26 20.93 -18.28
C LEU C 200 20.16 21.82 -17.76
N LEU C 201 20.43 23.11 -17.78
CA LEU C 201 19.49 24.09 -17.24
C LEU C 201 18.64 24.75 -18.30
N TRP C 202 18.77 24.38 -19.58
CA TRP C 202 17.97 25.03 -20.66
C TRP C 202 17.19 24.10 -21.61
N SER C 203 17.59 22.83 -21.69
CA SER C 203 16.98 21.88 -22.64
C SER C 203 15.50 21.57 -22.35
N ASP C 204 14.77 21.08 -23.36
CA ASP C 204 13.36 20.71 -23.21
C ASP C 204 13.04 19.36 -23.81
N PRO C 205 12.01 18.67 -23.30
CA PRO C 205 11.53 17.50 -24.02
C PRO C 205 10.67 17.91 -25.22
N ASP C 206 10.53 17.00 -26.19
CA ASP C 206 9.94 17.27 -27.51
C ASP C 206 9.06 16.12 -27.97
N ASP C 207 8.07 16.46 -28.82
CA ASP C 207 7.36 15.46 -29.63
C ASP C 207 8.18 15.01 -30.86
N ARG C 208 9.21 15.79 -31.23
CA ARG C 208 10.14 15.44 -32.32
C ARG C 208 11.03 14.26 -31.91
N GLY C 209 11.83 13.78 -32.84
CA GLY C 209 12.76 12.70 -32.55
C GLY C 209 14.16 13.25 -32.42
N GLY C 210 15.00 12.53 -31.67
CA GLY C 210 16.40 12.89 -31.53
C GLY C 210 16.58 14.27 -30.93
N TRP C 211 17.74 14.87 -31.17
CA TRP C 211 18.00 16.24 -30.76
C TRP C 211 17.40 17.23 -31.74
N GLY C 212 17.53 18.51 -31.39
CA GLY C 212 16.97 19.61 -32.18
C GLY C 212 17.23 20.88 -31.40
N ILE C 213 17.39 22.00 -32.09
CA ILE C 213 17.71 23.26 -31.42
C ILE C 213 16.50 23.77 -30.65
N SER C 214 16.76 24.30 -29.46
CA SER C 214 15.71 24.86 -28.64
C SER C 214 15.17 26.11 -29.31
N PRO C 215 13.83 26.28 -29.30
CA PRO C 215 13.24 27.51 -29.79
C PRO C 215 13.53 28.73 -28.93
N ARG C 216 14.14 28.54 -27.75
CA ARG C 216 14.29 29.68 -26.83
C ARG C 216 15.67 30.31 -26.80
N GLY C 217 16.55 29.84 -27.67
CA GLY C 217 17.83 30.49 -27.87
C GLY C 217 18.99 29.84 -27.16
N ALA C 218 18.71 28.81 -26.38
CA ALA C 218 19.78 28.06 -25.72
C ALA C 218 19.39 26.61 -25.48
N GLY C 219 20.38 25.73 -25.51
CA GLY C 219 20.16 24.33 -25.28
C GLY C 219 19.42 23.64 -26.40
N TYR C 220 19.30 22.32 -26.28
CA TYR C 220 18.66 21.52 -27.31
C TYR C 220 17.25 21.10 -26.90
N THR C 221 16.51 20.49 -27.83
CA THR C 221 15.28 19.78 -27.51
C THR C 221 15.64 18.32 -27.58
N PHE C 222 14.77 17.43 -27.08
CA PHE C 222 15.04 15.99 -27.11
C PHE C 222 13.77 15.15 -27.09
N GLY C 223 13.85 14.00 -27.76
CA GLY C 223 12.69 13.14 -27.97
C GLY C 223 12.81 11.88 -27.15
N GLN C 224 11.72 11.12 -27.11
CA GLN C 224 11.64 9.88 -26.35
C GLN C 224 12.87 9.01 -26.55
N ASP C 225 13.32 8.90 -27.80
CA ASP C 225 14.43 8.01 -28.12
C ASP C 225 15.65 8.40 -27.29
N ILE C 226 15.86 9.71 -27.15
CA ILE C 226 16.97 10.24 -26.36
C ILE C 226 16.79 9.92 -24.86
N SER C 227 15.59 10.18 -24.34
CA SER C 227 15.27 9.94 -22.93
C SER C 227 15.61 8.53 -22.55
N GLU C 228 15.07 7.58 -23.31
CA GLU C 228 15.23 6.15 -23.04
C GLU C 228 16.69 5.73 -23.09
N THR C 229 17.39 6.10 -24.15
CA THR C 229 18.83 5.77 -24.26
C THR C 229 19.57 6.18 -22.98
N PHE C 230 19.42 7.45 -22.63
CA PHE C 230 20.07 8.05 -21.47
C PHE C 230 19.69 7.34 -20.14
N ASN C 231 18.39 7.06 -19.95
CA ASN C 231 17.90 6.39 -18.72
C ASN C 231 18.46 4.99 -18.55
N HIS C 232 18.27 4.16 -19.57
CA HIS C 232 18.81 2.80 -19.60
C HIS C 232 20.32 2.85 -19.39
N ALA C 233 21.01 3.76 -20.07
CA ALA C 233 22.46 3.87 -19.94
C ALA C 233 22.87 4.12 -18.50
N ASN C 234 22.07 4.91 -17.77
CA ASN C 234 22.41 5.31 -16.40
C ASN C 234 21.63 4.61 -15.29
N GLY C 235 20.68 3.77 -15.67
CA GLY C 235 19.96 2.93 -14.72
C GLY C 235 18.94 3.72 -13.92
N LEU C 236 18.12 4.47 -14.63
CA LEU C 236 17.21 5.43 -14.04
C LEU C 236 15.78 5.07 -14.42
N THR C 237 14.86 5.24 -13.46
CA THR C 237 13.44 4.97 -13.67
C THR C 237 12.80 6.09 -14.47
N LEU C 238 13.39 7.28 -14.35
CA LEU C 238 12.67 8.51 -14.70
C LEU C 238 13.57 9.77 -14.60
N VAL C 239 13.33 10.71 -15.49
CA VAL C 239 13.91 12.05 -15.40
C VAL C 239 12.85 13.06 -14.93
N SER C 240 13.15 13.71 -13.81
CA SER C 240 12.25 14.70 -13.23
C SER C 240 12.83 16.07 -13.50
N ARG C 241 12.00 16.99 -13.98
CA ARG C 241 12.49 18.30 -14.47
C ARG C 241 11.44 19.39 -14.36
N ALA C 242 11.87 20.63 -14.60
CA ALA C 242 10.99 21.81 -14.41
C ALA C 242 10.95 22.66 -15.67
N HIS C 243 11.14 23.98 -15.54
CA HIS C 243 11.52 24.85 -16.66
C HIS C 243 10.39 25.28 -17.57
N GLN C 244 9.50 24.35 -17.92
CA GLN C 244 8.40 24.64 -18.84
C GLN C 244 7.08 24.74 -18.12
N LEU C 245 6.33 25.77 -18.43
CA LEU C 245 5.00 25.86 -17.94
C LEU C 245 4.21 24.71 -18.52
N VAL C 246 3.57 23.92 -17.67
CA VAL C 246 2.58 22.95 -18.11
C VAL C 246 1.29 23.31 -17.43
N MET C 247 0.19 23.25 -18.19
CA MET C 247 -1.08 23.80 -17.75
C MET C 247 -1.66 23.01 -16.58
N GLU C 248 -1.28 21.75 -16.50
CA GLU C 248 -1.84 20.83 -15.52
C GLU C 248 -0.99 20.79 -14.25
N GLY C 249 0.12 21.52 -14.21
CA GLY C 249 1.01 21.53 -13.05
C GLY C 249 2.14 20.52 -13.16
N TYR C 250 1.79 19.30 -13.57
CA TYR C 250 2.77 18.31 -14.01
C TYR C 250 2.32 17.77 -15.34
N ASN C 251 3.24 17.10 -16.01
CA ASN C 251 3.00 16.54 -17.32
C ASN C 251 4.01 15.44 -17.64
N TRP C 252 3.51 14.22 -17.82
CA TRP C 252 4.34 13.08 -18.22
C TRP C 252 4.65 13.13 -19.70
N CYS C 253 5.79 12.61 -20.09
CA CYS C 253 6.03 12.39 -21.52
C CYS C 253 7.09 11.32 -21.81
N HIS C 254 7.32 11.08 -23.10
CA HIS C 254 8.28 10.08 -23.52
C HIS C 254 8.00 8.76 -22.83
N ASP C 255 6.70 8.43 -22.77
CA ASP C 255 6.25 7.19 -22.15
C ASP C 255 6.68 7.14 -20.69
N ARG C 256 6.42 8.23 -19.95
CA ARG C 256 6.83 8.37 -18.54
C ARG C 256 8.30 8.15 -18.28
N ASN C 257 9.16 8.45 -19.25
CA ASN C 257 10.59 8.53 -18.96
C ASN C 257 10.91 9.93 -18.45
N VAL C 258 9.99 10.85 -18.68
CA VAL C 258 10.17 12.21 -18.30
C VAL C 258 8.90 12.72 -17.70
N VAL C 259 9.02 13.46 -16.59
CA VAL C 259 7.92 14.30 -16.09
C VAL C 259 8.42 15.72 -15.84
N THR C 260 7.56 16.69 -16.13
CA THR C 260 7.83 18.09 -15.94
C THR C 260 6.94 18.58 -14.83
N ILE C 261 7.56 19.18 -13.82
CA ILE C 261 6.87 19.73 -12.66
C ILE C 261 7.03 21.26 -12.67
N PHE C 262 5.92 21.99 -12.57
CA PHE C 262 5.97 23.45 -12.55
C PHE C 262 5.14 23.93 -11.36
N SER C 263 5.77 24.63 -10.43
CA SER C 263 5.19 24.88 -9.10
C SER C 263 4.72 26.33 -8.84
N ALA C 264 4.61 27.13 -9.89
CA ALA C 264 4.14 28.51 -9.80
C ALA C 264 2.74 28.66 -10.43
N PRO C 265 1.68 28.69 -9.61
CA PRO C 265 0.37 28.72 -10.24
C PRO C 265 0.06 30.05 -10.86
N ASN C 266 -0.81 30.03 -11.87
CA ASN C 266 -1.17 31.23 -12.63
C ASN C 266 0.03 32.12 -12.91
N TYR C 267 1.04 31.53 -13.55
CA TYR C 267 2.33 32.18 -13.84
C TYR C 267 2.21 33.62 -14.35
N CYS C 268 2.91 34.52 -13.66
CA CYS C 268 2.79 35.98 -13.84
C CYS C 268 1.34 36.46 -13.92
N TYR C 269 0.48 35.92 -13.07
CA TYR C 269 -0.92 36.37 -13.01
C TYR C 269 -1.72 36.24 -14.30
N ARG C 270 -1.09 35.75 -15.37
CA ARG C 270 -1.75 35.61 -16.67
C ARG C 270 -2.07 34.16 -17.03
N CYS C 271 -1.02 33.33 -17.10
CA CYS C 271 -1.04 32.05 -17.83
C CYS C 271 -2.11 31.04 -17.45
N GLY C 272 -2.65 31.13 -16.24
CA GLY C 272 -3.82 30.33 -15.84
C GLY C 272 -3.59 28.85 -15.50
N ASN C 273 -2.33 28.42 -15.45
CA ASN C 273 -2.01 27.04 -15.10
C ASN C 273 -2.29 26.74 -13.63
N GLN C 274 -2.18 25.46 -13.29
CA GLN C 274 -2.06 25.01 -11.93
C GLN C 274 -0.59 24.73 -11.66
N ALA C 275 -0.28 24.55 -10.39
CA ALA C 275 1.05 24.08 -9.98
C ALA C 275 0.97 22.66 -9.44
N ALA C 276 2.13 22.02 -9.33
CA ALA C 276 2.17 20.68 -8.81
C ALA C 276 3.50 20.41 -8.15
N ILE C 277 3.48 19.39 -7.30
CA ILE C 277 4.70 18.84 -6.71
C ILE C 277 4.54 17.34 -6.77
N MET C 278 5.65 16.63 -6.80
CA MET C 278 5.65 15.18 -6.80
C MET C 278 6.22 14.67 -5.48
N GLU C 279 5.42 13.87 -4.76
CA GLU C 279 5.89 13.21 -3.54
C GLU C 279 6.46 11.86 -3.90
N LEU C 280 7.66 11.61 -3.40
CA LEU C 280 8.27 10.29 -3.47
C LEU C 280 8.29 9.71 -2.07
N ASP C 281 7.47 8.69 -1.83
CA ASP C 281 7.38 8.09 -0.50
C ASP C 281 8.65 7.31 -0.10
N ASP C 282 8.53 6.59 1.02
CA ASP C 282 9.61 5.79 1.62
C ASP C 282 10.27 4.77 0.70
N THR C 283 9.52 4.23 -0.27
CA THR C 283 10.08 3.27 -1.26
C THR C 283 9.93 3.85 -2.66
N LEU C 284 10.22 5.14 -2.79
CA LEU C 284 10.39 5.81 -4.07
C LEU C 284 9.21 5.71 -5.04
N LYS C 285 7.99 5.58 -4.52
CA LYS C 285 6.82 5.55 -5.39
C LYS C 285 6.13 6.89 -5.46
N TYR C 286 5.76 7.29 -6.67
CA TYR C 286 5.37 8.67 -6.93
C TYR C 286 3.89 8.93 -6.74
N SER C 287 3.57 10.21 -6.70
CA SER C 287 2.27 10.68 -6.25
C SER C 287 2.32 12.20 -6.47
N PHE C 288 1.26 12.77 -7.03
CA PHE C 288 1.26 14.19 -7.38
C PHE C 288 0.17 14.96 -6.67
N LEU C 289 0.49 16.20 -6.34
CA LEU C 289 -0.45 17.11 -5.73
C LEU C 289 -0.52 18.38 -6.54
N GLN C 290 -1.71 18.69 -7.01
CA GLN C 290 -1.91 19.84 -7.85
C GLN C 290 -2.52 20.93 -6.99
N PHE C 291 -2.15 22.19 -7.25
CA PHE C 291 -2.77 23.29 -6.55
C PHE C 291 -2.96 24.56 -7.36
N ASP C 292 -3.97 25.31 -6.96
CA ASP C 292 -4.28 26.61 -7.53
C ASP C 292 -3.58 27.68 -6.70
N PRO C 293 -3.65 28.95 -7.14
CA PRO C 293 -2.92 29.94 -6.34
C PRO C 293 -3.59 30.25 -5.00
N ALA C 294 -2.80 30.76 -4.06
CA ALA C 294 -3.30 31.24 -2.77
C ALA C 294 -4.28 32.43 -2.96
N PRO C 295 -5.42 32.42 -2.25
CA PRO C 295 -6.26 33.62 -2.29
C PRO C 295 -5.61 34.78 -1.54
N ARG C 296 -5.94 36.02 -1.96
CA ARG C 296 -5.43 37.24 -1.31
C ARG C 296 -6.52 37.89 -0.46
N MSE D 3 30.96 -54.48 -21.50
CA MSE D 3 31.08 -55.16 -20.16
C MSE D 3 31.85 -56.48 -20.26
O MSE D 3 31.29 -57.52 -20.63
CB MSE D 3 29.71 -55.36 -19.52
CG MSE D 3 29.76 -55.14 -18.01
SE MSE D 3 28.00 -55.48 -17.15
CE MSE D 3 28.46 -55.01 -15.28
N SER D 4 33.15 -56.42 -19.92
CA SER D 4 34.07 -57.58 -19.90
C SER D 4 33.70 -58.61 -18.83
N LEU D 5 34.35 -59.77 -18.85
CA LEU D 5 33.81 -60.96 -18.17
C LEU D 5 33.72 -60.98 -16.64
N TYR D 6 34.71 -60.42 -15.95
CA TYR D 6 34.69 -60.45 -14.48
C TYR D 6 33.54 -59.60 -13.86
N PRO D 7 33.24 -58.41 -14.43
CA PRO D 7 32.08 -57.71 -13.91
C PRO D 7 30.74 -58.50 -14.01
N ILE D 8 30.60 -59.35 -15.03
CA ILE D 8 29.45 -60.27 -15.16
C ILE D 8 29.43 -61.34 -14.06
N ALA D 9 30.60 -61.90 -13.74
CA ALA D 9 30.70 -62.82 -12.62
C ALA D 9 30.26 -62.13 -11.34
N VAL D 10 30.55 -60.84 -11.22
CA VAL D 10 30.12 -60.08 -10.05
C VAL D 10 28.60 -60.01 -10.06
N LEU D 11 28.00 -59.56 -11.17
CA LEU D 11 26.54 -59.47 -11.29
C LEU D 11 25.84 -60.76 -10.83
N ILE D 12 26.38 -61.89 -11.27
CA ILE D 12 25.84 -63.19 -10.89
C ILE D 12 25.91 -63.41 -9.37
N ASP D 13 27.03 -63.02 -8.76
CA ASP D 13 27.17 -63.15 -7.32
C ASP D 13 26.14 -62.23 -6.64
N GLU D 14 25.94 -61.05 -7.19
CA GLU D 14 25.07 -60.04 -6.59
C GLU D 14 23.57 -60.34 -6.71
N LEU D 15 23.22 -61.41 -7.41
CA LEU D 15 21.88 -61.96 -7.34
C LEU D 15 21.58 -62.44 -5.93
N ARG D 16 22.62 -62.80 -5.17
CA ARG D 16 22.45 -63.24 -3.78
C ARG D 16 22.70 -62.14 -2.73
N ASN D 17 22.90 -60.90 -3.18
CA ASN D 17 23.31 -59.81 -2.30
C ASN D 17 22.20 -59.36 -1.35
N GLU D 18 22.55 -58.90 -0.14
CA GLU D 18 21.55 -58.42 0.82
C GLU D 18 20.83 -57.16 0.34
N ASP D 19 21.58 -56.24 -0.26
CA ASP D 19 21.03 -55.07 -0.91
C ASP D 19 20.13 -55.47 -2.09
N VAL D 20 18.91 -54.96 -2.06
CA VAL D 20 17.95 -55.20 -3.11
C VAL D 20 18.34 -54.50 -4.41
N GLN D 21 18.96 -53.33 -4.29
CA GLN D 21 19.35 -52.55 -5.48
C GLN D 21 20.38 -53.28 -6.34
N LEU D 22 21.18 -54.14 -5.71
CA LEU D 22 22.17 -54.96 -6.41
C LEU D 22 21.50 -56.18 -7.01
N ARG D 23 20.67 -56.85 -6.22
CA ARG D 23 19.83 -57.93 -6.72
C ARG D 23 19.04 -57.47 -7.93
N LEU D 24 18.40 -56.30 -7.80
CA LEU D 24 17.60 -55.68 -8.87
C LEU D 24 18.43 -55.34 -10.09
N ASN D 25 19.57 -54.70 -9.88
CA ASN D 25 20.46 -54.37 -10.98
C ASN D 25 20.92 -55.61 -11.73
N SER D 26 21.18 -56.69 -10.98
CA SER D 26 21.63 -57.95 -11.58
C SER D 26 20.54 -58.57 -12.44
N ILE D 27 19.30 -58.58 -11.94
CA ILE D 27 18.16 -59.10 -12.70
C ILE D 27 17.91 -58.31 -13.99
N LYS D 28 17.90 -56.98 -13.88
CA LYS D 28 17.76 -56.13 -15.06
C LYS D 28 18.72 -56.53 -16.17
N LYS D 29 19.95 -56.90 -15.77
CA LYS D 29 21.03 -57.19 -16.73
C LYS D 29 21.22 -58.70 -16.91
N LEU D 30 20.14 -59.45 -16.70
CA LEU D 30 20.18 -60.90 -16.82
C LEU D 30 20.47 -61.37 -18.24
N SER D 31 20.14 -60.60 -19.26
CA SER D 31 20.42 -61.04 -20.62
C SER D 31 21.91 -60.97 -20.91
N THR D 32 22.56 -59.93 -20.39
CA THR D 32 24.02 -59.80 -20.51
C THR D 32 24.72 -61.01 -19.89
N ILE D 33 24.22 -61.43 -18.73
CA ILE D 33 24.75 -62.56 -17.97
C ILE D 33 24.63 -63.89 -18.73
N ALA D 34 23.54 -64.04 -19.46
CA ALA D 34 23.26 -65.31 -20.14
C ALA D 34 23.90 -65.33 -21.52
N LEU D 35 24.04 -64.15 -22.11
CA LEU D 35 24.69 -64.00 -23.38
C LEU D 35 26.18 -64.28 -23.24
N ALA D 36 26.72 -64.01 -22.06
CA ALA D 36 28.12 -64.30 -21.74
C ALA D 36 28.34 -65.78 -21.41
N LEU D 37 27.45 -66.38 -20.63
CA LEU D 37 27.49 -67.84 -20.44
C LEU D 37 27.08 -68.49 -21.76
N GLY D 38 27.24 -69.80 -21.87
CA GLY D 38 26.72 -70.49 -23.05
C GLY D 38 25.21 -70.40 -23.14
N VAL D 39 24.63 -70.97 -24.18
CA VAL D 39 23.22 -71.32 -24.12
C VAL D 39 23.10 -72.53 -23.18
N GLU D 40 24.11 -73.41 -23.14
CA GLU D 40 24.07 -74.59 -22.26
C GLU D 40 24.15 -74.21 -20.80
N ARG D 41 25.09 -73.31 -20.47
CA ARG D 41 25.25 -72.91 -19.06
C ARG D 41 24.05 -72.10 -18.56
N THR D 42 23.45 -71.32 -19.46
CA THR D 42 22.19 -70.66 -19.15
C THR D 42 21.14 -71.66 -18.66
N ARG D 43 20.91 -72.75 -19.39
CA ARG D 43 19.92 -73.76 -18.95
C ARG D 43 20.43 -74.71 -17.85
N SER D 44 21.72 -75.07 -17.87
CA SER D 44 22.26 -76.01 -16.86
C SER D 44 22.55 -75.40 -15.48
N GLU D 45 22.89 -74.10 -15.47
CA GLU D 45 23.26 -73.39 -14.23
C GLU D 45 22.36 -72.21 -13.87
N LEU D 46 22.21 -71.25 -14.80
CA LEU D 46 21.52 -70.01 -14.50
C LEU D 46 20.06 -70.22 -14.14
N LEU D 47 19.34 -71.01 -14.93
CA LEU D 47 17.92 -71.18 -14.64
C LEU D 47 17.74 -71.85 -13.30
N PRO D 48 18.31 -73.04 -13.12
CA PRO D 48 18.10 -73.72 -11.83
C PRO D 48 18.51 -72.85 -10.61
N PHE D 49 19.58 -72.07 -10.80
CA PHE D 49 20.08 -71.14 -9.80
C PHE D 49 19.00 -70.14 -9.44
N LEU D 50 18.39 -69.57 -10.47
CA LEU D 50 17.30 -68.61 -10.29
C LEU D 50 16.06 -69.19 -9.63
N THR D 51 15.67 -70.43 -10.01
CA THR D 51 14.48 -71.04 -9.42
C THR D 51 14.70 -71.26 -7.92
N ASP D 52 15.92 -71.67 -7.53
CA ASP D 52 16.25 -71.87 -6.10
C ASP D 52 16.31 -70.57 -5.31
N THR D 53 16.75 -69.49 -5.95
CA THR D 53 16.78 -68.21 -5.27
C THR D 53 15.34 -67.78 -4.95
N ILE D 54 14.91 -68.08 -3.73
CA ILE D 54 13.63 -67.54 -3.19
C ILE D 54 13.81 -66.03 -2.97
N TYR D 55 13.05 -65.21 -3.71
CA TYR D 55 13.19 -63.75 -3.65
C TYR D 55 12.08 -63.12 -2.82
N ASP D 56 12.32 -61.92 -2.33
CA ASP D 56 11.41 -61.24 -1.42
C ASP D 56 10.63 -60.16 -2.13
N GLU D 57 11.36 -59.26 -2.74
CA GLU D 57 10.78 -58.00 -3.16
C GLU D 57 10.02 -58.19 -4.43
N ASP D 58 8.84 -57.60 -4.52
CA ASP D 58 8.03 -57.73 -5.72
C ASP D 58 8.68 -57.09 -6.95
N GLU D 59 9.45 -56.01 -6.80
CA GLU D 59 10.05 -55.40 -8.01
C GLU D 59 11.13 -56.31 -8.56
N VAL D 60 11.79 -57.07 -7.69
CA VAL D 60 12.78 -58.05 -8.14
C VAL D 60 12.11 -59.21 -8.86
N LEU D 61 11.09 -59.78 -8.22
CA LEU D 61 10.33 -60.86 -8.83
C LEU D 61 9.68 -60.42 -10.12
N LEU D 62 9.21 -59.17 -10.16
CA LEU D 62 8.65 -58.63 -11.39
C LEU D 62 9.66 -58.58 -12.49
N ALA D 63 10.84 -58.02 -12.18
CA ALA D 63 11.91 -57.94 -13.17
C ALA D 63 12.26 -59.33 -13.69
N LEU D 64 12.46 -60.26 -12.76
CA LEU D 64 12.75 -61.63 -13.09
C LEU D 64 11.69 -62.17 -14.04
N ALA D 65 10.44 -62.06 -13.61
CA ALA D 65 9.33 -62.57 -14.40
C ALA D 65 9.31 -61.95 -15.81
N GLU D 66 9.50 -60.64 -15.90
CA GLU D 66 9.54 -59.94 -17.19
C GLU D 66 10.63 -60.52 -18.08
N GLN D 67 11.84 -60.52 -17.54
CA GLN D 67 13.03 -60.98 -18.26
C GLN D 67 12.91 -62.38 -18.86
N LEU D 68 12.37 -63.31 -18.07
CA LEU D 68 12.17 -64.70 -18.54
C LEU D 68 11.24 -64.75 -19.75
N GLY D 69 10.31 -63.80 -19.86
CA GLY D 69 9.42 -63.74 -21.00
C GLY D 69 10.17 -63.54 -22.32
N THR D 70 11.39 -63.02 -22.23
CA THR D 70 12.14 -62.55 -23.39
C THR D 70 13.34 -63.42 -23.66
N PHE D 71 13.33 -64.62 -23.11
CA PHE D 71 14.57 -65.38 -22.95
C PHE D 71 14.75 -66.51 -23.96
N THR D 72 13.88 -66.58 -24.95
CA THR D 72 13.79 -67.80 -25.73
C THR D 72 15.10 -68.15 -26.42
N THR D 73 15.66 -67.22 -27.18
CA THR D 73 16.84 -67.53 -27.96
C THR D 73 18.06 -67.68 -27.00
N LEU D 74 18.11 -66.89 -25.93
CA LEU D 74 19.22 -66.99 -24.96
C LEU D 74 19.33 -68.38 -24.33
N VAL D 75 18.22 -69.07 -24.26
CA VAL D 75 18.13 -70.42 -23.75
C VAL D 75 18.38 -71.48 -24.86
N GLY D 76 18.63 -71.01 -26.09
CA GLY D 76 19.00 -71.88 -27.22
C GLY D 76 17.86 -72.15 -28.21
N GLY D 77 16.85 -71.29 -28.19
CA GLY D 77 15.75 -71.37 -29.14
C GLY D 77 14.61 -72.32 -28.76
N PRO D 78 13.54 -72.31 -29.60
CA PRO D 78 12.26 -73.07 -29.48
C PRO D 78 12.36 -74.55 -29.07
N GLU D 79 13.49 -75.17 -29.35
CA GLU D 79 13.71 -76.54 -28.94
C GLU D 79 13.93 -76.64 -27.42
N TYR D 80 14.17 -75.50 -26.75
CA TYR D 80 14.40 -75.52 -25.30
C TYR D 80 13.52 -74.57 -24.48
N VAL D 81 12.56 -73.89 -25.11
CA VAL D 81 11.64 -73.03 -24.36
C VAL D 81 11.05 -73.72 -23.13
N HIS D 82 10.78 -75.02 -23.21
CA HIS D 82 10.22 -75.71 -22.06
C HIS D 82 11.12 -75.71 -20.80
N CYS D 83 12.29 -75.08 -20.89
CA CYS D 83 13.22 -74.98 -19.75
C CYS D 83 12.87 -73.80 -18.86
N LEU D 84 12.26 -72.79 -19.47
CA LEU D 84 11.70 -71.63 -18.78
C LEU D 84 10.44 -71.94 -17.96
N LEU D 85 9.89 -73.13 -18.12
CA LEU D 85 8.66 -73.46 -17.40
C LEU D 85 8.85 -73.53 -15.88
N PRO D 86 9.78 -74.37 -15.41
CA PRO D 86 9.94 -74.49 -13.97
C PRO D 86 9.97 -73.15 -13.23
N PRO D 87 10.83 -72.21 -13.67
CA PRO D 87 10.90 -70.95 -12.92
C PRO D 87 9.58 -70.17 -12.98
N LEU D 88 9.02 -70.04 -14.19
CA LEU D 88 7.74 -69.34 -14.38
C LEU D 88 6.60 -70.03 -13.64
N GLU D 89 6.61 -71.35 -13.58
CA GLU D 89 5.59 -72.03 -12.80
C GLU D 89 5.61 -71.61 -11.35
N SER D 90 6.77 -71.59 -10.72
CA SER D 90 6.75 -71.28 -9.29
C SER D 90 6.57 -69.76 -9.04
N LEU D 91 6.82 -68.94 -10.05
CA LEU D 91 6.46 -67.51 -9.98
C LEU D 91 4.95 -67.32 -10.05
N ALA D 92 4.30 -68.20 -10.80
CA ALA D 92 2.88 -68.13 -11.01
C ALA D 92 2.07 -68.60 -9.81
N THR D 93 2.76 -68.97 -8.73
CA THR D 93 2.11 -69.44 -7.49
C THR D 93 2.40 -68.55 -6.28
N VAL D 94 3.17 -67.49 -6.50
CA VAL D 94 3.73 -66.68 -5.44
C VAL D 94 2.62 -65.76 -4.85
N GLU D 95 2.77 -65.27 -3.61
CA GLU D 95 1.66 -64.53 -2.96
C GLU D 95 1.31 -63.20 -3.61
N GLU D 96 2.33 -62.44 -4.03
CA GLU D 96 2.07 -61.16 -4.67
C GLU D 96 1.41 -61.39 -6.02
N THR D 97 0.21 -60.86 -6.16
CA THR D 97 -0.62 -60.99 -7.34
C THR D 97 0.02 -60.42 -8.62
N VAL D 98 0.62 -59.24 -8.56
CA VAL D 98 1.21 -58.66 -9.77
C VAL D 98 2.35 -59.48 -10.32
N VAL D 99 2.96 -60.28 -9.46
CA VAL D 99 4.08 -61.11 -9.87
C VAL D 99 3.45 -62.23 -10.67
N ARG D 100 2.48 -62.89 -10.07
CA ARG D 100 1.75 -63.96 -10.77
C ARG D 100 1.24 -63.51 -12.11
N ASP D 101 0.77 -62.26 -12.17
CA ASP D 101 0.20 -61.74 -13.37
C ASP D 101 1.29 -61.50 -14.41
N LYS D 102 2.44 -60.98 -13.99
CA LYS D 102 3.62 -60.93 -14.86
C LYS D 102 4.10 -62.31 -15.34
N ALA D 103 4.15 -63.28 -14.44
CA ALA D 103 4.55 -64.64 -14.79
C ALA D 103 3.67 -65.15 -15.88
N VAL D 104 2.36 -65.05 -15.65
CA VAL D 104 1.35 -65.48 -16.62
C VAL D 104 1.59 -64.75 -17.92
N GLU D 105 1.74 -63.43 -17.86
CA GLU D 105 2.02 -62.65 -19.06
C GLU D 105 3.17 -63.30 -19.85
N SER D 106 4.23 -63.65 -19.14
CA SER D 106 5.42 -64.19 -19.78
C SER D 106 5.19 -65.59 -20.31
N LEU D 107 4.48 -66.42 -19.56
CA LEU D 107 4.16 -67.76 -20.02
C LEU D 107 3.43 -67.75 -21.36
N ARG D 108 2.54 -66.78 -21.53
CA ARG D 108 1.71 -66.66 -22.73
C ARG D 108 2.57 -66.24 -23.88
N ALA D 109 3.55 -65.39 -23.61
CA ALA D 109 4.45 -64.91 -24.66
C ALA D 109 5.26 -66.03 -25.27
N ILE D 110 5.85 -66.84 -24.41
CA ILE D 110 6.74 -67.89 -24.90
C ILE D 110 5.97 -69.14 -25.23
N SER D 111 4.67 -69.15 -24.95
CA SER D 111 3.83 -70.27 -25.42
C SER D 111 3.90 -70.38 -26.94
N HIS D 112 4.16 -69.27 -27.62
CA HIS D 112 4.18 -69.27 -29.08
C HIS D 112 5.36 -70.07 -29.58
N GLU D 113 6.53 -69.89 -28.97
CA GLU D 113 7.74 -70.54 -29.46
C GLU D 113 7.77 -72.05 -29.18
N HIS D 114 6.88 -72.54 -28.32
CA HIS D 114 6.67 -73.98 -28.22
C HIS D 114 6.11 -74.51 -29.53
N SER D 115 6.62 -75.67 -29.97
CA SER D 115 5.96 -76.40 -31.04
C SER D 115 4.65 -76.96 -30.47
N PRO D 116 3.69 -77.27 -31.36
CA PRO D 116 2.47 -77.97 -30.96
C PRO D 116 2.72 -79.18 -30.04
N SER D 117 3.79 -79.92 -30.30
CA SER D 117 4.08 -81.11 -29.50
C SER D 117 4.65 -80.76 -28.12
N ASP D 118 5.47 -79.70 -28.07
CA ASP D 118 5.97 -79.18 -26.78
C ASP D 118 4.82 -78.72 -25.87
N LEU D 119 3.81 -78.06 -26.44
CA LEU D 119 2.64 -77.68 -25.66
C LEU D 119 2.01 -78.88 -24.96
N GLU D 120 1.76 -79.94 -25.72
CA GLU D 120 1.07 -81.11 -25.18
C GLU D 120 1.95 -81.80 -24.18
N ALA D 121 3.25 -81.75 -24.45
CA ALA D 121 4.24 -82.41 -23.61
C ALA D 121 4.53 -81.58 -22.37
N HIS D 122 4.73 -80.28 -22.54
CA HIS D 122 5.28 -79.46 -21.47
C HIS D 122 4.36 -78.35 -20.92
N PHE D 123 3.67 -77.63 -21.80
CA PHE D 123 2.87 -76.48 -21.38
C PHE D 123 1.56 -76.92 -20.76
N VAL D 124 0.92 -77.90 -21.37
CA VAL D 124 -0.41 -78.28 -20.93
C VAL D 124 -0.31 -78.91 -19.53
N PRO D 125 0.58 -79.89 -19.35
CA PRO D 125 0.82 -80.35 -17.97
C PRO D 125 1.00 -79.22 -16.94
N LEU D 126 1.69 -78.16 -17.34
CA LEU D 126 1.87 -77.04 -16.43
C LEU D 126 0.53 -76.45 -16.04
N VAL D 127 -0.30 -76.13 -17.02
CA VAL D 127 -1.56 -75.47 -16.69
C VAL D 127 -2.42 -76.41 -15.85
N LYS D 128 -2.47 -77.68 -16.20
CA LYS D 128 -3.17 -78.68 -15.37
C LYS D 128 -2.66 -78.67 -13.93
N ARG D 129 -1.36 -78.46 -13.75
CA ARG D 129 -0.75 -78.60 -12.43
C ARG D 129 -1.17 -77.42 -11.54
N LEU D 130 -1.08 -76.21 -12.11
CA LEU D 130 -1.64 -74.98 -11.51
C LEU D 130 -3.14 -75.07 -11.29
N ALA D 131 -3.83 -75.63 -12.29
CA ALA D 131 -5.28 -75.70 -12.27
C ALA D 131 -5.79 -76.51 -11.10
N GLY D 132 -5.00 -77.49 -10.66
CA GLY D 132 -5.33 -78.32 -9.52
C GLY D 132 -4.51 -78.02 -8.28
N GLY D 133 -3.77 -76.91 -8.29
CA GLY D 133 -3.04 -76.43 -7.10
C GLY D 133 -3.87 -76.42 -5.82
N ASP D 134 -3.21 -76.51 -4.67
CA ASP D 134 -3.91 -76.56 -3.39
C ASP D 134 -4.56 -75.23 -3.11
N TRP D 135 -3.85 -74.15 -3.42
CA TRP D 135 -4.34 -72.79 -3.18
C TRP D 135 -5.03 -72.23 -4.38
N PHE D 136 -5.97 -71.32 -4.13
CA PHE D 136 -6.62 -70.53 -5.17
C PHE D 136 -5.67 -69.60 -5.94
N THR D 137 -4.51 -69.29 -5.36
CA THR D 137 -3.53 -68.43 -6.04
C THR D 137 -3.06 -69.09 -7.33
N SER D 138 -2.78 -70.37 -7.20
CA SER D 138 -2.33 -71.17 -8.31
C SER D 138 -3.42 -71.33 -9.36
N ARG D 139 -4.64 -71.52 -8.89
CA ARG D 139 -5.74 -71.77 -9.78
C ARG D 139 -6.13 -70.52 -10.58
N THR D 140 -6.12 -69.35 -9.93
CA THR D 140 -6.42 -68.12 -10.68
C THR D 140 -5.41 -67.89 -11.80
N SER D 141 -4.15 -68.19 -11.60
CA SER D 141 -3.18 -67.98 -12.65
C SER D 141 -3.46 -68.88 -13.86
N ALA D 142 -3.84 -70.13 -13.58
CA ALA D 142 -4.22 -71.09 -14.62
C ALA D 142 -5.21 -70.53 -15.62
N CYS D 143 -6.24 -69.87 -15.11
CA CYS D 143 -7.29 -69.31 -15.96
C CYS D 143 -6.74 -68.45 -17.09
N GLY D 144 -5.63 -67.76 -16.85
CA GLY D 144 -5.02 -66.92 -17.87
C GLY D 144 -4.23 -67.63 -18.96
N LEU D 145 -4.11 -68.98 -18.91
CA LEU D 145 -3.20 -69.73 -19.85
C LEU D 145 -3.84 -70.73 -20.84
N PHE D 146 -5.16 -70.89 -20.78
CA PHE D 146 -5.88 -71.77 -21.71
C PHE D 146 -5.94 -71.11 -23.10
N SER D 147 -6.40 -69.86 -23.14
CA SER D 147 -6.53 -69.11 -24.38
C SER D 147 -5.36 -69.38 -25.34
N VAL D 148 -4.15 -69.33 -24.82
CA VAL D 148 -2.97 -69.24 -25.67
C VAL D 148 -2.41 -70.61 -26.16
N CYS D 149 -2.86 -71.71 -25.57
CA CYS D 149 -2.34 -73.04 -25.94
C CYS D 149 -3.41 -73.98 -26.50
N TYR D 150 -4.62 -73.49 -26.68
CA TYR D 150 -5.73 -74.33 -27.12
C TYR D 150 -5.77 -74.57 -28.65
N PRO D 151 -5.56 -73.51 -29.49
CA PRO D 151 -5.65 -73.66 -30.94
C PRO D 151 -4.75 -74.72 -31.57
N ARG D 152 -3.49 -74.79 -31.12
CA ARG D 152 -2.48 -75.59 -31.81
C ARG D 152 -2.30 -76.95 -31.16
N VAL D 153 -3.17 -77.29 -30.23
CA VAL D 153 -3.07 -78.56 -29.52
C VAL D 153 -4.07 -79.56 -30.14
N SER D 154 -3.84 -80.87 -29.95
CA SER D 154 -4.70 -81.90 -30.57
C SER D 154 -6.14 -81.82 -30.06
N SER D 155 -7.09 -82.19 -30.90
CA SER D 155 -8.53 -82.16 -30.52
C SER D 155 -8.79 -82.96 -29.26
N ALA D 156 -8.06 -84.06 -29.09
CA ALA D 156 -8.13 -84.82 -27.86
C ALA D 156 -7.85 -83.92 -26.65
N VAL D 157 -6.80 -83.12 -26.77
CA VAL D 157 -6.31 -82.31 -25.66
C VAL D 157 -7.25 -81.13 -25.41
N LYS D 158 -7.66 -80.44 -26.47
CA LYS D 158 -8.68 -79.40 -26.37
C LYS D 158 -9.82 -79.81 -25.43
N ALA D 159 -10.26 -81.05 -25.57
CA ALA D 159 -11.32 -81.57 -24.73
C ALA D 159 -10.89 -81.68 -23.27
N GLU D 160 -9.62 -82.03 -23.01
CA GLU D 160 -9.09 -82.01 -21.64
C GLU D 160 -9.06 -80.58 -21.09
N LEU D 161 -8.67 -79.62 -21.92
CA LEU D 161 -8.59 -78.21 -21.51
C LEU D 161 -9.98 -77.67 -21.18
N ARG D 162 -10.91 -77.90 -22.09
CA ARG D 162 -12.31 -77.54 -21.85
C ARG D 162 -12.82 -78.09 -20.52
N GLN D 163 -12.50 -79.34 -20.21
CA GLN D 163 -12.93 -79.92 -18.92
C GLN D 163 -12.28 -79.21 -17.73
N TYR D 164 -11.02 -78.86 -17.86
CA TYR D 164 -10.35 -78.14 -16.80
C TYR D 164 -10.95 -76.76 -16.58
N PHE D 165 -11.16 -76.02 -17.66
CA PHE D 165 -11.77 -74.72 -17.49
C PHE D 165 -13.12 -74.87 -16.82
N ARG D 166 -13.90 -75.87 -17.24
CA ARG D 166 -15.21 -76.13 -16.64
C ARG D 166 -15.10 -76.35 -15.12
N ASN D 167 -14.08 -77.11 -14.69
CA ASN D 167 -13.82 -77.27 -13.26
C ASN D 167 -13.55 -75.93 -12.54
N LEU D 168 -12.74 -75.08 -13.16
CA LEU D 168 -12.41 -73.79 -12.56
C LEU D 168 -13.64 -72.90 -12.38
N CYS D 169 -14.53 -72.87 -13.40
CA CYS D 169 -15.81 -72.13 -13.33
C CYS D 169 -16.73 -72.52 -12.18
N SER D 170 -16.69 -73.79 -11.77
CA SER D 170 -17.50 -74.24 -10.62
C SER D 170 -16.74 -74.43 -9.28
N ASP D 171 -15.43 -74.24 -9.28
CA ASP D 171 -14.60 -74.25 -8.07
C ASP D 171 -15.31 -73.73 -6.79
N ASP D 172 -15.09 -74.40 -5.65
CA ASP D 172 -15.73 -74.00 -4.37
C ASP D 172 -15.22 -72.69 -3.78
N THR D 173 -14.13 -72.17 -4.33
CA THR D 173 -13.60 -70.88 -3.96
C THR D 173 -14.07 -69.82 -4.97
N PRO D 174 -14.71 -68.74 -4.48
CA PRO D 174 -15.24 -67.75 -5.43
C PRO D 174 -14.16 -67.01 -6.19
N MSE D 175 -13.00 -66.83 -5.57
CA MSE D 175 -11.91 -66.05 -6.17
C MSE D 175 -11.53 -66.61 -7.53
O MSE D 175 -11.12 -65.89 -8.43
CB MSE D 175 -10.69 -65.98 -5.24
CG MSE D 175 -10.88 -65.13 -3.97
SE MSE D 175 -11.86 -66.01 -2.47
CE MSE D 175 -10.33 -66.73 -1.47
N VAL D 176 -11.71 -67.92 -7.69
CA VAL D 176 -11.28 -68.58 -8.91
C VAL D 176 -12.41 -68.65 -9.89
N ARG D 177 -13.63 -68.74 -9.40
CA ARG D 177 -14.78 -68.48 -10.25
C ARG D 177 -14.65 -67.07 -10.79
N ARG D 178 -14.31 -66.12 -9.93
CA ARG D 178 -14.15 -64.74 -10.37
C ARG D 178 -13.10 -64.68 -11.51
N ALA D 179 -11.98 -65.37 -11.31
CA ALA D 179 -10.88 -65.33 -12.27
C ALA D 179 -11.20 -66.11 -13.55
N ALA D 180 -12.00 -67.18 -13.37
CA ALA D 180 -12.52 -67.94 -14.52
C ALA D 180 -13.46 -67.07 -15.32
N ALA D 181 -14.39 -66.43 -14.63
CA ALA D 181 -15.25 -65.47 -15.28
C ALA D 181 -14.45 -64.46 -16.10
N SER D 182 -13.44 -63.87 -15.49
CA SER D 182 -12.70 -62.79 -16.13
C SER D 182 -11.94 -63.23 -17.38
N LYS D 183 -11.76 -64.53 -17.57
CA LYS D 183 -11.04 -65.02 -18.74
C LYS D 183 -11.91 -65.88 -19.67
N LEU D 184 -13.22 -65.83 -19.45
CA LEU D 184 -14.20 -66.60 -20.23
C LEU D 184 -14.22 -66.14 -21.68
N GLY D 185 -14.47 -64.86 -21.91
CA GLY D 185 -14.44 -64.30 -23.25
C GLY D 185 -13.18 -64.64 -24.01
N GLU D 186 -12.03 -64.37 -23.40
CA GLU D 186 -10.73 -64.70 -23.99
C GLU D 186 -10.69 -66.15 -24.50
N PHE D 187 -11.14 -67.07 -23.66
CA PHE D 187 -11.11 -68.49 -23.98
C PHE D 187 -12.11 -68.84 -25.07
N ALA D 188 -13.23 -68.12 -25.06
CA ALA D 188 -14.25 -68.22 -26.10
C ALA D 188 -13.67 -67.94 -27.49
N LYS D 189 -12.85 -66.90 -27.63
CA LYS D 189 -12.32 -66.50 -28.95
C LYS D 189 -11.60 -67.62 -29.69
N VAL D 190 -11.03 -68.55 -28.96
CA VAL D 190 -10.21 -69.57 -29.61
C VAL D 190 -10.92 -70.92 -29.76
N LEU D 191 -12.16 -71.00 -29.28
CA LEU D 191 -12.97 -72.20 -29.40
C LEU D 191 -13.73 -72.22 -30.72
N GLU D 192 -14.09 -73.44 -31.11
CA GLU D 192 -14.95 -73.71 -32.25
C GLU D 192 -16.38 -73.29 -31.88
N LEU D 193 -17.05 -72.61 -32.81
CA LEU D 193 -18.44 -72.13 -32.64
C LEU D 193 -19.37 -73.14 -31.97
N ASP D 194 -19.25 -74.40 -32.35
CA ASP D 194 -20.01 -75.47 -31.71
C ASP D 194 -19.91 -75.36 -30.19
N ASN D 195 -18.68 -75.32 -29.69
CA ASN D 195 -18.42 -75.44 -28.25
C ASN D 195 -18.64 -74.12 -27.54
N VAL D 196 -18.64 -73.04 -28.33
CA VAL D 196 -19.12 -71.77 -27.83
C VAL D 196 -20.58 -71.96 -27.43
N LYS D 197 -21.38 -72.52 -28.34
CA LYS D 197 -22.80 -72.77 -28.07
C LYS D 197 -22.97 -73.89 -27.06
N SER D 198 -22.24 -74.98 -27.28
CA SER D 198 -22.41 -76.19 -26.51
C SER D 198 -21.92 -76.12 -25.06
N GLU D 199 -20.83 -75.40 -24.79
CA GLU D 199 -20.15 -75.48 -23.49
C GLU D 199 -19.83 -74.14 -22.81
N ILE D 200 -19.47 -73.12 -23.58
CA ILE D 200 -19.30 -71.79 -22.99
C ILE D 200 -20.62 -71.25 -22.43
N ILE D 201 -21.68 -71.30 -23.23
CA ILE D 201 -22.97 -70.72 -22.85
C ILE D 201 -23.47 -71.27 -21.49
N PRO D 202 -23.39 -72.60 -21.29
CA PRO D 202 -23.67 -73.09 -19.95
C PRO D 202 -22.83 -72.43 -18.84
N MSE D 203 -21.50 -72.34 -19.04
CA MSE D 203 -20.62 -71.71 -18.04
C MSE D 203 -21.03 -70.26 -17.83
O MSE D 203 -21.22 -69.81 -16.68
CB MSE D 203 -19.15 -71.80 -18.43
CG MSE D 203 -18.57 -73.23 -18.39
SE MSE D 203 -16.85 -73.22 -19.38
CE MSE D 203 -16.81 -75.02 -20.17
N PHE D 204 -21.17 -69.54 -18.93
CA PHE D 204 -21.62 -68.15 -18.97
C PHE D 204 -22.89 -67.88 -18.17
N SER D 205 -23.88 -68.76 -18.31
CA SER D 205 -25.17 -68.54 -17.63
C SER D 205 -25.09 -68.89 -16.13
N ASN D 206 -24.41 -70.00 -15.81
CA ASN D 206 -24.08 -70.34 -14.41
C ASN D 206 -23.41 -69.18 -13.67
N LEU D 207 -22.34 -68.65 -14.28
CA LEU D 207 -21.53 -67.62 -13.65
C LEU D 207 -22.33 -66.34 -13.55
N ALA D 208 -23.24 -66.11 -14.48
CA ALA D 208 -24.02 -64.90 -14.42
C ALA D 208 -25.07 -65.01 -13.36
N SER D 209 -25.43 -66.23 -12.94
CA SER D 209 -26.43 -66.43 -11.86
C SER D 209 -25.82 -66.85 -10.50
N ASP D 210 -24.49 -66.70 -10.42
CA ASP D 210 -23.66 -67.08 -9.29
C ASP D 210 -24.08 -66.38 -8.01
N GLU D 211 -23.95 -67.10 -6.89
CA GLU D 211 -24.23 -66.55 -5.56
C GLU D 211 -23.49 -65.22 -5.24
N GLN D 212 -22.29 -65.03 -5.80
CA GLN D 212 -21.45 -63.86 -5.50
C GLN D 212 -21.44 -62.80 -6.60
N ASP D 213 -21.61 -61.53 -6.22
CA ASP D 213 -21.73 -60.45 -7.25
C ASP D 213 -20.40 -60.18 -7.98
N SER D 214 -19.28 -60.42 -7.27
CA SER D 214 -17.93 -60.35 -7.86
C SER D 214 -17.86 -61.14 -9.16
N VAL D 215 -18.40 -62.35 -9.11
CA VAL D 215 -18.43 -63.25 -10.26
C VAL D 215 -19.44 -62.71 -11.27
N ARG D 216 -20.61 -62.28 -10.80
CA ARG D 216 -21.70 -61.92 -11.69
C ARG D 216 -21.35 -60.72 -12.54
N LEU D 217 -20.79 -59.68 -11.96
CA LEU D 217 -20.48 -58.46 -12.73
C LEU D 217 -19.52 -58.70 -13.91
N LEU D 218 -18.74 -59.79 -13.87
CA LEU D 218 -17.85 -60.10 -14.99
C LEU D 218 -18.58 -60.80 -16.11
N ALA D 219 -19.83 -61.17 -15.86
CA ALA D 219 -20.71 -61.72 -16.90
C ALA D 219 -20.97 -60.70 -18.01
N VAL D 220 -21.03 -59.42 -17.66
CA VAL D 220 -21.38 -58.41 -18.67
C VAL D 220 -20.25 -58.26 -19.69
N GLU D 221 -18.98 -58.23 -19.25
CA GLU D 221 -17.89 -58.20 -20.23
C GLU D 221 -17.92 -59.48 -21.08
N ALA D 222 -18.28 -60.59 -20.46
CA ALA D 222 -18.44 -61.82 -21.20
C ALA D 222 -19.54 -61.70 -22.26
N CYS D 223 -20.67 -61.06 -21.96
CA CYS D 223 -21.74 -60.88 -22.96
C CYS D 223 -21.18 -60.22 -24.20
N VAL D 224 -20.50 -59.08 -24.03
CA VAL D 224 -19.95 -58.38 -25.19
C VAL D 224 -19.03 -59.30 -25.95
N ASN D 225 -18.15 -60.01 -25.25
CA ASN D 225 -17.21 -60.92 -25.93
C ASN D 225 -17.90 -62.08 -26.70
N ILE D 226 -18.82 -62.77 -26.04
CA ILE D 226 -19.60 -63.85 -26.67
C ILE D 226 -20.36 -63.32 -27.89
N ALA D 227 -21.01 -62.16 -27.72
CA ALA D 227 -21.80 -61.54 -28.78
C ALA D 227 -20.99 -61.32 -30.05
N GLN D 228 -19.75 -60.87 -29.89
CA GLN D 228 -18.92 -60.56 -31.04
C GLN D 228 -18.52 -61.77 -31.84
N LEU D 229 -18.74 -62.96 -31.29
CA LEU D 229 -18.36 -64.24 -31.92
C LEU D 229 -19.53 -64.90 -32.62
N LEU D 230 -20.73 -64.65 -32.10
CA LEU D 230 -21.95 -65.24 -32.64
C LEU D 230 -22.53 -64.36 -33.74
N PRO D 231 -23.30 -64.99 -34.64
CA PRO D 231 -24.09 -64.27 -35.62
C PRO D 231 -25.31 -63.60 -34.99
N GLN D 232 -25.68 -62.42 -35.49
CA GLN D 232 -26.80 -61.62 -34.94
C GLN D 232 -28.02 -62.47 -34.55
N GLU D 233 -28.40 -63.38 -35.43
CA GLU D 233 -29.59 -64.21 -35.23
C GLU D 233 -29.58 -65.01 -33.90
N ASP D 234 -28.40 -65.53 -33.53
CA ASP D 234 -28.26 -66.34 -32.32
C ASP D 234 -28.31 -65.48 -31.03
N LEU D 235 -27.90 -64.22 -31.12
CA LEU D 235 -27.81 -63.35 -29.93
C LEU D 235 -29.05 -63.39 -29.08
N GLU D 236 -30.21 -63.29 -29.70
CA GLU D 236 -31.47 -63.20 -28.94
C GLU D 236 -31.73 -64.47 -28.14
N ALA D 237 -31.33 -65.62 -28.67
CA ALA D 237 -31.44 -66.87 -27.91
C ALA D 237 -30.43 -66.91 -26.77
N LEU D 238 -29.14 -66.94 -27.10
CA LEU D 238 -28.08 -67.28 -26.14
C LEU D 238 -27.58 -66.16 -25.20
N VAL D 239 -27.51 -64.94 -25.71
CA VAL D 239 -26.84 -63.84 -24.99
C VAL D 239 -27.81 -62.98 -24.20
N MSE D 240 -28.97 -62.74 -24.77
CA MSE D 240 -29.81 -61.62 -24.35
C MSE D 240 -30.58 -61.79 -23.06
O MSE D 240 -30.79 -60.80 -22.34
CB MSE D 240 -30.77 -61.31 -25.48
CG MSE D 240 -30.78 -59.81 -25.67
SE MSE D 240 -29.03 -59.20 -26.32
CE MSE D 240 -29.43 -57.43 -25.58
N PRO D 241 -31.03 -63.01 -22.76
CA PRO D 241 -31.68 -63.13 -21.45
C PRO D 241 -30.71 -62.77 -20.32
N THR D 242 -29.43 -63.14 -20.48
CA THR D 242 -28.45 -62.90 -19.44
C THR D 242 -28.18 -61.41 -19.24
N LEU D 243 -28.08 -60.67 -20.35
CA LEU D 243 -28.08 -59.19 -20.30
C LEU D 243 -29.27 -58.65 -19.52
N ARG D 244 -30.48 -59.04 -19.94
CA ARG D 244 -31.67 -58.51 -19.30
C ARG D 244 -31.55 -58.79 -17.83
N GLN D 245 -31.19 -60.05 -17.51
CA GLN D 245 -30.97 -60.50 -16.13
C GLN D 245 -29.93 -59.67 -15.37
N ALA D 246 -28.78 -59.48 -16.00
CA ALA D 246 -27.72 -58.62 -15.43
C ALA D 246 -28.18 -57.17 -15.28
N ALA D 247 -28.90 -56.69 -16.30
CA ALA D 247 -29.38 -55.32 -16.29
C ALA D 247 -30.33 -55.07 -15.14
N GLU D 248 -31.11 -56.08 -14.73
CA GLU D 248 -32.05 -55.92 -13.60
C GLU D 248 -31.65 -56.72 -12.35
N ASP D 249 -30.44 -57.28 -12.37
CA ASP D 249 -29.80 -57.88 -11.21
C ASP D 249 -29.85 -57.02 -9.92
N LYS D 250 -29.97 -57.68 -8.78
CA LYS D 250 -30.12 -56.99 -7.49
C LYS D 250 -28.92 -56.22 -6.96
N SER D 251 -27.71 -56.63 -7.32
CA SER D 251 -26.50 -55.89 -6.93
C SER D 251 -26.21 -54.75 -7.89
N TRP D 252 -26.02 -53.56 -7.36
CA TRP D 252 -25.71 -52.40 -8.18
C TRP D 252 -24.35 -52.47 -8.89
N ARG D 253 -23.41 -53.21 -8.34
CA ARG D 253 -22.12 -53.38 -9.00
C ARG D 253 -22.26 -54.12 -10.34
N VAL D 254 -23.30 -54.96 -10.47
CA VAL D 254 -23.60 -55.65 -11.72
C VAL D 254 -24.31 -54.73 -12.73
N ARG D 255 -25.26 -53.94 -12.23
CA ARG D 255 -26.00 -52.99 -13.06
C ARG D 255 -25.04 -51.92 -13.54
N TYR D 256 -24.16 -51.46 -12.64
CA TYR D 256 -23.11 -50.50 -12.98
C TYR D 256 -22.32 -51.00 -14.17
N MSE D 257 -21.95 -52.27 -14.09
CA MSE D 257 -21.12 -52.87 -15.12
C MSE D 257 -21.82 -52.82 -16.45
O MSE D 257 -21.17 -52.60 -17.47
CB MSE D 257 -20.76 -54.31 -14.72
CG MSE D 257 -19.27 -54.67 -14.78
SE MSE D 257 -18.07 -53.17 -14.39
CE MSE D 257 -16.99 -53.40 -16.03
N VAL D 258 -23.15 -53.02 -16.47
CA VAL D 258 -23.94 -52.95 -17.73
C VAL D 258 -23.98 -51.53 -18.31
N ALA D 259 -24.13 -50.52 -17.45
CA ALA D 259 -23.99 -49.13 -17.84
C ALA D 259 -22.61 -48.83 -18.39
N ASP D 260 -21.58 -49.19 -17.63
CA ASP D 260 -20.19 -48.96 -18.04
C ASP D 260 -19.84 -49.54 -19.41
N LYS D 261 -20.46 -50.65 -19.77
CA LYS D 261 -20.10 -51.34 -20.99
C LYS D 261 -21.21 -51.28 -22.02
N PHE D 262 -22.07 -50.28 -21.86
CA PHE D 262 -23.25 -50.13 -22.71
C PHE D 262 -22.95 -49.86 -24.19
N THR D 263 -21.93 -49.03 -24.45
CA THR D 263 -21.52 -48.72 -25.82
C THR D 263 -20.84 -49.91 -26.48
N GLU D 264 -20.02 -50.61 -25.72
CA GLU D 264 -19.43 -51.88 -26.17
C GLU D 264 -20.52 -52.94 -26.53
N LEU D 265 -21.59 -53.01 -25.70
CA LEU D 265 -22.71 -53.93 -25.95
C LEU D 265 -23.47 -53.50 -27.19
N GLN D 266 -23.64 -52.18 -27.33
CA GLN D 266 -24.39 -51.60 -28.44
C GLN D 266 -23.75 -51.91 -29.78
N LYS D 267 -22.43 -51.71 -29.83
CA LYS D 267 -21.66 -52.01 -31.03
C LYS D 267 -21.61 -53.51 -31.34
N ALA D 268 -21.73 -54.35 -30.31
CA ALA D 268 -21.59 -55.79 -30.47
C ALA D 268 -22.89 -56.47 -30.86
N VAL D 269 -24.01 -56.03 -30.29
CA VAL D 269 -25.31 -56.65 -30.63
C VAL D 269 -25.97 -56.09 -31.89
N GLY D 270 -25.36 -55.06 -32.47
CA GLY D 270 -25.87 -54.49 -33.71
C GLY D 270 -27.07 -53.58 -33.53
N PRO D 271 -27.41 -52.83 -34.59
CA PRO D 271 -28.38 -51.74 -34.43
C PRO D 271 -29.85 -52.18 -34.21
N GLU D 272 -30.22 -53.38 -34.67
CA GLU D 272 -31.62 -53.78 -34.55
C GLU D 272 -31.92 -54.08 -33.08
N ILE D 273 -31.13 -54.98 -32.51
CA ILE D 273 -31.30 -55.35 -31.11
C ILE D 273 -31.12 -54.11 -30.20
N THR D 274 -30.26 -53.18 -30.61
CA THR D 274 -30.10 -51.94 -29.84
C THR D 274 -31.45 -51.20 -29.74
N LYS D 275 -32.10 -51.07 -30.89
CA LYS D 275 -33.38 -50.36 -31.04
C LYS D 275 -34.51 -50.98 -30.21
N THR D 276 -34.76 -52.27 -30.42
CA THR D 276 -35.82 -52.94 -29.67
C THR D 276 -35.50 -53.15 -28.16
N ASP D 277 -34.25 -53.52 -27.85
CA ASP D 277 -33.83 -53.95 -26.48
C ASP D 277 -33.08 -52.91 -25.63
N LEU D 278 -31.91 -52.48 -26.10
CA LEU D 278 -30.99 -51.66 -25.28
C LEU D 278 -31.57 -50.32 -24.84
N VAL D 279 -32.33 -49.68 -25.71
CA VAL D 279 -32.91 -48.37 -25.38
C VAL D 279 -33.81 -48.37 -24.14
N PRO D 280 -34.76 -49.32 -24.03
CA PRO D 280 -35.52 -49.37 -22.74
C PRO D 280 -34.68 -49.71 -21.49
N ALA D 281 -33.69 -50.61 -21.65
CA ALA D 281 -32.73 -50.89 -20.56
C ALA D 281 -32.00 -49.62 -20.16
N PHE D 282 -31.46 -48.92 -21.16
CA PHE D 282 -30.76 -47.67 -20.91
C PHE D 282 -31.66 -46.72 -20.13
N GLN D 283 -32.93 -46.65 -20.51
CA GLN D 283 -33.88 -45.79 -19.82
C GLN D 283 -33.93 -46.10 -18.34
N ASN D 284 -33.99 -47.40 -18.01
CA ASN D 284 -34.08 -47.87 -16.61
C ASN D 284 -32.81 -47.69 -15.80
N LEU D 285 -31.68 -47.74 -16.48
CA LEU D 285 -30.41 -47.40 -15.85
C LEU D 285 -30.38 -45.92 -15.47
N MSE D 286 -30.80 -45.05 -16.38
CA MSE D 286 -30.87 -43.63 -16.07
C MSE D 286 -31.83 -43.37 -14.93
O MSE D 286 -31.72 -42.34 -14.27
CB MSE D 286 -31.27 -42.83 -17.29
CG MSE D 286 -30.21 -42.90 -18.38
SE MSE D 286 -30.83 -41.89 -19.95
CE MSE D 286 -30.48 -40.12 -19.20
N LYS D 287 -32.77 -44.28 -14.68
CA LYS D 287 -33.74 -44.10 -13.58
C LYS D 287 -33.44 -45.04 -12.41
N ASP D 288 -32.27 -45.66 -12.45
CA ASP D 288 -31.86 -46.62 -11.45
C ASP D 288 -31.79 -45.96 -10.07
N CYS D 289 -32.13 -46.71 -9.03
CA CYS D 289 -32.15 -46.11 -7.71
C CYS D 289 -30.76 -45.70 -7.24
N GLU D 290 -29.75 -46.56 -7.46
CA GLU D 290 -28.38 -46.25 -7.01
C GLU D 290 -27.65 -45.25 -7.95
N ALA D 291 -27.11 -44.20 -7.34
CA ALA D 291 -26.60 -43.02 -8.06
C ALA D 291 -25.28 -43.25 -8.79
N GLU D 292 -24.46 -44.17 -8.29
CA GLU D 292 -23.28 -44.59 -9.01
C GLU D 292 -23.69 -45.16 -10.38
N VAL D 293 -24.84 -45.83 -10.43
CA VAL D 293 -25.33 -46.43 -11.69
C VAL D 293 -25.93 -45.37 -12.61
N ARG D 294 -26.73 -44.46 -12.06
CA ARG D 294 -27.26 -43.34 -12.87
C ARG D 294 -26.16 -42.55 -13.52
N ALA D 295 -25.08 -42.29 -12.79
CA ALA D 295 -23.98 -41.47 -13.30
C ALA D 295 -23.18 -42.17 -14.40
N ALA D 296 -23.02 -43.48 -14.29
CA ALA D 296 -22.31 -44.23 -15.32
C ALA D 296 -23.10 -44.18 -16.62
N ALA D 297 -24.44 -44.24 -16.49
CA ALA D 297 -25.34 -44.21 -17.64
C ALA D 297 -25.33 -42.86 -18.30
N SER D 298 -25.55 -41.82 -17.49
CA SER D 298 -25.45 -40.43 -17.92
C SER D 298 -24.20 -40.21 -18.75
N HIS D 299 -23.06 -40.71 -18.28
CA HIS D 299 -21.78 -40.48 -18.95
C HIS D 299 -21.85 -41.00 -20.36
N LYS D 300 -22.75 -41.95 -20.61
CA LYS D 300 -22.85 -42.60 -21.92
C LYS D 300 -23.96 -42.12 -22.85
N VAL D 301 -24.64 -41.00 -22.54
CA VAL D 301 -25.68 -40.52 -23.49
C VAL D 301 -25.13 -40.17 -24.86
N LYS D 302 -24.03 -39.43 -24.93
CA LYS D 302 -23.49 -39.00 -26.22
C LYS D 302 -23.12 -40.19 -27.09
N GLU D 303 -22.17 -40.99 -26.62
CA GLU D 303 -21.67 -42.17 -27.35
C GLU D 303 -22.83 -43.09 -27.79
N PHE D 304 -23.77 -43.33 -26.89
CA PHE D 304 -24.89 -44.20 -27.18
C PHE D 304 -25.73 -43.64 -28.32
N CYS D 305 -26.30 -42.46 -28.10
CA CYS D 305 -27.16 -41.81 -29.06
C CYS D 305 -26.51 -41.71 -30.43
N GLU D 306 -25.25 -41.27 -30.47
CA GLU D 306 -24.57 -41.04 -31.76
C GLU D 306 -24.43 -42.30 -32.58
N ASN D 307 -24.57 -43.46 -31.93
CA ASN D 307 -24.36 -44.75 -32.58
C ASN D 307 -25.63 -45.48 -33.00
N LEU D 308 -26.79 -44.86 -32.82
CA LEU D 308 -28.03 -45.50 -33.23
C LEU D 308 -28.15 -45.50 -34.75
N SER D 309 -28.95 -46.43 -35.28
CA SER D 309 -29.20 -46.49 -36.72
C SER D 309 -29.88 -45.19 -37.16
N ALA D 310 -29.43 -44.68 -38.30
CA ALA D 310 -29.86 -43.38 -38.82
C ALA D 310 -31.37 -43.20 -38.86
N ASP D 311 -32.10 -44.23 -39.29
CA ASP D 311 -33.57 -44.15 -39.40
C ASP D 311 -34.35 -43.91 -38.09
N CYS D 312 -33.90 -44.49 -36.96
CA CYS D 312 -34.59 -44.26 -35.67
C CYS D 312 -33.93 -43.16 -34.79
N ARG D 313 -32.69 -42.81 -35.09
CA ARG D 313 -31.90 -41.95 -34.21
C ARG D 313 -32.63 -40.71 -33.69
N GLU D 314 -32.98 -39.81 -34.61
CA GLU D 314 -33.56 -38.52 -34.23
C GLU D 314 -34.82 -38.66 -33.37
N ASN D 315 -35.75 -39.52 -33.79
CA ASN D 315 -37.02 -39.60 -33.06
C ASN D 315 -36.93 -40.30 -31.69
N VAL D 316 -36.11 -41.35 -31.57
CA VAL D 316 -35.97 -42.04 -30.27
C VAL D 316 -35.25 -41.20 -29.21
N ILE D 317 -34.21 -40.48 -29.64
CA ILE D 317 -33.60 -39.49 -28.77
C ILE D 317 -34.66 -38.56 -28.19
N MSE D 318 -35.59 -38.17 -29.05
CA MSE D 318 -36.50 -37.06 -28.75
C MSE D 318 -37.65 -37.52 -27.95
O MSE D 318 -38.13 -36.80 -27.08
CB MSE D 318 -36.98 -36.44 -30.06
CG MSE D 318 -35.87 -35.66 -30.74
SE MSE D 318 -35.62 -33.86 -29.98
CE MSE D 318 -37.00 -33.68 -28.58
N SER D 319 -38.13 -38.73 -28.25
CA SER D 319 -39.30 -39.31 -27.57
C SER D 319 -38.95 -39.97 -26.23
N GLN D 320 -37.83 -40.70 -26.20
CA GLN D 320 -37.55 -41.65 -25.12
C GLN D 320 -36.34 -41.33 -24.22
N ILE D 321 -35.33 -40.64 -24.75
CA ILE D 321 -34.10 -40.35 -24.00
C ILE D 321 -34.13 -38.97 -23.39
N LEU D 322 -34.53 -37.98 -24.17
CA LEU D 322 -34.57 -36.61 -23.69
C LEU D 322 -35.41 -36.44 -22.41
N PRO D 323 -36.58 -37.08 -22.33
CA PRO D 323 -37.36 -37.00 -21.10
C PRO D 323 -36.55 -37.35 -19.85
N CYS D 324 -35.79 -38.45 -19.91
CA CYS D 324 -34.94 -38.88 -18.79
C CYS D 324 -33.86 -37.84 -18.47
N ILE D 325 -33.26 -37.30 -19.52
CA ILE D 325 -32.22 -36.29 -19.38
C ILE D 325 -32.73 -35.06 -18.63
N LYS D 326 -33.94 -34.60 -18.97
CA LYS D 326 -34.56 -33.51 -18.23
C LYS D 326 -34.60 -33.84 -16.75
N GLU D 327 -34.96 -35.09 -16.45
CA GLU D 327 -35.04 -35.55 -15.08
C GLU D 327 -33.64 -35.49 -14.45
N LEU D 328 -32.66 -36.01 -15.17
CA LEU D 328 -31.29 -36.07 -14.65
C LEU D 328 -30.61 -34.73 -14.38
N VAL D 329 -30.86 -33.74 -15.22
CA VAL D 329 -30.41 -32.38 -14.94
C VAL D 329 -30.79 -31.96 -13.53
N SER D 330 -31.98 -32.38 -13.11
CA SER D 330 -32.54 -31.96 -11.83
C SER D 330 -32.28 -32.97 -10.71
N ASP D 331 -31.54 -34.02 -11.03
CA ASP D 331 -31.15 -35.05 -10.07
C ASP D 331 -30.59 -34.50 -8.73
N ALA D 332 -30.74 -35.27 -7.66
CA ALA D 332 -30.27 -34.83 -6.34
C ALA D 332 -28.82 -35.19 -6.09
N ASN D 333 -28.23 -36.05 -6.92
CA ASN D 333 -26.82 -36.42 -6.75
C ASN D 333 -25.91 -35.62 -7.69
N GLN D 334 -24.92 -34.93 -7.10
CA GLN D 334 -24.01 -34.08 -7.89
C GLN D 334 -23.11 -34.85 -8.86
N HIS D 335 -22.55 -35.99 -8.44
CA HIS D 335 -21.75 -36.81 -9.37
C HIS D 335 -22.55 -37.18 -10.62
N VAL D 336 -23.87 -37.25 -10.51
CA VAL D 336 -24.74 -37.62 -11.63
C VAL D 336 -24.92 -36.47 -12.59
N LYS D 337 -25.30 -35.32 -12.03
CA LYS D 337 -25.43 -34.09 -12.80
C LYS D 337 -24.13 -33.72 -13.49
N SER D 338 -23.03 -33.75 -12.74
CA SER D 338 -21.73 -33.37 -13.33
C SER D 338 -21.25 -34.39 -14.33
N ALA D 339 -21.64 -35.65 -14.15
CA ALA D 339 -21.35 -36.67 -15.15
C ALA D 339 -22.08 -36.38 -16.46
N LEU D 340 -23.30 -35.87 -16.35
CA LEU D 340 -24.12 -35.57 -17.52
C LEU D 340 -23.62 -34.28 -18.21
N ALA D 341 -23.31 -33.28 -17.40
CA ALA D 341 -22.84 -32.00 -17.90
C ALA D 341 -21.66 -32.13 -18.87
N SER D 342 -20.84 -33.15 -18.69
CA SER D 342 -19.62 -33.28 -19.49
C SER D 342 -19.85 -33.99 -20.82
N VAL D 343 -21.08 -34.42 -21.12
CA VAL D 343 -21.39 -35.08 -22.42
C VAL D 343 -22.65 -34.56 -23.11
N ILE D 344 -23.54 -33.95 -22.33
CA ILE D 344 -24.89 -33.59 -22.79
C ILE D 344 -24.88 -32.81 -24.09
N MSE D 345 -23.99 -31.83 -24.21
CA MSE D 345 -23.98 -30.96 -25.38
C MSE D 345 -23.43 -31.67 -26.59
O MSE D 345 -23.64 -31.23 -27.72
CB MSE D 345 -23.20 -29.70 -25.03
CG MSE D 345 -24.05 -28.44 -25.04
SE MSE D 345 -25.79 -28.60 -24.11
CE MSE D 345 -26.82 -27.35 -25.24
N GLY D 346 -22.72 -32.77 -26.39
CA GLY D 346 -22.15 -33.53 -27.51
C GLY D 346 -23.18 -34.13 -28.45
N LEU D 347 -24.45 -34.08 -28.08
CA LEU D 347 -25.50 -34.56 -28.97
C LEU D 347 -26.25 -33.42 -29.68
N SER D 348 -25.81 -32.19 -29.48
CA SER D 348 -26.32 -31.05 -30.21
C SER D 348 -26.19 -31.15 -31.74
N PRO D 349 -25.02 -31.59 -32.25
CA PRO D 349 -24.86 -31.83 -33.70
C PRO D 349 -25.60 -33.05 -34.24
N ILE D 350 -26.19 -33.87 -33.37
CA ILE D 350 -27.03 -34.99 -33.81
C ILE D 350 -28.51 -34.56 -33.96
N LEU D 351 -28.92 -33.52 -33.25
CA LEU D 351 -30.28 -33.00 -33.35
C LEU D 351 -30.37 -31.78 -34.24
N GLY D 352 -29.21 -31.29 -34.69
CA GLY D 352 -29.15 -30.13 -35.55
C GLY D 352 -29.60 -28.87 -34.84
N LYS D 353 -29.52 -27.76 -35.58
CA LYS D 353 -29.68 -26.43 -35.03
C LYS D 353 -30.97 -26.26 -34.19
N ASP D 354 -32.13 -26.51 -34.78
CA ASP D 354 -33.38 -26.00 -34.17
C ASP D 354 -33.85 -26.76 -32.93
N ASN D 355 -33.73 -28.09 -32.95
CA ASN D 355 -34.03 -28.87 -31.76
C ASN D 355 -33.14 -28.46 -30.60
N THR D 356 -31.88 -28.17 -30.90
CA THR D 356 -30.92 -27.74 -29.88
C THR D 356 -31.34 -26.47 -29.16
N ILE D 357 -31.77 -25.43 -29.88
CA ILE D 357 -32.24 -24.21 -29.19
C ILE D 357 -33.54 -24.51 -28.43
N GLU D 358 -34.45 -25.28 -29.02
CA GLU D 358 -35.73 -25.60 -28.37
C GLU D 358 -35.54 -26.41 -27.09
N HIS D 359 -34.77 -27.50 -27.19
CA HIS D 359 -34.78 -28.56 -26.18
C HIS D 359 -33.52 -28.66 -25.32
N LEU D 360 -32.33 -28.45 -25.90
CA LEU D 360 -31.07 -28.57 -25.15
C LEU D 360 -30.64 -27.28 -24.44
N LEU D 361 -30.90 -26.14 -25.06
CA LEU D 361 -30.45 -24.85 -24.53
C LEU D 361 -30.98 -24.49 -23.13
N PRO D 362 -32.24 -24.89 -22.80
CA PRO D 362 -32.75 -24.63 -21.45
C PRO D 362 -32.10 -25.49 -20.38
N LEU D 363 -31.65 -26.69 -20.79
CA LEU D 363 -30.90 -27.61 -19.92
C LEU D 363 -29.44 -27.13 -19.72
N PHE D 364 -28.79 -26.78 -20.82
CA PHE D 364 -27.51 -26.09 -20.77
C PHE D 364 -27.59 -24.89 -19.82
N LEU D 365 -28.60 -24.06 -20.01
CA LEU D 365 -28.79 -22.89 -19.16
C LEU D 365 -28.98 -23.24 -17.69
N ALA D 366 -29.65 -24.37 -17.42
CA ALA D 366 -29.93 -24.80 -16.05
C ALA D 366 -28.71 -25.37 -15.31
N GLN D 367 -27.86 -26.10 -16.03
CA GLN D 367 -26.65 -26.65 -15.43
C GLN D 367 -25.60 -25.55 -15.17
N LEU D 368 -25.60 -24.52 -15.99
CA LEU D 368 -24.78 -23.34 -15.75
C LEU D 368 -25.13 -22.62 -14.46
N LYS D 369 -26.40 -22.68 -14.04
CA LYS D 369 -26.85 -21.95 -12.85
C LYS D 369 -26.95 -22.89 -11.66
N ASP D 370 -26.36 -24.07 -11.81
CA ASP D 370 -26.33 -25.08 -10.77
C ASP D 370 -25.41 -24.67 -9.64
N GLU D 371 -25.68 -25.17 -8.43
CA GLU D 371 -24.92 -24.78 -7.24
C GLU D 371 -23.63 -25.56 -7.04
N CYS D 372 -23.49 -26.68 -7.73
CA CYS D 372 -22.27 -27.45 -7.65
C CYS D 372 -21.23 -26.95 -8.67
N PRO D 373 -20.08 -26.44 -8.21
CA PRO D 373 -19.05 -25.93 -9.13
C PRO D 373 -18.61 -26.94 -10.20
N GLU D 374 -18.52 -28.20 -9.83
CA GLU D 374 -18.11 -29.27 -10.74
C GLU D 374 -19.06 -29.35 -11.92
N VAL D 375 -20.34 -29.07 -11.68
CA VAL D 375 -21.35 -29.15 -12.73
C VAL D 375 -21.15 -28.05 -13.76
N ARG D 376 -20.98 -26.84 -13.27
CA ARG D 376 -20.76 -25.70 -14.14
C ARG D 376 -19.43 -25.88 -14.88
N LEU D 377 -18.35 -26.13 -14.16
CA LEU D 377 -17.08 -26.45 -14.79
C LEU D 377 -17.23 -27.44 -15.95
N ASN D 378 -17.99 -28.51 -15.79
CA ASN D 378 -18.07 -29.51 -16.85
C ASN D 378 -18.77 -28.97 -18.09
N ILE D 379 -19.79 -28.12 -17.89
CA ILE D 379 -20.52 -27.54 -19.01
C ILE D 379 -19.58 -26.64 -19.80
N ILE D 380 -19.05 -25.64 -19.08
CA ILE D 380 -18.05 -24.68 -19.56
C ILE D 380 -16.90 -25.29 -20.39
N SER D 381 -16.45 -26.48 -20.00
CA SER D 381 -15.29 -27.08 -20.63
C SER D 381 -15.62 -27.97 -21.83
N ASN D 382 -16.91 -28.04 -22.22
CA ASN D 382 -17.29 -28.80 -23.43
C ASN D 382 -18.25 -28.03 -24.32
N LEU D 383 -17.76 -26.92 -24.86
CA LEU D 383 -18.53 -26.09 -25.78
C LEU D 383 -18.14 -26.40 -27.20
N ASP D 384 -16.97 -26.99 -27.37
CA ASP D 384 -16.52 -27.40 -28.66
C ASP D 384 -17.53 -28.35 -29.29
N CYS D 385 -18.37 -27.82 -30.19
CA CYS D 385 -19.39 -28.58 -30.96
C CYS D 385 -20.85 -28.16 -30.66
N VAL D 386 -21.06 -27.37 -29.62
CA VAL D 386 -22.29 -26.59 -29.52
C VAL D 386 -22.12 -25.36 -30.40
N ASN D 387 -20.87 -24.92 -30.51
CA ASN D 387 -20.51 -23.78 -31.34
C ASN D 387 -20.57 -24.13 -32.82
N GLU D 388 -20.14 -25.35 -33.17
CA GLU D 388 -20.31 -25.86 -34.53
C GLU D 388 -21.72 -25.62 -35.05
N VAL D 389 -22.70 -25.98 -34.23
CA VAL D 389 -24.09 -26.01 -34.69
C VAL D 389 -24.84 -24.74 -34.33
N ILE D 390 -24.54 -24.12 -33.20
CA ILE D 390 -25.15 -22.81 -32.89
C ILE D 390 -24.14 -21.70 -32.58
N GLY D 391 -24.67 -20.55 -32.17
CA GLY D 391 -23.82 -19.41 -31.89
C GLY D 391 -23.09 -19.55 -30.58
N ILE D 392 -21.78 -19.69 -30.62
CA ILE D 392 -20.96 -19.34 -29.45
C ILE D 392 -21.35 -17.93 -28.94
N ARG D 393 -21.56 -16.97 -29.86
CA ARG D 393 -22.11 -15.63 -29.54
C ARG D 393 -23.38 -15.74 -28.73
N GLN D 394 -24.27 -16.62 -29.18
CA GLN D 394 -25.55 -16.88 -28.50
C GLN D 394 -25.39 -17.14 -27.00
N LEU D 395 -24.46 -18.03 -26.65
CA LEU D 395 -24.28 -18.51 -25.27
C LEU D 395 -23.49 -17.56 -24.36
N SER D 396 -22.71 -16.66 -24.94
CA SER D 396 -21.85 -15.78 -24.16
C SER D 396 -22.60 -14.97 -23.11
N GLN D 397 -23.90 -14.77 -23.31
CA GLN D 397 -24.76 -14.10 -22.33
C GLN D 397 -24.71 -14.79 -20.97
N SER D 398 -25.02 -16.09 -20.97
CA SER D 398 -25.09 -16.90 -19.75
C SER D 398 -23.71 -17.20 -19.21
N LEU D 399 -22.80 -17.55 -20.10
CA LEU D 399 -21.41 -17.86 -19.75
C LEU D 399 -20.74 -16.85 -18.83
N LEU D 400 -20.89 -15.57 -19.14
CA LEU D 400 -20.05 -14.56 -18.51
C LEU D 400 -20.23 -14.56 -16.99
N PRO D 401 -21.45 -14.30 -16.49
CA PRO D 401 -21.60 -14.28 -15.02
C PRO D 401 -21.21 -15.60 -14.37
N ALA D 402 -21.38 -16.71 -15.08
CA ALA D 402 -20.97 -18.02 -14.62
C ALA D 402 -19.45 -18.15 -14.56
N ILE D 403 -18.77 -17.62 -15.57
CA ILE D 403 -17.32 -17.56 -15.56
C ILE D 403 -16.86 -16.66 -14.42
N VAL D 404 -17.54 -15.55 -14.21
CA VAL D 404 -17.14 -14.65 -13.12
C VAL D 404 -17.32 -15.35 -11.78
N GLU D 405 -18.44 -16.05 -11.61
CA GLU D 405 -18.78 -16.66 -10.34
C GLU D 405 -17.67 -17.60 -9.90
N LEU D 406 -17.16 -18.36 -10.87
CA LEU D 406 -16.10 -19.34 -10.62
C LEU D 406 -14.75 -18.73 -10.45
N ALA D 407 -14.48 -17.66 -11.18
CA ALA D 407 -13.20 -16.98 -11.09
C ALA D 407 -12.96 -16.39 -9.70
N GLU D 408 -14.05 -16.02 -9.02
CA GLU D 408 -13.99 -15.34 -7.72
C GLU D 408 -14.68 -16.14 -6.62
N ASP D 409 -14.91 -17.42 -6.89
CA ASP D 409 -15.42 -18.39 -5.91
C ASP D 409 -14.42 -18.54 -4.78
N ALA D 410 -14.91 -18.87 -3.59
CA ALA D 410 -14.07 -18.88 -2.38
C ALA D 410 -13.04 -20.01 -2.37
N LYS D 411 -13.47 -21.23 -2.69
CA LYS D 411 -12.57 -22.39 -2.70
C LYS D 411 -11.52 -22.28 -3.83
N TRP D 412 -10.26 -22.17 -3.45
CA TRP D 412 -9.24 -21.80 -4.41
C TRP D 412 -9.08 -22.84 -5.52
N ARG D 413 -9.32 -24.11 -5.20
CA ARG D 413 -9.26 -25.14 -6.23
C ARG D 413 -10.35 -25.00 -7.27
N VAL D 414 -11.49 -24.39 -6.92
CA VAL D 414 -12.48 -24.03 -7.93
C VAL D 414 -11.86 -22.98 -8.85
N ARG D 415 -11.47 -21.84 -8.29
CA ARG D 415 -10.68 -20.82 -9.00
C ARG D 415 -9.61 -21.44 -9.93
N LEU D 416 -8.84 -22.37 -9.41
CA LEU D 416 -7.80 -23.01 -10.20
C LEU D 416 -8.37 -23.75 -11.41
N ALA D 417 -9.54 -24.34 -11.24
CA ALA D 417 -10.13 -25.20 -12.27
C ALA D 417 -10.57 -24.35 -13.47
N ILE D 418 -11.16 -23.19 -13.19
CA ILE D 418 -11.52 -22.25 -14.26
C ILE D 418 -10.28 -21.62 -14.95
N ILE D 419 -9.25 -21.29 -14.19
CA ILE D 419 -8.02 -20.80 -14.82
C ILE D 419 -7.52 -21.83 -15.82
N GLU D 420 -7.50 -23.09 -15.42
CA GLU D 420 -6.94 -24.12 -16.25
C GLU D 420 -7.69 -24.15 -17.56
N TYR D 421 -8.99 -23.84 -17.52
CA TYR D 421 -9.81 -23.83 -18.74
C TYR D 421 -9.79 -22.52 -19.53
N MSE D 422 -9.13 -21.47 -19.01
CA MSE D 422 -9.34 -20.10 -19.52
C MSE D 422 -8.82 -19.83 -20.92
O MSE D 422 -9.46 -19.12 -21.70
CB MSE D 422 -8.79 -19.09 -18.53
CG MSE D 422 -8.94 -17.62 -19.00
SE MSE D 422 -10.81 -17.09 -19.41
CE MSE D 422 -11.24 -15.90 -17.91
N PRO D 423 -7.66 -20.38 -21.27
CA PRO D 423 -7.21 -20.17 -22.63
C PRO D 423 -8.14 -20.76 -23.71
N LEU D 424 -8.75 -21.92 -23.46
CA LEU D 424 -9.69 -22.48 -24.44
C LEU D 424 -10.91 -21.55 -24.63
N LEU D 425 -11.45 -21.02 -23.54
CA LEU D 425 -12.60 -20.12 -23.59
C LEU D 425 -12.33 -18.78 -24.28
N ALA D 426 -11.18 -18.19 -23.97
CA ALA D 426 -10.67 -17.04 -24.71
C ALA D 426 -10.64 -17.34 -26.22
N GLY D 427 -10.10 -18.48 -26.58
CA GLY D 427 -10.04 -18.86 -27.99
C GLY D 427 -11.43 -18.82 -28.59
N GLN D 428 -12.38 -19.42 -27.90
CA GLN D 428 -13.72 -19.64 -28.44
C GLN D 428 -14.61 -18.39 -28.42
N LEU D 429 -14.39 -17.52 -27.46
CA LEU D 429 -15.10 -16.24 -27.44
C LEU D 429 -14.43 -15.17 -28.30
N GLY D 430 -13.12 -15.31 -28.54
CA GLY D 430 -12.37 -14.40 -29.39
C GLY D 430 -11.75 -13.23 -28.65
N VAL D 431 -10.66 -12.70 -29.19
CA VAL D 431 -9.86 -11.67 -28.53
C VAL D 431 -10.65 -10.44 -28.07
N GLU D 432 -11.69 -10.08 -28.80
CA GLU D 432 -12.43 -8.83 -28.56
C GLU D 432 -13.22 -8.93 -27.29
N PHE D 433 -13.95 -10.04 -27.17
CA PHE D 433 -14.77 -10.32 -26.02
C PHE D 433 -13.88 -10.51 -24.79
N PHE D 434 -12.77 -11.21 -24.98
CA PHE D 434 -11.83 -11.39 -23.90
C PHE D 434 -11.38 -10.03 -23.41
N ASP D 435 -10.85 -9.22 -24.33
CA ASP D 435 -10.31 -7.90 -24.01
C ASP D 435 -11.29 -7.03 -23.21
N GLU D 436 -12.58 -7.17 -23.51
CA GLU D 436 -13.62 -6.32 -22.97
C GLU D 436 -14.19 -6.86 -21.67
N LYS D 437 -14.26 -8.19 -21.54
CA LYS D 437 -15.01 -8.79 -20.42
C LYS D 437 -14.24 -9.73 -19.48
N LEU D 438 -13.07 -10.23 -19.90
CA LEU D 438 -12.35 -11.29 -19.19
C LEU D 438 -10.97 -10.87 -18.69
N ASN D 439 -10.24 -10.12 -19.50
CA ASN D 439 -8.88 -9.70 -19.15
C ASN D 439 -8.74 -9.26 -17.69
N SER D 440 -9.71 -8.53 -17.17
CA SER D 440 -9.58 -7.98 -15.83
C SER D 440 -9.81 -9.07 -14.76
N LEU D 441 -10.46 -10.14 -15.19
CA LEU D 441 -10.59 -11.36 -14.41
C LEU D 441 -9.21 -12.04 -14.35
N CYS D 442 -8.58 -12.20 -15.50
CA CYS D 442 -7.25 -12.82 -15.55
C CYS D 442 -6.24 -12.01 -14.77
N MSE D 443 -6.42 -10.69 -14.80
CA MSE D 443 -5.51 -9.74 -14.13
C MSE D 443 -5.64 -9.89 -12.64
O MSE D 443 -4.63 -9.95 -11.95
CB MSE D 443 -5.77 -8.31 -14.62
CG MSE D 443 -4.52 -7.64 -15.20
SE MSE D 443 -3.75 -8.58 -16.75
CE MSE D 443 -1.88 -8.66 -16.19
N ALA D 444 -6.88 -9.99 -12.13
CA ALA D 444 -7.11 -10.16 -10.68
C ALA D 444 -6.48 -11.45 -10.11
N TRP D 445 -6.57 -12.56 -10.86
CA TRP D 445 -5.92 -13.80 -10.42
C TRP D 445 -4.46 -13.63 -10.18
N LEU D 446 -3.79 -12.81 -10.98
CA LEU D 446 -2.36 -12.58 -10.75
C LEU D 446 -2.11 -12.03 -9.37
N VAL D 447 -3.13 -11.47 -8.75
CA VAL D 447 -2.90 -10.78 -7.51
C VAL D 447 -3.72 -11.46 -6.37
N ASP D 448 -4.07 -12.73 -6.61
CA ASP D 448 -4.80 -13.58 -5.68
C ASP D 448 -3.99 -13.85 -4.43
N HIS D 449 -4.70 -14.03 -3.31
CA HIS D 449 -4.03 -14.31 -2.04
C HIS D 449 -3.23 -15.62 -1.97
N VAL D 450 -3.71 -16.62 -2.70
CA VAL D 450 -3.15 -17.97 -2.72
C VAL D 450 -2.10 -18.12 -3.83
N TYR D 451 -0.86 -18.45 -3.45
CA TYR D 451 0.25 -18.51 -4.40
C TYR D 451 -0.04 -19.41 -5.61
N ALA D 452 -0.69 -20.52 -5.38
CA ALA D 452 -0.96 -21.47 -6.46
C ALA D 452 -1.92 -20.90 -7.50
N ILE D 453 -2.79 -19.98 -7.09
CA ILE D 453 -3.62 -19.29 -8.07
C ILE D 453 -2.79 -18.32 -8.91
N ARG D 454 -1.95 -17.54 -8.24
CA ARG D 454 -1.03 -16.66 -8.93
C ARG D 454 -0.13 -17.38 -9.94
N GLU D 455 0.34 -18.56 -9.56
CA GLU D 455 1.21 -19.37 -10.40
C GLU D 455 0.48 -19.87 -11.61
N ALA D 456 -0.77 -20.30 -11.43
CA ALA D 456 -1.59 -20.78 -12.53
C ALA D 456 -2.01 -19.61 -13.42
N ALA D 457 -2.24 -18.45 -12.80
CA ALA D 457 -2.52 -17.22 -13.54
C ALA D 457 -1.32 -16.80 -14.39
N THR D 458 -0.13 -17.04 -13.87
CA THR D 458 1.09 -16.72 -14.58
C THR D 458 1.23 -17.59 -15.83
N SER D 459 1.15 -18.90 -15.62
CA SER D 459 1.05 -19.85 -16.73
C SER D 459 0.04 -19.40 -17.73
N ASN D 460 -1.13 -19.00 -17.21
CA ASN D 460 -2.28 -18.68 -18.04
C ASN D 460 -1.91 -17.64 -19.10
N LEU D 461 -1.08 -16.68 -18.72
CA LEU D 461 -0.62 -15.64 -19.63
C LEU D 461 0.13 -16.17 -20.83
N LYS D 462 1.12 -17.04 -20.63
CA LYS D 462 1.83 -17.56 -21.80
C LYS D 462 0.85 -18.21 -22.80
N LYS D 463 -0.17 -18.90 -22.30
CA LYS D 463 -1.08 -19.65 -23.17
C LYS D 463 -1.98 -18.71 -23.95
N LEU D 464 -2.31 -17.58 -23.35
CA LEU D 464 -3.09 -16.56 -24.03
C LEU D 464 -2.24 -15.92 -25.12
N VAL D 465 -1.01 -15.60 -24.78
CA VAL D 465 -0.08 -15.07 -25.77
C VAL D 465 0.03 -16.05 -26.95
N GLU D 466 -0.04 -17.35 -26.71
CA GLU D 466 -0.05 -18.30 -27.81
C GLU D 466 -1.33 -18.25 -28.64
N LYS D 467 -2.50 -18.15 -28.00
CA LYS D 467 -3.77 -18.05 -28.73
C LYS D 467 -3.83 -16.80 -29.61
N PHE D 468 -3.70 -15.62 -28.98
CA PHE D 468 -3.67 -14.30 -29.63
C PHE D 468 -2.20 -13.89 -29.82
N GLY D 469 -1.90 -12.74 -30.38
CA GLY D 469 -0.50 -12.44 -30.68
C GLY D 469 0.40 -12.06 -29.51
N LYS D 470 1.70 -11.90 -29.79
CA LYS D 470 2.60 -11.18 -28.90
C LYS D 470 2.32 -9.66 -28.97
N GLU D 471 1.88 -9.20 -30.13
CA GLU D 471 1.55 -7.79 -30.32
C GLU D 471 0.45 -7.47 -29.34
N TRP D 472 -0.57 -8.31 -29.34
CA TRP D 472 -1.67 -8.18 -28.36
C TRP D 472 -1.12 -8.22 -26.92
N ALA D 473 -0.21 -9.13 -26.64
CA ALA D 473 0.38 -9.22 -25.31
C ALA D 473 0.91 -7.87 -24.86
N HIS D 474 1.83 -7.30 -25.65
CA HIS D 474 2.37 -5.96 -25.41
C HIS D 474 1.27 -4.89 -25.24
N ALA D 475 0.29 -4.93 -26.13
CA ALA D 475 -0.80 -3.95 -26.09
C ALA D 475 -1.62 -4.08 -24.82
N THR D 476 -1.85 -5.32 -24.42
CA THR D 476 -3.01 -5.66 -23.64
C THR D 476 -2.66 -6.10 -22.22
N ILE D 477 -1.57 -6.85 -22.03
CA ILE D 477 -1.24 -7.38 -20.68
C ILE D 477 0.11 -6.97 -20.11
N ILE D 478 1.10 -6.72 -20.97
CA ILE D 478 2.43 -6.38 -20.49
C ILE D 478 2.46 -5.12 -19.62
N PRO D 479 1.65 -4.10 -19.95
CA PRO D 479 1.69 -2.93 -19.06
C PRO D 479 1.21 -3.25 -17.66
N LYS D 480 0.00 -3.81 -17.54
CA LYS D 480 -0.60 -4.13 -16.24
C LYS D 480 0.31 -5.07 -15.44
N VAL D 481 0.97 -5.99 -16.15
CA VAL D 481 2.02 -6.81 -15.55
C VAL D 481 3.16 -5.96 -15.00
N LEU D 482 3.73 -5.10 -15.85
CA LEU D 482 4.79 -4.19 -15.41
C LEU D 482 4.33 -3.33 -14.23
N ALA D 483 3.05 -2.98 -14.20
CA ALA D 483 2.49 -2.15 -13.14
C ALA D 483 2.46 -2.83 -11.79
N MSE D 484 2.81 -4.11 -11.72
CA MSE D 484 2.84 -4.81 -10.43
C MSE D 484 4.16 -4.67 -9.74
O MSE D 484 4.27 -4.96 -8.56
CB MSE D 484 2.58 -6.29 -10.62
CG MSE D 484 1.12 -6.62 -10.91
SE MSE D 484 0.90 -8.57 -10.62
CE MSE D 484 2.30 -9.19 -11.89
N SER D 485 5.19 -4.20 -10.44
CA SER D 485 6.53 -4.05 -9.84
C SER D 485 6.60 -2.89 -8.86
N GLY D 486 5.48 -2.21 -8.67
CA GLY D 486 5.33 -1.22 -7.61
C GLY D 486 4.33 -1.63 -6.56
N ASP D 487 3.87 -2.87 -6.58
CA ASP D 487 3.01 -3.38 -5.51
C ASP D 487 3.76 -3.33 -4.16
N PRO D 488 3.10 -2.83 -3.11
CA PRO D 488 3.71 -2.77 -1.78
C PRO D 488 4.29 -4.09 -1.27
N ASN D 489 3.59 -5.19 -1.60
CA ASN D 489 3.90 -6.56 -1.17
C ASN D 489 4.89 -7.27 -2.09
N TYR D 490 6.01 -7.73 -1.54
CA TYR D 490 7.00 -8.42 -2.37
C TYR D 490 6.46 -9.69 -3.03
N LEU D 491 5.44 -10.31 -2.43
CA LEU D 491 4.82 -11.49 -3.03
C LEU D 491 4.29 -11.16 -4.39
N HIS D 492 3.72 -9.96 -4.55
CA HIS D 492 3.14 -9.53 -5.83
C HIS D 492 4.19 -8.98 -6.80
N ARG D 493 5.30 -8.48 -6.26
CA ARG D 493 6.38 -7.98 -7.09
C ARG D 493 7.11 -9.12 -7.75
N MSE D 494 7.38 -10.19 -7.01
CA MSE D 494 8.07 -11.35 -7.60
C MSE D 494 7.22 -11.91 -8.69
O MSE D 494 7.73 -12.47 -9.67
CB MSE D 494 8.30 -12.42 -6.54
CG MSE D 494 9.43 -12.01 -5.63
SE MSE D 494 9.83 -13.45 -4.34
CE MSE D 494 8.09 -13.35 -3.40
N THR D 495 5.90 -11.77 -8.54
CA THR D 495 4.97 -12.20 -9.57
C THR D 495 5.26 -11.55 -10.91
N THR D 496 5.73 -10.32 -10.89
CA THR D 496 6.07 -9.61 -12.13
C THR D 496 7.21 -10.31 -12.86
N LEU D 497 8.31 -10.58 -12.15
CA LEU D 497 9.42 -11.36 -12.70
C LEU D 497 8.99 -12.74 -13.23
N PHE D 498 8.04 -13.35 -12.54
CA PHE D 498 7.64 -14.70 -12.87
C PHE D 498 6.91 -14.64 -14.19
N CYS D 499 6.05 -13.64 -14.34
CA CYS D 499 5.40 -13.40 -15.61
C CYS D 499 6.39 -13.15 -16.72
N ILE D 500 7.37 -12.31 -16.45
CA ILE D 500 8.37 -12.01 -17.45
C ILE D 500 9.13 -13.26 -17.87
N ASN D 501 9.28 -14.22 -16.97
CA ASN D 501 9.96 -15.45 -17.31
C ASN D 501 9.20 -16.22 -18.38
N VAL D 502 7.91 -16.43 -18.15
CA VAL D 502 7.11 -17.23 -19.09
C VAL D 502 6.90 -16.45 -20.38
N LEU D 503 6.69 -15.14 -20.30
CA LEU D 503 6.34 -14.37 -21.49
C LEU D 503 7.51 -14.19 -22.46
N SER D 504 8.73 -14.15 -21.94
CA SER D 504 9.92 -14.04 -22.78
C SER D 504 9.98 -15.16 -23.82
N GLU D 505 9.72 -16.39 -23.35
CA GLU D 505 9.63 -17.61 -24.20
C GLU D 505 8.84 -17.36 -25.49
N VAL D 506 7.78 -16.56 -25.44
CA VAL D 506 6.89 -16.42 -26.59
C VAL D 506 6.82 -15.02 -27.21
N CYS D 507 7.30 -14.01 -26.51
CA CYS D 507 7.15 -12.64 -27.02
C CYS D 507 8.23 -12.26 -28.03
N GLY D 508 9.34 -13.00 -28.05
CA GLY D 508 10.40 -12.74 -29.02
C GLY D 508 11.43 -11.73 -28.51
N GLN D 509 12.64 -11.82 -29.06
CA GLN D 509 13.79 -11.04 -28.58
C GLN D 509 13.50 -9.55 -28.44
N ASP D 510 12.69 -9.01 -29.32
CA ASP D 510 12.58 -7.57 -29.42
C ASP D 510 11.77 -6.92 -28.30
N ILE D 511 10.50 -7.31 -28.18
CA ILE D 511 9.61 -6.87 -27.09
C ILE D 511 10.24 -7.15 -25.71
N THR D 512 10.89 -8.30 -25.59
CA THR D 512 11.58 -8.67 -24.35
C THR D 512 12.68 -7.68 -24.01
N THR D 513 13.52 -7.42 -25.00
CA THR D 513 14.68 -6.54 -24.83
C THR D 513 14.24 -5.13 -24.50
N LYS D 514 13.25 -4.62 -25.22
CA LYS D 514 12.90 -3.21 -25.09
C LYS D 514 11.81 -2.90 -24.06
N HIS D 515 10.96 -3.87 -23.72
CA HIS D 515 9.81 -3.61 -22.83
C HIS D 515 9.71 -4.46 -21.56
N MSE D 516 10.52 -5.50 -21.45
CA MSE D 516 10.61 -6.28 -20.20
C MSE D 516 11.94 -6.08 -19.50
O MSE D 516 11.98 -5.76 -18.31
CB MSE D 516 10.40 -7.75 -20.53
CG MSE D 516 8.95 -8.00 -20.93
SE MSE D 516 8.61 -9.88 -21.40
CE MSE D 516 6.73 -9.62 -20.92
N LEU D 517 13.02 -6.27 -20.23
CA LEU D 517 14.36 -6.14 -19.65
C LEU D 517 14.62 -4.91 -18.81
N PRO D 518 14.12 -3.73 -19.22
CA PRO D 518 14.39 -2.54 -18.36
C PRO D 518 13.86 -2.71 -16.94
N THR D 519 12.56 -3.04 -16.82
CA THR D 519 11.90 -3.26 -15.53
C THR D 519 12.66 -4.24 -14.64
N VAL D 520 13.11 -5.34 -15.23
CA VAL D 520 13.83 -6.37 -14.49
C VAL D 520 15.12 -5.81 -13.87
N LEU D 521 15.93 -5.18 -14.70
CA LEU D 521 17.13 -4.44 -14.28
C LEU D 521 16.84 -3.36 -13.23
N ARG D 522 15.76 -2.63 -13.43
CA ARG D 522 15.36 -1.58 -12.48
C ARG D 522 15.05 -2.18 -11.09
N MSE D 523 14.55 -3.42 -11.08
CA MSE D 523 14.18 -4.11 -9.83
C MSE D 523 15.34 -4.70 -9.09
O MSE D 523 15.17 -5.25 -8.00
CB MSE D 523 13.19 -5.23 -10.13
CG MSE D 523 11.82 -4.68 -10.51
SE MSE D 523 10.63 -6.18 -10.97
CE MSE D 523 9.52 -6.11 -9.34
N ALA D 524 16.55 -4.61 -9.65
CA ALA D 524 17.72 -5.15 -8.96
C ALA D 524 18.05 -4.29 -7.77
N GLY D 525 17.40 -3.14 -7.66
CA GLY D 525 17.57 -2.27 -6.50
C GLY D 525 16.42 -2.35 -5.52
N ASP D 526 15.67 -3.44 -5.58
CA ASP D 526 14.53 -3.61 -4.70
C ASP D 526 15.05 -3.79 -3.29
N PRO D 527 14.37 -3.16 -2.29
CA PRO D 527 14.73 -3.26 -0.87
C PRO D 527 14.78 -4.68 -0.26
N VAL D 528 14.11 -5.65 -0.91
CA VAL D 528 13.93 -7.02 -0.42
C VAL D 528 14.75 -8.03 -1.24
N ALA D 529 15.60 -8.80 -0.56
CA ALA D 529 16.52 -9.75 -1.22
C ALA D 529 15.81 -10.75 -2.13
N ASN D 530 14.62 -11.17 -1.71
CA ASN D 530 13.83 -12.15 -2.41
C ASN D 530 13.53 -11.72 -3.82
N VAL D 531 13.29 -10.43 -3.99
CA VAL D 531 13.03 -9.84 -5.30
C VAL D 531 14.35 -9.76 -6.04
N ARG D 532 15.38 -9.26 -5.36
CA ARG D 532 16.67 -9.06 -5.99
C ARG D 532 17.26 -10.36 -6.51
N PHE D 533 17.23 -11.43 -5.72
CA PHE D 533 17.78 -12.68 -6.23
C PHE D 533 16.86 -13.27 -7.30
N ASN D 534 15.59 -12.88 -7.30
CA ASN D 534 14.74 -13.31 -8.40
C ASN D 534 15.02 -12.56 -9.68
N VAL D 535 15.54 -11.35 -9.57
CA VAL D 535 16.10 -10.67 -10.73
C VAL D 535 17.29 -11.46 -11.28
N ALA D 536 18.22 -11.85 -10.41
CA ALA D 536 19.33 -12.67 -10.87
C ALA D 536 18.85 -13.93 -11.64
N LYS D 537 17.92 -14.68 -11.05
CA LYS D 537 17.37 -15.90 -11.70
C LYS D 537 16.59 -15.57 -12.97
N SER D 538 15.89 -14.44 -12.96
CA SER D 538 15.12 -14.03 -14.12
C SER D 538 16.03 -13.73 -15.32
N LEU D 539 17.13 -13.02 -15.07
CA LEU D 539 18.08 -12.67 -16.14
C LEU D 539 18.66 -13.92 -16.72
N GLN D 540 19.12 -14.83 -15.87
CA GLN D 540 19.61 -16.13 -16.35
C GLN D 540 18.58 -16.82 -17.25
N LYS D 541 17.32 -16.72 -16.86
CA LYS D 541 16.26 -17.43 -17.57
C LYS D 541 16.05 -16.84 -18.96
N ILE D 542 16.00 -15.50 -19.03
CA ILE D 542 15.76 -14.76 -20.27
C ILE D 542 17.01 -14.47 -21.12
N GLY D 543 18.20 -14.71 -20.56
CA GLY D 543 19.48 -14.50 -21.25
C GLY D 543 19.59 -14.98 -22.69
N PRO D 544 19.48 -16.31 -22.93
CA PRO D 544 19.64 -16.86 -24.30
C PRO D 544 18.72 -16.28 -25.40
N ILE D 545 17.77 -15.44 -25.02
CA ILE D 545 16.88 -14.81 -25.98
C ILE D 545 17.45 -13.43 -26.35
N LEU D 546 18.16 -12.80 -25.42
CA LEU D 546 18.77 -11.46 -25.64
C LEU D 546 19.98 -11.54 -26.58
N ASP D 547 20.64 -10.40 -26.79
CA ASP D 547 21.78 -10.35 -27.69
C ASP D 547 23.07 -9.84 -27.06
N ASN D 548 24.17 -10.47 -27.44
CA ASN D 548 25.48 -10.18 -26.88
C ASN D 548 25.75 -8.72 -26.57
N SER D 549 25.33 -7.82 -27.44
CA SER D 549 25.59 -6.38 -27.20
C SER D 549 24.99 -5.93 -25.88
N THR D 550 23.68 -6.19 -25.72
CA THR D 550 22.94 -5.76 -24.53
C THR D 550 23.16 -6.69 -23.31
N LEU D 551 23.38 -7.98 -23.57
CA LEU D 551 23.92 -8.90 -22.54
C LEU D 551 25.23 -8.39 -21.90
N GLN D 552 26.08 -7.73 -22.69
CA GLN D 552 27.40 -7.26 -22.21
C GLN D 552 27.29 -5.89 -21.55
N SER D 553 26.45 -5.06 -22.13
CA SER D 553 26.44 -3.63 -21.83
C SER D 553 25.38 -3.24 -20.82
N GLU D 554 24.29 -4.01 -20.75
CA GLU D 554 23.26 -3.77 -19.73
C GLU D 554 23.12 -4.86 -18.65
N VAL D 555 23.48 -6.10 -18.99
CA VAL D 555 23.22 -7.23 -18.10
C VAL D 555 24.43 -7.54 -17.21
N LYS D 556 25.58 -7.85 -17.81
CA LYS D 556 26.80 -8.08 -17.03
C LYS D 556 26.93 -7.06 -15.87
N PRO D 557 26.85 -5.74 -16.14
CA PRO D 557 27.05 -4.82 -15.02
C PRO D 557 26.15 -5.06 -13.81
N ILE D 558 24.85 -5.22 -14.03
CA ILE D 558 23.88 -5.40 -12.94
C ILE D 558 24.13 -6.70 -12.14
N LEU D 559 24.39 -7.79 -12.84
CA LEU D 559 24.75 -9.04 -12.18
C LEU D 559 25.96 -8.83 -11.30
N GLU D 560 26.97 -8.13 -11.81
CA GLU D 560 28.20 -7.90 -11.07
C GLU D 560 27.88 -7.04 -9.84
N LYS D 561 27.01 -6.07 -9.99
CA LYS D 561 26.53 -5.24 -8.87
C LYS D 561 25.90 -6.14 -7.78
N LEU D 562 25.08 -7.09 -8.22
CA LEU D 562 24.40 -8.03 -7.32
C LEU D 562 25.36 -9.04 -6.66
N THR D 563 26.49 -9.36 -7.29
CA THR D 563 27.44 -10.26 -6.67
C THR D 563 28.08 -9.67 -5.40
N GLN D 564 27.79 -8.40 -5.09
CA GLN D 564 28.26 -7.77 -3.85
C GLN D 564 27.07 -7.21 -3.06
N ASP D 565 25.98 -7.95 -3.07
CA ASP D 565 24.83 -7.65 -2.23
C ASP D 565 25.14 -8.10 -0.79
N GLN D 566 24.49 -7.47 0.20
CA GLN D 566 24.60 -7.93 1.59
C GLN D 566 24.23 -9.43 1.71
N ASP D 567 23.20 -9.83 0.99
CA ASP D 567 22.54 -11.10 1.19
C ASP D 567 23.16 -12.20 0.34
N VAL D 568 23.40 -13.34 0.99
CA VAL D 568 24.16 -14.47 0.44
C VAL D 568 23.45 -15.15 -0.75
N ASP D 569 22.13 -15.13 -0.71
CA ASP D 569 21.32 -15.76 -1.73
C ASP D 569 21.36 -14.97 -3.03
N VAL D 570 21.34 -13.63 -2.94
CA VAL D 570 21.42 -12.80 -4.14
C VAL D 570 22.80 -12.91 -4.76
N LYS D 571 23.84 -12.89 -3.92
CA LYS D 571 25.21 -13.16 -4.38
C LYS D 571 25.30 -14.47 -5.14
N TYR D 572 24.78 -15.54 -4.53
CA TYR D 572 24.83 -16.87 -5.13
C TYR D 572 24.17 -16.93 -6.49
N PHE D 573 22.94 -16.45 -6.58
CA PHE D 573 22.19 -16.57 -7.83
C PHE D 573 22.69 -15.64 -8.93
N ALA D 574 23.17 -14.44 -8.58
CA ALA D 574 23.83 -13.57 -9.55
C ALA D 574 25.09 -14.25 -10.11
N GLN D 575 25.99 -14.63 -9.21
CA GLN D 575 27.13 -15.47 -9.56
C GLN D 575 26.77 -16.62 -10.54
N GLU D 576 25.72 -17.36 -10.23
CA GLU D 576 25.28 -18.50 -11.04
C GLU D 576 24.89 -18.05 -12.47
N ALA D 577 24.20 -16.92 -12.59
CA ALA D 577 23.75 -16.44 -13.89
C ALA D 577 24.96 -16.13 -14.76
N LEU D 578 25.88 -15.33 -14.22
CA LEU D 578 27.14 -15.01 -14.90
C LEU D 578 27.76 -16.25 -15.48
N THR D 579 27.84 -17.29 -14.68
CA THR D 579 28.42 -18.55 -15.15
C THR D 579 27.59 -19.22 -16.25
N VAL D 580 26.27 -19.31 -16.05
CA VAL D 580 25.42 -20.04 -16.99
C VAL D 580 25.24 -19.29 -18.29
N LEU D 581 25.33 -17.96 -18.23
CA LEU D 581 25.33 -17.11 -19.43
C LEU D 581 26.74 -16.83 -20.02
N SER D 582 27.79 -17.35 -19.40
CA SER D 582 29.18 -17.21 -19.90
C SER D 582 29.60 -15.74 -19.92
N LEU D 583 29.50 -15.07 -18.77
CA LEU D 583 29.89 -13.67 -18.59
C LEU D 583 30.88 -13.47 -17.44
N ALA D 584 31.39 -14.57 -16.85
CA ALA D 584 32.16 -14.48 -15.59
C ALA D 584 33.58 -13.90 -15.78
N GLY E 1 38.18 -67.34 -21.29
CA GLY E 1 37.22 -66.88 -20.25
C GLY E 1 35.99 -67.76 -20.18
N SER E 2 34.82 -67.14 -20.05
CA SER E 2 33.54 -67.82 -19.99
C SER E 2 33.56 -68.85 -18.87
N SER E 3 34.03 -70.06 -19.18
CA SER E 3 34.20 -71.10 -18.18
C SER E 3 35.28 -70.72 -17.16
N GLN E 4 36.23 -69.87 -17.54
CA GLN E 4 37.32 -69.48 -16.64
C GLN E 4 36.95 -68.27 -15.80
N SER E 5 36.64 -67.15 -16.45
CA SER E 5 36.30 -65.92 -15.72
C SER E 5 35.00 -66.07 -14.95
N ILE E 6 34.11 -66.92 -15.44
CA ILE E 6 32.88 -67.25 -14.71
C ILE E 6 32.90 -68.73 -14.32
N PRO E 7 33.47 -69.02 -13.14
CA PRO E 7 33.42 -70.39 -12.63
C PRO E 7 32.05 -70.77 -12.08
N THR E 8 31.90 -72.05 -11.81
CA THR E 8 30.64 -72.61 -11.41
C THR E 8 30.05 -71.88 -10.24
N PHE E 9 28.77 -71.54 -10.36
CA PHE E 9 28.02 -70.88 -9.30
C PHE E 9 26.75 -71.64 -8.89
N TYR E 10 26.29 -72.60 -9.71
CA TYR E 10 25.11 -73.39 -9.33
C TYR E 10 25.49 -74.68 -8.61
N PHE E 11 25.28 -74.65 -7.31
CA PHE E 11 25.53 -75.79 -6.45
C PHE E 11 24.18 -76.34 -6.04
N PRO E 12 23.73 -77.41 -6.73
CA PRO E 12 22.47 -78.04 -6.31
C PRO E 12 22.54 -78.43 -4.83
N ARG E 13 23.64 -79.11 -4.49
CA ARG E 13 23.79 -79.89 -3.26
C ARG E 13 24.35 -79.08 -2.10
N GLY E 14 25.03 -77.99 -2.44
CA GLY E 14 25.79 -77.18 -1.49
C GLY E 14 27.20 -76.95 -2.00
N ARG E 15 27.87 -75.96 -1.41
CA ARG E 15 29.24 -75.65 -1.80
C ARG E 15 30.16 -76.70 -1.18
N PRO E 16 31.00 -77.38 -2.00
CA PRO E 16 31.85 -78.45 -1.43
C PRO E 16 32.79 -77.95 -0.32
N SER E 19 35.42 -80.32 1.02
CA SER E 19 36.24 -81.28 1.77
C SER E 19 36.24 -81.06 3.30
N VAL E 20 35.44 -81.88 3.98
CA VAL E 20 35.51 -82.06 5.45
C VAL E 20 35.56 -83.57 5.69
N ASN E 21 36.72 -84.06 6.14
CA ASN E 21 37.23 -85.41 5.76
C ASN E 21 36.32 -86.64 5.98
N VAL E 22 35.78 -87.17 4.90
CA VAL E 22 34.80 -88.27 4.97
C VAL E 22 35.29 -89.49 5.75
N ASP E 23 36.45 -90.01 5.31
CA ASP E 23 37.10 -91.13 5.98
C ASP E 23 37.36 -90.82 7.45
N ALA E 24 37.77 -89.59 7.78
CA ALA E 24 37.89 -89.22 9.20
C ALA E 24 36.58 -89.42 9.92
N VAL E 25 35.51 -88.97 9.28
CA VAL E 25 34.19 -89.03 9.88
C VAL E 25 33.74 -90.48 10.02
N ILE E 26 33.76 -91.26 8.95
CA ILE E 26 33.24 -92.62 9.09
C ILE E 26 34.14 -93.42 10.08
N SER E 27 35.41 -93.06 10.14
CA SER E 27 36.34 -93.67 11.09
C SER E 27 35.92 -93.40 12.54
N LYS E 28 35.69 -92.13 12.86
CA LYS E 28 35.24 -91.76 14.20
C LYS E 28 33.92 -92.50 14.53
N ILE E 29 33.08 -92.67 13.51
CA ILE E 29 31.85 -93.42 13.66
C ILE E 29 32.15 -94.83 14.09
N GLU E 30 32.92 -95.55 13.26
CA GLU E 30 33.22 -96.98 13.51
C GLU E 30 33.83 -97.16 14.88
N SER E 31 34.66 -96.21 15.29
CA SER E 31 35.31 -96.24 16.59
C SER E 31 34.27 -96.15 17.72
N THR E 32 33.24 -95.35 17.48
CA THR E 32 32.16 -95.15 18.45
C THR E 32 31.23 -96.38 18.59
N PHE E 33 30.87 -97.00 17.47
CA PHE E 33 30.07 -98.24 17.51
C PHE E 33 30.83 -99.39 18.19
N ALA E 34 32.15 -99.28 18.22
CA ALA E 34 32.98 -100.26 18.89
C ALA E 34 32.67 -100.35 20.39
N ARG E 35 32.18 -99.27 21.00
CA ARG E 35 31.70 -99.31 22.39
C ARG E 35 30.40 -100.10 22.61
N PHE E 36 29.68 -100.43 21.54
CA PHE E 36 28.32 -100.93 21.70
C PHE E 36 28.25 -102.44 21.58
N PRO E 37 27.58 -103.10 22.54
CA PRO E 37 27.32 -104.52 22.43
C PRO E 37 26.90 -104.91 21.02
N HIS E 38 27.66 -105.82 20.41
CA HIS E 38 27.44 -106.30 19.05
C HIS E 38 27.57 -105.24 17.97
N GLU E 39 28.19 -104.11 18.30
CA GLU E 39 28.32 -102.97 17.37
C GLU E 39 26.99 -102.56 16.70
N ARG E 40 25.94 -102.58 17.53
CA ARG E 40 24.64 -102.06 17.19
C ARG E 40 24.28 -101.00 18.24
N ALA E 41 23.78 -99.86 17.78
CA ALA E 41 23.44 -98.78 18.68
C ALA E 41 21.94 -98.76 18.90
N THR E 42 21.52 -98.58 20.16
CA THR E 42 20.10 -98.41 20.51
C THR E 42 19.80 -96.92 20.48
N MSE E 43 18.58 -96.51 20.83
CA MSE E 43 18.24 -95.09 20.79
C MSE E 43 19.03 -94.39 21.86
O MSE E 43 19.47 -93.26 21.65
CB MSE E 43 16.72 -94.83 20.87
CG MSE E 43 16.34 -93.35 20.74
SE MSE E 43 16.91 -92.50 19.03
CE MSE E 43 15.11 -92.39 18.22
N ASP E 44 19.27 -95.06 22.98
CA ASP E 44 20.06 -94.48 24.10
C ASP E 44 21.53 -94.17 23.75
N ASP E 45 22.02 -94.70 22.64
CA ASP E 45 23.40 -94.51 22.23
C ASP E 45 23.56 -93.45 21.14
N MSE E 46 22.47 -92.89 20.64
CA MSE E 46 22.54 -92.05 19.45
C MSE E 46 23.07 -90.68 19.73
O MSE E 46 23.48 -90.00 18.79
CB MSE E 46 21.19 -91.96 18.75
CG MSE E 46 20.83 -93.28 18.07
SE MSE E 46 21.92 -93.55 16.46
CE MSE E 46 21.91 -95.47 16.77
N GLY E 47 23.05 -90.26 21.00
CA GLY E 47 23.79 -89.05 21.40
C GLY E 47 25.27 -89.15 20.99
N LEU E 48 25.89 -90.25 21.39
CA LEU E 48 27.28 -90.50 21.01
C LEU E 48 27.53 -90.55 19.49
N VAL E 49 26.64 -91.21 18.76
CA VAL E 49 26.79 -91.33 17.32
C VAL E 49 26.63 -89.96 16.65
N ALA E 50 25.69 -89.18 17.16
CA ALA E 50 25.38 -87.86 16.60
C ALA E 50 26.56 -86.92 16.73
N LYS E 51 27.21 -86.92 17.88
CA LYS E 51 28.46 -86.14 18.02
C LYS E 51 29.53 -86.65 17.04
N ALA E 52 29.64 -87.97 16.89
CA ALA E 52 30.64 -88.57 16.01
C ALA E 52 30.43 -88.21 14.55
N CYS E 53 29.24 -87.75 14.19
CA CYS E 53 28.96 -87.33 12.81
C CYS E 53 29.20 -85.81 12.60
N GLY E 54 29.61 -85.13 13.67
CA GLY E 54 29.72 -83.68 13.66
C GLY E 54 28.37 -83.00 13.64
N CYS E 55 27.43 -83.53 14.41
CA CYS E 55 26.03 -83.10 14.34
C CYS E 55 25.55 -82.63 15.68
N PRO E 56 24.59 -81.68 15.68
CA PRO E 56 24.00 -81.25 16.96
C PRO E 56 23.31 -82.42 17.63
N LEU E 57 23.22 -82.41 18.94
CA LEU E 57 22.77 -83.59 19.66
C LEU E 57 21.45 -84.11 19.13
N TYR E 58 20.52 -83.19 18.85
CA TYR E 58 19.12 -83.57 18.52
C TYR E 58 18.87 -83.99 17.07
N TRP E 59 19.91 -84.16 16.27
CA TRP E 59 19.76 -84.90 15.02
C TRP E 59 19.73 -86.40 15.33
N LYS E 60 19.79 -86.78 16.60
CA LYS E 60 19.91 -88.19 16.94
C LYS E 60 18.68 -89.01 16.56
N GLY E 61 17.48 -88.47 16.78
CA GLY E 61 16.23 -89.12 16.36
C GLY E 61 16.11 -89.37 14.84
N PRO E 62 16.31 -88.32 14.03
CA PRO E 62 16.39 -88.41 12.58
C PRO E 62 17.48 -89.32 12.02
N LEU E 63 18.63 -89.41 12.71
CA LEU E 63 19.75 -90.25 12.28
C LEU E 63 19.40 -91.73 12.51
N PHE E 64 18.94 -92.00 13.71
CA PHE E 64 18.42 -93.31 14.05
C PHE E 64 17.35 -93.77 13.05
N TYR E 65 16.36 -92.90 12.83
CA TYR E 65 15.19 -93.18 12.00
C TYR E 65 15.59 -93.33 10.56
N GLY E 66 16.52 -92.50 10.11
CA GLY E 66 17.06 -92.62 8.76
C GLY E 66 17.78 -93.95 8.53
N ALA E 67 18.52 -94.40 9.53
CA ALA E 67 19.23 -95.68 9.47
C ALA E 67 18.32 -96.89 9.63
N GLY E 68 17.04 -96.68 9.91
CA GLY E 68 16.08 -97.77 9.97
C GLY E 68 15.95 -98.29 11.38
N GLY E 69 16.56 -97.58 12.32
CA GLY E 69 16.63 -98.04 13.70
C GLY E 69 15.32 -98.39 14.38
N GLU E 70 14.28 -97.63 14.11
CA GLU E 70 12.99 -97.77 14.82
C GLU E 70 12.34 -99.17 14.61
N ARG E 71 12.67 -99.84 13.51
CA ARG E 71 12.13 -101.18 13.22
C ARG E 71 12.60 -102.34 14.13
N THR E 72 13.87 -102.34 14.55
CA THR E 72 14.40 -103.36 15.45
C THR E 72 14.60 -102.79 16.85
N GLY E 73 14.64 -101.47 16.96
CA GLY E 73 15.00 -100.82 18.20
C GLY E 73 16.49 -100.53 18.26
N SER E 74 17.23 -101.00 17.25
CA SER E 74 18.68 -100.79 17.16
C SER E 74 19.16 -100.86 15.72
N VAL E 75 20.38 -100.37 15.49
CA VAL E 75 20.95 -100.32 14.17
C VAL E 75 22.45 -100.66 14.14
N SER E 76 22.89 -101.32 13.06
CA SER E 76 24.28 -101.80 12.94
C SER E 76 25.22 -100.80 12.28
N VAL E 77 26.48 -100.80 12.70
CA VAL E 77 27.52 -99.96 12.07
C VAL E 77 27.49 -100.02 10.56
N HIS E 78 27.40 -101.22 10.00
CA HIS E 78 27.55 -101.32 8.57
C HIS E 78 26.47 -100.48 7.91
N LYS E 79 25.25 -100.61 8.43
CA LYS E 79 24.09 -99.94 7.87
C LYS E 79 24.19 -98.44 8.11
N PHE E 80 24.53 -98.07 9.36
CA PHE E 80 24.68 -96.67 9.70
C PHE E 80 25.69 -95.94 8.81
N VAL E 81 26.86 -96.54 8.67
CA VAL E 81 27.97 -95.96 7.93
C VAL E 81 27.67 -95.83 6.45
N ALA E 82 26.86 -96.74 5.90
CA ALA E 82 26.52 -96.70 4.48
C ALA E 82 25.53 -95.57 4.18
N MSE E 83 24.61 -95.33 5.10
CA MSE E 83 23.66 -94.25 4.94
C MSE E 83 24.38 -92.94 4.97
O MSE E 83 24.33 -92.18 4.01
CB MSE E 83 22.59 -94.30 6.02
CG MSE E 83 21.60 -93.15 5.85
SE MSE E 83 20.90 -92.72 7.63
CE MSE E 83 22.25 -91.45 8.24
N TRP E 84 25.06 -92.67 6.08
CA TRP E 84 25.75 -91.40 6.29
C TRP E 84 26.82 -91.12 5.25
N ARG E 85 27.46 -92.16 4.75
CA ARG E 85 28.41 -92.01 3.66
C ARG E 85 27.65 -91.44 2.47
N LYS E 86 26.61 -92.12 2.02
CA LYS E 86 25.76 -91.63 0.93
C LYS E 86 25.40 -90.14 1.13
N ILE E 87 24.97 -89.79 2.33
CA ILE E 87 24.61 -88.42 2.65
C ILE E 87 25.80 -87.46 2.51
N LEU E 88 26.96 -87.83 3.03
CA LEU E 88 28.15 -86.96 2.90
C LEU E 88 28.56 -86.71 1.46
N GLN E 89 28.31 -87.67 0.57
CA GLN E 89 28.64 -87.51 -0.85
C GLN E 89 27.77 -86.43 -1.46
N ASN E 90 26.51 -86.41 -1.06
CA ASN E 90 25.50 -85.68 -1.82
C ASN E 90 24.96 -84.42 -1.17
N CYS E 91 25.49 -84.06 -0.01
CA CYS E 91 24.90 -83.00 0.81
C CYS E 91 26.00 -82.30 1.61
N HIS E 92 26.29 -81.05 1.25
CA HIS E 92 27.47 -80.37 1.78
C HIS E 92 27.11 -79.20 2.68
N ASP E 93 26.04 -79.32 3.44
CA ASP E 93 25.38 -78.18 4.09
C ASP E 93 24.37 -78.76 5.07
N ASP E 94 24.44 -78.37 6.34
CA ASP E 94 23.41 -78.76 7.30
C ASP E 94 21.97 -78.91 6.74
N ALA E 95 21.54 -77.95 5.93
CA ALA E 95 20.18 -77.93 5.36
C ALA E 95 19.95 -79.13 4.45
N ALA E 96 20.81 -79.30 3.45
CA ALA E 96 20.77 -80.47 2.56
C ALA E 96 20.84 -81.80 3.35
N LYS E 97 21.75 -81.91 4.30
CA LYS E 97 21.84 -83.13 5.10
C LYS E 97 20.54 -83.41 5.82
N PHE E 98 19.98 -82.37 6.42
CA PHE E 98 18.77 -82.49 7.23
C PHE E 98 17.58 -82.90 6.36
N VAL E 99 17.39 -82.24 5.23
CA VAL E 99 16.32 -82.61 4.33
C VAL E 99 16.51 -84.07 3.97
N HIS E 100 17.65 -84.41 3.38
CA HIS E 100 17.93 -85.75 2.88
C HIS E 100 17.73 -86.80 3.94
N LEU E 101 17.90 -86.43 5.19
CA LEU E 101 17.69 -87.35 6.31
C LEU E 101 16.24 -87.64 6.65
N LEU E 102 15.38 -86.62 6.49
CA LEU E 102 13.99 -86.72 6.94
C LEU E 102 13.02 -87.04 5.81
N MSE E 103 13.44 -86.76 4.58
CA MSE E 103 12.57 -86.88 3.41
C MSE E 103 12.18 -88.26 2.99
O MSE E 103 12.82 -89.26 3.34
CB MSE E 103 13.28 -86.29 2.19
CG MSE E 103 14.39 -87.19 1.65
SE MSE E 103 15.36 -86.15 0.30
CE MSE E 103 15.49 -87.48 -1.15
N SER E 104 11.12 -88.31 2.21
CA SER E 104 10.70 -89.53 1.57
C SER E 104 11.55 -89.70 0.35
N PRO E 105 11.81 -90.94 -0.05
CA PRO E 105 12.72 -91.14 -1.16
C PRO E 105 12.26 -90.37 -2.37
N GLY E 106 13.19 -89.76 -3.09
CA GLY E 106 12.86 -89.06 -4.34
C GLY E 106 12.25 -87.71 -4.08
N CYS E 107 11.32 -87.62 -3.13
CA CYS E 107 10.57 -86.38 -2.88
C CYS E 107 11.49 -85.12 -2.91
N ASN E 108 12.50 -85.05 -2.06
CA ASN E 108 13.47 -83.92 -2.06
C ASN E 108 12.97 -82.61 -1.42
N TYR E 109 12.03 -82.75 -0.50
CA TYR E 109 11.54 -81.68 0.33
C TYR E 109 11.01 -82.33 1.60
N LEU E 110 10.56 -81.51 2.53
CA LEU E 110 9.92 -81.99 3.75
C LEU E 110 8.45 -81.57 3.85
N VAL E 111 7.62 -82.48 4.37
CA VAL E 111 6.20 -82.20 4.59
C VAL E 111 5.94 -82.42 6.06
N GLN E 112 4.78 -82.02 6.54
CA GLN E 112 4.58 -82.00 7.98
C GLN E 112 4.97 -83.32 8.65
N GLU E 113 4.42 -84.42 8.17
CA GLU E 113 4.61 -85.71 8.82
C GLU E 113 6.09 -86.11 8.98
N ASP E 114 6.91 -85.68 8.02
CA ASP E 114 8.37 -85.91 8.05
C ASP E 114 9.06 -85.40 9.32
N PHE E 115 8.48 -84.39 9.96
CA PHE E 115 9.06 -83.84 11.18
C PHE E 115 8.68 -84.60 12.44
N VAL E 116 7.82 -85.61 12.33
CA VAL E 116 7.29 -86.25 13.53
C VAL E 116 8.33 -87.09 14.30
N PRO E 117 9.20 -87.87 13.59
CA PRO E 117 10.21 -88.61 14.34
C PRO E 117 11.13 -87.66 15.09
N PHE E 118 11.64 -86.67 14.38
CA PHE E 118 12.43 -85.61 15.02
C PHE E 118 11.77 -85.06 16.27
N LEU E 119 10.53 -84.61 16.16
CA LEU E 119 9.85 -83.98 17.31
C LEU E 119 9.60 -84.93 18.47
N GLN E 120 9.28 -86.17 18.17
CA GLN E 120 9.06 -87.13 19.23
C GLN E 120 10.28 -87.42 20.08
N ASP E 121 11.46 -87.43 19.47
CA ASP E 121 12.67 -87.56 20.24
C ASP E 121 12.88 -86.36 21.13
N VAL E 122 12.55 -85.18 20.61
CA VAL E 122 12.74 -83.95 21.37
C VAL E 122 11.83 -83.97 22.58
N VAL E 123 10.61 -84.45 22.39
CA VAL E 123 9.67 -84.64 23.50
C VAL E 123 10.15 -85.73 24.45
N ASN E 124 10.79 -86.76 23.90
CA ASN E 124 11.24 -87.90 24.72
C ASN E 124 12.55 -87.70 25.45
N THR E 125 13.35 -86.72 25.04
CA THR E 125 14.70 -86.52 25.55
C THR E 125 14.90 -85.21 26.31
N HIS E 126 14.49 -84.09 25.74
CA HIS E 126 14.76 -82.82 26.36
C HIS E 126 14.20 -82.82 27.79
N PRO E 127 15.00 -82.37 28.77
CA PRO E 127 14.53 -82.32 30.17
C PRO E 127 13.33 -81.39 30.38
N GLY E 128 13.27 -80.32 29.59
CA GLY E 128 12.13 -79.38 29.61
C GLY E 128 10.79 -79.95 29.17
N LEU E 129 10.75 -81.13 28.55
CA LEU E 129 9.48 -81.76 28.13
C LEU E 129 9.21 -83.14 28.77
N SER E 130 10.00 -83.48 29.79
CA SER E 130 9.93 -84.82 30.39
C SER E 130 8.63 -85.07 31.12
N PHE E 131 7.97 -84.00 31.57
CA PHE E 131 6.62 -84.11 32.14
C PHE E 131 5.59 -84.55 31.11
N LEU E 132 5.89 -84.25 29.85
CA LEU E 132 5.01 -84.56 28.73
C LEU E 132 5.37 -85.90 28.07
N LYS E 133 6.55 -86.43 28.38
CA LYS E 133 7.02 -87.72 27.81
C LYS E 133 5.88 -88.69 27.55
N GLU E 134 5.06 -88.90 28.57
CA GLU E 134 3.88 -89.76 28.53
C GLU E 134 3.02 -89.58 27.24
N ALA E 135 2.47 -90.68 26.71
CA ALA E 135 1.49 -90.60 25.61
C ALA E 135 0.20 -89.97 26.14
N SER E 136 -0.36 -88.99 25.41
CA SER E 136 -1.51 -88.22 25.90
C SER E 136 -2.11 -87.30 24.82
N GLU E 137 -3.10 -86.50 25.21
CA GLU E 137 -3.63 -85.43 24.34
C GLU E 137 -2.52 -84.42 24.04
N PHE E 138 -2.01 -83.81 25.10
CA PHE E 138 -1.03 -82.74 24.97
C PHE E 138 0.11 -83.17 24.07
N HIS E 139 0.52 -84.43 24.21
CA HIS E 139 1.69 -84.98 23.53
C HIS E 139 1.61 -84.72 22.02
N SER E 140 0.57 -85.23 21.39
CA SER E 140 0.39 -85.10 19.94
C SER E 140 0.11 -83.67 19.53
N ARG E 141 -0.61 -82.98 20.42
CA ARG E 141 -1.07 -81.65 20.17
C ARG E 141 0.12 -80.67 20.17
N TYR E 142 1.09 -80.93 21.04
CA TYR E 142 2.31 -80.13 21.08
C TYR E 142 3.10 -80.30 19.76
N ILE E 143 3.34 -81.54 19.39
CA ILE E 143 3.97 -81.91 18.13
C ILE E 143 3.30 -81.22 16.96
N THR E 144 1.98 -81.32 16.86
CA THR E 144 1.26 -80.64 15.79
C THR E 144 1.57 -79.15 15.79
N THR E 145 1.54 -78.58 16.98
CA THR E 145 1.72 -77.14 17.13
C THR E 145 3.10 -76.69 16.72
N VAL E 146 4.13 -77.43 17.13
CA VAL E 146 5.50 -77.04 16.82
C VAL E 146 5.68 -77.11 15.31
N ILE E 147 5.22 -78.21 14.71
CA ILE E 147 5.27 -78.35 13.26
C ILE E 147 4.57 -77.18 12.58
N GLN E 148 3.38 -76.82 13.06
CA GLN E 148 2.70 -75.65 12.50
C GLN E 148 3.61 -74.42 12.53
N ARG E 149 4.21 -74.15 13.70
CA ARG E 149 5.13 -73.00 13.88
C ARG E 149 6.35 -73.10 12.98
N ILE E 150 6.80 -74.33 12.72
CA ILE E 150 7.94 -74.54 11.84
C ILE E 150 7.58 -74.06 10.47
N PHE E 151 6.41 -74.48 10.00
CA PHE E 151 5.98 -74.18 8.63
C PHE E 151 5.60 -72.70 8.45
N TYR E 152 4.89 -72.17 9.43
CA TYR E 152 4.64 -70.74 9.54
C TYR E 152 5.87 -69.92 9.20
N ALA E 153 7.00 -70.27 9.82
CA ALA E 153 8.22 -69.47 9.73
C ALA E 153 9.05 -69.80 8.50
N VAL E 154 9.10 -71.08 8.15
CA VAL E 154 10.09 -71.59 7.21
C VAL E 154 9.51 -71.67 5.80
N ASN E 155 8.25 -72.11 5.70
CA ASN E 155 7.59 -72.40 4.42
C ASN E 155 7.00 -71.14 3.77
N ARG E 156 7.84 -70.17 3.51
CA ARG E 156 7.35 -68.83 3.18
C ARG E 156 6.58 -68.79 1.86
N SER E 157 6.72 -69.86 1.06
CA SER E 157 6.03 -69.97 -0.24
C SER E 157 4.59 -70.47 -0.12
N TRP E 158 4.30 -71.19 0.96
CA TRP E 158 2.97 -71.72 1.30
C TRP E 158 2.64 -73.06 0.63
N SER E 159 3.51 -73.56 -0.23
CA SER E 159 3.40 -74.98 -0.64
C SER E 159 3.75 -75.73 0.61
N GLY E 160 2.96 -76.68 1.06
CA GLY E 160 3.38 -77.45 2.27
C GLY E 160 4.70 -78.27 2.14
N ARG E 161 5.70 -77.70 1.47
CA ARG E 161 6.95 -78.40 1.11
C ARG E 161 8.14 -77.55 1.46
N ILE E 162 8.88 -77.95 2.49
CA ILE E 162 10.00 -77.17 2.93
C ILE E 162 11.24 -77.62 2.18
N THR E 163 11.94 -76.62 1.64
CA THR E 163 13.05 -76.82 0.75
C THR E 163 14.37 -76.50 1.45
N CYS E 164 15.46 -77.10 0.95
CA CYS E 164 16.79 -76.78 1.46
C CYS E 164 16.95 -75.26 1.52
N ALA E 165 16.70 -74.60 0.39
CA ALA E 165 16.74 -73.13 0.32
C ALA E 165 15.93 -72.46 1.42
N GLU E 166 14.64 -72.80 1.51
CA GLU E 166 13.77 -72.23 2.55
C GLU E 166 14.35 -72.45 3.92
N LEU E 167 15.00 -73.59 4.10
CA LEU E 167 15.56 -73.99 5.39
C LEU E 167 16.86 -73.24 5.75
N ARG E 168 17.68 -72.92 4.75
CA ARG E 168 18.83 -72.05 4.98
C ARG E 168 18.45 -70.66 5.47
N ARG E 169 17.33 -70.13 4.97
CA ARG E 169 16.91 -68.75 5.28
C ARG E 169 16.27 -68.63 6.67
N SER E 170 15.83 -69.75 7.24
CA SER E 170 15.19 -69.69 8.54
C SER E 170 16.25 -69.77 9.60
N SER E 171 15.80 -69.68 10.83
CA SER E 171 16.65 -69.87 11.96
C SER E 171 16.38 -71.25 12.54
N PHE E 172 15.81 -72.16 11.75
CA PHE E 172 15.32 -73.39 12.36
C PHE E 172 16.44 -74.34 12.79
N LEU E 173 17.45 -74.50 11.94
CA LEU E 173 18.55 -75.41 12.27
C LEU E 173 19.32 -74.90 13.50
N GLN E 174 19.67 -73.62 13.49
CA GLN E 174 20.25 -72.93 14.65
C GLN E 174 19.45 -73.16 15.94
N ASN E 175 18.13 -73.26 15.84
CA ASN E 175 17.29 -73.60 17.00
C ASN E 175 17.46 -75.04 17.43
N VAL E 176 17.60 -75.95 16.47
CA VAL E 176 17.82 -77.36 16.81
C VAL E 176 19.13 -77.47 17.58
N ALA E 177 20.16 -76.76 17.10
CA ALA E 177 21.41 -76.63 17.84
C ALA E 177 21.17 -76.25 19.30
N LEU E 178 20.47 -75.14 19.52
CA LEU E 178 20.25 -74.62 20.86
C LEU E 178 19.51 -75.58 21.79
N LEU E 179 18.89 -76.63 21.27
CA LEU E 179 18.14 -77.51 22.16
C LEU E 179 19.00 -78.13 23.28
N GLU E 180 20.15 -78.71 22.91
CA GLU E 180 21.09 -79.27 23.91
C GLU E 180 21.61 -78.22 24.87
N GLU E 181 21.64 -76.95 24.44
CA GLU E 181 22.12 -75.89 25.31
C GLU E 181 21.07 -75.40 26.32
N GLU E 182 20.03 -74.68 25.92
CA GLU E 182 19.04 -74.21 26.90
C GLU E 182 18.20 -75.37 27.43
N ALA E 183 18.11 -75.50 28.75
CA ALA E 183 17.34 -76.59 29.39
C ALA E 183 15.92 -76.16 29.72
N ASP E 184 15.69 -74.86 29.85
CA ASP E 184 14.33 -74.32 29.95
C ASP E 184 13.85 -74.11 28.54
N ILE E 185 12.93 -74.96 28.11
CA ILE E 185 12.48 -74.94 26.73
C ILE E 185 11.72 -73.65 26.33
N ASN E 186 11.29 -72.87 27.32
CA ASN E 186 10.62 -71.59 27.08
C ASN E 186 11.54 -70.42 26.68
N GLN E 187 12.85 -70.60 26.79
CA GLN E 187 13.80 -69.65 26.20
C GLN E 187 13.82 -69.77 24.68
N LEU E 188 13.46 -70.95 24.19
CA LEU E 188 13.41 -71.22 22.76
C LEU E 188 12.06 -70.78 22.26
N THR E 189 11.93 -69.48 22.09
CA THR E 189 10.63 -68.84 21.85
C THR E 189 10.07 -69.11 20.47
N GLU E 190 10.95 -69.22 19.48
CA GLU E 190 10.56 -69.22 18.06
C GLU E 190 9.83 -70.46 17.51
N PHE E 191 9.97 -71.61 18.18
CA PHE E 191 9.37 -72.87 17.70
C PHE E 191 8.96 -73.81 18.82
N PHE E 192 9.86 -74.03 19.78
CA PHE E 192 9.67 -75.13 20.75
C PHE E 192 8.96 -74.75 22.05
N SER E 193 8.98 -73.46 22.40
CA SER E 193 8.39 -72.96 23.67
C SER E 193 7.11 -73.63 24.06
N TYR E 194 7.11 -74.25 25.24
CA TYR E 194 5.91 -74.93 25.72
C TYR E 194 4.81 -73.96 26.16
N GLU E 195 5.19 -72.81 26.70
CA GLU E 195 4.19 -71.91 27.26
C GLU E 195 3.40 -71.36 26.09
N HIS E 196 4.10 -70.92 25.03
CA HIS E 196 3.42 -70.45 23.82
C HIS E 196 2.45 -71.54 23.32
N PHE E 197 2.92 -72.78 23.21
CA PHE E 197 2.04 -73.90 22.85
C PHE E 197 0.83 -74.04 23.77
N TYR E 198 1.03 -73.80 25.05
CA TYR E 198 -0.05 -73.94 26.03
C TYR E 198 -1.15 -72.87 25.84
N VAL E 199 -0.72 -71.63 25.59
CA VAL E 199 -1.62 -70.56 25.26
C VAL E 199 -2.50 -71.01 24.11
N ILE E 200 -1.90 -71.57 23.06
CA ILE E 200 -2.65 -71.95 21.87
C ILE E 200 -3.61 -73.11 22.12
N TYR E 201 -3.10 -74.23 22.63
CA TYR E 201 -3.99 -75.35 22.92
C TYR E 201 -5.24 -74.91 23.68
N CYS E 202 -5.07 -74.03 24.68
CA CYS E 202 -6.16 -73.73 25.59
C CYS E 202 -7.26 -72.89 24.91
N LYS E 203 -6.83 -71.83 24.22
CA LYS E 203 -7.70 -71.10 23.29
C LYS E 203 -8.55 -72.01 22.42
N PHE E 204 -7.93 -73.00 21.79
CA PHE E 204 -8.68 -73.93 20.96
C PHE E 204 -9.58 -74.79 21.82
N TRP E 205 -9.08 -75.21 22.98
CA TRP E 205 -9.80 -76.15 23.81
C TRP E 205 -11.14 -75.56 24.24
N GLU E 206 -11.12 -74.29 24.65
CA GLU E 206 -12.30 -73.62 25.17
C GLU E 206 -13.37 -73.37 24.09
N LEU E 207 -12.97 -73.40 22.82
CA LEU E 207 -13.92 -73.20 21.73
C LEU E 207 -14.53 -74.53 21.28
N ASP E 208 -13.71 -75.57 21.25
CA ASP E 208 -14.12 -76.89 20.82
C ASP E 208 -14.86 -77.58 21.94
N THR E 209 -16.10 -77.17 22.16
CA THR E 209 -16.93 -77.73 23.23
C THR E 209 -17.24 -79.19 22.93
N ASP E 210 -17.65 -79.46 21.69
CA ASP E 210 -17.93 -80.83 21.15
C ASP E 210 -16.71 -81.75 21.04
N HIS E 211 -15.55 -81.25 21.48
CA HIS E 211 -14.29 -82.00 21.53
C HIS E 211 -14.03 -83.03 20.40
N ASP E 212 -14.14 -82.56 19.16
CA ASP E 212 -13.95 -83.37 17.95
C ASP E 212 -12.64 -82.99 17.20
N LEU E 213 -11.89 -82.01 17.72
CA LEU E 213 -10.74 -81.39 17.02
C LEU E 213 -11.12 -80.57 15.75
N LEU E 214 -12.41 -80.24 15.63
CA LEU E 214 -12.95 -79.31 14.63
C LEU E 214 -13.76 -78.17 15.29
N ILE E 215 -13.80 -77.03 14.62
CA ILE E 215 -14.63 -75.87 15.05
C ILE E 215 -15.16 -75.10 13.84
N ASP E 216 -16.31 -74.45 14.03
CA ASP E 216 -17.04 -73.75 12.96
C ASP E 216 -17.11 -72.24 13.19
N ALA E 217 -17.79 -71.50 12.31
CA ALA E 217 -17.85 -70.03 12.42
C ALA E 217 -18.51 -69.56 13.73
N ASP E 218 -19.54 -70.25 14.19
CA ASP E 218 -20.15 -69.90 15.48
C ASP E 218 -19.12 -70.06 16.60
N ASP E 219 -18.35 -71.15 16.54
CA ASP E 219 -17.36 -71.44 17.58
C ASP E 219 -16.29 -70.36 17.64
N LEU E 220 -15.82 -69.91 16.47
CA LEU E 220 -14.78 -68.89 16.43
C LEU E 220 -15.26 -67.58 17.01
N ALA E 221 -16.48 -67.18 16.69
CA ALA E 221 -17.01 -65.92 17.18
C ALA E 221 -16.74 -65.71 18.67
N ARG E 222 -16.90 -66.75 19.49
CA ARG E 222 -16.68 -66.60 20.94
C ARG E 222 -15.20 -66.42 21.37
N HIS E 223 -14.27 -66.43 20.42
CA HIS E 223 -12.85 -66.23 20.70
C HIS E 223 -12.55 -64.79 21.14
N ASN E 224 -11.79 -64.64 22.23
CA ASN E 224 -11.39 -63.33 22.76
C ASN E 224 -12.56 -62.38 22.83
N ASP E 225 -13.56 -62.73 23.62
CA ASP E 225 -14.74 -61.88 23.82
C ASP E 225 -15.33 -61.38 22.48
N HIS E 226 -15.32 -62.23 21.45
CA HIS E 226 -15.82 -61.86 20.12
C HIS E 226 -15.07 -60.66 19.47
N ALA E 227 -13.82 -60.44 19.84
CA ALA E 227 -13.04 -59.29 19.35
C ALA E 227 -12.93 -59.14 17.82
N LEU E 228 -12.92 -60.26 17.11
CA LEU E 228 -12.85 -60.26 15.64
C LEU E 228 -14.25 -60.24 15.01
N SER E 229 -14.39 -59.53 13.89
CA SER E 229 -15.69 -59.21 13.31
C SER E 229 -16.25 -60.41 12.58
N THR E 230 -17.58 -60.57 12.57
CA THR E 230 -18.14 -61.79 11.96
C THR E 230 -17.81 -61.88 10.45
N LYS E 231 -17.77 -60.76 9.74
CA LYS E 231 -17.51 -60.79 8.29
C LYS E 231 -16.12 -61.35 7.99
N MSE E 232 -15.16 -61.03 8.88
CA MSE E 232 -13.80 -61.57 8.85
C MSE E 232 -13.78 -63.03 9.22
O MSE E 232 -13.14 -63.85 8.55
CB MSE E 232 -12.93 -60.83 9.86
CG MSE E 232 -11.48 -61.34 9.89
SE MSE E 232 -10.69 -61.72 8.11
CE MSE E 232 -10.53 -59.88 7.44
N ILE E 233 -14.50 -63.39 10.27
CA ILE E 233 -14.57 -64.77 10.65
C ILE E 233 -15.09 -65.67 9.54
N ASP E 234 -16.09 -65.24 8.79
CA ASP E 234 -16.58 -66.03 7.66
C ASP E 234 -15.49 -66.26 6.61
N ARG E 235 -14.65 -65.25 6.41
CA ARG E 235 -13.66 -65.31 5.35
C ARG E 235 -12.57 -66.34 5.60
N ILE E 236 -12.40 -66.74 6.85
CA ILE E 236 -11.52 -67.86 7.20
C ILE E 236 -12.02 -69.21 6.68
N PHE E 237 -13.33 -69.31 6.41
CA PHE E 237 -13.91 -70.54 5.92
C PHE E 237 -14.13 -70.51 4.42
N SER E 238 -13.65 -69.46 3.76
CA SER E 238 -13.98 -69.22 2.36
C SER E 238 -13.12 -69.98 1.38
N GLY E 239 -11.96 -70.46 1.85
CA GLY E 239 -10.89 -70.93 0.96
C GLY E 239 -9.73 -69.93 0.86
N ALA E 240 -9.89 -68.79 1.49
CA ALA E 240 -8.81 -67.82 1.52
C ALA E 240 -7.55 -68.41 2.14
N VAL E 241 -7.69 -69.22 3.19
CA VAL E 241 -6.52 -69.61 4.00
C VAL E 241 -6.45 -71.09 4.45
N THR E 242 -6.99 -71.99 3.64
CA THR E 242 -7.06 -73.42 3.92
C THR E 242 -7.03 -74.21 2.59
N ARG E 243 -6.71 -75.51 2.62
CA ARG E 243 -6.38 -76.19 1.37
C ARG E 243 -7.52 -76.93 0.74
N GLY E 244 -7.41 -77.07 -0.58
CA GLY E 244 -8.45 -77.71 -1.37
C GLY E 244 -9.82 -77.19 -0.96
N ARG E 245 -10.74 -78.12 -0.68
CA ARG E 245 -12.15 -77.77 -0.56
C ARG E 245 -12.84 -78.38 0.66
N LYS E 246 -12.09 -78.88 1.61
CA LYS E 246 -12.71 -79.51 2.77
C LYS E 246 -13.48 -78.48 3.61
N VAL E 247 -12.87 -77.35 3.94
CA VAL E 247 -13.48 -76.39 4.86
C VAL E 247 -14.69 -75.67 4.24
N GLN E 248 -14.62 -75.42 2.93
CA GLN E 248 -15.70 -74.77 2.18
C GLN E 248 -16.96 -75.61 2.23
N LYS E 249 -16.80 -76.93 2.21
CA LYS E 249 -17.95 -77.81 2.16
C LYS E 249 -18.56 -78.04 3.53
N GLU E 250 -17.74 -78.02 4.57
CA GLU E 250 -18.18 -78.39 5.94
C GLU E 250 -18.27 -77.22 6.91
N GLY E 251 -17.76 -76.07 6.51
CA GLY E 251 -17.68 -74.90 7.39
C GLY E 251 -17.01 -75.22 8.70
N LYS E 252 -15.95 -76.05 8.63
CA LYS E 252 -15.20 -76.48 9.82
C LYS E 252 -13.70 -76.52 9.58
N ILE E 253 -12.93 -76.07 10.56
CA ILE E 253 -11.48 -76.13 10.46
C ILE E 253 -10.84 -76.94 11.56
N SER E 254 -9.72 -77.58 11.21
CA SER E 254 -8.93 -78.43 12.11
C SER E 254 -8.21 -77.65 13.19
N TYR E 255 -7.65 -78.36 14.16
CA TYR E 255 -6.71 -77.77 15.12
C TYR E 255 -5.52 -77.09 14.42
N ALA E 256 -4.96 -77.71 13.38
CA ALA E 256 -3.79 -77.13 12.71
C ALA E 256 -4.12 -75.79 12.07
N ASP E 257 -5.22 -75.73 11.33
CA ASP E 257 -5.75 -74.48 10.77
C ASP E 257 -5.91 -73.40 11.87
N PHE E 258 -6.37 -73.80 13.05
CA PHE E 258 -6.60 -72.84 14.11
C PHE E 258 -5.30 -72.24 14.60
N VAL E 259 -4.28 -73.07 14.67
CA VAL E 259 -2.97 -72.58 15.09
C VAL E 259 -2.50 -71.47 14.16
N TRP E 260 -2.63 -71.66 12.84
CA TRP E 260 -2.24 -70.61 11.90
C TRP E 260 -3.09 -69.36 12.11
N PHE E 261 -4.35 -69.56 12.48
CA PHE E 261 -5.26 -68.46 12.64
C PHE E 261 -4.81 -67.58 13.79
N LEU E 262 -4.65 -68.23 14.94
CA LEU E 262 -4.34 -67.54 16.19
C LEU E 262 -2.98 -66.86 16.20
N ILE E 263 -1.94 -67.55 15.73
CA ILE E 263 -0.61 -66.96 15.54
C ILE E 263 -0.68 -65.69 14.69
N SER E 264 -1.33 -65.80 13.54
CA SER E 264 -1.52 -64.65 12.66
C SER E 264 -2.28 -63.52 13.36
N GLU E 265 -3.23 -63.91 14.22
CA GLU E 265 -3.98 -62.98 15.07
C GLU E 265 -3.10 -62.34 16.17
N GLU E 266 -2.29 -63.12 16.89
CA GLU E 266 -1.46 -62.54 17.98
C GLU E 266 -0.41 -61.54 17.50
N ASP E 267 -0.05 -61.58 16.21
CA ASP E 267 0.97 -60.71 15.67
C ASP E 267 0.76 -60.56 14.17
N LYS E 268 0.24 -59.40 13.75
CA LYS E 268 -0.12 -59.16 12.37
C LYS E 268 0.92 -58.34 11.64
N LYS E 269 2.12 -58.25 12.20
CA LYS E 269 3.22 -57.51 11.54
C LYS E 269 4.19 -58.43 10.76
N THR E 270 4.14 -59.74 10.98
CA THR E 270 5.05 -60.67 10.30
C THR E 270 4.64 -60.93 8.85
N PRO E 271 5.63 -61.15 7.95
CA PRO E 271 5.29 -61.38 6.53
C PRO E 271 4.25 -62.48 6.30
N THR E 272 4.29 -63.50 7.13
CA THR E 272 3.36 -64.58 6.99
C THR E 272 1.95 -64.05 7.32
N SER E 273 1.84 -63.36 8.44
CA SER E 273 0.56 -62.92 8.97
C SER E 273 -0.11 -61.94 8.05
N ILE E 274 0.70 -61.06 7.47
CA ILE E 274 0.17 -60.11 6.52
C ILE E 274 -0.44 -60.88 5.35
N GLU E 275 0.25 -61.92 4.89
CA GLU E 275 -0.28 -62.65 3.72
C GLU E 275 -1.61 -63.31 4.08
N TYR E 276 -1.72 -63.77 5.31
CA TYR E 276 -2.93 -64.41 5.79
C TYR E 276 -4.08 -63.42 5.70
N TRP E 277 -3.97 -62.30 6.41
CA TRP E 277 -5.09 -61.36 6.51
C TRP E 277 -5.38 -60.72 5.19
N PHE E 278 -4.41 -60.65 4.31
CA PHE E 278 -4.62 -60.10 2.98
C PHE E 278 -5.50 -61.02 2.14
N ARG E 279 -5.10 -62.28 2.03
CA ARG E 279 -5.95 -63.26 1.40
C ARG E 279 -7.41 -63.10 1.89
N CYS E 280 -7.56 -62.84 3.19
CA CYS E 280 -8.86 -62.73 3.79
C CYS E 280 -9.56 -61.43 3.40
N MSE E 281 -8.83 -60.32 3.35
CA MSE E 281 -9.45 -59.02 3.01
C MSE E 281 -9.75 -58.83 1.54
O MSE E 281 -10.76 -58.23 1.18
CB MSE E 281 -8.52 -57.91 3.48
CG MSE E 281 -8.60 -57.77 5.00
SE MSE E 281 -8.11 -55.98 5.65
CE MSE E 281 -9.93 -55.35 5.23
N ASP E 282 -8.86 -59.30 0.68
CA ASP E 282 -9.06 -59.18 -0.74
C ASP E 282 -10.15 -60.14 -1.25
N LEU E 283 -11.41 -59.80 -0.96
CA LEU E 283 -12.56 -60.64 -1.31
C LEU E 283 -12.53 -61.24 -2.71
N ASP E 284 -12.41 -60.38 -3.71
CA ASP E 284 -12.51 -60.76 -5.11
C ASP E 284 -11.32 -61.60 -5.54
N GLY E 285 -10.26 -61.61 -4.74
CA GLY E 285 -9.00 -62.30 -5.11
C GLY E 285 -8.16 -61.61 -6.15
N ASP E 286 -8.48 -60.37 -6.51
CA ASP E 286 -7.86 -59.68 -7.63
C ASP E 286 -6.53 -59.00 -7.34
N GLY E 287 -6.05 -59.12 -6.10
CA GLY E 287 -4.75 -58.56 -5.71
C GLY E 287 -4.78 -57.14 -5.16
N ALA E 288 -5.95 -56.53 -5.09
CA ALA E 288 -6.04 -55.21 -4.49
C ALA E 288 -7.28 -55.06 -3.63
N LEU E 289 -7.18 -54.14 -2.68
CA LEU E 289 -8.25 -53.83 -1.75
C LEU E 289 -9.01 -52.61 -2.23
N SER E 290 -10.12 -52.82 -2.91
CA SER E 290 -10.96 -51.74 -3.43
C SER E 290 -11.65 -50.95 -2.32
N MSE E 291 -12.24 -49.81 -2.70
CA MSE E 291 -13.07 -49.00 -1.78
C MSE E 291 -14.17 -49.91 -1.34
O MSE E 291 -14.49 -49.98 -0.16
CB MSE E 291 -13.69 -47.78 -2.47
CG MSE E 291 -12.91 -46.46 -2.41
SE MSE E 291 -10.95 -46.75 -2.32
CE MSE E 291 -10.28 -45.47 -3.68
N PHE E 292 -14.75 -50.63 -2.29
CA PHE E 292 -15.87 -51.51 -2.00
C PHE E 292 -15.51 -52.58 -0.97
N GLU E 293 -14.34 -53.20 -1.15
CA GLU E 293 -13.84 -54.23 -0.21
C GLU E 293 -13.55 -53.64 1.18
N LEU E 294 -13.00 -52.44 1.24
CA LEU E 294 -12.76 -51.83 2.54
C LEU E 294 -14.07 -51.43 3.24
N GLU E 295 -15.05 -50.89 2.51
CA GLU E 295 -16.33 -50.48 3.14
C GLU E 295 -17.03 -51.69 3.76
N TYR E 296 -17.09 -52.76 2.98
CA TYR E 296 -17.66 -54.03 3.43
C TYR E 296 -17.28 -54.40 4.86
N PHE E 297 -15.99 -54.39 5.16
CA PHE E 297 -15.52 -54.64 6.55
C PHE E 297 -15.78 -53.47 7.49
N TYR E 298 -15.54 -52.26 7.03
CA TYR E 298 -15.57 -51.08 7.89
C TYR E 298 -16.99 -50.86 8.41
N GLU E 299 -17.97 -51.26 7.62
CA GLU E 299 -19.35 -51.00 7.93
C GLU E 299 -19.73 -51.71 9.21
N GLU E 300 -19.28 -52.96 9.35
CA GLU E 300 -19.57 -53.72 10.56
C GLU E 300 -18.81 -53.14 11.74
N GLN E 301 -17.60 -52.66 11.51
CA GLN E 301 -16.84 -52.02 12.60
C GLN E 301 -17.61 -50.87 13.19
N CYS E 302 -18.21 -50.07 12.32
CA CYS E 302 -18.98 -48.90 12.74
C CYS E 302 -20.17 -49.30 13.60
N ARG E 303 -20.94 -50.30 13.15
CA ARG E 303 -22.06 -50.83 13.94
C ARG E 303 -21.58 -51.31 15.30
N ARG E 304 -20.51 -52.08 15.31
CA ARG E 304 -19.95 -52.59 16.55
C ARG E 304 -19.53 -51.48 17.45
N LEU E 305 -19.09 -50.38 16.86
CA LEU E 305 -18.70 -49.21 17.65
C LEU E 305 -19.91 -48.41 18.13
N ASP E 306 -20.89 -48.17 17.24
CA ASP E 306 -22.16 -47.57 17.64
C ASP E 306 -22.60 -48.29 18.90
N SER E 307 -22.83 -49.60 18.75
CA SER E 307 -23.35 -50.46 19.80
C SER E 307 -22.42 -50.61 21.00
N MSE E 308 -21.51 -49.67 21.14
CA MSE E 308 -20.64 -49.59 22.30
C MSE E 308 -20.51 -48.18 22.81
O MSE E 308 -19.62 -47.88 23.60
CB MSE E 308 -19.26 -50.05 21.82
CG MSE E 308 -18.99 -51.53 21.97
SE MSE E 308 -17.07 -51.75 21.59
CE MSE E 308 -16.42 -51.74 23.46
N ALA E 309 -21.41 -47.30 22.37
CA ALA E 309 -21.40 -45.86 22.75
C ALA E 309 -20.07 -45.15 22.41
N ILE E 310 -19.48 -45.51 21.27
CA ILE E 310 -18.31 -44.81 20.73
C ILE E 310 -18.65 -44.36 19.30
N GLU E 311 -18.26 -43.12 18.96
CA GLU E 311 -18.50 -42.58 17.62
C GLU E 311 -17.29 -42.91 16.75
N ALA E 312 -17.60 -43.42 15.57
CA ALA E 312 -16.61 -43.98 14.70
C ALA E 312 -16.35 -43.01 13.56
N LEU E 313 -15.07 -42.81 13.26
CA LEU E 313 -14.64 -42.01 12.12
C LEU E 313 -15.45 -42.39 10.88
N PRO E 314 -16.04 -41.42 10.17
CA PRO E 314 -16.74 -41.86 8.96
C PRO E 314 -15.75 -42.40 7.92
N PHE E 315 -16.20 -43.34 7.11
CA PHE E 315 -15.34 -44.05 6.17
C PHE E 315 -14.32 -43.18 5.42
N GLN E 316 -14.80 -42.12 4.78
CA GLN E 316 -13.93 -41.25 3.99
C GLN E 316 -12.77 -40.72 4.79
N ASP E 317 -13.02 -40.26 6.02
CA ASP E 317 -11.92 -39.73 6.83
C ASP E 317 -10.99 -40.88 7.23
N CYS E 318 -11.57 -42.06 7.47
CA CYS E 318 -10.77 -43.28 7.76
C CYS E 318 -9.89 -43.72 6.61
N LEU E 319 -10.44 -43.69 5.41
CA LEU E 319 -9.70 -44.10 4.21
C LEU E 319 -8.48 -43.23 3.99
N CYS E 320 -8.68 -41.91 4.10
CA CYS E 320 -7.62 -40.94 3.91
C CYS E 320 -6.49 -41.28 4.90
N GLN E 321 -6.86 -41.52 6.16
CA GLN E 321 -5.91 -41.89 7.21
C GLN E 321 -5.15 -43.19 6.96
N MSE E 322 -5.83 -44.21 6.47
CA MSE E 322 -5.16 -45.46 6.13
C MSE E 322 -4.29 -45.30 4.93
O MSE E 322 -3.19 -45.81 4.90
CB MSE E 322 -6.14 -46.59 5.88
CG MSE E 322 -6.99 -46.91 7.09
SE MSE E 322 -5.94 -47.15 8.75
CE MSE E 322 -6.72 -48.92 8.90
N LEU E 323 -4.74 -44.56 3.92
CA LEU E 323 -3.88 -44.28 2.77
C LEU E 323 -2.59 -43.57 3.19
N ASP E 324 -2.67 -42.64 4.14
CA ASP E 324 -1.47 -41.99 4.61
C ASP E 324 -0.59 -42.99 5.32
N LEU E 325 -1.22 -43.92 6.03
CA LEU E 325 -0.51 -44.87 6.88
C LEU E 325 0.27 -45.86 6.02
N VAL E 326 -0.44 -46.50 5.10
CA VAL E 326 0.15 -47.53 4.23
C VAL E 326 0.86 -46.94 3.01
N LYS E 327 0.40 -45.79 2.52
CA LYS E 327 1.11 -45.09 1.45
C LYS E 327 1.40 -45.98 0.23
N PRO E 328 0.37 -46.32 -0.54
CA PRO E 328 0.53 -47.25 -1.66
C PRO E 328 1.32 -46.70 -2.86
N ARG E 329 2.01 -47.59 -3.56
CA ARG E 329 2.84 -47.19 -4.69
C ARG E 329 2.01 -46.66 -5.84
N THR E 330 0.84 -47.24 -6.08
CA THR E 330 -0.09 -46.65 -7.07
C THR E 330 -1.28 -46.02 -6.32
N GLU E 331 -1.64 -44.79 -6.71
CA GLU E 331 -2.68 -44.00 -6.01
C GLU E 331 -3.87 -44.84 -5.52
N GLY E 332 -4.16 -44.76 -4.23
CA GLY E 332 -5.38 -45.34 -3.65
C GLY E 332 -5.74 -46.77 -4.02
N LYS E 333 -4.71 -47.63 -4.16
CA LYS E 333 -4.86 -49.05 -4.51
C LYS E 333 -3.91 -49.85 -3.67
N ILE E 334 -4.46 -50.59 -2.72
CA ILE E 334 -3.67 -51.18 -1.67
C ILE E 334 -3.37 -52.63 -1.97
N THR E 335 -2.09 -52.95 -2.13
CA THR E 335 -1.66 -54.31 -2.43
C THR E 335 -0.87 -54.92 -1.28
N LEU E 336 -0.56 -56.21 -1.42
CA LEU E 336 0.17 -56.94 -0.40
C LEU E 336 1.56 -56.38 -0.10
N GLN E 337 2.35 -56.02 -1.10
CA GLN E 337 3.67 -55.42 -0.81
C GLN E 337 3.57 -54.01 -0.23
N ASP E 338 2.55 -53.26 -0.61
CA ASP E 338 2.34 -51.97 0.03
C ASP E 338 2.32 -52.18 1.55
N LEU E 339 1.55 -53.16 2.02
CA LEU E 339 1.33 -53.36 3.44
C LEU E 339 2.56 -53.88 4.15
N LYS E 340 3.28 -54.79 3.49
CA LYS E 340 4.60 -55.23 3.98
C LYS E 340 5.60 -54.07 4.11
N ARG E 341 5.59 -53.17 3.13
CA ARG E 341 6.45 -52.02 3.15
C ARG E 341 6.18 -51.09 4.33
N CYS E 342 4.93 -50.78 4.59
CA CYS E 342 4.60 -49.73 5.55
C CYS E 342 4.98 -50.04 6.98
N LYS E 343 5.21 -51.31 7.32
CA LYS E 343 5.58 -51.70 8.70
C LYS E 343 4.52 -51.36 9.74
N LEU E 344 3.31 -51.01 9.29
CA LEU E 344 2.18 -50.75 10.19
C LEU E 344 0.90 -51.52 9.82
N ALA E 345 1.04 -52.70 9.23
CA ALA E 345 -0.12 -53.41 8.74
C ALA E 345 -1.03 -53.80 9.88
N ASN E 346 -0.44 -54.09 11.05
CA ASN E 346 -1.25 -54.49 12.20
C ASN E 346 -2.33 -53.47 12.51
N VAL E 347 -1.93 -52.19 12.47
CA VAL E 347 -2.85 -51.09 12.73
C VAL E 347 -3.89 -51.05 11.62
N PHE E 348 -3.43 -51.17 10.38
CA PHE E 348 -4.33 -51.23 9.24
C PHE E 348 -5.37 -52.34 9.35
N PHE E 349 -4.96 -53.55 9.73
CA PHE E 349 -5.90 -54.67 9.85
C PHE E 349 -6.83 -54.52 11.04
N ASP E 350 -6.30 -54.04 12.17
CA ASP E 350 -7.12 -53.96 13.38
C ASP E 350 -8.25 -52.95 13.22
N THR E 351 -8.01 -51.92 12.41
CA THR E 351 -8.99 -50.85 12.20
C THR E 351 -10.17 -51.36 11.40
N PHE E 352 -9.97 -52.37 10.58
CA PHE E 352 -11.06 -52.91 9.77
C PHE E 352 -11.77 -54.16 10.35
N PHE E 353 -11.21 -54.85 11.34
CA PHE E 353 -11.89 -56.04 11.87
C PHE E 353 -11.63 -56.50 13.32
N ASN E 354 -10.78 -55.80 14.06
CA ASN E 354 -10.53 -56.09 15.49
C ASN E 354 -11.10 -54.97 16.36
N ILE E 355 -11.36 -55.25 17.63
CA ILE E 355 -11.88 -54.24 18.54
C ILE E 355 -11.22 -54.38 19.90
N GLU E 356 -10.05 -55.01 19.96
CA GLU E 356 -9.44 -55.26 21.26
C GLU E 356 -8.92 -53.96 21.84
N LYS E 357 -8.42 -53.08 20.96
CA LYS E 357 -8.01 -51.73 21.32
C LYS E 357 -9.03 -51.01 22.24
N TYR E 358 -10.29 -51.45 22.21
CA TYR E 358 -11.38 -50.83 23.01
C TYR E 358 -12.13 -51.78 24.01
N LEU E 359 -11.57 -52.93 24.40
CA LEU E 359 -12.34 -53.92 25.21
C LEU E 359 -11.63 -54.35 26.51
N GLU F 5 33.00 -27.52 -2.39
CA GLU F 5 32.13 -26.56 -1.67
C GLU F 5 30.78 -26.33 -2.35
N LYS F 6 30.80 -25.83 -3.58
CA LYS F 6 29.57 -25.71 -4.39
C LYS F 6 28.98 -27.08 -4.70
N VAL F 7 29.82 -28.12 -4.60
CA VAL F 7 29.42 -29.53 -4.66
C VAL F 7 28.34 -29.85 -3.60
N PHE F 8 28.47 -29.26 -2.42
CA PHE F 8 27.55 -29.53 -1.31
C PHE F 8 26.18 -28.88 -1.49
N THR F 9 26.17 -27.67 -2.06
CA THR F 9 24.93 -26.98 -2.46
C THR F 9 24.12 -27.72 -3.55
N LYS F 10 24.81 -28.37 -4.47
CA LYS F 10 24.12 -29.16 -5.48
C LYS F 10 23.51 -30.38 -4.81
N GLU F 11 24.20 -30.92 -3.82
CA GLU F 11 23.75 -32.11 -3.11
C GLU F 11 22.56 -31.79 -2.19
N LEU F 12 22.60 -30.61 -1.59
CA LEU F 12 21.48 -30.10 -0.80
C LEU F 12 20.23 -29.83 -1.61
N ASP F 13 20.43 -29.41 -2.85
CA ASP F 13 19.32 -29.14 -3.77
C ASP F 13 18.61 -30.44 -4.16
N GLN F 14 19.36 -31.54 -4.32
CA GLN F 14 18.72 -32.78 -4.73
C GLN F 14 18.01 -33.40 -3.53
N TRP F 15 18.61 -33.32 -2.34
CA TRP F 15 17.96 -33.75 -1.08
C TRP F 15 16.56 -33.13 -0.92
N ILE F 16 16.48 -31.82 -1.10
CA ILE F 16 15.22 -31.12 -1.02
C ILE F 16 14.27 -31.59 -2.10
N GLU F 17 14.77 -31.81 -3.31
CA GLU F 17 13.95 -32.18 -4.47
C GLU F 17 13.37 -33.57 -4.23
N GLN F 18 14.15 -34.42 -3.58
CA GLN F 18 13.76 -35.77 -3.17
C GLN F 18 12.74 -35.75 -2.03
N LEU F 19 12.96 -34.83 -1.10
CA LEU F 19 12.10 -34.71 0.06
C LEU F 19 10.71 -34.22 -0.33
N ASN F 20 10.61 -33.34 -1.32
CA ASN F 20 9.30 -32.91 -1.81
C ASN F 20 8.54 -34.12 -2.34
N GLU F 21 9.28 -35.14 -2.75
CA GLU F 21 8.66 -36.39 -3.19
C GLU F 21 8.30 -37.34 -2.04
N CYS F 22 8.43 -36.86 -0.79
CA CYS F 22 8.14 -37.64 0.41
C CYS F 22 9.00 -38.90 0.43
N LYS F 23 10.31 -38.72 0.25
CA LYS F 23 11.27 -39.84 0.32
C LYS F 23 12.37 -39.47 1.29
N GLN F 24 12.44 -40.20 2.40
CA GLN F 24 13.44 -39.93 3.41
C GLN F 24 14.84 -39.93 2.85
N LEU F 25 15.73 -39.24 3.53
CA LEU F 25 17.14 -39.39 3.28
C LEU F 25 17.57 -40.60 4.08
N SER F 26 18.77 -41.08 3.77
CA SER F 26 19.38 -42.18 4.47
C SER F 26 19.96 -41.69 5.80
N GLU F 27 20.06 -42.62 6.74
CA GLU F 27 20.82 -42.43 7.97
C GLU F 27 22.11 -41.56 7.90
N SER F 28 22.99 -41.81 6.92
CA SER F 28 24.26 -41.07 6.89
C SER F 28 24.08 -39.66 6.28
N GLN F 29 23.16 -39.52 5.33
CA GLN F 29 22.74 -38.19 4.85
C GLN F 29 22.09 -37.41 6.00
N VAL F 30 21.15 -38.04 6.72
CA VAL F 30 20.52 -37.42 7.89
C VAL F 30 21.56 -36.93 8.89
N LYS F 31 22.50 -37.84 9.23
CA LYS F 31 23.61 -37.55 10.13
C LYS F 31 24.39 -36.31 9.70
N SER F 32 24.80 -36.32 8.44
CA SER F 32 25.54 -35.22 7.86
C SER F 32 24.77 -33.90 7.90
N LEU F 33 23.48 -33.97 7.55
CA LEU F 33 22.60 -32.80 7.52
C LEU F 33 22.53 -32.14 8.87
N CYS F 34 22.23 -32.95 9.89
CA CYS F 34 22.13 -32.46 11.25
C CYS F 34 23.43 -31.88 11.70
N GLU F 35 24.54 -32.50 11.29
CA GLU F 35 25.85 -32.01 11.68
C GLU F 35 26.03 -30.60 11.11
N LYS F 36 25.69 -30.40 9.84
CA LYS F 36 25.82 -29.08 9.22
C LYS F 36 24.85 -28.07 9.83
N ALA F 37 23.71 -28.55 10.31
CA ALA F 37 22.72 -27.67 10.90
C ALA F 37 23.14 -27.18 12.27
N LYS F 38 23.64 -28.09 13.11
CA LYS F 38 24.19 -27.71 14.43
C LYS F 38 25.08 -26.50 14.25
N GLU F 39 25.99 -26.57 13.28
CA GLU F 39 26.93 -25.48 13.01
C GLU F 39 26.26 -24.15 12.69
N ILE F 40 25.17 -24.19 11.96
CA ILE F 40 24.42 -22.97 11.68
C ILE F 40 23.64 -22.47 12.91
N LEU F 41 22.91 -23.35 13.60
CA LEU F 41 22.00 -22.90 14.67
C LEU F 41 22.73 -22.48 15.94
N THR F 42 23.92 -23.02 16.13
CA THR F 42 24.77 -22.63 17.24
C THR F 42 25.02 -21.14 17.23
N LYS F 43 25.02 -20.53 16.05
CA LYS F 43 25.34 -19.11 15.92
C LYS F 43 24.12 -18.21 16.15
N GLU F 44 22.91 -18.75 16.01
CA GLU F 44 21.67 -17.96 16.25
C GLU F 44 21.45 -17.82 17.74
N SER F 45 20.80 -16.74 18.16
CA SER F 45 20.58 -16.48 19.59
C SER F 45 19.22 -17.01 19.99
N ASN F 46 18.92 -16.98 21.28
CA ASN F 46 17.63 -17.48 21.77
C ASN F 46 16.51 -16.57 21.22
N VAL F 47 16.87 -15.36 20.81
CA VAL F 47 15.94 -14.42 20.20
C VAL F 47 16.43 -14.01 18.80
N GLN F 48 16.13 -14.84 17.79
CA GLN F 48 16.55 -14.59 16.43
C GLN F 48 15.89 -13.35 15.90
N GLU F 49 16.70 -12.36 15.52
CA GLU F 49 16.19 -11.17 14.83
C GLU F 49 15.79 -11.59 13.43
N VAL F 50 14.58 -11.29 13.02
CA VAL F 50 14.12 -11.65 11.70
C VAL F 50 13.55 -10.43 11.02
N ARG F 51 13.94 -10.16 9.79
CA ARG F 51 13.43 -8.98 9.07
C ARG F 51 12.15 -9.33 8.33
N CYS F 52 11.19 -8.41 8.31
CA CYS F 52 9.99 -8.55 7.48
C CYS F 52 10.46 -8.35 6.06
N PRO F 53 9.73 -8.87 5.06
CA PRO F 53 8.53 -9.73 5.12
C PRO F 53 8.83 -11.21 5.41
N VAL F 54 7.93 -11.82 6.18
CA VAL F 54 7.98 -13.24 6.47
C VAL F 54 6.59 -13.78 6.59
N THR F 55 6.45 -15.06 6.35
CA THR F 55 5.22 -15.76 6.64
C THR F 55 5.43 -16.62 7.87
N VAL F 56 4.49 -16.53 8.80
CA VAL F 56 4.61 -17.16 10.11
C VAL F 56 3.68 -18.37 10.22
N CYS F 57 4.25 -19.50 10.64
CA CYS F 57 3.53 -20.78 10.70
C CYS F 57 3.65 -21.45 12.06
N GLY F 58 2.62 -22.26 12.36
CA GLY F 58 2.50 -22.92 13.64
C GLY F 58 2.62 -24.41 13.48
N ASP F 59 2.15 -25.11 14.51
CA ASP F 59 2.20 -26.56 14.63
C ASP F 59 2.00 -27.21 13.24
N VAL F 60 2.86 -28.17 12.88
CA VAL F 60 2.75 -28.99 11.66
C VAL F 60 2.59 -30.49 11.98
N HIS F 61 3.35 -31.00 12.97
CA HIS F 61 3.11 -32.33 13.58
C HIS F 61 3.09 -33.47 12.52
N GLY F 62 4.07 -33.44 11.62
CA GLY F 62 4.33 -34.53 10.66
C GLY F 62 3.31 -34.76 9.57
N GLN F 63 2.36 -33.85 9.40
CA GLN F 63 1.40 -33.92 8.30
C GLN F 63 2.01 -33.33 7.03
N PHE F 64 2.94 -34.09 6.47
CA PHE F 64 3.66 -33.72 5.26
C PHE F 64 2.76 -33.18 4.18
N HIS F 65 1.75 -33.95 3.80
CA HIS F 65 0.89 -33.52 2.71
C HIS F 65 0.27 -32.16 2.93
N ASP F 66 -0.01 -31.85 4.19
CA ASP F 66 -0.53 -30.56 4.55
C ASP F 66 0.60 -29.50 4.57
N LEU F 67 1.84 -29.89 4.87
CA LEU F 67 2.96 -28.97 4.70
C LEU F 67 3.17 -28.60 3.23
N MET F 68 2.90 -29.54 2.32
CA MET F 68 2.96 -29.22 0.91
C MET F 68 1.85 -28.22 0.58
N GLU F 69 0.67 -28.45 1.10
CA GLU F 69 -0.43 -27.54 0.85
C GLU F 69 -0.08 -26.16 1.42
N LEU F 70 0.72 -26.12 2.45
CA LEU F 70 1.13 -24.82 2.97
C LEU F 70 1.98 -24.07 1.95
N PHE F 71 2.86 -24.75 1.23
CA PHE F 71 3.65 -24.06 0.21
C PHE F 71 2.82 -23.66 -1.03
N ARG F 72 1.76 -24.41 -1.34
CA ARG F 72 0.88 -24.07 -2.45
C ARG F 72 0.16 -22.75 -2.21
N ILE F 73 -0.16 -22.52 -0.94
CA ILE F 73 -0.82 -21.30 -0.49
C ILE F 73 0.13 -20.11 -0.28
N GLY F 74 1.25 -20.35 0.41
CA GLY F 74 2.20 -19.30 0.84
C GLY F 74 3.38 -19.02 -0.11
N GLY F 75 3.58 -19.87 -1.11
CA GLY F 75 4.72 -19.79 -2.02
C GLY F 75 5.90 -20.72 -1.67
N LYS F 76 6.68 -21.10 -2.68
CA LYS F 76 7.82 -22.00 -2.50
C LYS F 76 8.97 -21.30 -1.77
N SER F 77 9.72 -22.05 -0.99
CA SER F 77 10.94 -21.52 -0.39
C SER F 77 12.04 -21.82 -1.37
N PRO F 78 12.98 -20.88 -1.60
CA PRO F 78 13.31 -19.61 -0.96
C PRO F 78 12.56 -18.38 -1.42
N ASP F 79 11.76 -18.48 -2.47
CA ASP F 79 11.08 -17.28 -3.00
C ASP F 79 10.30 -16.58 -1.89
N THR F 80 9.54 -17.34 -1.10
CA THR F 80 8.93 -16.69 0.07
C THR F 80 9.57 -17.11 1.38
N ASN F 81 9.77 -16.13 2.24
CA ASN F 81 10.40 -16.32 3.53
C ASN F 81 9.44 -16.89 4.54
N TYR F 82 9.91 -17.87 5.32
CA TYR F 82 9.09 -18.44 6.37
C TYR F 82 9.74 -18.40 7.77
N LEU F 83 8.86 -18.36 8.78
CA LEU F 83 9.26 -18.56 10.16
C LEU F 83 8.30 -19.58 10.73
N PHE F 84 8.87 -20.66 11.26
CA PHE F 84 8.11 -21.79 11.78
C PHE F 84 8.27 -21.84 13.30
N MET F 85 7.15 -21.96 13.99
CA MET F 85 7.15 -21.86 15.43
C MET F 85 7.24 -23.21 16.14
N GLY F 86 7.56 -24.29 15.42
CA GLY F 86 7.87 -25.57 16.08
C GLY F 86 6.79 -26.64 15.96
N ASP F 87 7.01 -27.72 16.70
CA ASP F 87 6.14 -28.90 16.68
C ASP F 87 6.05 -29.46 15.23
N TYR F 88 7.23 -29.79 14.69
CA TYR F 88 7.37 -30.44 13.38
C TYR F 88 7.08 -31.95 13.39
N VAL F 89 7.26 -32.56 14.55
CA VAL F 89 7.21 -34.02 14.68
C VAL F 89 6.09 -34.49 15.57
N ASP F 90 5.92 -35.80 15.60
CA ASP F 90 4.90 -36.52 16.37
C ASP F 90 3.52 -36.45 15.74
N ARG F 91 2.68 -37.39 16.18
CA ARG F 91 1.30 -37.54 15.73
C ARG F 91 1.18 -38.04 14.29
N GLY F 92 1.62 -37.24 13.33
CA GLY F 92 1.53 -37.65 11.94
C GLY F 92 2.38 -38.86 11.58
N TYR F 93 2.18 -39.31 10.34
CA TYR F 93 2.90 -40.44 9.78
C TYR F 93 4.14 -40.00 9.03
N TYR F 94 4.37 -38.70 8.88
CA TYR F 94 5.50 -38.22 8.08
C TYR F 94 6.30 -37.19 8.84
N SER F 95 6.63 -37.51 10.07
CA SER F 95 7.40 -36.60 10.87
C SER F 95 8.83 -36.58 10.39
N VAL F 96 9.29 -37.72 9.90
CA VAL F 96 10.67 -37.83 9.44
C VAL F 96 10.90 -36.94 8.24
N GLU F 97 10.08 -37.07 7.21
CA GLU F 97 10.33 -36.30 6.00
C GLU F 97 9.89 -34.83 6.18
N THR F 98 8.93 -34.59 7.05
CA THR F 98 8.59 -33.23 7.39
C THR F 98 9.76 -32.48 8.05
N VAL F 99 10.31 -33.02 9.13
CA VAL F 99 11.37 -32.27 9.83
C VAL F 99 12.66 -32.21 9.02
N THR F 100 13.01 -33.30 8.35
CA THR F 100 14.15 -33.31 7.42
C THR F 100 14.01 -32.25 6.31
N LEU F 101 12.83 -32.09 5.73
CA LEU F 101 12.66 -31.05 4.74
C LEU F 101 13.02 -29.70 5.34
N LEU F 102 12.46 -29.41 6.50
CA LEU F 102 12.56 -28.07 7.04
C LEU F 102 13.98 -27.79 7.46
N VAL F 103 14.63 -28.78 8.05
CA VAL F 103 16.03 -28.65 8.40
C VAL F 103 16.86 -28.41 7.14
N ALA F 104 16.64 -29.22 6.10
CA ALA F 104 17.35 -29.04 4.82
C ALA F 104 17.16 -27.64 4.24
N LEU F 105 15.91 -27.17 4.19
CA LEU F 105 15.65 -25.78 3.75
C LEU F 105 16.41 -24.75 4.57
N LYS F 106 16.55 -25.00 5.87
CA LYS F 106 17.35 -24.12 6.74
C LYS F 106 18.84 -24.12 6.38
N VAL F 107 19.39 -25.29 6.12
CA VAL F 107 20.80 -25.39 5.81
C VAL F 107 21.08 -24.75 4.44
N ARG F 108 20.15 -24.91 3.50
CA ARG F 108 20.34 -24.38 2.17
C ARG F 108 20.09 -22.88 2.20
N TYR F 109 19.10 -22.43 2.96
CA TYR F 109 18.63 -21.06 2.87
C TYR F 109 18.47 -20.40 4.23
N ARG F 110 19.56 -20.35 4.99
CA ARG F 110 19.52 -19.84 6.35
C ARG F 110 18.86 -18.44 6.55
N GLU F 111 19.01 -17.55 5.57
CA GLU F 111 18.41 -16.22 5.68
C GLU F 111 16.94 -16.20 5.31
N ARG F 112 16.47 -17.27 4.66
CA ARG F 112 15.09 -17.31 4.12
C ARG F 112 14.12 -18.06 5.03
N ILE F 113 14.67 -18.80 5.99
CA ILE F 113 13.85 -19.63 6.87
C ILE F 113 14.36 -19.61 8.33
N THR F 114 13.43 -19.42 9.27
CA THR F 114 13.75 -19.56 10.68
C THR F 114 12.94 -20.70 11.26
N ILE F 115 13.60 -21.57 12.02
CA ILE F 115 12.89 -22.65 12.71
C ILE F 115 13.10 -22.56 14.20
N LEU F 116 11.97 -22.53 14.90
CA LEU F 116 11.98 -22.46 16.35
C LEU F 116 11.63 -23.79 16.99
N ARG F 117 12.10 -23.97 18.22
CA ARG F 117 11.85 -25.20 18.96
C ARG F 117 10.43 -25.20 19.56
N GLY F 118 9.76 -26.33 19.43
CA GLY F 118 8.47 -26.54 20.08
C GLY F 118 8.62 -27.48 21.28
N ASN F 119 7.53 -27.65 22.02
CA ASN F 119 7.50 -28.63 23.10
C ASN F 119 7.74 -30.05 22.61
N HIS F 120 7.36 -30.35 21.37
CA HIS F 120 7.63 -31.68 20.83
C HIS F 120 9.01 -31.85 20.23
N GLU F 121 9.85 -30.82 20.23
CA GLU F 121 11.23 -31.00 19.79
C GLU F 121 12.08 -31.41 20.99
N SER F 122 11.73 -32.55 21.55
CA SER F 122 12.34 -33.02 22.79
C SER F 122 12.39 -34.56 22.86
N ARG F 123 13.40 -35.07 23.55
CA ARG F 123 13.62 -36.51 23.65
C ARG F 123 12.46 -37.23 24.33
N GLN F 124 12.02 -36.69 25.46
CA GLN F 124 10.95 -37.32 26.23
C GLN F 124 9.63 -37.38 25.48
N ILE F 125 9.23 -36.27 24.85
CA ILE F 125 7.92 -36.18 24.22
C ILE F 125 7.84 -37.06 22.96
N THR F 126 8.91 -37.08 22.18
CA THR F 126 8.93 -37.92 20.98
C THR F 126 8.91 -39.44 21.22
N GLN F 127 9.31 -39.87 22.42
CA GLN F 127 9.24 -41.31 22.76
C GLN F 127 7.80 -41.73 23.06
N VAL F 128 7.05 -40.82 23.66
CA VAL F 128 5.67 -41.05 23.95
C VAL F 128 4.80 -40.80 22.73
N TYR F 129 5.07 -39.79 21.91
CA TYR F 129 4.06 -39.33 20.94
C TYR F 129 4.24 -39.62 19.45
N GLY F 130 5.14 -40.55 19.09
CA GLY F 130 5.12 -41.13 17.75
C GLY F 130 6.39 -41.07 16.94
N PHE F 131 7.21 -40.06 17.19
CA PHE F 131 8.39 -39.80 16.37
C PHE F 131 9.48 -40.84 16.59
N TYR F 132 9.71 -41.22 17.84
CA TYR F 132 10.71 -42.28 18.09
C TYR F 132 10.39 -43.54 17.29
N ASP F 133 9.14 -43.98 17.34
CA ASP F 133 8.75 -45.20 16.64
C ASP F 133 8.80 -45.02 15.13
N GLU F 134 8.45 -43.84 14.65
CA GLU F 134 8.47 -43.58 13.23
C GLU F 134 9.89 -43.69 12.67
N CYS F 135 10.83 -43.02 13.33
CA CYS F 135 12.23 -43.14 12.96
C CYS F 135 12.66 -44.58 12.99
N LEU F 136 12.32 -45.24 14.09
CA LEU F 136 12.72 -46.62 14.28
C LEU F 136 12.22 -47.51 13.14
N ARG F 137 10.98 -47.32 12.70
CA ARG F 137 10.42 -48.11 11.60
C ARG F 137 11.12 -47.81 10.30
N LYS F 138 11.32 -46.54 10.01
CA LYS F 138 11.83 -46.16 8.70
C LYS F 138 13.32 -46.37 8.52
N TYR F 139 14.06 -46.51 9.62
CA TYR F 139 15.51 -46.65 9.57
C TYR F 139 16.04 -47.95 10.19
N GLY F 140 15.30 -48.58 11.08
CA GLY F 140 15.71 -49.86 11.65
C GLY F 140 16.60 -49.79 12.86
N ASN F 141 17.03 -48.61 13.26
CA ASN F 141 17.71 -48.41 14.54
C ASN F 141 17.39 -47.00 15.08
N ALA F 142 17.94 -46.65 16.24
CA ALA F 142 17.62 -45.39 16.92
C ALA F 142 18.61 -44.22 16.67
N ASN F 143 19.44 -44.31 15.64
CA ASN F 143 20.43 -43.26 15.39
C ASN F 143 19.84 -41.96 14.81
N VAL F 144 18.92 -42.09 13.87
CA VAL F 144 18.29 -40.91 13.29
C VAL F 144 17.49 -40.13 14.36
N TRP F 145 16.78 -40.84 15.22
CA TRP F 145 16.11 -40.18 16.34
C TRP F 145 17.13 -39.43 17.25
N LYS F 146 18.31 -40.02 17.39
CA LYS F 146 19.35 -39.41 18.18
C LYS F 146 19.88 -38.17 17.46
N TYR F 147 20.10 -38.27 16.14
CA TYR F 147 20.69 -37.15 15.44
C TYR F 147 19.75 -35.96 15.53
N PHE F 148 18.47 -36.19 15.25
CA PHE F 148 17.48 -35.12 15.34
C PHE F 148 17.28 -34.59 16.76
N THR F 149 17.18 -35.46 17.76
CA THR F 149 17.04 -34.95 19.12
C THR F 149 18.24 -34.12 19.55
N ASP F 150 19.45 -34.50 19.15
CA ASP F 150 20.62 -33.68 19.52
C ASP F 150 20.53 -32.30 18.83
N LEU F 151 19.95 -32.27 17.64
CA LEU F 151 19.77 -31.03 16.92
C LEU F 151 18.74 -30.12 17.58
N PHE F 152 17.61 -30.70 17.99
CA PHE F 152 16.57 -29.93 18.63
C PHE F 152 17.10 -29.00 19.76
N ASP F 153 18.14 -29.45 20.47
CA ASP F 153 18.74 -28.66 21.53
C ASP F 153 19.31 -27.34 21.00
N TYR F 154 19.62 -27.29 19.71
CA TYR F 154 20.16 -26.09 19.10
C TYR F 154 19.11 -25.17 18.47
N LEU F 155 17.85 -25.57 18.40
CA LEU F 155 16.83 -24.71 17.83
C LEU F 155 16.59 -23.47 18.72
N PRO F 156 16.71 -22.28 18.14
CA PRO F 156 16.44 -21.14 18.97
C PRO F 156 15.04 -21.16 19.58
N LEU F 157 14.91 -20.50 20.72
CA LEU F 157 13.67 -20.50 21.51
C LEU F 157 12.62 -19.53 21.01
N THR F 158 13.06 -18.35 20.57
CA THR F 158 12.12 -17.29 20.17
C THR F 158 12.59 -16.50 18.95
N ALA F 159 11.69 -15.71 18.38
CA ALA F 159 12.07 -14.81 17.31
C ALA F 159 11.47 -13.45 17.52
N LEU F 160 12.16 -12.44 17.01
CA LEU F 160 11.72 -11.08 17.04
C LEU F 160 11.72 -10.59 15.62
N VAL F 161 10.54 -10.21 15.12
CA VAL F 161 10.37 -9.85 13.71
C VAL F 161 10.36 -8.33 13.59
N ASP F 162 11.48 -7.79 13.12
CA ASP F 162 11.59 -6.36 12.84
C ASP F 162 11.39 -5.55 14.12
N GLY F 163 11.97 -6.05 15.20
CA GLY F 163 11.97 -5.33 16.47
C GLY F 163 10.70 -5.35 17.29
N GLN F 164 9.56 -5.63 16.65
CA GLN F 164 8.27 -5.44 17.34
C GLN F 164 7.21 -6.57 17.35
N ILE F 165 7.43 -7.67 16.64
CA ILE F 165 6.51 -8.84 16.76
C ILE F 165 7.27 -10.06 17.30
N PHE F 166 7.00 -10.39 18.56
CA PHE F 166 7.68 -11.48 19.28
C PHE F 166 7.01 -12.83 18.94
N CYS F 167 7.83 -13.80 18.53
CA CYS F 167 7.33 -15.08 18.03
C CYS F 167 7.91 -16.24 18.84
N LEU F 168 7.06 -17.19 19.21
CA LEU F 168 7.49 -18.35 19.99
C LEU F 168 6.41 -19.44 20.07
N HIS F 169 6.77 -20.62 20.55
CA HIS F 169 5.86 -21.74 20.42
C HIS F 169 4.72 -21.69 21.43
N GLY F 170 5.08 -21.58 22.71
CA GLY F 170 4.12 -21.62 23.82
C GLY F 170 3.64 -20.23 24.23
N GLY F 171 4.35 -19.61 25.17
CA GLY F 171 4.02 -18.25 25.53
C GLY F 171 4.87 -17.78 26.66
N LEU F 172 4.33 -16.83 27.42
CA LEU F 172 5.13 -16.06 28.40
C LEU F 172 5.48 -16.82 29.67
N SER F 173 6.41 -16.25 30.42
CA SER F 173 6.93 -16.89 31.61
C SER F 173 7.07 -15.91 32.73
N PRO F 174 6.59 -16.27 33.92
CA PRO F 174 6.77 -15.43 35.09
C PRO F 174 8.22 -15.35 35.54
N SER F 175 9.10 -16.19 35.00
CA SER F 175 10.55 -15.96 35.14
C SER F 175 11.14 -15.11 34.01
N ILE F 176 10.31 -14.47 33.18
CA ILE F 176 10.80 -13.70 32.02
C ILE F 176 10.05 -12.39 31.80
N ASP F 177 10.66 -11.30 32.25
CA ASP F 177 10.10 -9.97 32.09
C ASP F 177 10.57 -9.31 30.79
N THR F 178 11.80 -9.60 30.38
CA THR F 178 12.47 -8.92 29.27
C THR F 178 13.12 -9.89 28.30
N LEU F 179 13.39 -9.42 27.08
CA LEU F 179 14.05 -10.21 26.06
C LEU F 179 15.49 -10.54 26.41
N ASP F 180 16.18 -9.60 27.05
CA ASP F 180 17.53 -9.88 27.51
C ASP F 180 17.58 -11.06 28.52
N HIS F 181 16.51 -11.29 29.28
CA HIS F 181 16.48 -12.46 30.15
C HIS F 181 16.52 -13.72 29.31
N ILE F 182 15.82 -13.68 28.16
CA ILE F 182 15.78 -14.83 27.25
C ILE F 182 17.16 -15.02 26.60
N ARG F 183 17.72 -13.92 26.09
CA ARG F 183 19.06 -13.95 25.51
C ARG F 183 20.05 -14.53 26.50
N ALA F 184 19.89 -14.23 27.80
CA ALA F 184 20.81 -14.74 28.82
C ALA F 184 20.75 -16.25 29.10
N LEU F 185 19.67 -16.93 28.70
CA LEU F 185 19.50 -18.36 29.03
C LEU F 185 20.44 -19.30 28.30
N ASP F 186 20.62 -20.50 28.86
CA ASP F 186 21.22 -21.60 28.12
C ASP F 186 20.16 -22.55 27.56
N ARG F 187 20.00 -22.55 26.24
CA ARG F 187 19.00 -23.38 25.57
C ARG F 187 19.55 -24.73 25.11
N LEU F 188 20.88 -24.87 25.18
CA LEU F 188 21.56 -26.03 24.60
C LEU F 188 21.41 -27.25 25.50
N GLN F 189 20.17 -27.69 25.65
CA GLN F 189 19.83 -28.79 26.54
C GLN F 189 18.44 -29.28 26.21
N GLU F 190 18.12 -30.48 26.70
CA GLU F 190 16.77 -31.01 26.62
C GLU F 190 15.84 -30.08 27.34
N VAL F 191 14.62 -29.98 26.85
CA VAL F 191 13.61 -29.09 27.44
C VAL F 191 13.42 -29.50 28.91
N PRO F 192 13.62 -28.56 29.87
CA PRO F 192 13.38 -28.91 31.28
C PRO F 192 11.91 -29.08 31.62
N HIS F 193 11.63 -29.78 32.73
CA HIS F 193 10.26 -29.90 33.30
C HIS F 193 9.72 -28.59 33.88
N GLU F 194 10.60 -27.72 34.35
CA GLU F 194 10.20 -26.38 34.81
C GLU F 194 11.26 -25.32 34.50
N GLY F 195 10.90 -24.06 34.73
CA GLY F 195 11.79 -22.96 34.47
C GLY F 195 11.37 -22.19 33.24
N PRO F 196 12.02 -21.04 33.00
CA PRO F 196 11.64 -20.12 31.93
C PRO F 196 11.66 -20.74 30.51
N MET F 197 12.65 -21.57 30.22
CA MET F 197 12.70 -22.26 28.93
C MET F 197 11.50 -23.20 28.75
N CYS F 198 11.17 -24.00 29.76
CA CYS F 198 9.93 -24.78 29.68
C CYS F 198 8.71 -23.88 29.36
N ASP F 199 8.57 -22.77 30.05
CA ASP F 199 7.38 -21.93 29.89
C ASP F 199 7.27 -21.42 28.46
N LEU F 200 8.40 -21.00 27.89
CA LEU F 200 8.40 -20.47 26.52
C LEU F 200 7.78 -21.44 25.50
N LEU F 201 7.99 -22.73 25.73
CA LEU F 201 7.49 -23.78 24.86
C LEU F 201 6.19 -24.40 25.29
N TRP F 202 5.71 -24.08 26.50
CA TRP F 202 4.53 -24.78 27.10
C TRP F 202 3.34 -23.89 27.48
N SER F 203 3.61 -22.65 27.84
CA SER F 203 2.57 -21.76 28.29
C SER F 203 1.49 -21.49 27.23
N ASP F 204 0.28 -21.19 27.73
CA ASP F 204 -0.88 -20.86 26.91
C ASP F 204 -1.54 -19.62 27.46
N PRO F 205 -2.09 -18.75 26.58
CA PRO F 205 -2.86 -17.65 27.09
C PRO F 205 -4.24 -18.14 27.44
N ASP F 206 -4.86 -17.53 28.45
CA ASP F 206 -6.28 -17.76 28.71
C ASP F 206 -6.96 -16.51 29.26
N ASP F 207 -8.21 -16.66 29.70
CA ASP F 207 -9.06 -15.55 30.13
C ASP F 207 -9.18 -15.38 31.65
N ARG F 208 -8.50 -16.22 32.42
CA ARG F 208 -8.24 -15.92 33.83
C ARG F 208 -7.16 -14.84 33.85
N GLY F 209 -7.34 -13.85 34.71
CA GLY F 209 -6.36 -12.76 34.81
C GLY F 209 -5.13 -13.26 35.55
N GLY F 210 -4.01 -12.55 35.40
CA GLY F 210 -2.73 -12.97 35.95
C GLY F 210 -2.22 -14.34 35.47
N TRP F 211 -1.25 -14.87 36.20
CA TRP F 211 -0.76 -16.23 35.96
C TRP F 211 -1.63 -17.28 36.65
N GLY F 212 -1.93 -18.36 35.94
CA GLY F 212 -2.50 -19.58 36.54
C GLY F 212 -1.67 -20.77 36.10
N ILE F 213 -1.97 -21.96 36.61
CA ILE F 213 -1.16 -23.14 36.31
C ILE F 213 -1.76 -23.87 35.12
N SER F 214 -0.90 -24.30 34.20
CA SER F 214 -1.39 -24.91 32.98
C SER F 214 -2.08 -26.19 33.33
N PRO F 215 -3.20 -26.48 32.66
CA PRO F 215 -3.79 -27.82 32.70
C PRO F 215 -2.88 -28.88 32.08
N ARG F 216 -1.98 -28.47 31.18
CA ARG F 216 -1.16 -29.40 30.37
C ARG F 216 -0.18 -30.21 31.21
N GLY F 217 0.18 -29.69 32.38
CA GLY F 217 1.02 -30.42 33.32
C GLY F 217 2.37 -29.79 33.49
N ALA F 218 2.65 -28.78 32.65
CA ALA F 218 3.90 -28.01 32.68
C ALA F 218 3.60 -26.63 32.15
N GLY F 219 4.39 -25.65 32.55
CA GLY F 219 4.12 -24.26 32.14
C GLY F 219 2.90 -23.63 32.78
N TYR F 220 2.67 -22.35 32.46
CA TYR F 220 1.63 -21.55 33.09
C TYR F 220 0.66 -21.03 32.06
N THR F 221 -0.56 -20.72 32.50
CA THR F 221 -1.47 -19.89 31.72
C THR F 221 -1.18 -18.42 32.02
N PHE F 222 -1.59 -17.53 31.12
CA PHE F 222 -1.37 -16.10 31.31
C PHE F 222 -2.48 -15.29 30.68
N GLY F 223 -2.91 -14.24 31.39
CA GLY F 223 -4.10 -13.49 31.02
C GLY F 223 -3.70 -12.25 30.28
N GLN F 224 -4.70 -11.52 29.82
CA GLN F 224 -4.45 -10.28 29.05
C GLN F 224 -3.53 -9.23 29.73
N ASP F 225 -3.75 -9.00 31.02
CA ASP F 225 -2.94 -8.07 31.79
C ASP F 225 -1.45 -8.36 31.66
N ILE F 226 -1.08 -9.63 31.61
CA ILE F 226 0.34 -10.04 31.49
C ILE F 226 0.95 -9.77 30.10
N SER F 227 0.21 -10.11 29.05
CA SER F 227 0.61 -9.81 27.68
C SER F 227 0.94 -8.33 27.53
N GLU F 228 -0.04 -7.49 27.87
CA GLU F 228 0.08 -6.04 27.74
C GLU F 228 1.33 -5.52 28.46
N THR F 229 1.54 -5.97 29.70
CA THR F 229 2.65 -5.44 30.47
C THR F 229 3.98 -5.92 29.85
N PHE F 230 4.02 -7.16 29.36
CA PHE F 230 5.20 -7.68 28.66
C PHE F 230 5.43 -6.95 27.32
N ASN F 231 4.35 -6.64 26.61
CA ASN F 231 4.47 -5.97 25.31
C ASN F 231 5.02 -4.54 25.45
N HIS F 232 4.40 -3.74 26.33
CA HIS F 232 4.88 -2.38 26.63
C HIS F 232 6.28 -2.38 27.25
N ALA F 233 6.61 -3.44 28.01
CA ALA F 233 7.94 -3.58 28.62
C ALA F 233 9.06 -3.88 27.63
N ASN F 234 8.74 -4.30 26.41
CA ASN F 234 9.74 -4.79 25.45
C ASN F 234 9.66 -4.21 24.03
N GLY F 235 8.75 -3.27 23.79
CA GLY F 235 8.66 -2.57 22.52
C GLY F 235 7.84 -3.27 21.46
N LEU F 236 6.81 -4.00 21.90
CA LEU F 236 6.14 -4.99 21.06
C LEU F 236 4.68 -4.70 20.82
N THR F 237 4.26 -4.80 19.55
CA THR F 237 2.85 -4.71 19.17
C THR F 237 2.15 -6.06 19.17
N LEU F 238 2.90 -7.16 19.25
CA LEU F 238 2.26 -8.48 19.10
C LEU F 238 3.12 -9.65 19.63
N VAL F 239 2.45 -10.59 20.30
CA VAL F 239 3.03 -11.89 20.55
C VAL F 239 2.33 -12.91 19.67
N SER F 240 3.15 -13.68 18.94
CA SER F 240 2.70 -14.69 17.98
C SER F 240 3.12 -16.04 18.51
N ARG F 241 2.18 -16.96 18.65
CA ARG F 241 2.53 -18.30 19.13
C ARG F 241 1.69 -19.34 18.44
N ALA F 242 1.95 -20.60 18.75
CA ALA F 242 1.25 -21.71 18.14
C ALA F 242 0.74 -22.61 19.25
N HIS F 243 0.96 -23.92 19.16
CA HIS F 243 0.93 -24.79 20.33
C HIS F 243 -0.48 -25.19 20.81
N GLN F 244 -1.51 -24.42 20.45
CA GLN F 244 -2.89 -24.75 20.82
C GLN F 244 -3.74 -24.93 19.60
N LEU F 245 -4.28 -26.12 19.43
CA LEU F 245 -5.24 -26.40 18.38
C LEU F 245 -6.32 -25.32 18.44
N VAL F 246 -6.47 -24.58 17.35
CA VAL F 246 -7.53 -23.60 17.23
C VAL F 246 -8.28 -23.85 15.95
N MET F 247 -9.60 -23.73 16.07
CA MET F 247 -10.53 -24.32 15.13
C MET F 247 -10.52 -23.63 13.77
N GLU F 248 -10.40 -22.30 13.78
CA GLU F 248 -10.35 -21.49 12.57
C GLU F 248 -8.93 -21.39 12.02
N GLY F 249 -7.96 -22.01 12.69
CA GLY F 249 -6.59 -21.98 12.23
C GLY F 249 -5.76 -20.85 12.81
N TYR F 250 -6.37 -19.68 12.91
CA TYR F 250 -5.81 -18.64 13.76
C TYR F 250 -6.86 -18.08 14.69
N ASN F 251 -6.38 -17.50 15.77
CA ASN F 251 -7.23 -16.86 16.77
C ASN F 251 -6.52 -15.74 17.52
N TRP F 252 -7.03 -14.52 17.33
CA TRP F 252 -6.65 -13.36 18.16
C TRP F 252 -7.20 -13.58 19.55
N CYS F 253 -6.46 -13.15 20.56
CA CYS F 253 -6.98 -13.13 21.91
C CYS F 253 -6.38 -11.95 22.66
N HIS F 254 -6.76 -11.83 23.93
CA HIS F 254 -6.40 -10.66 24.75
C HIS F 254 -6.92 -9.46 24.00
N ASP F 255 -6.20 -8.36 23.89
CA ASP F 255 -6.81 -7.28 23.10
C ASP F 255 -6.11 -7.20 21.76
N ARG F 256 -6.02 -8.33 21.07
CA ARG F 256 -5.19 -8.38 19.90
C ARG F 256 -3.68 -8.31 20.26
N ASN F 257 -3.31 -8.55 21.52
CA ASN F 257 -1.88 -8.52 21.95
C ASN F 257 -1.16 -9.84 21.69
N VAL F 258 -1.95 -10.86 21.40
CA VAL F 258 -1.47 -12.20 21.22
C VAL F 258 -2.24 -12.77 20.06
N VAL F 259 -1.57 -13.56 19.23
CA VAL F 259 -2.30 -14.38 18.26
C VAL F 259 -1.76 -15.78 18.26
N THR F 260 -2.67 -16.75 18.14
CA THR F 260 -2.31 -18.15 18.07
C THR F 260 -2.55 -18.58 16.66
N ILE F 261 -1.54 -19.26 16.09
CA ILE F 261 -1.56 -19.73 14.71
C ILE F 261 -1.26 -21.22 14.70
N PHE F 262 -2.10 -22.01 14.03
CA PHE F 262 -1.99 -23.48 14.06
C PHE F 262 -2.09 -24.00 12.62
N SER F 263 -1.05 -24.71 12.14
CA SER F 263 -0.90 -24.98 10.71
C SER F 263 -1.09 -26.45 10.32
N ALA F 264 -1.72 -27.22 11.19
CA ALA F 264 -1.99 -28.63 10.93
C ALA F 264 -3.48 -28.83 10.84
N PRO F 265 -4.03 -28.78 9.63
CA PRO F 265 -5.46 -28.84 9.52
C PRO F 265 -5.96 -30.25 9.80
N ASN F 266 -7.25 -30.35 10.05
CA ASN F 266 -7.84 -31.59 10.50
C ASN F 266 -6.95 -32.44 11.45
N TYR F 267 -6.26 -31.76 12.36
CA TYR F 267 -5.27 -32.36 13.26
C TYR F 267 -5.50 -33.80 13.61
N CYS F 268 -4.54 -34.65 13.27
CA CYS F 268 -4.56 -36.04 13.68
C CYS F 268 -5.86 -36.74 13.23
N TYR F 269 -6.35 -36.37 12.04
CA TYR F 269 -7.58 -36.92 11.43
C TYR F 269 -8.87 -36.80 12.24
N ARG F 270 -8.74 -36.22 13.43
CA ARG F 270 -9.79 -36.13 14.44
C ARG F 270 -10.41 -34.71 14.45
N CYS F 271 -9.60 -33.77 14.96
CA CYS F 271 -10.07 -32.52 15.54
C CYS F 271 -10.83 -31.58 14.63
N GLY F 272 -10.85 -31.84 13.32
CA GLY F 272 -11.67 -31.08 12.37
C GLY F 272 -11.37 -29.60 12.12
N ASN F 273 -10.21 -29.12 12.55
CA ASN F 273 -9.93 -27.69 12.44
C ASN F 273 -9.46 -27.28 11.06
N GLN F 274 -9.61 -25.99 10.79
CA GLN F 274 -8.87 -25.31 9.75
C GLN F 274 -7.44 -24.99 10.24
N ALA F 275 -6.52 -24.89 9.29
CA ALA F 275 -5.16 -24.46 9.57
C ALA F 275 -5.04 -23.07 9.04
N ALA F 276 -4.00 -22.39 9.50
CA ALA F 276 -3.71 -21.04 9.01
C ALA F 276 -2.25 -20.65 9.15
N ILE F 277 -1.94 -19.58 8.43
CA ILE F 277 -0.62 -19.08 8.13
C ILE F 277 -0.76 -17.56 8.14
N MET F 278 0.18 -16.84 8.78
CA MET F 278 0.11 -15.36 8.89
C MET F 278 1.20 -14.70 8.06
N GLU F 279 0.80 -14.00 7.00
CA GLU F 279 1.72 -13.25 6.14
C GLU F 279 1.93 -11.85 6.67
N LEU F 280 3.18 -11.55 7.04
CA LEU F 280 3.61 -10.19 7.38
C LEU F 280 4.31 -9.64 6.16
N ASP F 281 3.81 -8.52 5.65
CA ASP F 281 4.28 -7.99 4.38
C ASP F 281 5.46 -7.07 4.63
N ASP F 282 5.84 -6.28 3.62
CA ASP F 282 7.04 -5.43 3.67
C ASP F 282 7.06 -4.40 4.80
N THR F 283 5.88 -4.04 5.30
CA THR F 283 5.72 -3.05 6.35
C THR F 283 4.94 -3.64 7.51
N LEU F 284 5.14 -4.92 7.78
CA LEU F 284 4.41 -5.60 8.86
C LEU F 284 2.91 -5.41 8.86
N LYS F 285 2.29 -5.32 7.70
CA LYS F 285 0.84 -5.41 7.69
C LYS F 285 0.51 -6.92 7.60
N TYR F 286 -0.49 -7.34 8.36
CA TYR F 286 -0.79 -8.76 8.48
C TYR F 286 -1.99 -9.18 7.67
N SER F 287 -1.89 -10.33 7.02
CA SER F 287 -3.07 -11.00 6.46
C SER F 287 -2.98 -12.50 6.80
N PHE F 288 -4.13 -13.12 7.03
CA PHE F 288 -4.14 -14.53 7.40
C PHE F 288 -4.71 -15.34 6.26
N LEU F 289 -4.04 -16.46 5.99
CA LEU F 289 -4.52 -17.44 5.02
C LEU F 289 -4.88 -18.75 5.70
N GLN F 290 -6.14 -19.14 5.56
CA GLN F 290 -6.69 -20.30 6.21
C GLN F 290 -6.85 -21.40 5.19
N PHE F 291 -6.57 -22.64 5.56
CA PHE F 291 -6.72 -23.71 4.61
C PHE F 291 -7.20 -25.03 5.20
N ASP F 292 -7.94 -25.75 4.38
CA ASP F 292 -8.37 -27.10 4.66
C ASP F 292 -7.23 -28.07 4.32
N PRO F 293 -7.32 -29.31 4.82
CA PRO F 293 -6.28 -30.28 4.48
C PRO F 293 -6.27 -30.60 3.00
N ALA F 294 -5.10 -30.88 2.43
CA ALA F 294 -4.97 -31.24 1.02
C ALA F 294 -5.78 -32.46 0.66
N PRO F 295 -6.11 -32.63 -0.63
CA PRO F 295 -6.68 -33.91 -1.02
C PRO F 295 -5.69 -35.07 -0.99
N ARG F 296 -6.28 -36.25 -1.16
CA ARG F 296 -5.61 -37.58 -1.15
C ARG F 296 -6.74 -38.57 -0.84
N ARG F 297 -7.76 -38.50 -1.70
CA ARG F 297 -9.08 -39.08 -1.45
C ARG F 297 -9.25 -40.47 -2.12
N GLY F 298 -8.39 -40.79 -3.09
CA GLY F 298 -8.35 -42.14 -3.66
C GLY F 298 -7.52 -42.21 -4.92
N DAL G 1 -8.86 -33.35 22.38
CA DAL G 1 -9.07 -34.55 23.21
CB DAL G 1 -8.78 -34.12 24.65
C DAL G 1 -8.26 -35.79 22.94
O DAL G 1 -8.71 -36.88 23.28
N LEU G 2 -7.05 -35.66 22.37
CA LEU G 2 -6.21 -36.84 22.06
C LEU G 2 -5.14 -37.17 23.11
C ACB G 3 -2.72 -36.16 24.83
O ACB G 3 -1.76 -36.56 25.51
OXT ACB G 3 -2.56 -35.41 23.82
CA ACB G 3 -4.12 -36.56 25.24
N ACB G 3 -5.07 -36.35 24.15
CB ACB G 3 -4.55 -35.77 26.47
CG ACB G 3 -4.46 -34.29 26.16
C4 ACB G 3 -5.95 -36.15 26.97
OD2 ACB G 3 -5.31 -33.62 25.55
N ARG G 4 -3.80 -33.87 27.23
CA ARG G 4 -3.79 -32.47 27.62
C ARG G 4 -2.42 -31.94 27.25
C1 1ZN G 5 6.38 -32.59 33.28
O1 1ZN G 5 6.29 -33.59 32.27
C2 1ZN G 5 5.36 -33.18 31.21
C3 1ZN G 5 5.93 -33.36 29.79
C4 1ZN G 5 7.20 -32.73 29.67
C5 1ZN G 5 8.29 -33.44 29.15
C6 1ZN G 5 9.53 -32.83 29.02
C7 1ZN G 5 9.71 -31.49 29.39
C8 1ZN G 5 8.63 -30.78 29.90
C9 1ZN G 5 7.37 -31.38 30.03
C10 1ZN G 5 4.05 -33.97 31.31
C11 1ZN G 5 3.50 -34.05 32.73
C12 1ZN G 5 3.06 -33.27 30.40
C13 1ZN G 5 2.36 -34.01 29.27
C14 1ZN G 5 2.53 -35.51 29.04
C15 1ZN G 5 1.45 -33.17 28.37
C16 1ZN G 5 0.64 -33.76 27.23
CA 1ZN G 5 -0.17 -32.79 26.38
N 1ZN G 5 -1.58 -32.85 26.74
C18 1ZN G 5 0.04 -33.04 24.87
C19 1ZN G 5 1.51 -33.03 24.47
C 1ZN G 5 -0.66 -31.93 24.10
O 1ZN G 5 -0.35 -30.75 24.27
N FGA G 6 -1.87 -32.31 23.71
CA FGA G 6 -2.64 -31.54 22.73
C FGA G 6 -1.80 -31.06 21.55
O FGA G 6 -1.34 -31.91 20.75
CB FGA G 6 -3.82 -32.42 22.32
CG FGA G 6 -4.68 -31.80 21.23
CD FGA G 6 -6.04 -32.48 21.13
OE2 FGA G 6 -6.09 -33.64 20.69
OXT FGA G 6 -1.60 -29.82 21.43
N MAA G 7 -7.05 -31.59 21.07
CM MAA G 7 -7.03 -31.07 22.45
CA MAA G 7 -8.38 -31.98 20.48
CB MAA G 7 -8.35 -32.03 18.95
C MAA G 7 -8.89 -33.29 21.05
O MAA G 7 -9.29 -34.21 20.30
N DAL H 1 3.70 32.92 -23.11
CA DAL H 1 3.71 34.11 -24.02
CB DAL H 1 4.37 33.64 -25.33
C DAL H 1 4.43 35.39 -23.58
O DAL H 1 4.54 36.35 -24.37
N LEU H 2 4.94 35.42 -22.35
CA LEU H 2 5.51 36.65 -21.73
C LEU H 2 6.79 37.19 -22.39
C ACB H 3 10.07 36.36 -22.67
O ACB H 3 11.03 37.15 -22.76
OXT ACB H 3 10.05 35.39 -21.86
CA ACB H 3 8.89 36.60 -23.58
N ACB H 3 7.62 36.28 -22.89
CB ACB H 3 9.02 35.79 -24.86
CG ACB H 3 8.96 34.29 -24.58
C4 ACB H 3 7.97 36.20 -25.90
OD2 ACB H 3 7.89 33.68 -24.51
N ARG H 4 10.07 33.81 -25.13
CA ARG H 4 10.22 32.36 -25.37
C ARG H 4 11.31 31.82 -24.42
C1 1ZN H 5 22.36 32.99 -25.32
O1 1ZN H 5 21.71 33.92 -24.49
C2 1ZN H 5 20.44 33.38 -24.06
C3 1ZN H 5 20.20 33.48 -22.58
C4 1ZN H 5 21.26 32.90 -21.85
C5 1ZN H 5 21.98 33.67 -20.91
C6 1ZN H 5 23.01 33.10 -20.17
C7 1ZN H 5 23.33 31.74 -20.35
C8 1ZN H 5 22.61 30.97 -21.26
C9 1ZN H 5 21.58 31.54 -22.00
C10 1ZN H 5 19.29 34.17 -24.67
C11 1ZN H 5 19.37 34.20 -26.19
C12 1ZN H 5 18.03 33.45 -24.26
C13 1ZN H 5 16.75 34.19 -23.88
C14 1ZN H 5 16.65 35.69 -23.97
C15 1ZN H 5 15.56 33.28 -23.56
C16 1ZN H 5 14.18 33.79 -23.17
CA 1ZN H 5 13.12 32.76 -22.78
N 1ZN H 5 12.09 32.73 -23.83
C18 1ZN H 5 12.54 33.09 -21.38
C19 1ZN H 5 13.63 33.21 -20.34
C 1ZN H 5 11.58 31.96 -20.93
O 1ZN H 5 12.03 30.87 -20.60
N FGA H 6 10.28 32.17 -21.16
CA FGA H 6 9.22 31.29 -20.62
C FGA H 6 9.43 30.94 -19.15
O FGA H 6 9.12 31.75 -18.23
CB FGA H 6 7.89 32.00 -20.89
CG FGA H 6 6.66 31.29 -20.33
CD FGA H 6 5.36 31.92 -20.88
OE2 FGA H 6 5.10 33.10 -20.61
OXT FGA H 6 9.92 29.83 -18.86
N MAA H 7 4.44 31.00 -21.22
CM MAA H 7 4.95 30.14 -22.32
CA MAA H 7 3.02 31.40 -21.34
CB MAA H 7 2.36 31.54 -19.95
C MAA H 7 2.84 32.70 -22.10
O MAA H 7 1.95 33.52 -21.75
CA CA I . -11.99 56.34 -2.14
CA CA J . -5.57 77.95 -24.90
MN MN K . 11.51 28.98 -15.26
MN MN L . 13.69 27.60 -16.33
CA CA M . -10.20 -56.96 -4.49
CA CA N . -16.10 -79.22 17.60
MN MN O . 3.12 -27.48 21.21
MN MN P . 1.94 -28.69 19.00
#